data_6DHJ
#
_entry.id   6DHJ
#
_cell.length_a   102.905
_cell.length_b   164.563
_cell.length_c   202.872
_cell.angle_alpha   90.00
_cell.angle_beta   90.00
_cell.angle_gamma   90.00
#
_symmetry.space_group_name_H-M   'P 21 21 21'
#
loop_
_entity.id
_entity.type
_entity.pdbx_description
1 polymer 'Cyanuric acid amidohydrolase'
2 non-polymer 'CITRIC ACID'
#
_entity_poly.entity_id   1
_entity_poly.type   'polypeptide(L)'
_entity_poly.pdbx_seq_one_letter_code
;MQKVEVFRIPTASPDDISGLATLIDSGKINPAEIVAILGKTEGNGSVNDFTRCFATQSLAMYLAEKLGISREEVVKKVAF
IMSGGTEGVMTPHITVFVRKDVAAPAAPGKRLAVGVAFTRDFLPEELGRMEQVNEVARAVKEAMKDAQIDDPRDVHFVQI
KAPLLTAERIEDAKRRGKDVVVNDTYKSMAYSRGASALGVALALGEISADKISNEAIVHDWNLYSSVASTSAGVCLLNDE
IIVVGNSTNSASDLVIGHSVMKDAIDADAVRAALKDAGIRSDDEMDRIVNVLAKAEAASSGTVRGRRNTMLDDSDINHTR
SARAVVNAVIASVVGDPMVYVSGGAEHQGPDGGGPIAVIARVLEHHHHHH
;
_entity_poly.pdbx_strand_id   A,B,C,D,E,F,G,H
#
loop_
_chem_comp.id
_chem_comp.type
_chem_comp.name
_chem_comp.formula
CIT non-polymer 'CITRIC ACID' 'C6 H8 O7'
#
# COMPACT_ATOMS: atom_id res chain seq x y z
N MET A 1 -13.65 5.01 -0.79
CA MET A 1 -12.27 4.93 -1.23
C MET A 1 -11.33 5.30 -0.11
N GLN A 2 -10.26 4.52 0.05
CA GLN A 2 -9.32 4.72 1.14
C GLN A 2 -8.25 5.73 0.73
N LYS A 3 -7.92 6.64 1.64
CA LYS A 3 -6.80 7.57 1.45
C LYS A 3 -5.91 7.52 2.67
N VAL A 4 -4.61 7.25 2.47
CA VAL A 4 -3.66 7.20 3.57
C VAL A 4 -2.84 8.49 3.52
N GLU A 5 -2.73 9.15 4.66
CA GLU A 5 -1.87 10.30 4.83
C GLU A 5 -0.81 10.02 5.88
N VAL A 6 0.40 10.52 5.65
CA VAL A 6 1.52 10.22 6.54
C VAL A 6 2.20 11.55 6.88
N PHE A 7 2.41 11.79 8.17
CA PHE A 7 2.97 13.05 8.62
C PHE A 7 4.22 12.77 9.45
N ARG A 8 5.35 13.30 9.02
CA ARG A 8 6.60 13.17 9.76
C ARG A 8 6.80 14.45 10.55
N ILE A 9 6.86 14.33 11.87
CA ILE A 9 6.75 15.45 12.79
C ILE A 9 8.01 15.45 13.63
N PRO A 10 8.81 16.50 13.55
CA PRO A 10 9.97 16.61 14.44
C PRO A 10 9.49 16.72 15.88
N THR A 11 10.29 16.16 16.78
CA THR A 11 9.99 16.26 18.20
C THR A 11 11.17 16.92 18.89
N ALA A 12 10.85 17.68 19.94
CA ALA A 12 11.85 18.36 20.75
C ALA A 12 12.27 17.53 21.94
N SER A 13 11.53 16.47 22.25
CA SER A 13 11.71 15.59 23.39
C SER A 13 10.78 14.40 23.25
N PRO A 14 10.97 13.34 24.04
CA PRO A 14 10.09 12.17 23.89
C PRO A 14 8.61 12.48 24.11
N ASP A 15 8.28 13.41 24.98
CA ASP A 15 6.89 13.72 25.31
C ASP A 15 6.31 14.87 24.49
N ASP A 16 7.01 15.33 23.45
CA ASP A 16 6.56 16.50 22.68
C ASP A 16 5.44 16.09 21.73
N ILE A 17 4.23 16.57 22.03
CA ILE A 17 3.08 16.35 21.17
C ILE A 17 2.70 17.63 20.41
N SER A 18 3.52 18.68 20.47
CA SER A 18 3.08 19.98 19.97
C SER A 18 2.87 19.97 18.46
N GLY A 19 3.74 19.29 17.71
CA GLY A 19 3.56 19.25 16.26
C GLY A 19 2.30 18.52 15.84
N LEU A 20 2.03 17.37 16.48
CA LEU A 20 0.78 16.65 16.23
C LEU A 20 -0.43 17.47 16.63
N ALA A 21 -0.36 18.12 17.79
CA ALA A 21 -1.47 18.96 18.23
C ALA A 21 -1.69 20.08 17.23
N THR A 22 -0.60 20.62 16.67
CA THR A 22 -0.72 21.67 15.67
C THR A 22 -1.42 21.16 14.42
N LEU A 23 -1.08 19.94 14.00
CA LEU A 23 -1.75 19.40 12.81
C LEU A 23 -3.21 19.12 13.08
N ILE A 24 -3.55 18.73 14.30
CA ILE A 24 -4.95 18.50 14.63
C ILE A 24 -5.71 19.83 14.73
N ASP A 25 -5.14 20.80 15.45
CA ASP A 25 -5.83 22.08 15.66
C ASP A 25 -5.99 22.89 14.38
N SER A 26 -5.11 22.68 13.41
CA SER A 26 -5.24 23.37 12.13
C SER A 26 -6.20 22.64 11.19
N GLY A 27 -6.66 21.45 11.59
CA GLY A 27 -7.54 20.64 10.78
C GLY A 27 -6.90 19.71 9.77
N LYS A 28 -5.58 19.58 9.76
CA LYS A 28 -4.96 18.70 8.77
C LYS A 28 -5.11 17.24 9.16
N ILE A 29 -5.22 16.96 10.45
CA ILE A 29 -5.39 15.60 10.95
C ILE A 29 -6.63 15.57 11.84
N ASN A 30 -7.52 14.63 11.53
CA ASN A 30 -8.60 14.27 12.45
C ASN A 30 -8.06 13.18 13.37
N PRO A 31 -7.91 13.44 14.67
CA PRO A 31 -7.26 12.43 15.51
C PRO A 31 -7.97 11.10 15.50
N ALA A 32 -9.29 11.10 15.26
CA ALA A 32 -10.02 9.84 15.23
C ALA A 32 -9.62 8.96 14.05
N GLU A 33 -8.94 9.51 13.06
CA GLU A 33 -8.53 8.76 11.88
C GLU A 33 -7.09 8.30 11.94
N ILE A 34 -6.35 8.64 13.01
CA ILE A 34 -5.00 8.13 13.18
C ILE A 34 -5.07 6.63 13.44
N VAL A 35 -4.26 5.87 12.73
CA VAL A 35 -4.20 4.44 12.92
C VAL A 35 -2.85 3.98 13.45
N ALA A 36 -1.80 4.79 13.31
CA ALA A 36 -0.52 4.32 13.84
C ALA A 36 0.44 5.49 13.98
N ILE A 37 1.33 5.41 14.97
CA ILE A 37 2.40 6.38 15.11
C ILE A 37 3.67 5.60 15.34
N LEU A 38 4.67 5.84 14.51
CA LEU A 38 5.95 5.16 14.55
C LEU A 38 7.02 6.19 14.87
N GLY A 39 7.67 6.06 16.04
CA GLY A 39 8.61 7.05 16.52
C GLY A 39 10.06 6.58 16.56
N LYS A 40 10.96 7.55 16.40
CA LYS A 40 12.35 7.45 16.84
C LYS A 40 12.52 8.35 18.05
N THR A 41 12.83 7.74 19.20
CA THR A 41 12.99 8.45 20.45
C THR A 41 14.44 8.38 20.93
N GLU A 42 14.85 9.42 21.64
CA GLU A 42 16.24 9.77 21.84
C GLU A 42 16.86 9.14 23.09
N GLY A 43 16.24 8.11 23.65
CA GLY A 43 16.90 7.33 24.67
C GLY A 43 18.01 6.47 24.08
N ASN A 44 18.53 5.57 24.92
CA ASN A 44 19.70 4.79 24.54
C ASN A 44 19.36 3.58 23.68
N GLY A 45 18.07 3.35 23.42
CA GLY A 45 17.59 2.26 22.58
C GLY A 45 17.77 0.82 23.01
N SER A 46 17.61 0.52 24.30
CA SER A 46 17.86 -0.83 24.78
C SER A 46 16.65 -1.39 25.52
N VAL A 47 16.88 -2.37 26.39
CA VAL A 47 15.82 -2.82 27.30
C VAL A 47 15.45 -1.70 28.26
N ASN A 48 16.43 -1.16 28.97
CA ASN A 48 16.16 -0.15 29.99
C ASN A 48 16.21 1.25 29.36
N ASP A 49 15.34 1.41 28.36
CA ASP A 49 15.09 2.68 27.69
C ASP A 49 13.63 2.99 27.99
N PHE A 50 13.39 3.97 28.84
CA PHE A 50 12.04 4.35 29.21
C PHE A 50 11.56 5.55 28.44
N THR A 51 12.38 6.11 27.55
CA THR A 51 11.87 7.17 26.71
C THR A 51 10.78 6.65 25.77
N ARG A 52 10.84 5.38 25.35
CA ARG A 52 9.79 4.84 24.48
C ARG A 52 8.45 4.83 25.20
N CYS A 53 8.39 4.16 26.36
CA CYS A 53 7.17 4.17 27.16
C CYS A 53 6.74 5.60 27.47
N PHE A 54 7.69 6.49 27.70
CA PHE A 54 7.31 7.87 27.98
C PHE A 54 6.60 8.50 26.79
N ALA A 55 7.10 8.26 25.59
CA ALA A 55 6.45 8.80 24.40
C ALA A 55 5.07 8.21 24.22
N THR A 56 4.97 6.89 24.37
CA THR A 56 3.68 6.22 24.21
C THR A 56 2.67 6.70 25.25
N GLN A 57 3.08 6.79 26.52
CA GLN A 57 2.16 7.28 27.54
C GLN A 57 1.69 8.69 27.20
N SER A 58 2.61 9.56 26.77
CA SER A 58 2.22 10.94 26.49
C SER A 58 1.27 11.03 25.31
N LEU A 59 1.53 10.26 24.25
CA LEU A 59 0.63 10.31 23.10
C LEU A 59 -0.72 9.70 23.44
N ALA A 60 -0.74 8.60 24.19
CA ALA A 60 -2.00 7.99 24.55
C ALA A 60 -2.82 8.92 25.42
N MET A 61 -2.17 9.62 26.35
CA MET A 61 -2.87 10.63 27.13
C MET A 61 -3.44 11.71 26.24
N TYR A 62 -2.61 12.27 25.36
CA TYR A 62 -3.05 13.39 24.53
C TYR A 62 -4.23 12.97 23.65
N LEU A 63 -4.09 11.83 22.97
CA LEU A 63 -5.14 11.37 22.07
C LEU A 63 -6.40 10.98 22.85
N ALA A 64 -6.25 10.37 24.02
CA ALA A 64 -7.42 10.03 24.82
C ALA A 64 -8.19 11.30 25.15
N GLU A 65 -7.49 12.36 25.51
CA GLU A 65 -8.17 13.60 25.85
C GLU A 65 -8.80 14.24 24.61
N LYS A 66 -8.13 14.12 23.45
CA LYS A 66 -8.69 14.69 22.22
C LYS A 66 -9.95 13.94 21.77
N LEU A 67 -9.98 12.63 21.98
CA LEU A 67 -11.07 11.79 21.50
C LEU A 67 -12.17 11.62 22.55
N GLY A 68 -11.94 12.04 23.78
CA GLY A 68 -12.91 11.86 24.84
C GLY A 68 -13.07 10.42 25.26
N ILE A 69 -12.00 9.65 25.21
CA ILE A 69 -12.00 8.26 25.62
C ILE A 69 -10.84 8.02 26.58
N SER A 70 -10.77 6.82 27.11
CA SER A 70 -9.76 6.46 28.08
C SER A 70 -8.45 6.17 27.36
N ARG A 71 -7.35 6.30 28.09
CA ARG A 71 -6.07 5.91 27.53
C ARG A 71 -6.11 4.47 27.05
N GLU A 72 -6.77 3.59 27.82
CA GLU A 72 -6.83 2.19 27.41
C GLU A 72 -7.48 2.05 26.04
N GLU A 73 -8.55 2.81 25.78
CA GLU A 73 -9.21 2.74 24.47
C GLU A 73 -8.32 3.32 23.38
N VAL A 74 -7.62 4.43 23.66
CA VAL A 74 -6.71 5.02 22.66
C VAL A 74 -5.64 4.01 22.29
N VAL A 75 -5.06 3.34 23.29
CA VAL A 75 -4.02 2.37 23.02
C VAL A 75 -4.58 1.14 22.33
N LYS A 76 -5.87 0.86 22.52
CA LYS A 76 -6.54 -0.21 21.79
C LYS A 76 -6.84 0.17 20.36
N LYS A 77 -6.89 1.46 20.05
CA LYS A 77 -7.33 1.98 18.75
C LYS A 77 -6.15 2.38 17.87
N VAL A 78 -5.03 2.80 18.46
CA VAL A 78 -3.92 3.39 17.73
C VAL A 78 -2.67 2.55 17.99
N ALA A 79 -1.96 2.20 16.92
CA ALA A 79 -0.67 1.54 17.07
C ALA A 79 0.39 2.53 17.52
N PHE A 80 1.14 2.16 18.55
CA PHE A 80 2.26 2.97 19.01
C PHE A 80 3.53 2.12 18.94
N ILE A 81 4.39 2.42 17.99
CA ILE A 81 5.62 1.67 17.79
C ILE A 81 6.75 2.67 17.98
N MET A 82 7.44 2.58 19.12
CA MET A 82 8.53 3.49 19.47
C MET A 82 9.88 2.80 19.44
N SER A 83 10.74 3.20 18.50
CA SER A 83 12.10 2.67 18.38
C SER A 83 13.05 3.64 19.08
N GLY A 84 13.64 3.20 20.20
CA GLY A 84 14.59 4.06 20.90
C GLY A 84 15.94 4.10 20.19
N GLY A 85 16.81 4.99 20.66
CA GLY A 85 18.13 5.06 20.05
C GLY A 85 18.17 5.99 18.86
N THR A 86 18.70 7.19 19.06
CA THR A 86 18.88 8.17 17.99
C THR A 86 20.36 8.55 17.93
N GLU A 87 21.18 7.59 17.52
CA GLU A 87 22.60 7.79 17.53
C GLU A 87 23.03 8.54 16.26
N GLY A 88 24.27 9.00 16.26
CA GLY A 88 24.79 9.75 15.14
C GLY A 88 24.02 11.05 14.94
N VAL A 89 23.61 11.31 13.70
CA VAL A 89 22.85 12.51 13.37
C VAL A 89 21.36 12.27 13.33
N MET A 90 20.90 11.07 13.71
CA MET A 90 19.51 10.71 13.58
C MET A 90 18.65 11.63 14.45
N THR A 91 17.60 12.20 13.84
CA THR A 91 16.77 13.21 14.49
C THR A 91 15.56 12.56 15.12
N PRO A 92 15.31 12.78 16.41
CA PRO A 92 14.09 12.24 17.01
C PRO A 92 12.86 12.79 16.31
N HIS A 93 11.87 11.91 16.10
CA HIS A 93 10.66 12.34 15.38
C HIS A 93 9.59 11.27 15.50
N ILE A 94 8.36 11.62 15.10
CA ILE A 94 7.30 10.63 14.96
C ILE A 94 6.73 10.70 13.55
N THR A 95 6.28 9.55 13.07
CA THR A 95 5.57 9.44 11.80
C THR A 95 4.15 8.97 12.09
N VAL A 96 3.17 9.80 11.76
CA VAL A 96 1.77 9.51 12.07
C VAL A 96 1.09 9.04 10.79
N PHE A 97 0.49 7.84 10.84
CA PHE A 97 -0.25 7.24 9.74
C PHE A 97 -1.73 7.40 10.03
N VAL A 98 -2.41 8.06 9.10
CA VAL A 98 -3.83 8.37 9.15
C VAL A 98 -4.51 7.66 7.99
N ARG A 99 -5.62 7.00 8.27
CA ARG A 99 -6.37 6.33 7.19
C ARG A 99 -7.76 6.92 7.23
N LYS A 100 -8.13 7.59 6.14
CA LYS A 100 -9.46 8.18 6.00
C LYS A 100 -10.24 7.42 4.94
N ASP A 101 -11.56 7.38 5.11
CA ASP A 101 -12.46 6.94 4.06
C ASP A 101 -12.98 8.21 3.40
N VAL A 102 -12.48 8.53 2.21
CA VAL A 102 -12.85 9.75 1.51
C VAL A 102 -13.63 9.39 0.25
N ALA A 103 -14.58 10.25 -0.11
CA ALA A 103 -15.37 10.05 -1.32
C ALA A 103 -14.70 10.80 -2.47
N ALA A 104 -13.75 10.12 -3.10
CA ALA A 104 -13.03 10.61 -4.28
C ALA A 104 -12.51 9.40 -5.01
N PRO A 105 -12.33 9.47 -6.32
CA PRO A 105 -11.90 8.28 -7.06
C PRO A 105 -10.50 7.84 -6.67
N ALA A 106 -10.22 6.56 -6.90
CA ALA A 106 -8.86 6.08 -6.74
C ALA A 106 -7.94 6.80 -7.73
N ALA A 107 -6.68 6.93 -7.35
CA ALA A 107 -5.72 7.55 -8.24
C ALA A 107 -5.22 6.55 -9.28
N PRO A 108 -4.79 7.04 -10.44
CA PRO A 108 -4.29 6.12 -11.49
C PRO A 108 -3.15 5.28 -10.95
N GLY A 109 -3.22 3.99 -11.21
CA GLY A 109 -2.22 3.05 -10.75
C GLY A 109 -2.40 2.67 -9.29
N LYS A 110 -1.30 2.33 -8.64
CA LYS A 110 -1.31 1.88 -7.25
C LYS A 110 -0.89 3.02 -6.36
N ARG A 111 -1.51 3.13 -5.19
CA ARG A 111 -1.20 4.24 -4.29
C ARG A 111 -1.17 3.71 -2.87
N LEU A 112 -0.68 4.54 -1.94
CA LEU A 112 -0.39 4.07 -0.60
C LEU A 112 -1.62 3.44 0.02
N ALA A 113 -1.42 2.27 0.63
CA ALA A 113 -2.44 1.52 1.33
C ALA A 113 -1.88 0.93 2.61
N VAL A 114 -2.75 0.79 3.60
CA VAL A 114 -2.41 0.28 4.92
C VAL A 114 -3.49 -0.71 5.33
N GLY A 115 -3.07 -1.78 5.96
CA GLY A 115 -3.96 -2.79 6.49
C GLY A 115 -3.49 -3.22 7.86
N VAL A 116 -4.43 -3.72 8.65
CA VAL A 116 -4.19 -4.02 10.05
C VAL A 116 -4.67 -5.44 10.35
N ALA A 117 -3.92 -6.14 11.20
CA ALA A 117 -4.36 -7.45 11.64
C ALA A 117 -3.74 -7.79 12.98
N PHE A 118 -4.43 -8.62 13.75
CA PHE A 118 -3.94 -9.08 15.05
C PHE A 118 -3.83 -10.59 15.04
N THR A 119 -2.83 -11.12 15.73
CA THR A 119 -2.78 -12.56 15.95
C THR A 119 -3.50 -12.95 17.21
N ARG A 120 -3.70 -14.25 17.39
CA ARG A 120 -4.11 -14.75 18.69
C ARG A 120 -3.01 -14.49 19.71
N ASP A 121 -3.40 -14.54 20.98
CA ASP A 121 -2.40 -14.53 22.03
C ASP A 121 -1.55 -15.79 21.94
N PHE A 122 -0.27 -15.69 22.30
CA PHE A 122 0.62 -16.83 22.30
C PHE A 122 0.87 -17.34 23.72
N LEU A 123 0.98 -18.67 23.83
CA LEU A 123 1.49 -19.26 25.03
C LEU A 123 2.99 -18.99 25.11
N PRO A 124 3.56 -18.91 26.32
CA PRO A 124 5.00 -18.58 26.41
C PRO A 124 5.88 -19.55 25.64
N GLU A 125 5.53 -20.83 25.63
CA GLU A 125 6.34 -21.82 24.92
C GLU A 125 6.20 -21.75 23.41
N GLU A 126 5.35 -20.88 22.87
CA GLU A 126 5.26 -20.76 21.42
C GLU A 126 6.15 -19.68 20.83
N LEU A 127 6.63 -18.73 21.61
CA LEU A 127 7.45 -17.65 21.04
C LEU A 127 8.74 -18.21 20.48
N GLY A 128 9.15 -17.67 19.33
CA GLY A 128 10.38 -18.06 18.69
C GLY A 128 10.30 -19.40 17.98
N ARG A 129 9.09 -19.93 17.79
CA ARG A 129 8.85 -21.26 17.23
C ARG A 129 7.83 -21.17 16.11
N MET A 130 7.58 -22.31 15.47
CA MET A 130 6.83 -22.34 14.21
C MET A 130 5.38 -21.87 14.41
N GLU A 131 4.81 -22.05 15.60
CA GLU A 131 3.45 -21.56 15.85
C GLU A 131 3.36 -20.04 15.64
N GLN A 132 4.39 -19.30 16.08
CA GLN A 132 4.41 -17.86 15.85
C GLN A 132 4.58 -17.53 14.38
N VAL A 133 5.48 -18.25 13.70
CA VAL A 133 5.63 -18.07 12.25
C VAL A 133 4.28 -18.18 11.57
N ASN A 134 3.54 -19.26 11.86
CA ASN A 134 2.34 -19.57 11.11
C ASN A 134 1.22 -18.57 11.45
N GLU A 135 1.11 -18.20 12.72
CA GLU A 135 0.10 -17.22 13.12
C GLU A 135 0.41 -15.85 12.52
N VAL A 136 1.68 -15.47 12.47
CA VAL A 136 2.06 -14.21 11.84
C VAL A 136 1.70 -14.24 10.37
N ALA A 137 1.98 -15.35 9.69
CA ALA A 137 1.64 -15.47 8.26
C ALA A 137 0.14 -15.26 8.04
N ARG A 138 -0.68 -15.98 8.81
CA ARG A 138 -2.13 -15.82 8.68
C ARG A 138 -2.55 -14.37 8.89
N ALA A 139 -2.03 -13.75 9.96
CA ALA A 139 -2.44 -12.37 10.25
C ALA A 139 -1.99 -11.42 9.15
N VAL A 140 -0.82 -11.67 8.56
CA VAL A 140 -0.34 -10.84 7.46
C VAL A 140 -1.29 -10.94 6.27
N LYS A 141 -1.75 -12.16 5.97
CA LYS A 141 -2.71 -12.32 4.88
C LYS A 141 -4.00 -11.53 5.18
N GLU A 142 -4.46 -11.59 6.43
CA GLU A 142 -5.66 -10.83 6.81
C GLU A 142 -5.41 -9.33 6.66
N ALA A 143 -4.22 -8.87 7.04
CA ALA A 143 -3.89 -7.45 6.92
C ALA A 143 -3.79 -7.02 5.47
N MET A 144 -3.28 -7.89 4.60
CA MET A 144 -3.28 -7.57 3.17
C MET A 144 -4.70 -7.39 2.67
N LYS A 145 -5.60 -8.27 3.10
CA LYS A 145 -6.99 -8.07 2.72
C LYS A 145 -7.50 -6.72 3.23
N ASP A 146 -7.21 -6.41 4.49
CA ASP A 146 -7.61 -5.11 5.02
C ASP A 146 -7.05 -3.95 4.19
N ALA A 147 -5.86 -4.12 3.63
CA ALA A 147 -5.24 -3.07 2.82
C ALA A 147 -5.69 -3.07 1.38
N GLN A 148 -6.48 -4.05 0.95
CA GLN A 148 -6.85 -4.18 -0.46
C GLN A 148 -5.61 -4.36 -1.33
N ILE A 149 -4.66 -5.15 -0.84
CA ILE A 149 -3.47 -5.55 -1.56
C ILE A 149 -3.55 -7.07 -1.76
N ASP A 150 -3.59 -7.51 -3.02
CA ASP A 150 -3.62 -8.95 -3.28
C ASP A 150 -2.28 -9.53 -3.69
N ASP A 151 -1.34 -8.69 -4.17
CA ASP A 151 -0.06 -9.13 -4.70
C ASP A 151 1.06 -8.90 -3.70
N PRO A 152 1.74 -9.93 -3.23
CA PRO A 152 2.83 -9.70 -2.25
C PRO A 152 3.94 -8.82 -2.80
N ARG A 153 4.10 -8.73 -4.11
CA ARG A 153 5.11 -7.82 -4.68
C ARG A 153 4.74 -6.38 -4.39
N ASP A 154 3.49 -6.13 -4.04
CA ASP A 154 3.00 -4.80 -3.70
C ASP A 154 3.05 -4.53 -2.20
N VAL A 155 3.61 -5.44 -1.40
CA VAL A 155 3.84 -5.17 0.02
C VAL A 155 5.25 -4.60 0.16
N HIS A 156 5.34 -3.43 0.79
CA HIS A 156 6.60 -2.69 0.93
C HIS A 156 7.09 -2.50 2.38
N PHE A 157 6.26 -2.78 3.38
CA PHE A 157 6.61 -2.64 4.78
C PHE A 157 5.64 -3.45 5.61
N VAL A 158 6.17 -4.30 6.47
CA VAL A 158 5.36 -5.10 7.38
C VAL A 158 5.84 -4.81 8.80
N GLN A 159 5.10 -4.03 9.55
CA GLN A 159 5.48 -3.61 10.89
C GLN A 159 4.85 -4.53 11.90
N ILE A 160 5.65 -5.05 12.81
CA ILE A 160 5.14 -6.00 13.78
C ILE A 160 5.54 -5.51 15.15
N LYS A 161 4.61 -5.65 16.09
CA LYS A 161 4.88 -5.56 17.50
C LYS A 161 4.75 -6.98 18.03
N ALA A 162 5.87 -7.56 18.45
CA ALA A 162 5.94 -8.96 18.85
C ALA A 162 6.14 -9.09 20.35
N PRO A 163 5.93 -10.29 20.89
CA PRO A 163 6.08 -10.51 22.33
C PRO A 163 7.53 -10.81 22.71
N LEU A 164 7.73 -11.03 24.00
CA LEU A 164 9.01 -11.44 24.56
C LEU A 164 8.71 -12.35 25.75
N LEU A 165 9.75 -12.92 26.34
CA LEU A 165 9.56 -13.73 27.53
C LEU A 165 9.92 -12.94 28.77
N THR A 166 9.11 -13.12 29.82
CA THR A 166 9.42 -12.69 31.17
C THR A 166 9.58 -13.92 32.07
N ALA A 167 10.09 -13.66 33.27
CA ALA A 167 10.28 -14.74 34.23
C ALA A 167 8.97 -15.44 34.60
N GLU A 168 7.89 -14.68 34.77
CA GLU A 168 6.63 -15.31 35.15
C GLU A 168 6.10 -16.24 34.07
N ARG A 169 6.24 -15.87 32.80
CA ARG A 169 5.74 -16.76 31.75
C ARG A 169 6.62 -17.99 31.60
N ILE A 170 7.94 -17.84 31.78
CA ILE A 170 8.81 -19.01 31.77
C ILE A 170 8.43 -19.96 32.91
N GLU A 171 8.17 -19.42 34.10
CA GLU A 171 7.74 -20.26 35.22
C GLU A 171 6.40 -20.91 34.93
N ASP A 172 5.50 -20.20 34.25
CA ASP A 172 4.24 -20.79 33.85
C ASP A 172 4.47 -21.97 32.91
N ALA A 173 5.30 -21.79 31.89
CA ALA A 173 5.63 -22.88 30.99
C ALA A 173 6.20 -24.07 31.74
N LYS A 174 7.14 -23.81 32.65
CA LYS A 174 7.72 -24.91 33.42
C LYS A 174 6.65 -25.63 34.23
N ARG A 175 5.77 -24.87 34.87
CA ARG A 175 4.69 -25.46 35.67
C ARG A 175 3.78 -26.37 34.84
N ARG A 176 3.55 -26.02 33.57
CA ARG A 176 2.71 -26.84 32.70
C ARG A 176 3.48 -27.97 32.03
N GLY A 177 4.75 -28.16 32.38
CA GLY A 177 5.56 -29.23 31.85
C GLY A 177 6.16 -28.95 30.50
N LYS A 178 6.35 -27.68 30.16
CA LYS A 178 6.82 -27.26 28.85
C LYS A 178 8.10 -26.47 29.03
N ASP A 179 8.94 -26.49 28.02
CA ASP A 179 10.14 -25.67 27.97
C ASP A 179 10.01 -24.55 26.95
N VAL A 180 10.63 -23.42 27.24
CA VAL A 180 10.61 -22.27 26.38
C VAL A 180 11.88 -22.26 25.54
N VAL A 181 11.88 -21.44 24.48
CA VAL A 181 13.00 -21.46 23.54
C VAL A 181 14.30 -20.98 24.17
N VAL A 182 14.24 -20.00 25.08
CA VAL A 182 15.43 -19.55 25.79
C VAL A 182 15.05 -18.95 27.14
N ASN A 183 15.88 -19.19 28.16
CA ASN A 183 15.60 -18.70 29.51
C ASN A 183 16.33 -17.37 29.69
N ASP A 184 16.02 -16.44 28.79
CA ASP A 184 16.75 -15.18 28.65
C ASP A 184 15.85 -14.16 27.97
N THR A 185 15.54 -13.06 28.66
CA THR A 185 14.56 -12.13 28.11
C THR A 185 15.08 -11.42 26.86
N TYR A 186 16.33 -10.96 26.88
CA TYR A 186 16.89 -10.29 25.70
C TYR A 186 16.99 -11.24 24.51
N LYS A 187 17.52 -12.44 24.73
CA LYS A 187 17.56 -13.33 23.58
C LYS A 187 16.14 -13.68 23.16
N SER A 188 15.21 -13.73 24.11
CA SER A 188 13.83 -14.00 23.70
C SER A 188 13.32 -12.90 22.79
N MET A 189 13.79 -11.66 22.99
CA MET A 189 13.38 -10.57 22.10
C MET A 189 13.89 -10.85 20.70
N ALA A 190 15.12 -11.35 20.62
CA ALA A 190 15.68 -11.68 19.31
C ALA A 190 14.91 -12.82 18.64
N TYR A 191 14.52 -13.83 19.43
CA TYR A 191 13.78 -14.97 18.90
C TYR A 191 12.40 -14.57 18.44
N SER A 192 11.73 -13.70 19.20
CA SER A 192 10.41 -13.22 18.80
C SER A 192 10.48 -12.38 17.54
N ARG A 193 11.45 -11.45 17.46
CA ARG A 193 11.60 -10.66 16.25
C ARG A 193 11.86 -11.56 15.05
N GLY A 194 12.71 -12.57 15.22
CA GLY A 194 13.09 -13.40 14.09
C GLY A 194 11.95 -14.28 13.61
N ALA A 195 11.25 -14.92 14.56
CA ALA A 195 10.09 -15.71 14.18
C ALA A 195 9.03 -14.85 13.49
N SER A 196 8.76 -13.64 13.98
CA SER A 196 7.77 -12.79 13.32
C SER A 196 8.22 -12.42 11.91
N ALA A 197 9.49 -12.08 11.72
CA ALA A 197 9.93 -11.72 10.38
C ALA A 197 9.84 -12.92 9.44
N LEU A 198 10.17 -14.11 9.93
CA LEU A 198 10.01 -15.30 9.09
C LEU A 198 8.55 -15.57 8.78
N GLY A 199 7.65 -15.26 9.71
CA GLY A 199 6.23 -15.38 9.41
C GLY A 199 5.79 -14.45 8.28
N VAL A 200 6.33 -13.22 8.28
CA VAL A 200 6.05 -12.32 7.16
C VAL A 200 6.57 -12.92 5.86
N ALA A 201 7.83 -13.37 5.87
CA ALA A 201 8.42 -13.93 4.65
C ALA A 201 7.60 -15.11 4.15
N LEU A 202 7.11 -15.95 5.06
CA LEU A 202 6.27 -17.08 4.67
C LEU A 202 4.99 -16.58 4.02
N ALA A 203 4.33 -15.60 4.66
CA ALA A 203 3.06 -15.11 4.12
C ALA A 203 3.21 -14.51 2.72
N LEU A 204 4.34 -13.83 2.46
CA LEU A 204 4.51 -13.15 1.18
C LEU A 204 5.20 -14.00 0.11
N GLY A 205 5.59 -15.23 0.40
CA GLY A 205 6.24 -16.03 -0.62
C GLY A 205 7.70 -15.69 -0.86
N GLU A 206 8.35 -15.01 0.09
CA GLU A 206 9.76 -14.66 -0.03
C GLU A 206 10.66 -15.84 0.28
N ILE A 207 10.15 -16.80 1.05
CA ILE A 207 10.81 -18.07 1.33
C ILE A 207 9.73 -19.15 1.25
N SER A 208 10.14 -20.37 0.97
CA SER A 208 9.19 -21.47 0.90
C SER A 208 9.07 -22.19 2.23
N ALA A 209 7.87 -22.70 2.50
CA ALA A 209 7.59 -23.33 3.79
C ALA A 209 8.53 -24.48 4.08
N ASP A 210 8.89 -25.25 3.05
CA ASP A 210 9.73 -26.43 3.27
C ASP A 210 11.13 -26.09 3.77
N LYS A 211 11.55 -24.82 3.66
CA LYS A 211 12.87 -24.38 4.11
C LYS A 211 12.90 -23.87 5.55
N ILE A 212 11.75 -23.76 6.21
CA ILE A 212 11.65 -23.16 7.54
C ILE A 212 11.42 -24.25 8.59
N SER A 213 12.19 -24.18 9.67
CA SER A 213 12.02 -25.08 10.80
C SER A 213 12.48 -24.34 12.06
N ASN A 214 12.15 -24.92 13.22
CA ASN A 214 12.58 -24.31 14.48
C ASN A 214 14.10 -24.10 14.53
N GLU A 215 14.87 -25.06 14.00
CA GLU A 215 16.32 -24.97 14.11
C GLU A 215 16.85 -23.83 13.26
N ALA A 216 16.11 -23.47 12.22
CA ALA A 216 16.43 -22.40 11.29
C ALA A 216 16.12 -21.03 11.88
N ILE A 217 15.23 -20.95 12.88
CA ILE A 217 14.76 -19.65 13.36
C ILE A 217 15.82 -18.76 14.02
N VAL A 218 17.02 -19.24 14.31
CA VAL A 218 18.05 -18.28 14.66
C VAL A 218 19.38 -18.61 13.99
N HIS A 219 19.50 -19.82 13.46
CA HIS A 219 20.77 -20.34 12.98
C HIS A 219 21.05 -20.01 11.52
N ASP A 220 20.04 -20.16 10.65
CA ASP A 220 20.23 -19.95 9.21
C ASP A 220 19.87 -18.53 8.82
N TRP A 221 20.89 -17.67 8.76
CA TRP A 221 20.76 -16.27 8.43
C TRP A 221 20.56 -16.05 6.94
N ASN A 222 20.56 -17.11 6.13
CA ASN A 222 20.17 -17.02 4.72
C ASN A 222 18.66 -16.90 4.52
N LEU A 223 17.87 -17.18 5.55
CA LEU A 223 16.42 -17.02 5.48
C LEU A 223 16.07 -15.65 6.03
N TYR A 224 15.51 -14.79 5.19
CA TYR A 224 15.10 -13.48 5.68
C TYR A 224 14.04 -12.89 4.77
N SER A 225 13.27 -11.96 5.34
CA SER A 225 12.32 -11.12 4.62
C SER A 225 12.94 -9.79 4.22
N SER A 226 12.52 -9.31 3.05
CA SER A 226 12.95 -8.01 2.56
C SER A 226 12.02 -6.86 2.92
N VAL A 227 10.92 -7.09 3.65
CA VAL A 227 10.02 -5.98 4.00
C VAL A 227 9.62 -5.98 5.49
N ALA A 228 9.97 -7.03 6.22
CA ALA A 228 9.57 -7.13 7.62
C ALA A 228 10.39 -6.20 8.53
N SER A 229 9.71 -5.58 9.49
CA SER A 229 10.32 -4.70 10.50
C SER A 229 9.64 -4.99 11.82
N THR A 230 10.35 -5.65 12.74
CA THR A 230 9.72 -6.14 13.95
C THR A 230 10.34 -5.54 15.20
N SER A 231 9.51 -5.40 16.24
CA SER A 231 9.80 -4.60 17.42
C SER A 231 9.13 -5.20 18.64
N ALA A 232 9.87 -5.31 19.75
CA ALA A 232 9.37 -6.00 20.93
C ALA A 232 9.15 -4.93 21.99
N GLY A 233 8.24 -5.19 22.93
CA GLY A 233 7.91 -4.18 23.92
C GLY A 233 7.22 -4.58 25.21
N VAL A 234 6.37 -3.65 25.70
CA VAL A 234 5.56 -3.88 26.90
C VAL A 234 4.45 -4.90 26.67
N CYS A 235 3.49 -4.59 25.79
CA CYS A 235 2.20 -5.27 25.79
C CYS A 235 2.31 -6.79 25.75
N LEU A 236 2.82 -7.34 24.65
CA LEU A 236 3.38 -8.70 24.62
C LEU A 236 2.33 -9.80 24.75
N LEU A 237 1.15 -9.61 24.16
CA LEU A 237 0.10 -10.61 24.26
C LEU A 237 -0.16 -11.22 22.89
N ASN A 238 -0.56 -10.38 21.94
CA ASN A 238 -0.81 -10.79 20.57
C ASN A 238 0.15 -10.01 19.67
N ASP A 239 0.64 -10.67 18.62
CA ASP A 239 1.37 -9.95 17.59
C ASP A 239 0.42 -8.93 16.98
N GLU A 240 0.90 -7.70 16.80
CA GLU A 240 0.13 -6.72 16.04
C GLU A 240 0.83 -6.46 14.71
N ILE A 241 0.05 -6.40 13.63
CA ILE A 241 0.59 -6.32 12.27
C ILE A 241 0.03 -5.09 11.59
N ILE A 242 0.94 -4.30 10.98
CA ILE A 242 0.60 -3.24 10.04
C ILE A 242 1.24 -3.57 8.70
N VAL A 243 0.42 -3.79 7.68
CA VAL A 243 0.90 -3.95 6.32
C VAL A 243 0.80 -2.63 5.57
N VAL A 244 1.90 -2.20 4.96
CA VAL A 244 1.94 -0.98 4.15
C VAL A 244 2.43 -1.36 2.76
N GLY A 245 1.65 -0.95 1.76
CA GLY A 245 1.95 -1.25 0.37
C GLY A 245 1.21 -0.31 -0.54
N ASN A 246 1.03 -0.74 -1.78
CA ASN A 246 0.28 0.04 -2.75
C ASN A 246 -0.85 -0.82 -3.31
N SER A 247 -1.95 -0.15 -3.60
CA SER A 247 -3.15 -0.82 -4.08
C SER A 247 -3.67 -0.03 -5.26
N THR A 248 -4.21 -0.73 -6.25
CA THR A 248 -4.90 -0.06 -7.34
C THR A 248 -6.17 0.63 -6.90
N ASN A 249 -6.77 0.15 -5.82
CA ASN A 249 -8.02 0.70 -5.29
C ASN A 249 -7.75 1.68 -4.14
N SER A 250 -6.81 2.62 -4.34
CA SER A 250 -6.46 3.61 -3.35
C SER A 250 -6.43 5.00 -3.96
N ALA A 251 -6.93 5.98 -3.20
CA ALA A 251 -6.90 7.39 -3.57
C ALA A 251 -5.86 8.18 -2.78
N SER A 252 -4.70 7.57 -2.54
CA SER A 252 -3.61 8.24 -1.82
C SER A 252 -2.68 8.97 -2.79
N ASP A 253 -2.23 10.15 -2.39
CA ASP A 253 -1.23 10.89 -3.16
C ASP A 253 0.19 10.40 -2.88
N LEU A 254 0.33 9.25 -2.22
CA LEU A 254 1.61 8.71 -1.84
C LEU A 254 1.78 7.31 -2.41
N VAL A 255 3.04 6.89 -2.49
CA VAL A 255 3.40 5.52 -2.83
C VAL A 255 4.50 5.08 -1.88
N ILE A 256 4.68 3.77 -1.80
CA ILE A 256 5.80 3.21 -1.07
C ILE A 256 6.62 2.35 -2.02
N GLY A 257 7.95 2.41 -1.87
CA GLY A 257 8.84 1.50 -2.56
C GLY A 257 9.89 1.02 -1.59
N HIS A 258 10.68 0.03 -2.02
CA HIS A 258 11.69 -0.46 -1.09
C HIS A 258 12.85 -1.10 -1.82
N SER A 259 13.94 -1.27 -1.08
CA SER A 259 15.09 -2.09 -1.45
C SER A 259 15.62 -2.78 -0.19
N VAL A 260 16.81 -3.36 -0.29
CA VAL A 260 17.48 -3.99 0.83
C VAL A 260 18.94 -3.54 0.87
N MET A 261 19.36 -2.94 2.00
CA MET A 261 20.76 -2.63 2.19
C MET A 261 21.53 -3.93 2.37
N LYS A 262 22.57 -4.09 1.55
CA LYS A 262 23.44 -5.26 1.56
C LYS A 262 24.41 -5.23 2.73
N ASP A 263 24.74 -4.02 3.21
CA ASP A 263 25.60 -3.81 4.36
C ASP A 263 25.31 -2.41 4.90
N ALA A 264 26.00 -2.03 5.97
CA ALA A 264 25.63 -0.81 6.68
C ALA A 264 25.97 0.45 5.89
N ILE A 265 26.76 0.34 4.82
CA ILE A 265 27.17 1.49 4.03
C ILE A 265 26.63 1.39 2.59
N ASP A 266 25.57 0.61 2.38
CA ASP A 266 25.06 0.33 1.04
C ASP A 266 24.16 1.49 0.63
N ALA A 267 24.79 2.59 0.23
CA ALA A 267 24.03 3.74 -0.25
C ALA A 267 23.31 3.41 -1.55
N ASP A 268 23.87 2.48 -2.34
CA ASP A 268 23.21 2.05 -3.57
C ASP A 268 21.81 1.50 -3.29
N ALA A 269 21.63 0.76 -2.21
CA ALA A 269 20.30 0.25 -1.92
C ALA A 269 19.35 1.38 -1.55
N VAL A 270 19.88 2.42 -0.88
CA VAL A 270 19.07 3.60 -0.61
C VAL A 270 18.60 4.23 -1.92
N ARG A 271 19.51 4.35 -2.89
CA ARG A 271 19.11 4.91 -4.17
C ARG A 271 18.08 4.02 -4.87
N ALA A 272 18.24 2.70 -4.77
CA ALA A 272 17.29 1.80 -5.42
C ALA A 272 15.90 1.90 -4.80
N ALA A 273 15.85 2.02 -3.47
CA ALA A 273 14.57 2.19 -2.79
C ALA A 273 13.92 3.52 -3.16
N LEU A 274 14.72 4.59 -3.23
CA LEU A 274 14.18 5.88 -3.67
C LEU A 274 13.57 5.78 -5.07
N LYS A 275 14.29 5.15 -6.00
CA LYS A 275 13.76 5.03 -7.36
C LYS A 275 12.48 4.19 -7.37
N ASP A 276 12.42 3.14 -6.54
CA ASP A 276 11.21 2.31 -6.46
C ASP A 276 10.00 3.06 -5.95
N ALA A 277 10.20 4.13 -5.20
CA ALA A 277 9.12 4.97 -4.72
C ALA A 277 8.84 6.13 -5.68
N GLY A 278 9.43 6.08 -6.87
CA GLY A 278 9.18 7.06 -7.90
C GLY A 278 10.14 8.23 -7.93
N ILE A 279 11.15 8.24 -7.08
CA ILE A 279 12.16 9.30 -7.07
C ILE A 279 13.32 8.84 -7.93
N ARG A 280 13.45 9.42 -9.13
CA ARG A 280 14.35 8.93 -10.17
C ARG A 280 15.61 9.76 -10.30
N SER A 281 15.71 10.87 -9.56
CA SER A 281 16.88 11.73 -9.60
C SER A 281 16.99 12.45 -8.27
N ASP A 282 18.18 13.00 -8.01
CA ASP A 282 18.42 13.72 -6.76
C ASP A 282 17.47 14.89 -6.58
N ASP A 283 17.03 15.50 -7.68
CA ASP A 283 16.21 16.69 -7.61
C ASP A 283 14.76 16.39 -7.22
N GLU A 284 14.39 15.12 -7.08
CA GLU A 284 13.05 14.76 -6.62
C GLU A 284 13.06 14.38 -5.14
N MET A 285 14.22 14.51 -4.47
CA MET A 285 14.33 14.06 -3.08
C MET A 285 13.24 14.65 -2.20
N ASP A 286 12.82 15.90 -2.46
CA ASP A 286 11.87 16.60 -1.61
C ASP A 286 10.50 15.91 -1.55
N ARG A 287 10.24 14.97 -2.43
CA ARG A 287 8.98 14.24 -2.37
C ARG A 287 8.98 13.15 -1.32
N ILE A 288 10.11 12.91 -0.64
CA ILE A 288 10.15 11.91 0.40
C ILE A 288 9.24 12.33 1.55
N VAL A 289 8.40 11.40 1.99
CA VAL A 289 7.71 11.58 3.25
C VAL A 289 8.50 10.99 4.39
N ASN A 290 8.89 9.72 4.26
CA ASN A 290 9.86 9.21 5.23
C ASN A 290 10.63 8.03 4.64
N VAL A 291 11.75 7.73 5.29
CA VAL A 291 12.52 6.53 5.05
C VAL A 291 12.51 5.66 6.28
N LEU A 292 12.30 4.34 6.10
CA LEU A 292 12.20 3.39 7.20
C LEU A 292 13.17 2.25 6.94
N ALA A 293 14.10 2.00 7.86
CA ALA A 293 15.17 1.05 7.58
C ALA A 293 15.58 0.27 8.83
N LYS A 294 16.09 -0.94 8.59
CA LYS A 294 16.73 -1.76 9.61
C LYS A 294 18.25 -1.72 9.44
N ALA A 295 18.96 -1.74 10.57
CA ALA A 295 20.41 -1.65 10.59
C ALA A 295 20.98 -2.63 11.61
N GLU A 296 22.17 -3.16 11.32
CA GLU A 296 22.78 -3.99 12.35
C GLU A 296 24.27 -4.13 12.08
N ALA A 297 24.98 -4.54 13.13
CA ALA A 297 26.37 -4.95 13.05
C ALA A 297 26.44 -6.37 12.49
N ALA A 298 27.27 -6.57 11.46
CA ALA A 298 27.40 -7.89 10.89
C ALA A 298 28.10 -8.86 11.84
N SER A 299 27.65 -10.11 11.81
CA SER A 299 28.22 -11.11 12.71
C SER A 299 29.71 -11.34 12.43
N SER A 300 30.15 -11.09 11.21
CA SER A 300 31.54 -11.29 10.83
C SER A 300 32.48 -10.28 11.48
N GLY A 301 31.95 -9.20 12.04
CA GLY A 301 32.80 -8.15 12.54
C GLY A 301 33.45 -7.31 11.47
N THR A 302 32.94 -7.36 10.25
CA THR A 302 33.54 -6.62 9.15
C THR A 302 32.43 -6.01 8.31
N VAL A 303 32.82 -5.03 7.52
CA VAL A 303 31.97 -4.48 6.46
C VAL A 303 32.82 -4.50 5.20
N ARG A 304 32.35 -5.26 4.20
CA ARG A 304 33.09 -5.40 2.94
C ARG A 304 34.54 -5.76 3.21
N GLY A 305 34.74 -6.70 4.14
CA GLY A 305 36.07 -7.21 4.43
C GLY A 305 36.92 -6.33 5.31
N ARG A 306 36.41 -5.21 5.79
CA ARG A 306 37.17 -4.28 6.63
C ARG A 306 36.72 -4.41 8.08
N ARG A 307 37.68 -4.66 8.97
CA ARG A 307 37.35 -4.83 10.37
C ARG A 307 36.79 -3.55 10.96
N ASN A 308 35.85 -3.68 11.90
CA ASN A 308 35.47 -2.58 12.79
C ASN A 308 35.29 -3.12 14.19
N THR A 309 35.17 -2.19 15.14
CA THR A 309 35.14 -2.51 16.56
C THR A 309 33.73 -2.56 17.15
N MET A 310 32.69 -2.49 16.31
CA MET A 310 31.33 -2.35 16.81
C MET A 310 30.95 -3.42 17.83
N LEU A 311 31.33 -4.68 17.57
CA LEU A 311 30.92 -5.78 18.43
C LEU A 311 31.82 -5.99 19.63
N ASP A 312 32.99 -5.33 19.68
CA ASP A 312 33.92 -5.42 20.79
C ASP A 312 33.84 -4.23 21.73
N ASP A 313 33.14 -3.17 21.33
CA ASP A 313 33.18 -1.90 22.04
C ASP A 313 32.21 -1.97 23.22
N SER A 314 32.77 -1.95 24.43
CA SER A 314 31.98 -2.07 25.65
C SER A 314 31.41 -0.72 26.06
N ASP A 315 31.80 0.35 25.37
CA ASP A 315 31.31 1.70 25.63
C ASP A 315 30.06 1.98 24.80
N ILE A 316 30.05 1.54 23.55
CA ILE A 316 28.97 1.81 22.60
C ILE A 316 28.44 0.46 22.15
N ASN A 317 27.15 0.21 22.37
CA ASN A 317 26.60 -1.09 21.99
C ASN A 317 26.51 -1.19 20.47
N HIS A 318 26.61 -2.41 19.95
CA HIS A 318 26.83 -2.51 18.51
C HIS A 318 25.62 -2.03 17.72
N THR A 319 24.40 -2.21 18.26
CA THR A 319 23.23 -1.72 17.55
C THR A 319 23.18 -0.20 17.55
N ARG A 320 23.75 0.44 18.57
CA ARG A 320 23.81 1.90 18.58
C ARG A 320 24.71 2.37 17.45
N SER A 321 25.88 1.72 17.32
CA SER A 321 26.78 2.10 16.25
C SER A 321 26.14 1.84 14.90
N ALA A 322 25.48 0.68 14.75
CA ALA A 322 24.86 0.36 13.47
C ALA A 322 23.76 1.35 13.12
N ARG A 323 22.94 1.76 14.09
CA ARG A 323 21.93 2.76 13.79
C ARG A 323 22.58 4.05 13.35
N ALA A 324 23.61 4.48 14.08
CA ALA A 324 24.30 5.71 13.69
C ALA A 324 24.82 5.61 12.28
N VAL A 325 25.44 4.48 11.95
CA VAL A 325 26.07 4.29 10.65
C VAL A 325 25.02 4.33 9.54
N VAL A 326 23.98 3.51 9.67
CA VAL A 326 23.04 3.39 8.56
C VAL A 326 22.22 4.68 8.43
N ASN A 327 21.88 5.32 9.55
CA ASN A 327 21.23 6.63 9.49
C ASN A 327 22.11 7.63 8.78
N ALA A 328 23.41 7.61 9.07
CA ALA A 328 24.31 8.55 8.41
C ALA A 328 24.36 8.29 6.91
N VAL A 329 24.42 7.02 6.50
CA VAL A 329 24.44 6.69 5.08
C VAL A 329 23.17 7.19 4.39
N ILE A 330 22.02 6.87 4.97
CA ILE A 330 20.76 7.30 4.38
C ILE A 330 20.72 8.82 4.29
N ALA A 331 21.09 9.49 5.38
CA ALA A 331 21.06 10.94 5.38
C ALA A 331 21.95 11.49 4.26
N SER A 332 23.09 10.84 4.01
CA SER A 332 24.00 11.34 2.99
C SER A 332 23.42 11.11 1.61
N VAL A 333 22.55 10.11 1.47
CA VAL A 333 21.90 9.90 0.17
C VAL A 333 20.76 10.88 -0.04
N VAL A 334 19.91 11.07 0.98
CA VAL A 334 18.68 11.84 0.84
C VAL A 334 18.80 13.28 1.32
N GLY A 335 19.89 13.65 1.99
CA GLY A 335 20.08 15.03 2.42
C GLY A 335 19.32 15.43 3.67
N ASP A 336 18.94 14.46 4.51
CA ASP A 336 18.08 14.63 5.67
C ASP A 336 18.34 13.50 6.68
N PRO A 337 18.82 13.83 7.88
CA PRO A 337 19.04 12.80 8.90
C PRO A 337 17.80 12.41 9.69
N MET A 338 16.66 13.01 9.39
CA MET A 338 15.41 12.68 10.09
C MET A 338 14.69 11.54 9.39
N VAL A 339 15.27 10.35 9.52
CA VAL A 339 14.69 9.13 8.98
C VAL A 339 14.69 8.08 10.08
N TYR A 340 13.84 7.09 9.91
CA TYR A 340 13.62 6.03 10.88
C TYR A 340 14.61 4.88 10.65
N VAL A 341 15.46 4.62 11.65
CA VAL A 341 16.34 3.46 11.59
C VAL A 341 16.14 2.71 12.89
N SER A 342 15.84 1.42 12.77
CA SER A 342 15.52 0.50 13.86
C SER A 342 16.49 -0.67 13.89
N GLY A 343 16.89 -1.07 15.10
CA GLY A 343 17.90 -2.09 15.28
C GLY A 343 17.35 -3.46 15.59
N GLY A 344 18.13 -4.48 15.22
CA GLY A 344 17.79 -5.86 15.44
C GLY A 344 17.00 -6.43 14.29
N ALA A 345 17.71 -7.07 13.37
CA ALA A 345 17.19 -7.42 12.05
C ALA A 345 17.24 -8.92 11.84
N GLU A 346 16.89 -9.70 12.86
CA GLU A 346 16.94 -11.14 12.68
C GLU A 346 15.98 -11.54 11.57
N HIS A 347 16.52 -12.16 10.52
CA HIS A 347 15.74 -12.56 9.37
C HIS A 347 15.11 -11.37 8.67
N GLN A 348 15.69 -10.18 8.83
CA GLN A 348 15.24 -8.96 8.15
C GLN A 348 16.44 -8.45 7.38
N GLY A 349 16.42 -8.69 6.07
CA GLY A 349 17.57 -8.51 5.22
C GLY A 349 18.69 -9.48 5.61
N PRO A 350 19.83 -9.39 4.93
CA PRO A 350 20.96 -10.27 5.26
C PRO A 350 21.61 -9.91 6.59
N ASP A 351 22.48 -10.81 7.05
CA ASP A 351 23.29 -10.54 8.24
C ASP A 351 24.18 -9.34 8.00
N GLY A 352 23.97 -8.26 8.75
CA GLY A 352 24.72 -7.04 8.56
C GLY A 352 24.08 -6.03 7.64
N GLY A 353 22.93 -6.38 7.05
CA GLY A 353 22.18 -5.49 6.21
C GLY A 353 20.77 -5.40 6.75
N GLY A 354 19.85 -4.87 5.96
CA GLY A 354 18.51 -4.64 6.47
C GLY A 354 17.60 -4.04 5.43
N PRO A 355 16.29 -4.23 5.59
CA PRO A 355 15.35 -3.62 4.65
C PRO A 355 15.39 -2.10 4.72
N ILE A 356 15.06 -1.45 3.58
CA ILE A 356 14.94 0.00 3.54
C ILE A 356 13.76 0.34 2.63
N ALA A 357 12.80 1.09 3.17
CA ALA A 357 11.61 1.48 2.43
C ALA A 357 11.52 3.00 2.38
N VAL A 358 10.87 3.52 1.34
CA VAL A 358 10.64 4.95 1.19
C VAL A 358 9.16 5.19 0.93
N ILE A 359 8.54 6.06 1.73
CA ILE A 359 7.22 6.58 1.44
C ILE A 359 7.42 7.97 0.85
N ALA A 360 6.87 8.17 -0.36
CA ALA A 360 7.09 9.37 -1.13
C ALA A 360 5.80 9.85 -1.78
N ARG A 361 5.69 11.16 -1.93
CA ARG A 361 4.61 11.70 -2.75
C ARG A 361 4.84 11.32 -4.22
N VAL A 362 3.74 11.03 -4.93
CA VAL A 362 3.77 10.80 -6.37
C VAL A 362 3.93 12.12 -7.12
N LEU A 363 4.25 12.02 -8.40
CA LEU A 363 4.45 13.17 -9.26
C LEU A 363 3.41 13.16 -10.38
N GLU A 364 2.89 14.35 -10.72
CA GLU A 364 1.96 14.54 -11.84
C GLU A 364 0.86 13.48 -11.86
N HIS A 365 0.10 13.41 -10.78
CA HIS A 365 -0.92 12.38 -10.66
C HIS A 365 -2.33 12.88 -10.97
N MET B 1 15.48 3.74 -52.03
CA MET B 1 15.03 4.26 -50.75
C MET B 1 13.53 4.18 -50.48
N GLN B 2 13.17 3.77 -49.25
CA GLN B 2 11.77 3.58 -48.90
C GLN B 2 11.16 4.89 -48.40
N LYS B 3 9.94 5.17 -48.88
CA LYS B 3 9.10 6.27 -48.42
C LYS B 3 7.72 5.72 -48.11
N VAL B 4 7.22 5.92 -46.89
CA VAL B 4 5.88 5.46 -46.53
C VAL B 4 4.95 6.67 -46.50
N GLU B 5 3.80 6.56 -47.16
CA GLU B 5 2.72 7.54 -47.10
C GLU B 5 1.46 6.90 -46.55
N VAL B 6 0.70 7.66 -45.75
CA VAL B 6 -0.48 7.16 -45.06
C VAL B 6 -1.65 8.11 -45.27
N PHE B 7 -2.80 7.56 -45.67
CA PHE B 7 -3.99 8.35 -46.01
C PHE B 7 -5.18 7.90 -45.17
N ARG B 8 -5.75 8.83 -44.41
CA ARG B 8 -6.96 8.55 -43.62
C ARG B 8 -8.18 9.06 -44.37
N ILE B 9 -9.10 8.16 -44.73
CA ILE B 9 -10.16 8.40 -45.70
C ILE B 9 -11.50 8.13 -45.03
N PRO B 10 -12.38 9.11 -44.91
CA PRO B 10 -13.74 8.83 -44.41
C PRO B 10 -14.53 7.94 -45.38
N THR B 11 -15.38 7.09 -44.81
CA THR B 11 -16.24 6.24 -45.61
C THR B 11 -17.70 6.49 -45.28
N ALA B 12 -18.56 6.34 -46.28
CA ALA B 12 -19.99 6.52 -46.13
C ALA B 12 -20.72 5.22 -45.81
N SER B 13 -20.05 4.09 -45.98
CA SER B 13 -20.63 2.77 -45.78
C SER B 13 -19.51 1.73 -45.87
N PRO B 14 -19.75 0.49 -45.46
CA PRO B 14 -18.67 -0.51 -45.52
C PRO B 14 -18.14 -0.71 -46.92
N ASP B 15 -18.99 -0.58 -47.94
CA ASP B 15 -18.61 -0.82 -49.32
C ASP B 15 -18.16 0.45 -50.03
N ASP B 16 -17.97 1.55 -49.31
CA ASP B 16 -17.64 2.84 -49.92
C ASP B 16 -16.17 2.89 -50.31
N ILE B 17 -15.92 2.89 -51.63
CA ILE B 17 -14.59 3.03 -52.19
C ILE B 17 -14.35 4.41 -52.77
N SER B 18 -15.27 5.36 -52.55
CA SER B 18 -15.21 6.62 -53.28
C SER B 18 -13.97 7.44 -52.91
N GLY B 19 -13.60 7.46 -51.62
CA GLY B 19 -12.41 8.22 -51.23
C GLY B 19 -11.11 7.67 -51.79
N LEU B 20 -10.93 6.35 -51.74
CA LEU B 20 -9.78 5.73 -52.36
C LEU B 20 -9.76 5.95 -53.86
N ALA B 21 -10.91 5.76 -54.52
CA ALA B 21 -10.96 5.97 -55.95
C ALA B 21 -10.59 7.41 -56.30
N THR B 22 -11.04 8.36 -55.49
CA THR B 22 -10.69 9.76 -55.74
C THR B 22 -9.20 9.98 -55.62
N LEU B 23 -8.58 9.37 -54.61
CA LEU B 23 -7.14 9.52 -54.45
C LEU B 23 -6.36 8.85 -55.58
N ILE B 24 -6.89 7.76 -56.12
CA ILE B 24 -6.23 7.15 -57.27
C ILE B 24 -6.38 8.04 -58.49
N ASP B 25 -7.59 8.52 -58.74
CA ASP B 25 -7.88 9.30 -59.93
C ASP B 25 -7.18 10.66 -59.90
N SER B 26 -6.87 11.19 -58.72
CA SER B 26 -6.14 12.46 -58.65
C SER B 26 -4.63 12.27 -58.77
N GLY B 27 -4.15 11.03 -58.78
CA GLY B 27 -2.74 10.72 -58.85
C GLY B 27 -1.96 10.68 -57.55
N LYS B 28 -2.62 10.80 -56.40
CA LYS B 28 -1.92 10.80 -55.11
C LYS B 28 -1.53 9.39 -54.66
N ILE B 29 -2.26 8.37 -55.06
CA ILE B 29 -1.95 7.00 -54.69
C ILE B 29 -1.80 6.18 -55.96
N ASN B 30 -0.69 5.49 -56.07
CA ASN B 30 -0.57 4.45 -57.07
C ASN B 30 -1.07 3.18 -56.42
N PRO B 31 -2.18 2.61 -56.88
CA PRO B 31 -2.74 1.45 -56.16
C PRO B 31 -1.74 0.31 -56.12
N ALA B 32 -0.83 0.24 -57.08
CA ALA B 32 0.17 -0.83 -57.08
C ALA B 32 1.15 -0.70 -55.92
N GLU B 33 1.22 0.46 -55.26
CA GLU B 33 2.13 0.69 -54.15
C GLU B 33 1.47 0.55 -52.78
N ILE B 34 0.17 0.27 -52.72
CA ILE B 34 -0.52 0.03 -51.45
C ILE B 34 -0.04 -1.27 -50.83
N VAL B 35 0.29 -1.21 -49.54
CA VAL B 35 0.73 -2.39 -48.79
C VAL B 35 -0.24 -2.79 -47.70
N ALA B 36 -1.13 -1.91 -47.25
CA ALA B 36 -2.03 -2.34 -46.19
C ALA B 36 -3.20 -1.37 -46.10
N ILE B 37 -4.36 -1.89 -45.71
CA ILE B 37 -5.51 -1.04 -45.46
C ILE B 37 -6.12 -1.47 -44.13
N LEU B 38 -6.25 -0.53 -43.22
CA LEU B 38 -6.81 -0.79 -41.90
C LEU B 38 -8.10 0.01 -41.79
N GLY B 39 -9.24 -0.70 -41.67
CA GLY B 39 -10.54 -0.05 -41.67
C GLY B 39 -11.25 -0.14 -40.34
N LYS B 40 -12.08 0.86 -40.06
CA LYS B 40 -13.18 0.80 -39.09
C LYS B 40 -14.50 0.79 -39.86
N THR B 41 -15.25 -0.31 -39.74
CA THR B 41 -16.52 -0.48 -40.43
C THR B 41 -17.64 -0.52 -39.39
N GLU B 42 -18.81 -0.08 -39.80
CA GLU B 42 -19.86 0.36 -38.88
C GLU B 42 -20.84 -0.73 -38.46
N GLY B 43 -20.51 -2.00 -38.64
CA GLY B 43 -21.35 -3.00 -38.02
C GLY B 43 -21.20 -3.08 -36.51
N ASN B 44 -21.83 -4.11 -35.94
CA ASN B 44 -21.89 -4.22 -34.49
C ASN B 44 -20.64 -4.82 -33.87
N GLY B 45 -19.66 -5.23 -34.68
CA GLY B 45 -18.44 -5.78 -34.13
C GLY B 45 -18.61 -7.11 -33.45
N SER B 46 -19.75 -7.78 -33.64
CA SER B 46 -20.05 -9.00 -32.91
C SER B 46 -19.64 -10.23 -33.71
N VAL B 47 -19.96 -11.41 -33.17
CA VAL B 47 -19.74 -12.65 -33.89
C VAL B 47 -20.34 -12.54 -35.29
N ASN B 48 -21.62 -12.21 -35.35
CA ASN B 48 -22.33 -12.16 -36.62
C ASN B 48 -22.22 -10.75 -37.21
N ASP B 49 -20.97 -10.32 -37.42
CA ASP B 49 -20.67 -9.07 -38.11
C ASP B 49 -19.92 -9.41 -39.38
N PHE B 50 -20.61 -9.29 -40.50
CA PHE B 50 -20.10 -9.54 -41.83
C PHE B 50 -19.75 -8.28 -42.59
N THR B 51 -19.93 -7.10 -41.98
CA THR B 51 -19.52 -5.88 -42.64
C THR B 51 -18.02 -5.84 -42.85
N ARG B 52 -17.24 -6.47 -41.98
CA ARG B 52 -15.80 -6.49 -42.18
C ARG B 52 -15.44 -7.20 -43.48
N CYS B 53 -15.99 -8.41 -43.67
CA CYS B 53 -15.74 -9.15 -44.91
C CYS B 53 -16.33 -8.42 -46.12
N PHE B 54 -17.47 -7.75 -45.92
CA PHE B 54 -18.05 -6.95 -46.99
C PHE B 54 -17.12 -5.82 -47.42
N ALA B 55 -16.52 -5.13 -46.44
CA ALA B 55 -15.59 -4.05 -46.73
C ALA B 55 -14.34 -4.56 -47.43
N THR B 56 -13.77 -5.65 -46.91
CA THR B 56 -12.57 -6.20 -47.52
C THR B 56 -12.85 -6.66 -48.96
N GLN B 57 -13.95 -7.38 -49.16
CA GLN B 57 -14.32 -7.85 -50.49
C GLN B 57 -14.49 -6.68 -51.45
N SER B 58 -15.14 -5.60 -50.99
CA SER B 58 -15.41 -4.45 -51.87
C SER B 58 -14.11 -3.76 -52.28
N LEU B 59 -13.18 -3.63 -51.33
CA LEU B 59 -11.92 -2.98 -51.66
C LEU B 59 -11.11 -3.85 -52.60
N ALA B 60 -11.13 -5.17 -52.38
CA ALA B 60 -10.38 -6.05 -53.26
C ALA B 60 -10.92 -6.00 -54.69
N MET B 61 -12.25 -5.98 -54.85
CA MET B 61 -12.83 -5.85 -56.19
C MET B 61 -12.42 -4.54 -56.86
N TYR B 62 -12.59 -3.40 -56.18
CA TYR B 62 -12.22 -2.12 -56.77
C TYR B 62 -10.74 -2.09 -57.15
N LEU B 63 -9.86 -2.51 -56.24
CA LEU B 63 -8.43 -2.45 -56.52
C LEU B 63 -8.06 -3.42 -57.64
N ALA B 64 -8.68 -4.61 -57.69
CA ALA B 64 -8.41 -5.53 -58.78
C ALA B 64 -8.74 -4.88 -60.11
N GLU B 65 -9.87 -4.17 -60.18
CA GLU B 65 -10.22 -3.54 -61.46
C GLU B 65 -9.26 -2.40 -61.79
N LYS B 66 -8.81 -1.65 -60.79
CA LYS B 66 -7.85 -0.59 -61.09
C LYS B 66 -6.51 -1.17 -61.53
N LEU B 67 -6.11 -2.30 -60.96
CA LEU B 67 -4.81 -2.87 -61.23
C LEU B 67 -4.84 -3.89 -62.36
N GLY B 68 -6.02 -4.32 -62.79
CA GLY B 68 -6.11 -5.34 -63.82
C GLY B 68 -5.65 -6.71 -63.35
N ILE B 69 -5.90 -7.02 -62.08
CA ILE B 69 -5.54 -8.30 -61.50
C ILE B 69 -6.76 -8.87 -60.81
N SER B 70 -6.63 -10.11 -60.33
CA SER B 70 -7.73 -10.81 -59.68
C SER B 70 -7.85 -10.36 -58.22
N ARG B 71 -9.05 -10.55 -57.67
CA ARG B 71 -9.27 -10.29 -56.25
C ARG B 71 -8.30 -11.07 -55.39
N GLU B 72 -8.05 -12.33 -55.75
CA GLU B 72 -7.14 -13.15 -54.96
C GLU B 72 -5.75 -12.52 -54.90
N GLU B 73 -5.28 -11.97 -56.03
CA GLU B 73 -3.97 -11.33 -56.02
C GLU B 73 -3.98 -10.06 -55.17
N VAL B 74 -5.06 -9.27 -55.25
CA VAL B 74 -5.14 -8.08 -54.42
C VAL B 74 -5.09 -8.46 -52.95
N VAL B 75 -5.81 -9.50 -52.56
CA VAL B 75 -5.81 -9.90 -51.16
C VAL B 75 -4.46 -10.49 -50.74
N LYS B 76 -3.69 -11.04 -51.69
CA LYS B 76 -2.34 -11.50 -51.42
C LYS B 76 -1.36 -10.34 -51.32
N LYS B 77 -1.72 -9.21 -51.90
CA LYS B 77 -0.84 -8.07 -52.07
C LYS B 77 -1.08 -6.99 -51.04
N VAL B 78 -2.30 -6.87 -50.54
CA VAL B 78 -2.69 -5.75 -49.69
C VAL B 78 -3.18 -6.35 -48.38
N ALA B 79 -2.69 -5.81 -47.27
CA ALA B 79 -3.22 -6.21 -45.99
C ALA B 79 -4.59 -5.58 -45.81
N PHE B 80 -5.56 -6.39 -45.43
CA PHE B 80 -6.89 -5.89 -45.11
C PHE B 80 -7.24 -6.28 -43.68
N ILE B 81 -7.23 -5.29 -42.81
CA ILE B 81 -7.53 -5.49 -41.40
C ILE B 81 -8.73 -4.59 -41.12
N MET B 82 -9.89 -5.20 -40.97
CA MET B 82 -11.13 -4.47 -40.74
C MET B 82 -11.65 -4.67 -39.31
N SER B 83 -11.63 -3.61 -38.52
CA SER B 83 -12.13 -3.63 -37.15
C SER B 83 -13.57 -3.08 -37.16
N GLY B 84 -14.55 -3.94 -36.87
CA GLY B 84 -15.93 -3.47 -36.82
C GLY B 84 -16.24 -2.69 -35.54
N GLY B 85 -17.41 -2.09 -35.50
CA GLY B 85 -17.82 -1.37 -34.30
C GLY B 85 -17.40 0.09 -34.27
N THR B 86 -18.32 1.01 -34.56
CA THR B 86 -18.07 2.46 -34.49
C THR B 86 -19.09 3.08 -33.54
N GLU B 87 -18.95 2.77 -32.26
CA GLU B 87 -19.88 3.17 -31.23
C GLU B 87 -19.58 4.60 -30.81
N GLY B 88 -20.49 5.19 -30.06
CA GLY B 88 -20.26 6.56 -29.62
C GLY B 88 -20.19 7.51 -30.79
N VAL B 89 -19.15 8.35 -30.82
CA VAL B 89 -18.93 9.28 -31.91
C VAL B 89 -17.93 8.76 -32.93
N MET B 90 -17.50 7.52 -32.79
CA MET B 90 -16.46 7.00 -33.66
C MET B 90 -16.91 6.97 -35.12
N THR B 91 -16.06 7.53 -36.00
CA THR B 91 -16.38 7.73 -37.40
C THR B 91 -15.83 6.59 -38.26
N PRO B 92 -16.67 5.90 -39.05
CA PRO B 92 -16.14 4.85 -39.94
C PRO B 92 -15.15 5.41 -40.95
N HIS B 93 -14.07 4.66 -41.20
CA HIS B 93 -13.06 5.17 -42.13
C HIS B 93 -12.06 4.08 -42.47
N ILE B 94 -11.21 4.36 -43.46
CA ILE B 94 -10.08 3.47 -43.75
C ILE B 94 -8.78 4.26 -43.74
N THR B 95 -7.70 3.58 -43.34
CA THR B 95 -6.35 4.11 -43.39
C THR B 95 -5.53 3.29 -44.38
N VAL B 96 -5.06 3.93 -45.45
CA VAL B 96 -4.35 3.22 -46.50
C VAL B 96 -2.87 3.52 -46.35
N PHE B 97 -2.06 2.45 -46.25
CA PHE B 97 -0.61 2.53 -46.14
C PHE B 97 -0.01 2.16 -47.48
N VAL B 98 0.78 3.10 -48.02
CA VAL B 98 1.47 3.01 -49.30
C VAL B 98 2.96 3.07 -49.05
N ARG B 99 3.71 2.17 -49.68
CA ARG B 99 5.16 2.16 -49.55
C ARG B 99 5.74 2.26 -50.96
N LYS B 100 6.48 3.34 -51.20
CA LYS B 100 7.16 3.58 -52.47
C LYS B 100 8.67 3.46 -52.28
N ASP B 101 9.37 3.05 -53.34
CA ASP B 101 10.82 3.13 -53.40
C ASP B 101 11.19 4.40 -54.16
N VAL B 102 11.70 5.41 -53.45
CA VAL B 102 11.99 6.70 -54.06
C VAL B 102 13.50 6.90 -54.18
N ALA B 103 13.90 7.61 -55.23
CA ALA B 103 15.31 7.93 -55.43
C ALA B 103 15.57 9.27 -54.77
N ALA B 104 15.82 9.24 -53.47
CA ALA B 104 16.09 10.45 -52.71
C ALA B 104 16.89 10.08 -51.48
N PRO B 105 17.70 11.01 -50.97
CA PRO B 105 18.55 10.69 -49.81
C PRO B 105 17.72 10.43 -48.57
N ALA B 106 18.33 9.71 -47.64
CA ALA B 106 17.66 9.40 -46.37
C ALA B 106 17.46 10.67 -45.56
N ALA B 107 16.26 10.82 -45.01
CA ALA B 107 15.94 12.02 -44.24
C ALA B 107 16.74 12.06 -42.94
N PRO B 108 17.06 13.26 -42.45
CA PRO B 108 17.80 13.35 -41.18
C PRO B 108 17.04 12.71 -40.03
N GLY B 109 17.73 11.85 -39.30
CA GLY B 109 17.12 11.15 -38.18
C GLY B 109 16.27 9.98 -38.65
N LYS B 110 15.26 9.65 -37.85
CA LYS B 110 14.40 8.51 -38.15
C LYS B 110 13.07 8.99 -38.70
N ARG B 111 12.52 8.23 -39.63
CA ARG B 111 11.25 8.60 -40.25
C ARG B 111 10.44 7.32 -40.48
N LEU B 112 9.17 7.51 -40.83
CA LEU B 112 8.24 6.38 -40.86
C LEU B 112 8.77 5.29 -41.78
N ALA B 113 8.72 4.06 -41.30
CA ALA B 113 9.11 2.87 -42.02
C ALA B 113 8.11 1.77 -41.74
N VAL B 114 7.92 0.91 -42.73
CA VAL B 114 6.95 -0.16 -42.63
C VAL B 114 7.61 -1.41 -43.19
N GLY B 115 7.34 -2.53 -42.53
CA GLY B 115 7.82 -3.82 -42.98
C GLY B 115 6.72 -4.85 -42.86
N VAL B 116 6.82 -5.89 -43.67
CA VAL B 116 5.78 -6.89 -43.78
C VAL B 116 6.43 -8.26 -43.67
N ALA B 117 5.71 -9.16 -43.02
CA ALA B 117 6.16 -10.54 -42.88
C ALA B 117 4.93 -11.41 -42.69
N PHE B 118 5.06 -12.66 -43.10
CA PHE B 118 3.99 -13.62 -42.97
C PHE B 118 4.48 -14.74 -42.09
N THR B 119 3.58 -15.32 -41.30
CA THR B 119 4.00 -16.50 -40.58
C THR B 119 3.76 -17.77 -41.39
N ARG B 120 4.34 -18.86 -40.93
CA ARG B 120 3.97 -20.19 -41.41
C ARG B 120 2.52 -20.50 -41.04
N ASP B 121 1.94 -21.49 -41.72
CA ASP B 121 0.66 -22.00 -41.30
C ASP B 121 0.79 -22.63 -39.93
N PHE B 122 -0.27 -22.51 -39.12
CA PHE B 122 -0.31 -23.15 -37.81
C PHE B 122 -1.17 -24.38 -37.84
N LEU B 123 -0.76 -25.41 -37.11
CA LEU B 123 -1.64 -26.53 -36.82
C LEU B 123 -2.70 -26.10 -35.81
N PRO B 124 -3.89 -26.70 -35.86
CA PRO B 124 -4.94 -26.28 -34.93
C PRO B 124 -4.49 -26.37 -33.49
N GLU B 125 -3.69 -27.38 -33.16
CA GLU B 125 -3.20 -27.56 -31.81
C GLU B 125 -2.15 -26.53 -31.42
N GLU B 126 -1.74 -25.66 -32.35
CA GLU B 126 -0.79 -24.62 -31.98
C GLU B 126 -1.45 -23.32 -31.58
N LEU B 127 -2.72 -23.09 -31.94
CA LEU B 127 -3.32 -21.81 -31.59
C LEU B 127 -3.44 -21.69 -30.08
N GLY B 128 -3.14 -20.50 -29.58
CA GLY B 128 -3.26 -20.18 -28.17
C GLY B 128 -2.18 -20.75 -27.29
N ARG B 129 -1.11 -21.28 -27.87
CA ARG B 129 -0.05 -21.96 -27.15
C ARG B 129 1.30 -21.42 -27.63
N MET B 130 2.36 -21.90 -26.98
CA MET B 130 3.68 -21.30 -27.15
C MET B 130 4.16 -21.39 -28.60
N GLU B 131 3.73 -22.42 -29.35
CA GLU B 131 4.13 -22.51 -30.75
C GLU B 131 3.67 -21.27 -31.54
N GLN B 132 2.46 -20.78 -31.26
CA GLN B 132 1.97 -19.56 -31.90
C GLN B 132 2.74 -18.33 -31.42
N VAL B 133 3.00 -18.23 -30.11
CA VAL B 133 3.81 -17.14 -29.58
C VAL B 133 5.14 -17.08 -30.34
N ASN B 134 5.82 -18.21 -30.45
CA ASN B 134 7.17 -18.23 -30.96
C ASN B 134 7.18 -17.93 -32.45
N GLU B 135 6.22 -18.48 -33.20
CA GLU B 135 6.17 -18.19 -34.62
C GLU B 135 5.84 -16.72 -34.87
N VAL B 136 4.95 -16.14 -34.08
CA VAL B 136 4.67 -14.71 -34.23
C VAL B 136 5.93 -13.91 -33.97
N ALA B 137 6.67 -14.26 -32.92
CA ALA B 137 7.91 -13.53 -32.60
C ALA B 137 8.89 -13.59 -33.77
N ARG B 138 9.12 -14.79 -34.30
CA ARG B 138 10.03 -14.93 -35.43
C ARG B 138 9.60 -14.04 -36.58
N ALA B 139 8.31 -14.06 -36.91
CA ALA B 139 7.84 -13.25 -38.04
C ALA B 139 8.00 -11.76 -37.77
N VAL B 140 7.78 -11.34 -36.52
CA VAL B 140 7.96 -9.92 -36.20
C VAL B 140 9.40 -9.50 -36.41
N LYS B 141 10.34 -10.35 -35.99
CA LYS B 141 11.75 -10.06 -36.21
C LYS B 141 12.08 -9.95 -37.70
N GLU B 142 11.54 -10.86 -38.51
CA GLU B 142 11.76 -10.77 -39.96
C GLU B 142 11.18 -9.49 -40.54
N ALA B 143 10.00 -9.08 -40.08
CA ALA B 143 9.40 -7.85 -40.58
C ALA B 143 10.24 -6.64 -40.19
N MET B 144 10.85 -6.68 -38.99
CA MET B 144 11.74 -5.60 -38.60
C MET B 144 12.92 -5.52 -39.56
N LYS B 145 13.46 -6.68 -39.93
CA LYS B 145 14.54 -6.66 -40.91
C LYS B 145 14.06 -6.00 -42.20
N ASP B 146 12.87 -6.39 -42.66
CA ASP B 146 12.27 -5.77 -43.85
C ASP B 146 12.10 -4.26 -43.72
N ALA B 147 11.86 -3.77 -42.51
CA ALA B 147 11.66 -2.34 -42.30
C ALA B 147 12.96 -1.59 -42.14
N GLN B 148 14.10 -2.27 -42.09
CA GLN B 148 15.37 -1.62 -41.83
C GLN B 148 15.34 -0.95 -40.45
N ILE B 149 14.73 -1.65 -39.50
CA ILE B 149 14.69 -1.24 -38.09
C ILE B 149 15.49 -2.27 -37.29
N ASP B 150 16.56 -1.82 -36.63
CA ASP B 150 17.35 -2.71 -35.80
C ASP B 150 17.08 -2.58 -34.30
N ASP B 151 16.49 -1.46 -33.85
CA ASP B 151 16.28 -1.22 -32.42
C ASP B 151 14.82 -1.47 -32.07
N PRO B 152 14.49 -2.44 -31.20
CA PRO B 152 13.08 -2.68 -30.87
C PRO B 152 12.39 -1.48 -30.27
N ARG B 153 13.15 -0.55 -29.67
CA ARG B 153 12.56 0.66 -29.13
C ARG B 153 12.01 1.57 -30.23
N ASP B 154 12.41 1.36 -31.48
CA ASP B 154 11.92 2.15 -32.61
C ASP B 154 10.73 1.51 -33.30
N VAL B 155 10.21 0.40 -32.78
CA VAL B 155 8.97 -0.19 -33.26
C VAL B 155 7.83 0.37 -32.44
N HIS B 156 6.84 0.94 -33.13
CA HIS B 156 5.72 1.62 -32.53
C HIS B 156 4.36 0.97 -32.77
N PHE B 157 4.27 -0.02 -33.66
CA PHE B 157 3.01 -0.69 -33.91
C PHE B 157 3.28 -2.01 -34.59
N VAL B 158 2.71 -3.07 -34.05
CA VAL B 158 2.82 -4.39 -34.62
C VAL B 158 1.41 -4.89 -34.85
N GLN B 159 0.98 -4.88 -36.09
CA GLN B 159 -0.37 -5.26 -36.46
C GLN B 159 -0.37 -6.70 -36.89
N ILE B 160 -1.27 -7.50 -36.34
CA ILE B 160 -1.28 -8.90 -36.67
C ILE B 160 -2.70 -9.23 -37.08
N LYS B 161 -2.80 -10.04 -38.13
CA LYS B 161 -4.02 -10.73 -38.49
C LYS B 161 -3.72 -12.18 -38.13
N ALA B 162 -4.35 -12.68 -37.09
CA ALA B 162 -4.09 -14.00 -36.58
C ALA B 162 -5.16 -14.98 -37.02
N PRO B 163 -4.90 -16.28 -36.94
CA PRO B 163 -5.90 -17.29 -37.25
C PRO B 163 -6.85 -17.49 -36.07
N LEU B 164 -7.80 -18.40 -36.28
CA LEU B 164 -8.72 -18.81 -35.23
C LEU B 164 -9.05 -20.28 -35.47
N LEU B 165 -9.81 -20.87 -34.56
CA LEU B 165 -10.22 -22.24 -34.77
C LEU B 165 -11.63 -22.29 -35.31
N THR B 166 -11.85 -23.19 -36.26
CA THR B 166 -13.14 -23.60 -36.76
C THR B 166 -13.36 -25.07 -36.42
N ALA B 167 -14.60 -25.51 -36.60
CA ALA B 167 -14.94 -26.90 -36.33
C ALA B 167 -14.11 -27.87 -37.16
N GLU B 168 -13.88 -27.55 -38.44
CA GLU B 168 -13.12 -28.48 -39.27
C GLU B 168 -11.69 -28.65 -38.79
N ARG B 169 -11.06 -27.57 -38.34
CA ARG B 169 -9.68 -27.68 -37.88
C ARG B 169 -9.61 -28.42 -36.54
N ILE B 170 -10.59 -28.21 -35.68
CA ILE B 170 -10.67 -28.97 -34.42
C ILE B 170 -10.84 -30.46 -34.70
N GLU B 171 -11.72 -30.80 -35.64
CA GLU B 171 -11.90 -32.21 -36.00
C GLU B 171 -10.63 -32.79 -36.59
N ASP B 172 -9.90 -31.99 -37.36
CA ASP B 172 -8.62 -32.43 -37.89
C ASP B 172 -7.67 -32.76 -36.74
N ALA B 173 -7.59 -31.85 -35.77
CA ALA B 173 -6.75 -32.09 -34.59
C ALA B 173 -7.17 -33.38 -33.89
N LYS B 174 -8.48 -33.59 -33.72
CA LYS B 174 -8.97 -34.80 -33.07
C LYS B 174 -8.53 -36.05 -33.82
N ARG B 175 -8.62 -36.03 -35.15
CA ARG B 175 -8.22 -37.21 -35.90
C ARG B 175 -6.75 -37.56 -35.67
N ARG B 176 -5.88 -36.55 -35.48
CA ARG B 176 -4.47 -36.82 -35.23
C ARG B 176 -4.13 -37.08 -33.77
N GLY B 177 -5.11 -37.16 -32.88
CA GLY B 177 -4.83 -37.49 -31.50
C GLY B 177 -4.37 -36.36 -30.61
N LYS B 178 -4.72 -35.12 -30.94
CA LYS B 178 -4.25 -33.94 -30.23
C LYS B 178 -5.46 -33.18 -29.70
N ASP B 179 -5.25 -32.44 -28.63
CA ASP B 179 -6.26 -31.54 -28.08
C ASP B 179 -5.87 -30.09 -28.34
N VAL B 180 -6.88 -29.26 -28.53
CA VAL B 180 -6.67 -27.85 -28.78
C VAL B 180 -6.86 -27.09 -27.47
N VAL B 181 -6.44 -25.83 -27.46
CA VAL B 181 -6.44 -25.08 -26.21
C VAL B 181 -7.87 -24.88 -25.74
N VAL B 182 -8.81 -24.69 -26.67
CA VAL B 182 -10.22 -24.57 -26.31
C VAL B 182 -11.05 -25.04 -27.50
N ASN B 183 -12.14 -25.74 -27.22
CA ASN B 183 -13.02 -26.28 -28.26
C ASN B 183 -14.17 -25.32 -28.51
N ASP B 184 -13.80 -24.09 -28.84
CA ASP B 184 -14.74 -22.98 -28.93
C ASP B 184 -14.16 -21.93 -29.85
N THR B 185 -14.84 -21.63 -30.96
CA THR B 185 -14.26 -20.75 -31.96
C THR B 185 -14.15 -19.33 -31.41
N TYR B 186 -15.20 -18.86 -30.74
CA TYR B 186 -15.16 -17.50 -30.19
C TYR B 186 -14.06 -17.39 -29.14
N LYS B 187 -13.98 -18.37 -28.23
CA LYS B 187 -12.88 -18.31 -27.25
C LYS B 187 -11.54 -18.47 -27.95
N SER B 188 -11.53 -19.21 -29.07
CA SER B 188 -10.29 -19.36 -29.83
C SER B 188 -9.79 -18.03 -30.31
N MET B 189 -10.70 -17.08 -30.58
CA MET B 189 -10.23 -15.77 -30.99
C MET B 189 -9.41 -15.09 -29.89
N ALA B 190 -9.85 -15.23 -28.64
CA ALA B 190 -9.13 -14.64 -27.51
C ALA B 190 -7.77 -15.30 -27.33
N TYR B 191 -7.72 -16.62 -27.47
CA TYR B 191 -6.44 -17.31 -27.29
C TYR B 191 -5.45 -16.96 -28.38
N SER B 192 -5.92 -16.86 -29.62
CA SER B 192 -5.03 -16.46 -30.71
C SER B 192 -4.55 -15.03 -30.56
N ARG B 193 -5.46 -14.09 -30.24
CA ARG B 193 -5.04 -12.71 -30.02
C ARG B 193 -4.01 -12.61 -28.91
N GLY B 194 -4.21 -13.33 -27.81
CA GLY B 194 -3.33 -13.16 -26.67
C GLY B 194 -1.96 -13.75 -26.97
N ALA B 195 -1.92 -14.95 -27.56
CA ALA B 195 -0.65 -15.51 -27.97
C ALA B 195 0.07 -14.60 -28.96
N SER B 196 -0.64 -14.02 -29.92
CA SER B 196 0.04 -13.15 -30.87
C SER B 196 0.65 -11.94 -30.18
N ALA B 197 -0.09 -11.33 -29.25
CA ALA B 197 0.47 -10.17 -28.56
C ALA B 197 1.69 -10.55 -27.70
N LEU B 198 1.62 -11.71 -27.04
CA LEU B 198 2.79 -12.15 -26.28
C LEU B 198 3.99 -12.46 -27.18
N GLY B 199 3.75 -12.98 -28.38
CA GLY B 199 4.83 -13.16 -29.34
C GLY B 199 5.47 -11.85 -29.74
N VAL B 200 4.65 -10.81 -29.92
CA VAL B 200 5.19 -9.47 -30.20
C VAL B 200 6.06 -9.01 -29.05
N ALA B 201 5.54 -9.09 -27.83
CA ALA B 201 6.32 -8.62 -26.69
C ALA B 201 7.65 -9.37 -26.58
N LEU B 202 7.63 -10.68 -26.83
CA LEU B 202 8.85 -11.48 -26.80
C LEU B 202 9.84 -11.04 -27.88
N ALA B 203 9.37 -10.87 -29.11
CA ALA B 203 10.26 -10.49 -30.21
C ALA B 203 10.95 -9.16 -29.95
N LEU B 204 10.25 -8.22 -29.34
CA LEU B 204 10.76 -6.87 -29.12
C LEU B 204 11.49 -6.73 -27.79
N GLY B 205 11.55 -7.80 -26.99
CA GLY B 205 12.21 -7.73 -25.71
C GLY B 205 11.43 -7.02 -24.63
N GLU B 206 10.11 -6.89 -24.81
CA GLU B 206 9.28 -6.25 -23.81
C GLU B 206 9.00 -7.18 -22.64
N ILE B 207 9.08 -8.48 -22.88
CA ILE B 207 8.99 -9.47 -21.82
C ILE B 207 10.06 -10.50 -22.14
N SER B 208 10.55 -11.17 -21.10
CA SER B 208 11.56 -12.18 -21.29
C SER B 208 10.90 -13.54 -21.41
N ALA B 209 11.53 -14.42 -22.20
CA ALA B 209 10.94 -15.72 -22.49
C ALA B 209 10.66 -16.49 -21.20
N ASP B 210 11.55 -16.37 -20.20
CA ASP B 210 11.38 -17.17 -18.99
C ASP B 210 10.10 -16.79 -18.25
N LYS B 211 9.49 -15.66 -18.56
CA LYS B 211 8.25 -15.25 -17.90
C LYS B 211 7.01 -15.74 -18.64
N ILE B 212 7.18 -16.33 -19.81
CA ILE B 212 6.06 -16.73 -20.67
C ILE B 212 5.93 -18.24 -20.60
N SER B 213 4.70 -18.69 -20.38
CA SER B 213 4.39 -20.11 -20.37
C SER B 213 2.95 -20.25 -20.82
N ASN B 214 2.55 -21.49 -21.14
CA ASN B 214 1.17 -21.74 -21.54
C ASN B 214 0.18 -21.25 -20.48
N GLU B 215 0.52 -21.40 -19.19
CA GLU B 215 -0.46 -21.04 -18.17
C GLU B 215 -0.64 -19.54 -18.13
N ALA B 216 0.39 -18.81 -18.55
CA ALA B 216 0.43 -17.36 -18.64
C ALA B 216 -0.30 -16.83 -19.85
N ILE B 217 -0.48 -17.67 -20.88
CA ILE B 217 -1.01 -17.18 -22.14
C ILE B 217 -2.44 -16.66 -22.08
N VAL B 218 -3.20 -16.94 -21.03
CA VAL B 218 -4.51 -16.30 -20.94
C VAL B 218 -4.78 -15.78 -19.54
N HIS B 219 -3.98 -16.22 -18.58
CA HIS B 219 -4.28 -16.01 -17.17
C HIS B 219 -3.54 -14.83 -16.55
N ASP B 220 -2.23 -14.69 -16.83
CA ASP B 220 -1.42 -13.64 -16.21
C ASP B 220 -1.35 -12.39 -17.09
N TRP B 221 -2.23 -11.43 -16.78
CA TRP B 221 -2.35 -10.17 -17.50
C TRP B 221 -1.26 -9.15 -17.16
N ASN B 222 -0.34 -9.46 -16.25
CA ASN B 222 0.83 -8.58 -16.09
C ASN B 222 1.81 -8.73 -17.24
N LEU B 223 1.68 -9.78 -18.04
CA LEU B 223 2.51 -9.97 -19.22
C LEU B 223 1.75 -9.38 -20.40
N TYR B 224 2.31 -8.34 -21.01
CA TYR B 224 1.66 -7.76 -22.17
C TYR B 224 2.67 -6.99 -23.01
N SER B 225 2.32 -6.82 -24.28
CA SER B 225 3.06 -5.93 -25.16
C SER B 225 2.42 -4.56 -25.16
N SER B 226 3.25 -3.53 -25.26
CA SER B 226 2.78 -2.16 -25.34
C SER B 226 2.62 -1.63 -26.76
N VAL B 227 2.89 -2.42 -27.79
CA VAL B 227 2.74 -1.91 -29.16
C VAL B 227 1.96 -2.86 -30.07
N ALA B 228 1.70 -4.07 -29.58
CA ALA B 228 1.00 -5.07 -30.39
C ALA B 228 -0.48 -4.76 -30.52
N SER B 229 -1.01 -4.98 -31.71
CA SER B 229 -2.42 -4.78 -32.02
C SER B 229 -2.80 -5.97 -32.90
N THR B 230 -3.56 -6.88 -32.34
CA THR B 230 -3.86 -8.14 -32.99
C THR B 230 -5.35 -8.32 -33.20
N SER B 231 -5.69 -9.04 -34.26
CA SER B 231 -7.05 -9.08 -34.76
C SER B 231 -7.25 -10.44 -35.38
N ALA B 232 -8.34 -11.09 -35.05
CA ALA B 232 -8.57 -12.47 -35.46
C ALA B 232 -9.71 -12.44 -36.46
N GLY B 233 -9.35 -12.51 -37.73
CA GLY B 233 -10.32 -12.42 -38.81
C GLY B 233 -10.64 -13.79 -39.38
N VAL B 234 -11.86 -13.93 -39.88
CA VAL B 234 -12.27 -15.17 -40.54
C VAL B 234 -12.43 -15.00 -42.05
N CYS B 235 -12.53 -13.76 -42.54
CA CYS B 235 -12.86 -13.53 -43.95
C CYS B 235 -11.94 -14.28 -44.90
N LEU B 236 -10.76 -14.68 -44.45
CA LEU B 236 -9.73 -15.11 -45.38
C LEU B 236 -8.49 -15.46 -44.58
N LEU B 237 -7.61 -16.26 -45.18
CA LEU B 237 -6.39 -16.68 -44.50
C LEU B 237 -5.66 -15.46 -43.94
N ASN B 238 -5.40 -15.48 -42.62
CA ASN B 238 -4.69 -14.38 -41.96
C ASN B 238 -3.37 -14.77 -41.30
N ASP B 239 -2.32 -14.89 -42.10
CA ASP B 239 -0.93 -15.01 -41.66
C ASP B 239 -0.17 -13.73 -42.00
N GLU B 240 -0.75 -12.56 -41.81
CA GLU B 240 -0.01 -11.31 -42.02
C GLU B 240 0.37 -10.46 -40.81
N ILE B 241 1.63 -9.98 -40.82
CA ILE B 241 2.28 -9.21 -39.75
C ILE B 241 2.70 -7.90 -40.42
N ILE B 242 2.35 -6.77 -39.81
CA ILE B 242 2.88 -5.46 -40.19
C ILE B 242 3.64 -4.81 -39.05
N VAL B 243 4.93 -4.58 -39.26
CA VAL B 243 5.75 -3.79 -38.33
C VAL B 243 5.75 -2.36 -38.82
N VAL B 244 5.40 -1.42 -37.94
CA VAL B 244 5.42 0.01 -38.23
C VAL B 244 6.32 0.66 -37.20
N GLY B 245 7.28 1.44 -37.67
CA GLY B 245 8.21 2.11 -36.80
C GLY B 245 8.88 3.24 -37.52
N ASN B 246 10.06 3.62 -37.01
CA ASN B 246 10.88 4.65 -37.60
C ASN B 246 12.26 4.07 -37.86
N SER B 247 12.87 4.53 -38.94
CA SER B 247 14.17 4.01 -39.39
C SER B 247 15.07 5.17 -39.76
N THR B 248 16.37 5.00 -39.50
CA THR B 248 17.32 5.97 -39.99
C THR B 248 17.42 5.96 -41.51
N ASN B 249 17.13 4.83 -42.14
CA ASN B 249 17.22 4.69 -43.60
C ASN B 249 15.86 4.90 -44.27
N SER B 250 15.16 5.97 -43.92
CA SER B 250 13.85 6.24 -44.51
C SER B 250 13.79 7.70 -44.96
N ALA B 251 13.17 7.91 -46.12
CA ALA B 251 12.94 9.25 -46.66
C ALA B 251 11.48 9.69 -46.53
N SER B 252 10.75 9.13 -45.58
CA SER B 252 9.35 9.48 -45.38
C SER B 252 9.23 10.81 -44.62
N ASP B 253 8.09 11.48 -44.82
CA ASP B 253 7.80 12.75 -44.18
C ASP B 253 6.96 12.61 -42.94
N LEU B 254 6.81 11.38 -42.43
CA LEU B 254 5.94 11.08 -41.30
C LEU B 254 6.74 10.40 -40.21
N VAL B 255 6.20 10.43 -39.00
CA VAL B 255 6.76 9.66 -37.89
C VAL B 255 5.60 9.01 -37.15
N ILE B 256 5.95 7.99 -36.37
CA ILE B 256 5.01 7.36 -35.45
C ILE B 256 5.58 7.44 -34.04
N GLY B 257 4.70 7.67 -33.07
CA GLY B 257 5.05 7.56 -31.67
C GLY B 257 3.93 6.84 -30.94
N HIS B 258 4.16 6.48 -29.69
CA HIS B 258 3.09 5.78 -28.98
C HIS B 258 3.22 5.94 -27.48
N SER B 259 2.15 5.59 -26.78
CA SER B 259 2.10 5.39 -25.34
C SER B 259 1.20 4.20 -25.04
N VAL B 260 0.84 4.00 -23.77
CA VAL B 260 -0.10 2.95 -23.37
C VAL B 260 -1.13 3.54 -22.40
N MET B 261 -2.42 3.43 -22.76
CA MET B 261 -3.49 3.80 -21.84
C MET B 261 -3.55 2.81 -20.69
N LYS B 262 -3.49 3.32 -19.45
CA LYS B 262 -3.56 2.48 -18.26
C LYS B 262 -4.98 2.02 -17.95
N ASP B 263 -5.97 2.78 -18.39
CA ASP B 263 -7.37 2.44 -18.22
C ASP B 263 -8.16 3.20 -19.27
N ALA B 264 -9.47 3.01 -19.30
CA ALA B 264 -10.26 3.51 -20.41
C ALA B 264 -10.39 5.03 -20.45
N ILE B 265 -10.03 5.74 -19.39
CA ILE B 265 -10.18 7.19 -19.39
C ILE B 265 -8.83 7.91 -19.31
N ASP B 266 -7.75 7.24 -19.72
CA ASP B 266 -6.38 7.73 -19.57
C ASP B 266 -6.01 8.71 -20.68
N ALA B 267 -6.52 9.95 -20.52
CA ALA B 267 -6.19 11.02 -21.46
C ALA B 267 -4.73 11.40 -21.41
N ASP B 268 -4.09 11.24 -20.25
CA ASP B 268 -2.67 11.52 -20.17
C ASP B 268 -1.90 10.66 -21.15
N ALA B 269 -2.27 9.40 -21.33
CA ALA B 269 -1.55 8.56 -22.28
C ALA B 269 -1.77 9.02 -23.71
N VAL B 270 -2.96 9.55 -24.02
CA VAL B 270 -3.19 10.15 -25.33
C VAL B 270 -2.22 11.31 -25.56
N ARG B 271 -2.09 12.19 -24.57
CA ARG B 271 -1.20 13.33 -24.73
C ARG B 271 0.26 12.89 -24.79
N ALA B 272 0.61 11.80 -24.11
CA ALA B 272 1.97 11.26 -24.19
C ALA B 272 2.24 10.67 -25.56
N ALA B 273 1.25 9.98 -26.14
CA ALA B 273 1.42 9.42 -27.47
C ALA B 273 1.56 10.54 -28.49
N LEU B 274 0.78 11.59 -28.34
CA LEU B 274 0.95 12.75 -29.21
C LEU B 274 2.36 13.31 -29.10
N LYS B 275 2.85 13.50 -27.86
CA LYS B 275 4.20 14.06 -27.69
C LYS B 275 5.26 13.14 -28.30
N ASP B 276 5.09 11.83 -28.16
CA ASP B 276 6.07 10.92 -28.74
C ASP B 276 6.07 10.98 -30.26
N ALA B 277 4.96 11.38 -30.87
CA ALA B 277 4.94 11.54 -32.32
C ALA B 277 5.24 12.97 -32.72
N GLY B 278 5.66 13.80 -31.79
CA GLY B 278 6.04 15.16 -32.10
C GLY B 278 4.95 16.19 -31.99
N ILE B 279 3.74 15.81 -31.55
CA ILE B 279 2.65 16.78 -31.41
C ILE B 279 2.67 17.27 -29.96
N ARG B 280 3.19 18.49 -29.75
CA ARG B 280 3.44 18.92 -28.39
C ARG B 280 2.47 19.97 -27.87
N SER B 281 1.57 20.46 -28.70
CA SER B 281 0.61 21.46 -28.28
C SER B 281 -0.63 21.36 -29.15
N ASP B 282 -1.70 21.97 -28.66
CA ASP B 282 -2.95 21.94 -29.41
C ASP B 282 -2.81 22.51 -30.80
N ASP B 283 -1.92 23.48 -30.99
CA ASP B 283 -1.83 24.11 -32.30
C ASP B 283 -1.13 23.24 -33.31
N GLU B 284 -0.56 22.11 -32.88
CA GLU B 284 0.05 21.16 -33.79
C GLU B 284 -0.87 19.97 -34.07
N MET B 285 -2.09 19.98 -33.53
CA MET B 285 -2.97 18.82 -33.67
C MET B 285 -3.20 18.45 -35.13
N ASP B 286 -3.23 19.44 -36.03
CA ASP B 286 -3.47 19.18 -37.45
C ASP B 286 -2.37 18.35 -38.09
N ARG B 287 -1.21 18.16 -37.45
CA ARG B 287 -0.22 17.29 -38.05
C ARG B 287 -0.51 15.81 -37.81
N ILE B 288 -1.54 15.48 -37.03
CA ILE B 288 -1.88 14.08 -36.83
C ILE B 288 -2.32 13.51 -38.16
N VAL B 289 -1.78 12.35 -38.53
CA VAL B 289 -2.36 11.59 -39.64
C VAL B 289 -3.42 10.60 -39.16
N ASN B 290 -3.07 9.76 -38.19
CA ASN B 290 -4.10 8.97 -37.52
C ASN B 290 -3.64 8.57 -36.13
N VAL B 291 -4.61 8.17 -35.31
CA VAL B 291 -4.36 7.54 -34.01
C VAL B 291 -4.91 6.11 -34.03
N LEU B 292 -4.13 5.17 -33.50
CA LEU B 292 -4.53 3.76 -33.52
C LEU B 292 -4.45 3.21 -32.11
N ALA B 293 -5.56 2.68 -31.59
CA ALA B 293 -5.58 2.31 -30.18
C ALA B 293 -6.44 1.08 -29.94
N LYS B 294 -6.10 0.33 -28.90
CA LYS B 294 -6.93 -0.78 -28.41
C LYS B 294 -7.64 -0.36 -27.13
N ALA B 295 -8.86 -0.85 -26.95
CA ALA B 295 -9.67 -0.48 -25.80
C ALA B 295 -10.37 -1.74 -25.27
N GLU B 296 -10.57 -1.81 -23.95
CA GLU B 296 -11.34 -2.92 -23.41
C GLU B 296 -11.84 -2.56 -22.01
N ALA B 297 -12.84 -3.29 -21.57
CA ALA B 297 -13.34 -3.27 -20.21
C ALA B 297 -12.42 -4.03 -19.28
N ALA B 298 -12.03 -3.40 -18.18
CA ALA B 298 -11.17 -4.09 -17.23
C ALA B 298 -11.95 -5.19 -16.52
N SER B 299 -11.25 -6.29 -16.25
CA SER B 299 -11.85 -7.45 -15.64
C SER B 299 -12.36 -7.15 -14.24
N SER B 300 -11.80 -6.14 -13.58
CA SER B 300 -12.23 -5.82 -12.22
C SER B 300 -13.64 -5.25 -12.19
N GLY B 301 -14.19 -4.86 -13.33
CA GLY B 301 -15.47 -4.20 -13.32
C GLY B 301 -15.47 -2.78 -12.83
N THR B 302 -14.30 -2.14 -12.77
CA THR B 302 -14.22 -0.78 -12.26
C THR B 302 -13.26 0.03 -13.13
N VAL B 303 -13.37 1.34 -13.03
CA VAL B 303 -12.39 2.28 -13.56
C VAL B 303 -12.03 3.25 -12.45
N ARG B 304 -10.75 3.26 -12.07
CA ARG B 304 -10.28 4.11 -10.99
C ARG B 304 -11.16 3.96 -9.75
N GLY B 305 -11.47 2.69 -9.42
CA GLY B 305 -12.21 2.40 -8.22
C GLY B 305 -13.70 2.65 -8.31
N ARG B 306 -14.18 3.06 -9.48
CA ARG B 306 -15.58 3.37 -9.70
C ARG B 306 -16.22 2.26 -10.51
N ARG B 307 -17.32 1.71 -10.01
CA ARG B 307 -18.00 0.61 -10.68
C ARG B 307 -18.55 1.06 -12.02
N ASN B 308 -18.56 0.15 -12.98
CA ASN B 308 -19.37 0.34 -14.16
C ASN B 308 -20.06 -0.97 -14.54
N THR B 309 -21.03 -0.85 -15.44
CA THR B 309 -21.93 -1.95 -15.80
C THR B 309 -21.54 -2.65 -17.10
N MET B 310 -20.38 -2.34 -17.66
CA MET B 310 -20.01 -2.83 -18.98
C MET B 310 -20.12 -4.35 -19.08
N LEU B 311 -19.69 -5.06 -18.05
CA LEU B 311 -19.67 -6.51 -18.09
C LEU B 311 -21.00 -7.14 -17.70
N ASP B 312 -21.94 -6.36 -17.19
CA ASP B 312 -23.26 -6.87 -16.83
C ASP B 312 -24.32 -6.57 -17.86
N ASP B 313 -24.04 -5.70 -18.83
CA ASP B 313 -25.09 -5.22 -19.73
C ASP B 313 -25.30 -6.27 -20.81
N SER B 314 -26.46 -6.91 -20.78
CA SER B 314 -26.78 -7.97 -21.73
C SER B 314 -27.29 -7.42 -23.05
N ASP B 315 -27.51 -6.11 -23.13
CA ASP B 315 -27.98 -5.46 -24.34
C ASP B 315 -26.81 -5.01 -25.20
N ILE B 316 -25.76 -4.48 -24.59
CA ILE B 316 -24.62 -3.92 -25.29
C ILE B 316 -23.38 -4.69 -24.83
N ASN B 317 -22.67 -5.30 -25.77
CA ASN B 317 -21.53 -6.11 -25.38
C ASN B 317 -20.40 -5.21 -24.90
N HIS B 318 -19.58 -5.74 -24.00
CA HIS B 318 -18.65 -4.90 -23.25
C HIS B 318 -17.57 -4.29 -24.14
N THR B 319 -17.16 -5.01 -25.20
CA THR B 319 -16.14 -4.43 -26.08
C THR B 319 -16.72 -3.25 -26.85
N ARG B 320 -18.03 -3.27 -27.09
CA ARG B 320 -18.71 -2.16 -27.76
C ARG B 320 -18.64 -0.92 -26.87
N SER B 321 -18.97 -1.08 -25.59
CA SER B 321 -18.93 0.06 -24.68
C SER B 321 -17.50 0.58 -24.57
N ALA B 322 -16.54 -0.32 -24.45
CA ALA B 322 -15.17 0.12 -24.30
C ALA B 322 -14.72 0.89 -25.53
N ARG B 323 -15.09 0.42 -26.72
CA ARG B 323 -14.73 1.17 -27.92
C ARG B 323 -15.33 2.55 -27.88
N ALA B 324 -16.61 2.67 -27.52
CA ALA B 324 -17.24 3.98 -27.47
C ALA B 324 -16.49 4.89 -26.51
N VAL B 325 -16.16 4.37 -25.32
CA VAL B 325 -15.53 5.19 -24.29
C VAL B 325 -14.16 5.67 -24.75
N VAL B 326 -13.32 4.74 -25.19
CA VAL B 326 -11.93 5.07 -25.48
C VAL B 326 -11.85 5.96 -26.71
N ASN B 327 -12.70 5.73 -27.71
CA ASN B 327 -12.75 6.64 -28.82
C ASN B 327 -13.12 8.04 -28.36
N ALA B 328 -14.08 8.13 -27.43
CA ALA B 328 -14.49 9.45 -26.95
C ALA B 328 -13.35 10.15 -26.24
N VAL B 329 -12.61 9.41 -25.43
CA VAL B 329 -11.48 10.03 -24.73
C VAL B 329 -10.46 10.56 -25.74
N ILE B 330 -10.07 9.72 -26.70
CA ILE B 330 -9.09 10.17 -27.67
C ILE B 330 -9.63 11.37 -28.44
N ALA B 331 -10.87 11.30 -28.89
CA ALA B 331 -11.45 12.39 -29.65
C ALA B 331 -11.41 13.67 -28.82
N SER B 332 -11.62 13.55 -27.51
CA SER B 332 -11.65 14.73 -26.64
C SER B 332 -10.25 15.30 -26.47
N VAL B 333 -9.22 14.48 -26.63
CA VAL B 333 -7.86 15.00 -26.54
C VAL B 333 -7.46 15.68 -27.85
N VAL B 334 -7.74 15.02 -28.99
CA VAL B 334 -7.27 15.47 -30.30
C VAL B 334 -8.30 16.30 -31.07
N GLY B 335 -9.55 16.36 -30.60
CA GLY B 335 -10.54 17.18 -31.27
C GLY B 335 -11.13 16.59 -32.51
N ASP B 336 -11.08 15.26 -32.65
CA ASP B 336 -11.47 14.55 -33.88
C ASP B 336 -11.88 13.13 -33.50
N PRO B 337 -13.14 12.75 -33.74
CA PRO B 337 -13.59 11.38 -33.44
C PRO B 337 -13.29 10.36 -34.52
N MET B 338 -12.66 10.75 -35.62
CA MET B 338 -12.32 9.79 -36.69
C MET B 338 -10.94 9.19 -36.45
N VAL B 339 -10.88 8.33 -35.44
CA VAL B 339 -9.66 7.61 -35.12
C VAL B 339 -9.99 6.13 -34.98
N TYR B 340 -8.95 5.31 -35.13
CA TYR B 340 -9.07 3.86 -35.12
C TYR B 340 -8.98 3.35 -33.69
N VAL B 341 -10.06 2.73 -33.20
CA VAL B 341 -10.07 2.08 -31.89
C VAL B 341 -10.58 0.66 -32.12
N SER B 342 -9.80 -0.30 -31.65
CA SER B 342 -10.08 -1.72 -31.82
C SER B 342 -10.19 -2.42 -30.46
N GLY B 343 -11.15 -3.31 -30.35
CA GLY B 343 -11.45 -3.98 -29.10
C GLY B 343 -10.86 -5.37 -29.02
N GLY B 344 -10.63 -5.81 -27.79
CA GLY B 344 -10.08 -7.11 -27.50
C GLY B 344 -8.58 -7.03 -27.47
N ALA B 345 -8.05 -6.85 -26.27
CA ALA B 345 -6.68 -6.44 -26.06
C ALA B 345 -5.93 -7.47 -25.22
N GLU B 346 -6.16 -8.76 -25.48
CA GLU B 346 -5.48 -9.77 -24.68
C GLU B 346 -3.98 -9.62 -24.85
N HIS B 347 -3.29 -9.36 -23.73
CA HIS B 347 -1.84 -9.13 -23.70
C HIS B 347 -1.45 -7.92 -24.54
N GLN B 348 -2.39 -7.00 -24.72
CA GLN B 348 -2.16 -5.74 -25.42
C GLN B 348 -2.51 -4.64 -24.42
N GLY B 349 -1.49 -4.02 -23.85
CA GLY B 349 -1.62 -3.14 -22.71
C GLY B 349 -2.10 -3.85 -21.45
N PRO B 350 -2.30 -3.08 -20.39
CA PRO B 350 -2.79 -3.64 -19.12
C PRO B 350 -4.26 -4.09 -19.19
N ASP B 351 -4.66 -4.82 -18.14
CA ASP B 351 -6.07 -5.19 -17.98
C ASP B 351 -6.87 -3.92 -17.87
N GLY B 352 -7.73 -3.65 -18.84
CA GLY B 352 -8.48 -2.42 -18.84
C GLY B 352 -7.84 -1.31 -19.62
N GLY B 353 -6.62 -1.53 -20.12
CA GLY B 353 -5.95 -0.53 -20.93
C GLY B 353 -5.54 -1.07 -22.28
N GLY B 354 -4.67 -0.34 -22.98
CA GLY B 354 -4.31 -0.72 -24.33
C GLY B 354 -3.31 0.21 -24.97
N PRO B 355 -2.59 -0.31 -25.97
CA PRO B 355 -1.64 0.54 -26.69
C PRO B 355 -2.34 1.66 -27.43
N ILE B 356 -1.61 2.77 -27.61
CA ILE B 356 -2.09 3.89 -28.41
C ILE B 356 -0.92 4.48 -29.19
N ALA B 357 -1.04 4.54 -30.52
CA ALA B 357 0.01 5.08 -31.36
C ALA B 357 -0.52 6.28 -32.15
N VAL B 358 0.37 7.17 -32.53
CA VAL B 358 0.04 8.33 -33.34
C VAL B 358 0.98 8.37 -34.53
N ILE B 359 0.42 8.42 -35.73
CA ILE B 359 1.17 8.71 -36.94
C ILE B 359 0.93 10.18 -37.25
N ALA B 360 2.02 10.95 -37.36
CA ALA B 360 1.95 12.40 -37.51
C ALA B 360 2.96 12.84 -38.58
N ARG B 361 2.62 13.91 -39.27
CA ARG B 361 3.58 14.56 -40.15
C ARG B 361 4.68 15.26 -39.36
N VAL B 362 5.91 15.24 -39.91
CA VAL B 362 7.06 15.97 -39.37
C VAL B 362 6.92 17.45 -39.69
N LEU B 363 7.78 18.28 -39.09
CA LEU B 363 7.88 19.68 -39.49
C LEU B 363 8.78 19.84 -40.71
N MET C 1 -43.45 -26.19 -73.01
CA MET C 1 -44.11 -26.29 -71.72
C MET C 1 -43.20 -25.83 -70.59
N GLN C 2 -43.75 -25.06 -69.67
CA GLN C 2 -42.98 -24.50 -68.58
C GLN C 2 -42.92 -25.49 -67.44
N LYS C 3 -41.75 -25.64 -66.84
CA LYS C 3 -41.59 -26.42 -65.63
C LYS C 3 -40.84 -25.58 -64.59
N VAL C 4 -41.45 -25.40 -63.43
CA VAL C 4 -40.83 -24.64 -62.35
C VAL C 4 -40.32 -25.63 -61.32
N GLU C 5 -39.06 -25.45 -60.92
CA GLU C 5 -38.43 -26.18 -59.82
C GLU C 5 -37.99 -25.21 -58.75
N VAL C 6 -38.11 -25.61 -57.48
CA VAL C 6 -37.81 -24.73 -56.36
C VAL C 6 -36.90 -25.51 -55.41
N PHE C 7 -35.78 -24.89 -55.03
CA PHE C 7 -34.77 -25.56 -54.20
C PHE C 7 -34.51 -24.74 -52.94
N ARG C 8 -34.75 -25.33 -51.78
CA ARG C 8 -34.47 -24.71 -50.49
C ARG C 8 -33.13 -25.24 -49.96
N ILE C 9 -32.17 -24.35 -49.75
CA ILE C 9 -30.78 -24.72 -49.55
C ILE C 9 -30.35 -24.13 -48.21
N PRO C 10 -29.98 -24.96 -47.24
CA PRO C 10 -29.45 -24.43 -45.99
C PRO C 10 -28.12 -23.71 -46.22
N THR C 11 -27.90 -22.66 -45.47
CA THR C 11 -26.65 -21.93 -45.53
C THR C 11 -26.01 -21.93 -44.16
N ALA C 12 -24.68 -21.95 -44.14
CA ALA C 12 -23.90 -21.92 -42.92
C ALA C 12 -23.53 -20.51 -42.53
N SER C 13 -23.69 -19.56 -43.45
CA SER C 13 -23.32 -18.17 -43.28
C SER C 13 -23.85 -17.35 -44.45
N PRO C 14 -23.83 -16.02 -44.36
CA PRO C 14 -24.37 -15.20 -45.46
C PRO C 14 -23.67 -15.40 -46.80
N ASP C 15 -22.38 -15.68 -46.80
CA ASP C 15 -21.65 -15.82 -48.06
C ASP C 15 -21.59 -17.26 -48.53
N ASP C 16 -22.32 -18.17 -47.88
CA ASP C 16 -22.24 -19.58 -48.18
C ASP C 16 -23.00 -19.90 -49.45
N ILE C 17 -22.26 -20.25 -50.51
CA ILE C 17 -22.79 -20.66 -51.80
C ILE C 17 -22.64 -22.16 -52.01
N SER C 18 -22.24 -22.92 -51.00
CA SER C 18 -21.86 -24.31 -51.24
C SER C 18 -23.04 -25.16 -51.67
N GLY C 19 -24.22 -24.94 -51.09
CA GLY C 19 -25.38 -25.73 -51.48
C GLY C 19 -25.82 -25.48 -52.91
N LEU C 20 -25.83 -24.21 -53.33
CA LEU C 20 -26.13 -23.89 -54.72
C LEU C 20 -25.08 -24.48 -55.65
N ALA C 21 -23.81 -24.36 -55.31
CA ALA C 21 -22.77 -24.92 -56.15
C ALA C 21 -22.94 -26.44 -56.29
N THR C 22 -23.32 -27.10 -55.19
CA THR C 22 -23.53 -28.55 -55.25
C THR C 22 -24.70 -28.91 -56.16
N LEU C 23 -25.80 -28.15 -56.08
CA LEU C 23 -26.95 -28.44 -56.95
C LEU C 23 -26.64 -28.17 -58.42
N ILE C 24 -25.81 -27.18 -58.71
CA ILE C 24 -25.42 -26.95 -60.10
C ILE C 24 -24.48 -28.05 -60.58
N ASP C 25 -23.48 -28.39 -59.78
CA ASP C 25 -22.47 -29.36 -60.18
C ASP C 25 -23.04 -30.77 -60.33
N SER C 26 -24.14 -31.08 -59.64
CA SER C 26 -24.78 -32.38 -59.79
C SER C 26 -25.73 -32.42 -60.98
N GLY C 27 -25.93 -31.29 -61.64
CA GLY C 27 -26.84 -31.19 -62.76
C GLY C 27 -28.28 -30.90 -62.40
N LYS C 28 -28.60 -30.63 -61.13
CA LYS C 28 -29.98 -30.37 -60.77
C LYS C 28 -30.39 -28.95 -61.15
N ILE C 29 -29.44 -28.01 -61.20
CA ILE C 29 -29.76 -26.64 -61.59
C ILE C 29 -28.85 -26.23 -62.75
N ASN C 30 -29.47 -25.75 -63.83
CA ASN C 30 -28.74 -25.03 -64.87
C ASN C 30 -28.77 -23.56 -64.46
N PRO C 31 -27.63 -22.95 -64.13
CA PRO C 31 -27.70 -21.57 -63.60
C PRO C 31 -28.34 -20.58 -64.56
N ALA C 32 -28.28 -20.83 -65.87
CA ALA C 32 -28.90 -19.88 -66.78
C ALA C 32 -30.41 -19.88 -66.64
N GLU C 33 -30.99 -20.90 -66.00
CA GLU C 33 -32.43 -21.01 -65.81
C GLU C 33 -32.86 -20.55 -64.42
N ILE C 34 -31.92 -20.14 -63.57
CA ILE C 34 -32.29 -19.58 -62.28
C ILE C 34 -32.96 -18.25 -62.53
N VAL C 35 -34.11 -18.04 -61.91
CA VAL C 35 -34.81 -16.77 -62.03
C VAL C 35 -34.91 -16.01 -60.72
N ALA C 36 -34.74 -16.66 -59.56
CA ALA C 36 -34.88 -15.85 -58.36
C ALA C 36 -34.26 -16.58 -57.17
N ILE C 37 -33.73 -15.80 -56.23
CA ILE C 37 -33.26 -16.33 -54.96
C ILE C 37 -33.79 -15.47 -53.84
N LEU C 38 -34.47 -16.10 -52.89
CA LEU C 38 -35.07 -15.43 -51.74
C LEU C 38 -34.34 -15.98 -50.52
N GLY C 39 -33.62 -15.12 -49.80
CA GLY C 39 -32.79 -15.57 -48.70
C GLY C 39 -33.28 -15.11 -47.33
N LYS C 40 -33.00 -15.92 -46.34
CA LYS C 40 -32.96 -15.54 -44.94
C LYS C 40 -31.49 -15.53 -44.55
N THR C 41 -30.97 -14.34 -44.22
CA THR C 41 -29.60 -14.12 -43.84
C THR C 41 -29.51 -13.68 -42.37
N GLU C 42 -28.39 -14.01 -41.76
CA GLU C 42 -28.21 -14.06 -40.32
C GLU C 42 -27.68 -12.74 -39.75
N GLY C 43 -27.81 -11.66 -40.50
CA GLY C 43 -27.55 -10.33 -39.98
C GLY C 43 -28.62 -9.85 -39.00
N ASN C 44 -28.51 -8.56 -38.67
CA ASN C 44 -29.32 -7.96 -37.62
C ASN C 44 -30.74 -7.57 -38.06
N GLY C 45 -31.09 -7.73 -39.33
CA GLY C 45 -32.43 -7.41 -39.76
C GLY C 45 -32.80 -5.94 -39.71
N SER C 46 -31.83 -5.03 -39.80
CA SER C 46 -32.08 -3.62 -39.53
C SER C 46 -31.78 -2.76 -40.76
N VAL C 47 -31.75 -1.45 -40.54
CA VAL C 47 -31.26 -0.54 -41.58
C VAL C 47 -29.81 -0.85 -41.88
N ASN C 48 -28.97 -0.84 -40.84
CA ASN C 48 -27.54 -1.04 -41.01
C ASN C 48 -27.26 -2.54 -40.90
N ASP C 49 -27.92 -3.28 -41.78
CA ASP C 49 -27.70 -4.71 -41.94
C ASP C 49 -27.16 -4.90 -43.33
N PHE C 50 -25.88 -5.23 -43.41
CA PHE C 50 -25.18 -5.45 -44.66
C PHE C 50 -25.00 -6.93 -44.97
N THR C 51 -25.49 -7.82 -44.12
CA THR C 51 -25.40 -9.21 -44.52
C THR C 51 -26.25 -9.46 -45.77
N ARG C 52 -27.33 -8.70 -45.95
CA ARG C 52 -28.13 -8.87 -47.15
C ARG C 52 -27.32 -8.51 -48.38
N CYS C 53 -26.61 -7.37 -48.35
CA CYS C 53 -25.79 -6.98 -49.49
C CYS C 53 -24.65 -7.95 -49.71
N PHE C 54 -24.05 -8.43 -48.62
CA PHE C 54 -22.97 -9.41 -48.74
C PHE C 54 -23.46 -10.70 -49.40
N ALA C 55 -24.63 -11.19 -49.00
CA ALA C 55 -25.18 -12.40 -49.60
C ALA C 55 -25.48 -12.20 -51.07
N THR C 56 -26.11 -11.07 -51.42
CA THR C 56 -26.43 -10.80 -52.82
C THR C 56 -25.15 -10.69 -53.65
N GLN C 57 -24.16 -9.95 -53.15
CA GLN C 57 -22.87 -9.80 -53.83
C GLN C 57 -22.22 -11.15 -54.05
N SER C 58 -22.24 -12.02 -53.03
CA SER C 58 -21.58 -13.31 -53.13
C SER C 58 -22.28 -14.20 -54.15
N LEU C 59 -23.61 -14.19 -54.16
CA LEU C 59 -24.33 -15.01 -55.13
C LEU C 59 -24.14 -14.47 -56.53
N ALA C 60 -24.19 -13.15 -56.69
CA ALA C 60 -24.03 -12.59 -58.03
C ALA C 60 -22.64 -12.89 -58.57
N MET C 61 -21.61 -12.80 -57.72
CA MET C 61 -20.26 -13.17 -58.14
C MET C 61 -20.20 -14.63 -58.57
N TYR C 62 -20.69 -15.53 -57.71
CA TYR C 62 -20.58 -16.95 -58.03
C TYR C 62 -21.30 -17.26 -59.33
N LEU C 63 -22.54 -16.78 -59.47
CA LEU C 63 -23.33 -17.06 -60.65
C LEU C 63 -22.72 -16.41 -61.89
N ALA C 64 -22.18 -15.20 -61.76
CA ALA C 64 -21.52 -14.53 -62.88
C ALA C 64 -20.37 -15.37 -63.39
N GLU C 65 -19.58 -15.93 -62.46
CA GLU C 65 -18.42 -16.72 -62.87
C GLU C 65 -18.87 -18.04 -63.49
N LYS C 66 -19.97 -18.62 -62.98
CA LYS C 66 -20.47 -19.86 -63.56
C LYS C 66 -21.04 -19.63 -64.95
N LEU C 67 -21.67 -18.47 -65.17
CA LEU C 67 -22.35 -18.14 -66.41
C LEU C 67 -21.47 -17.41 -67.41
N GLY C 68 -20.30 -16.94 -67.02
CA GLY C 68 -19.46 -16.18 -67.92
C GLY C 68 -19.99 -14.81 -68.26
N ILE C 69 -20.67 -14.15 -67.31
CA ILE C 69 -21.19 -12.81 -67.48
C ILE C 69 -20.76 -11.96 -66.28
N SER C 70 -21.08 -10.67 -66.34
CA SER C 70 -20.68 -9.74 -65.29
C SER C 70 -21.62 -9.86 -64.09
N ARG C 71 -21.11 -9.46 -62.92
CA ARG C 71 -21.97 -9.41 -61.74
C ARG C 71 -23.19 -8.53 -61.97
N GLU C 72 -23.01 -7.38 -62.63
CA GLU C 72 -24.15 -6.53 -62.87
C GLU C 72 -25.20 -7.25 -63.70
N GLU C 73 -24.77 -8.00 -64.71
CA GLU C 73 -25.70 -8.75 -65.54
C GLU C 73 -26.36 -9.88 -64.76
N VAL C 74 -25.62 -10.57 -63.89
CA VAL C 74 -26.26 -11.61 -63.09
C VAL C 74 -27.37 -11.00 -62.26
N VAL C 75 -27.10 -9.85 -61.64
CA VAL C 75 -28.12 -9.21 -60.83
C VAL C 75 -29.26 -8.66 -61.69
N LYS C 76 -28.99 -8.37 -62.97
CA LYS C 76 -30.04 -7.98 -63.91
C LYS C 76 -30.88 -9.16 -64.36
N LYS C 77 -30.33 -10.36 -64.24
CA LYS C 77 -30.89 -11.60 -64.76
C LYS C 77 -31.61 -12.40 -63.70
N VAL C 78 -31.19 -12.28 -62.45
CA VAL C 78 -31.66 -13.12 -61.35
C VAL C 78 -32.26 -12.23 -60.29
N ALA C 79 -33.44 -12.60 -59.81
CA ALA C 79 -34.02 -11.90 -58.68
C ALA C 79 -33.28 -12.28 -57.41
N PHE C 80 -32.88 -11.28 -56.65
CA PHE C 80 -32.26 -11.49 -55.35
C PHE C 80 -33.08 -10.79 -54.28
N ILE C 81 -33.78 -11.55 -53.45
CA ILE C 81 -34.61 -10.98 -52.41
C ILE C 81 -34.02 -11.53 -51.12
N MET C 82 -33.29 -10.69 -50.39
CA MET C 82 -32.65 -11.10 -49.15
C MET C 82 -33.31 -10.47 -47.94
N SER C 83 -33.97 -11.29 -47.12
CA SER C 83 -34.64 -10.88 -45.90
C SER C 83 -33.74 -11.11 -44.69
N GLY C 84 -33.25 -10.02 -44.05
CA GLY C 84 -32.43 -10.21 -42.87
C GLY C 84 -33.23 -10.59 -41.63
N GLY C 85 -32.52 -10.95 -40.57
CA GLY C 85 -33.21 -11.27 -39.33
C GLY C 85 -33.62 -12.73 -39.26
N THR C 86 -32.87 -13.56 -38.53
CA THR C 86 -33.21 -14.96 -38.34
C THR C 86 -33.32 -15.23 -36.84
N GLU C 87 -34.33 -14.64 -36.21
CA GLU C 87 -34.52 -14.71 -34.78
C GLU C 87 -35.19 -16.00 -34.36
N GLY C 88 -35.18 -16.26 -33.06
CA GLY C 88 -35.78 -17.47 -32.55
C GLY C 88 -35.05 -18.70 -33.08
N VAL C 89 -35.80 -19.68 -33.60
CA VAL C 89 -35.20 -20.87 -34.17
C VAL C 89 -35.08 -20.81 -35.69
N MET C 90 -35.39 -19.67 -36.30
CA MET C 90 -35.39 -19.57 -37.75
C MET C 90 -34.00 -19.84 -38.33
N THR C 91 -33.93 -20.75 -39.33
CA THR C 91 -32.68 -21.23 -39.89
C THR C 91 -32.33 -20.45 -41.16
N PRO C 92 -31.14 -19.86 -41.24
CA PRO C 92 -30.74 -19.17 -42.49
C PRO C 92 -30.74 -20.12 -43.68
N HIS C 93 -31.21 -19.62 -44.83
CA HIS C 93 -31.29 -20.46 -46.02
C HIS C 93 -31.59 -19.60 -47.24
N ILE C 94 -31.48 -20.19 -48.42
CA ILE C 94 -31.94 -19.54 -49.63
C ILE C 94 -32.92 -20.43 -50.38
N THR C 95 -33.86 -19.80 -51.07
CA THR C 95 -34.79 -20.50 -51.94
C THR C 95 -34.53 -20.07 -53.38
N VAL C 96 -34.11 -21.02 -54.22
CA VAL C 96 -33.75 -20.75 -55.60
C VAL C 96 -34.91 -21.22 -56.48
N PHE C 97 -35.41 -20.31 -57.30
CA PHE C 97 -36.49 -20.60 -58.22
C PHE C 97 -35.87 -20.71 -59.60
N VAL C 98 -36.08 -21.87 -60.23
CA VAL C 98 -35.60 -22.25 -61.56
C VAL C 98 -36.80 -22.47 -62.46
N ARG C 99 -36.75 -21.89 -63.66
CA ARG C 99 -37.81 -22.04 -64.65
C ARG C 99 -37.19 -22.62 -65.92
N LYS C 100 -37.64 -23.81 -66.32
CA LYS C 100 -37.19 -24.46 -67.54
C LYS C 100 -38.30 -24.46 -68.58
N ASP C 101 -37.90 -24.42 -69.84
CA ASP C 101 -38.79 -24.69 -70.97
C ASP C 101 -38.59 -26.15 -71.37
N VAL C 102 -39.53 -27.02 -71.00
CA VAL C 102 -39.40 -28.45 -71.29
C VAL C 102 -40.47 -28.86 -72.29
N ALA C 103 -40.12 -29.84 -73.13
CA ALA C 103 -41.04 -30.37 -74.14
C ALA C 103 -41.75 -31.60 -73.59
N ALA C 104 -42.87 -31.35 -72.89
CA ALA C 104 -43.69 -32.42 -72.35
C ALA C 104 -45.09 -31.87 -72.13
N PRO C 105 -46.12 -32.70 -72.21
CA PRO C 105 -47.49 -32.21 -72.02
C PRO C 105 -47.72 -31.73 -70.59
N ALA C 106 -48.66 -30.81 -70.44
CA ALA C 106 -48.94 -30.23 -69.12
C ALA C 106 -49.53 -31.28 -68.19
N ALA C 107 -49.19 -31.17 -66.90
CA ALA C 107 -49.66 -32.13 -65.92
C ALA C 107 -51.17 -32.02 -65.74
N PRO C 108 -51.81 -33.06 -65.20
CA PRO C 108 -53.24 -33.00 -64.93
C PRO C 108 -53.57 -31.89 -63.92
N GLY C 109 -54.55 -31.06 -64.29
CA GLY C 109 -54.93 -29.96 -63.42
C GLY C 109 -53.98 -28.78 -63.54
N LYS C 110 -53.83 -28.06 -62.42
CA LYS C 110 -52.96 -26.90 -62.32
C LYS C 110 -51.69 -27.26 -61.56
N ARG C 111 -50.58 -26.64 -61.94
CA ARG C 111 -49.29 -26.90 -61.29
C ARG C 111 -48.51 -25.60 -61.21
N LEU C 112 -47.41 -25.63 -60.44
CA LEU C 112 -46.69 -24.41 -60.08
C LEU C 112 -46.25 -23.63 -61.33
N ALA C 113 -46.46 -22.31 -61.27
CA ALA C 113 -46.09 -21.38 -62.32
C ALA C 113 -45.52 -20.10 -61.72
N VAL C 114 -44.59 -19.50 -62.46
CA VAL C 114 -43.88 -18.29 -62.04
C VAL C 114 -43.82 -17.32 -63.22
N GLY C 115 -43.98 -16.04 -62.91
CA GLY C 115 -43.88 -14.98 -63.89
C GLY C 115 -43.10 -13.82 -63.30
N VAL C 116 -42.48 -13.03 -64.17
CA VAL C 116 -41.56 -11.97 -63.76
C VAL C 116 -41.89 -10.66 -64.46
N ALA C 117 -41.74 -9.55 -63.74
CA ALA C 117 -41.93 -8.25 -64.37
C ALA C 117 -41.18 -7.15 -63.62
N PHE C 118 -40.81 -6.10 -64.37
CA PHE C 118 -40.13 -4.94 -63.78
C PHE C 118 -41.02 -3.73 -64.06
N THR C 119 -41.04 -2.79 -63.13
CA THR C 119 -41.71 -1.52 -63.37
C THR C 119 -40.79 -0.47 -63.98
N ARG C 120 -41.41 0.62 -64.42
CA ARG C 120 -40.71 1.85 -64.75
C ARG C 120 -40.05 2.45 -63.52
N ASP C 121 -39.10 3.35 -63.76
CA ASP C 121 -38.52 4.14 -62.68
C ASP C 121 -39.62 5.02 -62.08
N PHE C 122 -39.53 5.25 -60.78
CA PHE C 122 -40.46 6.14 -60.10
C PHE C 122 -39.81 7.48 -59.79
N LEU C 123 -40.58 8.55 -59.90
CA LEU C 123 -40.15 9.82 -59.36
C LEU C 123 -40.23 9.78 -57.83
N PRO C 124 -39.38 10.54 -57.15
CA PRO C 124 -39.38 10.48 -55.67
C PRO C 124 -40.73 10.78 -55.05
N GLU C 125 -41.49 11.70 -55.63
CA GLU C 125 -42.79 12.08 -55.09
C GLU C 125 -43.85 11.02 -55.28
N GLU C 126 -43.53 9.92 -55.96
CA GLU C 126 -44.49 8.85 -56.12
C GLU C 126 -44.41 7.75 -55.08
N LEU C 127 -43.30 7.61 -54.34
CA LEU C 127 -43.27 6.51 -53.39
C LEU C 127 -44.32 6.73 -52.32
N GLY C 128 -45.01 5.66 -51.96
CA GLY C 128 -46.00 5.74 -50.91
C GLY C 128 -47.29 6.40 -51.32
N ARG C 129 -47.51 6.62 -52.62
CA ARG C 129 -48.66 7.36 -53.11
C ARG C 129 -49.35 6.57 -54.22
N MET C 130 -50.48 7.10 -54.70
CA MET C 130 -51.33 6.30 -55.58
C MET C 130 -50.61 5.94 -56.88
N GLU C 131 -49.69 6.79 -57.33
CA GLU C 131 -48.90 6.50 -58.53
C GLU C 131 -48.10 5.21 -58.38
N GLN C 132 -47.53 4.97 -57.20
CA GLN C 132 -46.81 3.72 -56.95
C GLN C 132 -47.76 2.54 -56.93
N VAL C 133 -48.90 2.70 -56.25
CA VAL C 133 -49.92 1.66 -56.25
C VAL C 133 -50.22 1.24 -57.68
N ASN C 134 -50.50 2.22 -58.54
CA ASN C 134 -51.00 1.91 -59.88
C ASN C 134 -49.91 1.28 -60.73
N GLU C 135 -48.68 1.77 -60.63
CA GLU C 135 -47.62 1.16 -61.41
C GLU C 135 -47.35 -0.27 -60.94
N VAL C 136 -47.39 -0.50 -59.62
CA VAL C 136 -47.21 -1.86 -59.15
C VAL C 136 -48.31 -2.76 -59.69
N ALA C 137 -49.56 -2.28 -59.64
CA ALA C 137 -50.67 -3.08 -60.15
C ALA C 137 -50.46 -3.44 -61.62
N ARG C 138 -50.12 -2.45 -62.44
CA ARG C 138 -49.88 -2.70 -63.86
C ARG C 138 -48.82 -3.78 -64.04
N ALA C 139 -47.70 -3.66 -63.34
CA ALA C 139 -46.64 -4.63 -63.50
C ALA C 139 -47.09 -6.01 -63.05
N VAL C 140 -47.91 -6.06 -61.99
CA VAL C 140 -48.42 -7.34 -61.50
C VAL C 140 -49.29 -8.01 -62.55
N LYS C 141 -50.14 -7.22 -63.22
CA LYS C 141 -50.96 -7.78 -64.29
C LYS C 141 -50.08 -8.32 -65.42
N GLU C 142 -49.02 -7.58 -65.76
CA GLU C 142 -48.11 -8.06 -66.79
C GLU C 142 -47.42 -9.36 -66.36
N ALA C 143 -47.06 -9.46 -65.08
CA ALA C 143 -46.42 -10.68 -64.58
C ALA C 143 -47.40 -11.84 -64.60
N MET C 144 -48.67 -11.58 -64.31
CA MET C 144 -49.69 -12.63 -64.42
C MET C 144 -49.80 -13.14 -65.85
N LYS C 145 -49.77 -12.23 -66.82
CA LYS C 145 -49.77 -12.67 -68.21
C LYS C 145 -48.54 -13.53 -68.50
N ASP C 146 -47.37 -13.08 -68.05
CA ASP C 146 -46.12 -13.82 -68.21
C ASP C 146 -46.17 -15.21 -67.61
N ALA C 147 -46.92 -15.39 -66.52
CA ALA C 147 -47.03 -16.67 -65.83
C ALA C 147 -48.05 -17.61 -66.45
N GLN C 148 -48.79 -17.15 -67.44
CA GLN C 148 -49.87 -17.94 -68.01
C GLN C 148 -50.91 -18.26 -66.94
N ILE C 149 -51.16 -17.29 -66.07
CA ILE C 149 -52.21 -17.35 -65.07
C ILE C 149 -53.21 -16.27 -65.44
N ASP C 150 -54.45 -16.68 -65.74
CA ASP C 150 -55.49 -15.72 -66.06
C ASP C 150 -56.46 -15.46 -64.91
N ASP C 151 -56.56 -16.38 -63.95
CA ASP C 151 -57.53 -16.25 -62.88
C ASP C 151 -56.82 -15.78 -61.63
N PRO C 152 -57.16 -14.62 -61.09
CA PRO C 152 -56.47 -14.14 -59.87
C PRO C 152 -56.61 -15.07 -58.68
N ARG C 153 -57.62 -15.93 -58.65
CA ARG C 153 -57.76 -16.89 -57.56
C ARG C 153 -56.61 -17.89 -57.53
N ASP C 154 -55.87 -18.01 -58.62
CA ASP C 154 -54.70 -18.89 -58.71
C ASP C 154 -53.40 -18.19 -58.39
N VAL C 155 -53.43 -16.93 -57.97
CA VAL C 155 -52.22 -16.26 -57.49
C VAL C 155 -52.11 -16.45 -55.98
N HIS C 156 -50.96 -16.99 -55.56
CA HIS C 156 -50.67 -17.33 -54.17
C HIS C 156 -49.54 -16.53 -53.56
N PHE C 157 -48.75 -15.81 -54.36
CA PHE C 157 -47.65 -15.01 -53.82
C PHE C 157 -47.20 -13.98 -54.81
N VAL C 158 -47.12 -12.73 -54.37
CA VAL C 158 -46.63 -11.64 -55.19
C VAL C 158 -45.46 -11.03 -54.43
N GLN C 159 -44.24 -11.32 -54.86
CA GLN C 159 -43.05 -10.87 -54.17
C GLN C 159 -42.56 -9.61 -54.86
N ILE C 160 -42.32 -8.56 -54.08
CA ILE C 160 -41.92 -7.30 -54.66
C ILE C 160 -40.66 -6.86 -53.96
N LYS C 161 -39.75 -6.32 -54.75
CA LYS C 161 -38.61 -5.56 -54.29
C LYS C 161 -38.89 -4.10 -54.65
N ALA C 162 -39.35 -3.28 -53.62
CA ALA C 162 -39.85 -1.92 -53.74
C ALA C 162 -38.73 -0.91 -53.52
N PRO C 163 -38.83 0.27 -54.14
CA PRO C 163 -37.80 1.30 -53.98
C PRO C 163 -37.95 2.01 -52.63
N LEU C 164 -37.07 2.96 -52.41
CA LEU C 164 -37.10 3.81 -51.22
C LEU C 164 -36.61 5.18 -51.64
N LEU C 165 -36.67 6.12 -50.72
CA LEU C 165 -36.18 7.46 -50.97
C LEU C 165 -34.80 7.65 -50.40
N THR C 166 -33.97 8.36 -51.14
CA THR C 166 -32.69 8.87 -50.67
C THR C 166 -32.71 10.39 -50.60
N ALA C 167 -31.68 10.93 -49.95
CA ALA C 167 -31.56 12.37 -49.82
C ALA C 167 -31.50 13.07 -51.16
N GLU C 168 -30.78 12.52 -52.14
CA GLU C 168 -30.69 13.21 -53.42
C GLU C 168 -32.05 13.29 -54.10
N ARG C 169 -32.86 12.22 -54.02
CA ARG C 169 -34.15 12.27 -54.67
C ARG C 169 -35.10 13.18 -53.90
N ILE C 170 -35.01 13.21 -52.56
CA ILE C 170 -35.82 14.14 -51.81
C ILE C 170 -35.48 15.58 -52.16
N GLU C 171 -34.19 15.90 -52.26
CA GLU C 171 -33.81 17.25 -52.66
C GLU C 171 -34.26 17.56 -54.09
N ASP C 172 -34.20 16.59 -55.00
CA ASP C 172 -34.71 16.80 -56.34
C ASP C 172 -36.21 17.10 -56.34
N ALA C 173 -36.99 16.29 -55.63
CA ALA C 173 -38.43 16.51 -55.53
C ALA C 173 -38.73 17.89 -54.97
N LYS C 174 -38.02 18.28 -53.91
CA LYS C 174 -38.23 19.60 -53.34
C LYS C 174 -37.92 20.67 -54.38
N ARG C 175 -36.82 20.50 -55.11
CA ARG C 175 -36.40 21.44 -56.14
C ARG C 175 -37.43 21.63 -57.23
N ARG C 176 -38.17 20.59 -57.59
CA ARG C 176 -39.20 20.71 -58.62
C ARG C 176 -40.54 21.21 -58.07
N GLY C 177 -40.59 21.58 -56.80
CA GLY C 177 -41.81 22.11 -56.22
C GLY C 177 -42.80 21.07 -55.77
N LYS C 178 -42.34 19.87 -55.45
CA LYS C 178 -43.20 18.75 -55.09
C LYS C 178 -42.82 18.28 -53.69
N ASP C 179 -43.77 17.69 -53.00
CA ASP C 179 -43.51 17.07 -51.70
C ASP C 179 -43.57 15.56 -51.80
N VAL C 180 -42.75 14.91 -50.97
CA VAL C 180 -42.68 13.47 -50.92
C VAL C 180 -43.54 13.01 -49.76
N VAL C 181 -43.83 11.72 -49.71
CA VAL C 181 -44.76 11.22 -48.72
C VAL C 181 -44.22 11.42 -47.32
N VAL C 182 -42.90 11.28 -47.15
CA VAL C 182 -42.24 11.54 -45.86
C VAL C 182 -40.81 11.96 -46.12
N ASN C 183 -40.30 12.92 -45.34
CA ASN C 183 -38.92 13.36 -45.55
C ASN C 183 -38.02 12.59 -44.59
N ASP C 184 -38.14 11.27 -44.72
CA ASP C 184 -37.53 10.32 -43.79
C ASP C 184 -37.37 9.01 -44.53
N THR C 185 -36.13 8.58 -44.69
CA THR C 185 -35.85 7.42 -45.53
C THR C 185 -36.37 6.13 -44.91
N TYR C 186 -36.16 5.96 -43.59
CA TYR C 186 -36.61 4.74 -42.94
C TYR C 186 -38.13 4.64 -43.01
N LYS C 187 -38.86 5.72 -42.71
CA LYS C 187 -40.31 5.63 -42.84
C LYS C 187 -40.70 5.47 -44.30
N SER C 188 -39.88 6.01 -45.21
CA SER C 188 -40.17 5.85 -46.63
C SER C 188 -40.18 4.39 -47.01
N MET C 189 -39.38 3.56 -46.34
CA MET C 189 -39.44 2.13 -46.67
C MET C 189 -40.82 1.57 -46.37
N ALA C 190 -41.41 1.98 -45.25
CA ALA C 190 -42.75 1.50 -44.91
C ALA C 190 -43.78 2.00 -45.92
N TYR C 191 -43.63 3.25 -46.34
CA TYR C 191 -44.58 3.81 -47.30
C TYR C 191 -44.45 3.14 -48.66
N SER C 192 -43.23 2.84 -49.08
CA SER C 192 -43.01 2.14 -50.35
C SER C 192 -43.55 0.72 -50.29
N ARG C 193 -43.28 0.00 -49.19
CA ARG C 193 -43.82 -1.35 -49.05
C ARG C 193 -45.34 -1.32 -49.07
N GLY C 194 -45.94 -0.36 -48.37
CA GLY C 194 -47.38 -0.36 -48.25
C GLY C 194 -48.06 -0.01 -49.56
N ALA C 195 -47.56 1.02 -50.25
CA ALA C 195 -48.08 1.33 -51.56
C ALA C 195 -47.94 0.14 -52.51
N SER C 196 -46.79 -0.54 -52.49
CA SER C 196 -46.62 -1.68 -53.37
C SER C 196 -47.62 -2.80 -53.04
N ALA C 197 -47.84 -3.08 -51.77
CA ALA C 197 -48.80 -4.13 -51.41
C ALA C 197 -50.22 -3.74 -51.81
N LEU C 198 -50.57 -2.46 -51.64
CA LEU C 198 -51.89 -2.02 -52.09
C LEU C 198 -52.01 -2.12 -53.61
N GLY C 199 -50.92 -1.88 -54.33
CA GLY C 199 -50.93 -2.09 -55.77
C GLY C 199 -51.18 -3.54 -56.13
N VAL C 200 -50.61 -4.46 -55.35
CA VAL C 200 -50.89 -5.88 -55.54
C VAL C 200 -52.37 -6.15 -55.34
N ALA C 201 -52.93 -5.65 -54.24
CA ALA C 201 -54.33 -5.89 -53.96
C ALA C 201 -55.20 -5.37 -55.10
N LEU C 202 -54.85 -4.19 -55.63
CA LEU C 202 -55.59 -3.62 -56.76
C LEU C 202 -55.53 -4.50 -57.99
N ALA C 203 -54.33 -4.96 -58.38
CA ALA C 203 -54.21 -5.77 -59.58
C ALA C 203 -55.00 -7.07 -59.48
N LEU C 204 -55.06 -7.67 -58.29
CA LEU C 204 -55.71 -8.97 -58.10
C LEU C 204 -57.17 -8.85 -57.72
N GLY C 205 -57.70 -7.64 -57.58
CA GLY C 205 -59.09 -7.50 -57.21
C GLY C 205 -59.39 -7.75 -55.75
N GLU C 206 -58.39 -7.68 -54.88
CA GLU C 206 -58.60 -7.88 -53.45
C GLU C 206 -59.22 -6.67 -52.78
N ILE C 207 -59.02 -5.47 -53.34
CA ILE C 207 -59.66 -4.25 -52.90
C ILE C 207 -60.08 -3.48 -54.15
N SER C 208 -61.09 -2.64 -54.00
CA SER C 208 -61.56 -1.85 -55.11
C SER C 208 -60.85 -0.49 -55.12
N ALA C 209 -60.66 0.04 -56.33
CA ALA C 209 -59.88 1.26 -56.48
C ALA C 209 -60.49 2.38 -55.65
N ASP C 210 -61.81 2.44 -55.56
CA ASP C 210 -62.46 3.53 -54.85
C ASP C 210 -62.11 3.54 -53.36
N LYS C 211 -61.56 2.45 -52.83
CA LYS C 211 -61.21 2.39 -51.41
C LYS C 211 -59.77 2.83 -51.12
N ILE C 212 -58.97 3.10 -52.15
CA ILE C 212 -57.56 3.42 -52.01
C ILE C 212 -57.38 4.91 -52.25
N SER C 213 -56.66 5.56 -51.34
CA SER C 213 -56.32 6.97 -51.51
C SER C 213 -55.00 7.19 -50.81
N ASN C 214 -54.39 8.34 -51.06
CA ASN C 214 -53.11 8.63 -50.41
C ASN C 214 -53.22 8.53 -48.89
N GLU C 215 -54.33 9.00 -48.33
CA GLU C 215 -54.43 9.02 -46.87
C GLU C 215 -54.56 7.61 -46.33
N ALA C 216 -55.10 6.71 -47.16
CA ALA C 216 -55.29 5.31 -46.85
C ALA C 216 -54.02 4.50 -47.00
N ILE C 217 -53.05 5.01 -47.77
CA ILE C 217 -51.86 4.20 -48.07
C ILE C 217 -50.98 3.88 -46.88
N VAL C 218 -51.13 4.51 -45.72
CA VAL C 218 -50.40 3.99 -44.57
C VAL C 218 -51.27 3.99 -43.32
N HIS C 219 -52.47 4.56 -43.43
CA HIS C 219 -53.33 4.88 -42.30
C HIS C 219 -54.43 3.84 -42.07
N ASP C 220 -55.10 3.39 -43.14
CA ASP C 220 -56.22 2.45 -43.06
C ASP C 220 -55.71 1.03 -43.21
N TRP C 221 -55.47 0.37 -42.08
CA TRP C 221 -54.96 -0.99 -42.03
C TRP C 221 -56.02 -2.02 -42.39
N ASN C 222 -57.25 -1.60 -42.66
CA ASN C 222 -58.29 -2.47 -43.21
C ASN C 222 -58.07 -2.79 -44.69
N LEU C 223 -57.21 -2.04 -45.38
CA LEU C 223 -56.89 -2.33 -46.77
C LEU C 223 -55.63 -3.19 -46.77
N TYR C 224 -55.75 -4.43 -47.26
CA TYR C 224 -54.56 -5.27 -47.34
C TYR C 224 -54.73 -6.39 -48.36
N SER C 225 -53.58 -6.87 -48.84
CA SER C 225 -53.46 -8.07 -49.66
C SER C 225 -53.17 -9.30 -48.83
N SER C 226 -53.71 -10.43 -49.26
CA SER C 226 -53.46 -11.70 -48.61
C SER C 226 -52.31 -12.47 -49.25
N VAL C 227 -51.66 -11.94 -50.28
CA VAL C 227 -50.56 -12.66 -50.91
C VAL C 227 -49.32 -11.81 -51.12
N ALA C 228 -49.42 -10.51 -50.91
CA ALA C 228 -48.28 -9.65 -51.18
C ALA C 228 -47.20 -9.82 -50.12
N SER C 229 -45.96 -9.83 -50.59
CA SER C 229 -44.78 -9.94 -49.73
C SER C 229 -43.77 -8.96 -50.30
N THR C 230 -43.56 -7.86 -49.62
CA THR C 230 -42.77 -6.77 -50.15
C THR C 230 -41.58 -6.48 -49.25
N SER C 231 -40.52 -6.01 -49.89
CA SER C 231 -39.20 -5.94 -49.29
C SER C 231 -38.55 -4.73 -49.92
N ALA C 232 -37.93 -3.87 -49.11
CA ALA C 232 -37.42 -2.58 -49.57
C ALA C 232 -35.90 -2.50 -49.56
N GLY C 233 -35.22 -3.59 -49.92
CA GLY C 233 -33.76 -3.59 -49.85
C GLY C 233 -33.19 -2.44 -50.66
N VAL C 234 -32.04 -1.95 -50.23
CA VAL C 234 -31.34 -0.89 -50.97
C VAL C 234 -30.07 -1.38 -51.66
N CYS C 235 -29.70 -2.65 -51.50
CA CYS C 235 -28.39 -3.11 -51.94
C CYS C 235 -28.14 -2.81 -53.42
N LEU C 236 -29.20 -2.44 -54.14
CA LEU C 236 -29.12 -2.39 -55.60
C LEU C 236 -30.46 -1.95 -56.15
N LEU C 237 -30.45 -1.43 -57.38
CA LEU C 237 -31.70 -0.98 -57.98
C LEU C 237 -32.60 -2.19 -57.88
N ASN C 238 -33.64 -2.12 -57.05
CA ASN C 238 -34.56 -3.23 -56.89
C ASN C 238 -35.99 -2.86 -57.30
N ASP C 239 -36.23 -2.95 -58.61
CA ASP C 239 -37.54 -2.88 -59.24
C ASP C 239 -37.90 -4.25 -59.82
N GLU C 240 -37.82 -5.32 -59.04
CA GLU C 240 -38.27 -6.64 -59.48
C GLU C 240 -39.53 -7.21 -58.83
N ILE C 241 -40.42 -7.79 -59.65
CA ILE C 241 -41.73 -8.32 -59.24
C ILE C 241 -41.73 -9.79 -59.65
N ILE C 242 -42.08 -10.69 -58.74
CA ILE C 242 -42.37 -12.09 -59.06
C ILE C 242 -43.78 -12.50 -58.69
N VAL C 243 -44.57 -12.87 -59.68
CA VAL C 243 -45.89 -13.45 -59.42
C VAL C 243 -45.76 -14.97 -59.42
N VAL C 244 -46.22 -15.62 -58.36
CA VAL C 244 -46.20 -17.06 -58.23
C VAL C 244 -47.62 -17.56 -57.99
N GLY C 245 -48.02 -18.54 -58.80
CA GLY C 245 -49.35 -19.11 -58.72
C GLY C 245 -49.35 -20.47 -59.39
N ASN C 246 -50.52 -20.90 -59.80
CA ASN C 246 -50.66 -22.17 -60.50
C ASN C 246 -51.35 -21.97 -61.84
N SER C 247 -50.95 -22.78 -62.81
CA SER C 247 -51.47 -22.67 -64.17
C SER C 247 -51.80 -24.06 -64.66
N THR C 248 -52.87 -24.15 -65.46
CA THR C 248 -53.18 -25.40 -66.13
C THR C 248 -52.11 -25.76 -67.16
N ASN C 249 -51.40 -24.75 -67.67
CA ASN C 249 -50.38 -24.93 -68.69
C ASN C 249 -48.98 -25.03 -68.07
N SER C 250 -48.86 -25.85 -67.04
CA SER C 250 -47.59 -26.07 -66.34
C SER C 250 -47.35 -27.56 -66.18
N ALA C 251 -46.09 -27.97 -66.35
CA ALA C 251 -45.70 -29.35 -66.12
C ALA C 251 -44.92 -29.54 -64.83
N SER C 252 -45.08 -28.63 -63.86
CA SER C 252 -44.31 -28.70 -62.63
C SER C 252 -44.82 -29.82 -61.72
N ASP C 253 -43.91 -30.37 -60.92
CA ASP C 253 -44.27 -31.38 -59.92
C ASP C 253 -44.59 -30.77 -58.56
N LEU C 254 -45.03 -29.51 -58.54
CA LEU C 254 -45.23 -28.76 -57.30
C LEU C 254 -46.52 -27.96 -57.41
N VAL C 255 -47.06 -27.57 -56.26
CA VAL C 255 -48.19 -26.66 -56.19
C VAL C 255 -47.92 -25.64 -55.09
N ILE C 256 -48.66 -24.54 -55.16
CA ILE C 256 -48.66 -23.54 -54.09
C ILE C 256 -50.07 -23.35 -53.55
N GLY C 257 -50.18 -23.18 -52.24
CA GLY C 257 -51.41 -22.76 -51.60
C GLY C 257 -51.08 -21.72 -50.55
N HIS C 258 -52.11 -21.07 -50.01
CA HIS C 258 -51.81 -20.05 -49.00
C HIS C 258 -53.01 -19.85 -48.08
N SER C 259 -52.74 -19.19 -46.95
CA SER C 259 -53.76 -18.64 -46.06
C SER C 259 -53.26 -17.30 -45.51
N VAL C 260 -53.93 -16.76 -44.50
CA VAL C 260 -53.51 -15.52 -43.84
C VAL C 260 -53.56 -15.69 -42.32
N MET C 261 -52.42 -15.48 -41.65
CA MET C 261 -52.40 -15.42 -40.19
C MET C 261 -53.10 -14.15 -39.68
N LYS C 262 -54.09 -14.33 -38.81
CA LYS C 262 -54.82 -13.21 -38.21
C LYS C 262 -54.03 -12.50 -37.12
N ASP C 263 -53.11 -13.21 -36.49
CA ASP C 263 -52.24 -12.64 -35.47
C ASP C 263 -51.01 -13.54 -35.38
N ALA C 264 -50.08 -13.16 -34.52
CA ALA C 264 -48.79 -13.82 -34.55
C ALA C 264 -48.84 -15.28 -34.07
N ILE C 265 -49.94 -15.71 -33.45
CA ILE C 265 -50.01 -17.07 -32.94
C ILE C 265 -51.10 -17.89 -33.66
N ASP C 266 -51.49 -17.49 -34.87
CA ASP C 266 -52.62 -18.13 -35.54
C ASP C 266 -52.14 -19.39 -36.25
N ALA C 267 -51.93 -20.45 -35.45
CA ALA C 267 -51.55 -21.75 -36.00
C ALA C 267 -52.65 -22.35 -36.86
N ASP C 268 -53.91 -22.02 -36.57
CA ASP C 268 -54.99 -22.50 -37.43
C ASP C 268 -54.79 -22.08 -38.87
N ALA C 269 -54.32 -20.83 -39.08
CA ALA C 269 -54.09 -20.38 -40.44
C ALA C 269 -52.93 -21.11 -41.09
N VAL C 270 -51.91 -21.47 -40.29
CA VAL C 270 -50.82 -22.29 -40.81
C VAL C 270 -51.35 -23.62 -41.31
N ARG C 271 -52.16 -24.28 -40.49
CA ARG C 271 -52.78 -25.53 -40.92
C ARG C 271 -53.64 -25.33 -42.16
N ALA C 272 -54.29 -24.16 -42.27
CA ALA C 272 -55.12 -23.89 -43.44
C ALA C 272 -54.27 -23.76 -44.70
N ALA C 273 -53.13 -23.09 -44.59
CA ALA C 273 -52.25 -22.97 -45.75
C ALA C 273 -51.69 -24.33 -46.14
N LEU C 274 -51.33 -25.14 -45.15
CA LEU C 274 -50.88 -26.51 -45.42
C LEU C 274 -51.96 -27.28 -46.17
N LYS C 275 -53.21 -27.19 -45.69
CA LYS C 275 -54.32 -27.89 -46.34
C LYS C 275 -54.53 -27.40 -47.77
N ASP C 276 -54.35 -26.10 -48.02
CA ASP C 276 -54.50 -25.55 -49.37
C ASP C 276 -53.48 -26.09 -50.36
N ALA C 277 -52.32 -26.55 -49.89
CA ALA C 277 -51.31 -27.13 -50.77
C ALA C 277 -51.44 -28.65 -50.89
N GLY C 278 -52.53 -29.22 -50.40
CA GLY C 278 -52.75 -30.64 -50.55
C GLY C 278 -52.22 -31.47 -49.41
N ILE C 279 -51.70 -30.83 -48.37
CA ILE C 279 -51.17 -31.51 -47.21
C ILE C 279 -52.30 -31.58 -46.18
N ARG C 280 -52.87 -32.78 -46.01
CA ARG C 280 -54.10 -32.94 -45.27
C ARG C 280 -53.89 -33.52 -43.87
N SER C 281 -52.66 -33.92 -43.54
CA SER C 281 -52.38 -34.47 -42.22
C SER C 281 -50.92 -34.23 -41.89
N ASP C 282 -50.60 -34.36 -40.61
CA ASP C 282 -49.23 -34.15 -40.17
C ASP C 282 -48.26 -35.10 -40.87
N ASP C 283 -48.72 -36.30 -41.22
CA ASP C 283 -47.83 -37.30 -41.79
C ASP C 283 -47.51 -37.02 -43.25
N GLU C 284 -48.12 -36.01 -43.86
CA GLU C 284 -47.80 -35.61 -45.22
C GLU C 284 -46.87 -34.39 -45.25
N MET C 285 -46.49 -33.87 -44.07
CA MET C 285 -45.66 -32.68 -44.02
C MET C 285 -44.44 -32.77 -44.95
N ASP C 286 -43.97 -33.97 -45.26
CA ASP C 286 -42.73 -34.11 -46.01
C ASP C 286 -42.83 -33.63 -47.46
N ARG C 287 -44.05 -33.41 -47.99
CA ARG C 287 -44.13 -32.88 -49.35
C ARG C 287 -43.90 -31.38 -49.43
N ILE C 288 -43.74 -30.70 -48.30
CA ILE C 288 -43.48 -29.27 -48.30
C ILE C 288 -42.14 -28.98 -48.97
N VAL C 289 -42.14 -28.02 -49.91
CA VAL C 289 -40.90 -27.46 -50.41
C VAL C 289 -40.45 -26.25 -49.60
N ASN C 290 -41.32 -25.26 -49.40
CA ASN C 290 -40.99 -24.22 -48.42
C ASN C 290 -42.27 -23.56 -47.90
N VAL C 291 -42.15 -22.88 -46.76
CA VAL C 291 -43.21 -22.02 -46.24
C VAL C 291 -42.72 -20.57 -46.23
N LEU C 292 -43.58 -19.66 -46.69
CA LEU C 292 -43.21 -18.24 -46.81
C LEU C 292 -44.25 -17.37 -46.13
N ALA C 293 -43.82 -16.54 -45.17
CA ALA C 293 -44.81 -15.80 -44.37
C ALA C 293 -44.26 -14.43 -44.00
N LYS C 294 -45.20 -13.49 -43.81
CA LYS C 294 -44.92 -12.16 -43.28
C LYS C 294 -45.36 -12.12 -41.81
N ALA C 295 -44.61 -11.39 -40.99
CA ALA C 295 -44.87 -11.33 -39.56
C ALA C 295 -44.74 -9.90 -39.08
N GLU C 296 -45.53 -9.54 -38.07
CA GLU C 296 -45.37 -8.23 -37.48
C GLU C 296 -46.02 -8.20 -36.10
N ALA C 297 -45.59 -7.22 -35.31
CA ALA C 297 -46.19 -6.86 -34.04
C ALA C 297 -47.45 -6.04 -34.30
N ALA C 298 -48.56 -6.41 -33.67
CA ALA C 298 -49.76 -5.62 -33.89
C ALA C 298 -49.62 -4.26 -33.24
N SER C 299 -50.17 -3.25 -33.92
CA SER C 299 -50.07 -1.87 -33.45
C SER C 299 -50.78 -1.67 -32.12
N SER C 300 -51.76 -2.51 -31.81
CA SER C 300 -52.50 -2.39 -30.56
C SER C 300 -51.64 -2.70 -29.35
N GLY C 301 -50.48 -3.32 -29.54
CA GLY C 301 -49.69 -3.76 -28.41
C GLY C 301 -50.24 -4.98 -27.71
N THR C 302 -51.14 -5.71 -28.35
CA THR C 302 -51.77 -6.86 -27.73
C THR C 302 -51.88 -7.99 -28.75
N VAL C 303 -52.06 -9.20 -28.23
CA VAL C 303 -52.42 -10.36 -29.04
C VAL C 303 -53.62 -11.00 -28.38
N ARG C 304 -54.74 -11.05 -29.10
CA ARG C 304 -55.95 -11.63 -28.55
C ARG C 304 -56.24 -11.04 -27.17
N GLY C 305 -56.09 -9.71 -27.07
CA GLY C 305 -56.41 -8.98 -25.85
C GLY C 305 -55.36 -9.05 -24.77
N ARG C 306 -54.22 -9.72 -25.02
CA ARG C 306 -53.17 -9.87 -24.03
C ARG C 306 -51.99 -8.94 -24.37
N ARG C 307 -51.58 -8.13 -23.40
CA ARG C 307 -50.51 -7.18 -23.61
C ARG C 307 -49.20 -7.89 -23.89
N ASN C 308 -48.35 -7.28 -24.73
CA ASN C 308 -46.95 -7.66 -24.81
C ASN C 308 -46.08 -6.41 -24.92
N THR C 309 -44.78 -6.63 -24.76
CA THR C 309 -43.79 -5.55 -24.67
C THR C 309 -43.05 -5.30 -25.99
N MET C 310 -43.46 -5.93 -27.09
CA MET C 310 -42.69 -5.85 -28.34
C MET C 310 -42.44 -4.42 -28.77
N LEU C 311 -43.43 -3.55 -28.63
CA LEU C 311 -43.38 -2.17 -29.09
C LEU C 311 -42.73 -1.21 -28.08
N ASP C 312 -42.47 -1.65 -26.85
CA ASP C 312 -41.81 -0.83 -25.84
C ASP C 312 -40.32 -1.10 -25.70
N ASP C 313 -39.81 -2.18 -26.29
CA ASP C 313 -38.44 -2.60 -26.03
C ASP C 313 -37.51 -1.75 -26.88
N SER C 314 -36.73 -0.89 -26.23
CA SER C 314 -35.85 0.01 -26.96
C SER C 314 -34.54 -0.67 -27.34
N ASP C 315 -34.32 -1.89 -26.84
CA ASP C 315 -33.13 -2.69 -27.14
C ASP C 315 -33.33 -3.57 -28.36
N ILE C 316 -34.50 -4.20 -28.49
CA ILE C 316 -34.80 -5.16 -29.54
C ILE C 316 -35.99 -4.64 -30.32
N ASN C 317 -35.81 -4.42 -31.61
CA ASN C 317 -36.90 -3.88 -32.40
C ASN C 317 -38.00 -4.89 -32.59
N HIS C 318 -39.21 -4.36 -32.75
CA HIS C 318 -40.42 -5.16 -32.69
C HIS C 318 -40.53 -6.15 -33.83
N THR C 319 -39.97 -5.82 -35.00
CA THR C 319 -40.03 -6.77 -36.11
C THR C 319 -39.17 -7.99 -35.81
N ARG C 320 -38.14 -7.83 -34.99
CA ARG C 320 -37.32 -8.97 -34.60
C ARG C 320 -38.17 -9.94 -33.78
N SER C 321 -38.92 -9.40 -32.82
CA SER C 321 -39.76 -10.26 -32.00
C SER C 321 -40.80 -10.94 -32.87
N ALA C 322 -41.41 -10.19 -33.79
CA ALA C 322 -42.45 -10.78 -34.62
C ALA C 322 -41.90 -11.90 -35.49
N ARG C 323 -40.70 -11.72 -36.05
CA ARG C 323 -40.11 -12.79 -36.85
C ARG C 323 -39.87 -14.03 -35.99
N ALA C 324 -39.31 -13.84 -34.79
CA ALA C 324 -39.09 -14.99 -33.90
C ALA C 324 -40.38 -15.72 -33.61
N VAL C 325 -41.43 -14.95 -33.31
CA VAL C 325 -42.73 -15.51 -32.93
C VAL C 325 -43.33 -16.30 -34.08
N VAL C 326 -43.42 -15.66 -35.25
CA VAL C 326 -44.13 -16.29 -36.34
C VAL C 326 -43.35 -17.49 -36.87
N ASN C 327 -42.03 -17.41 -36.93
CA ASN C 327 -41.26 -18.60 -37.29
C ASN C 327 -41.49 -19.72 -36.28
N ALA C 328 -41.53 -19.39 -34.99
CA ALA C 328 -41.74 -20.44 -33.99
C ALA C 328 -43.11 -21.10 -34.14
N VAL C 329 -44.14 -20.30 -34.38
CA VAL C 329 -45.49 -20.86 -34.56
C VAL C 329 -45.52 -21.79 -35.77
N ILE C 330 -45.00 -21.30 -36.91
CA ILE C 330 -45.00 -22.11 -38.11
C ILE C 330 -44.19 -23.39 -37.88
N ALA C 331 -43.01 -23.26 -37.28
CA ALA C 331 -42.18 -24.43 -37.04
C ALA C 331 -42.93 -25.45 -36.19
N SER C 332 -43.72 -24.97 -35.23
CA SER C 332 -44.44 -25.90 -34.37
C SER C 332 -45.56 -26.61 -35.12
N VAL C 333 -46.07 -25.96 -36.18
CA VAL C 333 -47.11 -26.63 -36.98
C VAL C 333 -46.48 -27.64 -37.94
N VAL C 334 -45.42 -27.25 -38.66
CA VAL C 334 -44.85 -28.08 -39.73
C VAL C 334 -43.65 -28.92 -39.30
N GLY C 335 -43.11 -28.70 -38.10
CA GLY C 335 -42.00 -29.50 -37.60
C GLY C 335 -40.63 -29.15 -38.14
N ASP C 336 -40.45 -27.93 -38.63
CA ASP C 336 -39.23 -27.50 -39.31
C ASP C 336 -39.12 -25.98 -39.18
N PRO C 337 -38.07 -25.48 -38.52
CA PRO C 337 -37.88 -24.03 -38.38
C PRO C 337 -37.20 -23.35 -39.55
N MET C 338 -36.83 -24.08 -40.61
CA MET C 338 -36.20 -23.46 -41.77
C MET C 338 -37.25 -23.01 -42.78
N VAL C 339 -37.96 -21.95 -42.40
CA VAL C 339 -38.95 -21.36 -43.28
C VAL C 339 -38.69 -19.86 -43.36
N TYR C 340 -39.20 -19.26 -44.43
CA TYR C 340 -38.97 -17.85 -44.72
C TYR C 340 -40.03 -17.00 -44.02
N VAL C 341 -39.61 -16.15 -43.09
CA VAL C 341 -40.51 -15.18 -42.48
C VAL C 341 -39.83 -13.82 -42.58
N SER C 342 -40.53 -12.85 -43.16
CA SER C 342 -40.04 -11.49 -43.42
C SER C 342 -40.94 -10.49 -42.70
N GLY C 343 -40.32 -9.47 -42.14
CA GLY C 343 -41.02 -8.50 -41.34
C GLY C 343 -41.35 -7.23 -42.09
N GLY C 344 -42.40 -6.57 -41.61
CA GLY C 344 -42.91 -5.33 -42.14
C GLY C 344 -43.93 -5.61 -43.20
N ALA C 345 -45.18 -5.63 -42.75
CA ALA C 345 -46.33 -6.14 -43.48
C ALA C 345 -47.35 -5.04 -43.65
N GLU C 346 -46.90 -3.83 -43.97
CA GLU C 346 -47.84 -2.74 -44.13
C GLU C 346 -48.81 -3.09 -45.25
N HIS C 347 -50.10 -3.15 -44.92
CA HIS C 347 -51.14 -3.52 -45.87
C HIS C 347 -50.94 -4.92 -46.41
N GLN C 348 -50.25 -5.75 -45.64
CA GLN C 348 -50.02 -7.16 -45.95
C GLN C 348 -50.61 -7.93 -44.75
N GLY C 349 -51.78 -8.51 -44.97
CA GLY C 349 -52.62 -9.06 -43.94
C GLY C 349 -53.16 -8.00 -42.98
N PRO C 350 -53.90 -8.45 -41.96
CA PRO C 350 -54.45 -7.50 -40.97
C PRO C 350 -53.36 -6.90 -40.10
N ASP C 351 -53.76 -5.88 -39.35
CA ASP C 351 -52.85 -5.28 -38.38
C ASP C 351 -52.46 -6.33 -37.34
N GLY C 352 -51.17 -6.67 -37.31
CA GLY C 352 -50.65 -7.70 -36.42
C GLY C 352 -50.57 -9.07 -37.04
N GLY C 353 -51.03 -9.23 -38.28
CA GLY C 353 -50.96 -10.50 -38.98
C GLY C 353 -50.27 -10.41 -40.32
N GLY C 354 -50.41 -11.45 -41.15
CA GLY C 354 -49.67 -11.49 -42.39
C GLY C 354 -49.93 -12.71 -43.26
N PRO C 355 -49.66 -12.58 -44.55
CA PRO C 355 -49.82 -13.72 -45.47
C PRO C 355 -48.89 -14.89 -45.16
N ILE C 356 -49.35 -16.10 -45.50
CA ILE C 356 -48.54 -17.33 -45.40
C ILE C 356 -48.83 -18.25 -46.59
N ALA C 357 -47.80 -18.63 -47.33
CA ALA C 357 -47.93 -19.51 -48.48
C ALA C 357 -47.11 -20.77 -48.26
N VAL C 358 -47.52 -21.87 -48.90
CA VAL C 358 -46.79 -23.14 -48.84
C VAL C 358 -46.57 -23.64 -50.26
N ILE C 359 -45.31 -23.94 -50.60
CA ILE C 359 -44.96 -24.66 -51.82
C ILE C 359 -44.71 -26.12 -51.45
N ALA C 360 -45.44 -27.03 -52.11
CA ALA C 360 -45.44 -28.46 -51.79
C ALA C 360 -45.41 -29.32 -53.05
N ARG C 361 -44.77 -30.48 -52.95
CA ARG C 361 -44.86 -31.50 -53.99
C ARG C 361 -46.26 -32.11 -54.07
N VAL C 362 -46.70 -32.44 -55.28
CA VAL C 362 -47.95 -33.17 -55.46
C VAL C 362 -47.78 -34.63 -55.07
N MET D 1 -29.05 31.57 8.84
CA MET D 1 -28.17 31.53 7.67
C MET D 1 -28.27 30.18 6.97
N GLN D 2 -28.35 30.20 5.65
CA GLN D 2 -28.52 28.96 4.92
C GLN D 2 -27.15 28.35 4.68
N LYS D 3 -27.06 27.04 4.89
CA LYS D 3 -25.88 26.25 4.58
C LYS D 3 -26.28 25.04 3.76
N VAL D 4 -25.69 24.88 2.59
CA VAL D 4 -25.97 23.72 1.75
C VAL D 4 -24.82 22.74 1.85
N GLU D 5 -25.15 21.46 2.08
CA GLU D 5 -24.19 20.38 2.02
C GLU D 5 -24.60 19.40 0.93
N VAL D 6 -23.62 18.86 0.21
CA VAL D 6 -23.89 17.99 -0.93
C VAL D 6 -23.02 16.74 -0.79
N PHE D 7 -23.63 15.56 -0.91
CA PHE D 7 -22.92 14.30 -0.70
C PHE D 7 -23.07 13.40 -1.91
N ARG D 8 -21.95 13.01 -2.53
CA ARG D 8 -21.98 12.09 -3.66
C ARG D 8 -21.68 10.68 -3.16
N ILE D 9 -22.63 9.77 -3.34
CA ILE D 9 -22.64 8.48 -2.67
C ILE D 9 -22.71 7.38 -3.72
N PRO D 10 -21.70 6.52 -3.81
CA PRO D 10 -21.79 5.37 -4.73
C PRO D 10 -22.89 4.42 -4.28
N THR D 11 -23.53 3.79 -5.26
CA THR D 11 -24.56 2.79 -4.99
C THR D 11 -24.16 1.46 -5.62
N ALA D 12 -24.57 0.38 -4.96
CA ALA D 12 -24.28 -0.95 -5.45
C ALA D 12 -25.39 -1.50 -6.32
N SER D 13 -26.55 -0.87 -6.29
CA SER D 13 -27.74 -1.29 -7.01
C SER D 13 -28.73 -0.15 -6.85
N PRO D 14 -29.82 -0.14 -7.60
CA PRO D 14 -30.78 0.96 -7.49
C PRO D 14 -31.35 1.13 -6.10
N ASP D 15 -31.51 0.03 -5.36
CA ASP D 15 -32.12 0.05 -4.03
C ASP D 15 -31.12 0.18 -2.89
N ASP D 16 -29.85 0.49 -3.18
CA ASP D 16 -28.81 0.56 -2.16
C ASP D 16 -28.92 1.88 -1.38
N ILE D 17 -29.32 1.78 -0.12
CA ILE D 17 -29.39 2.93 0.77
C ILE D 17 -28.26 2.90 1.80
N SER D 18 -27.31 1.97 1.66
CA SER D 18 -26.35 1.74 2.72
C SER D 18 -25.42 2.93 2.90
N GLY D 19 -25.01 3.57 1.80
CA GLY D 19 -24.14 4.73 1.94
C GLY D 19 -24.84 5.91 2.59
N LEU D 20 -26.08 6.17 2.18
CA LEU D 20 -26.86 7.22 2.84
C LEU D 20 -27.09 6.88 4.31
N ALA D 21 -27.46 5.64 4.61
CA ALA D 21 -27.67 5.25 6.00
C ALA D 21 -26.39 5.40 6.82
N THR D 22 -25.24 5.08 6.23
CA THR D 22 -23.97 5.24 6.93
C THR D 22 -23.70 6.69 7.24
N LEU D 23 -23.98 7.59 6.28
CA LEU D 23 -23.78 9.01 6.50
C LEU D 23 -24.77 9.56 7.54
N ILE D 24 -25.96 9.00 7.60
CA ILE D 24 -26.93 9.40 8.63
C ILE D 24 -26.46 8.91 9.99
N ASP D 25 -26.05 7.64 10.05
CA ASP D 25 -25.65 7.00 11.30
C ASP D 25 -24.37 7.59 11.85
N SER D 26 -23.53 8.19 11.00
CA SER D 26 -22.32 8.83 11.50
C SER D 26 -22.58 10.26 11.95
N GLY D 27 -23.79 10.76 11.73
CA GLY D 27 -24.14 12.12 12.08
C GLY D 27 -23.81 13.18 11.06
N LYS D 28 -23.33 12.81 9.88
CA LYS D 28 -22.96 13.84 8.91
C LYS D 28 -24.19 14.42 8.21
N ILE D 29 -25.26 13.64 8.09
CA ILE D 29 -26.50 14.10 7.46
C ILE D 29 -27.62 13.86 8.44
N ASN D 30 -28.40 14.92 8.71
CA ASN D 30 -29.69 14.79 9.37
C ASN D 30 -30.75 14.55 8.32
N PRO D 31 -31.42 13.39 8.28
CA PRO D 31 -32.35 13.15 7.17
C PRO D 31 -33.48 14.16 7.07
N ALA D 32 -33.86 14.79 8.18
CA ALA D 32 -34.92 15.79 8.14
C ALA D 32 -34.50 17.04 7.37
N GLU D 33 -33.21 17.21 7.11
CA GLU D 33 -32.69 18.36 6.40
C GLU D 33 -32.41 18.06 4.93
N ILE D 34 -32.67 16.82 4.50
CA ILE D 34 -32.52 16.50 3.09
C ILE D 34 -33.59 17.24 2.30
N VAL D 35 -33.18 17.89 1.22
CA VAL D 35 -34.11 18.58 0.35
C VAL D 35 -34.15 17.96 -1.02
N ALA D 36 -33.15 17.19 -1.43
CA ALA D 36 -33.22 16.63 -2.77
C ALA D 36 -32.24 15.48 -2.92
N ILE D 37 -32.60 14.52 -3.75
CA ILE D 37 -31.69 13.44 -4.10
C ILE D 37 -31.73 13.26 -5.61
N LEU D 38 -30.56 13.33 -6.24
CA LEU D 38 -30.44 13.22 -7.69
C LEU D 38 -29.63 11.95 -7.99
N GLY D 39 -30.25 10.97 -8.64
CA GLY D 39 -29.62 9.69 -8.85
C GLY D 39 -29.27 9.40 -10.30
N LYS D 40 -28.22 8.61 -10.48
CA LYS D 40 -27.95 7.83 -11.68
C LYS D 40 -28.19 6.36 -11.36
N THR D 41 -29.19 5.77 -12.02
CA THR D 41 -29.59 4.38 -11.83
C THR D 41 -29.29 3.58 -13.09
N GLU D 42 -29.03 2.30 -12.91
CA GLU D 42 -28.33 1.50 -13.91
C GLU D 42 -29.27 0.78 -14.89
N GLY D 43 -30.53 1.20 -14.99
CA GLY D 43 -31.34 0.69 -16.08
C GLY D 43 -30.94 1.27 -17.42
N ASN D 44 -31.76 0.97 -18.43
CA ASN D 44 -31.45 1.31 -19.81
C ASN D 44 -31.78 2.75 -20.19
N GLY D 45 -32.37 3.54 -19.29
CA GLY D 45 -32.69 4.91 -19.60
C GLY D 45 -33.77 5.07 -20.67
N SER D 46 -35.02 4.82 -20.31
CA SER D 46 -36.05 4.83 -21.33
C SER D 46 -37.45 4.73 -20.74
N VAL D 47 -38.42 4.34 -21.57
CA VAL D 47 -39.80 4.20 -21.11
C VAL D 47 -39.91 3.02 -20.15
N ASN D 48 -39.49 1.84 -20.60
CA ASN D 48 -39.62 0.64 -19.77
C ASN D 48 -38.36 0.49 -18.93
N ASP D 49 -38.07 1.54 -18.16
CA ASP D 49 -36.98 1.55 -17.19
C ASP D 49 -37.64 1.73 -15.83
N PHE D 50 -37.66 0.66 -15.04
CA PHE D 50 -38.27 0.70 -13.72
C PHE D 50 -37.27 0.84 -12.59
N THR D 51 -35.98 0.92 -12.90
CA THR D 51 -35.01 1.18 -11.84
C THR D 51 -35.20 2.57 -11.25
N ARG D 52 -35.67 3.54 -12.05
CA ARG D 52 -35.89 4.88 -11.50
C ARG D 52 -36.96 4.86 -10.41
N CYS D 53 -38.13 4.33 -10.71
CA CYS D 53 -39.14 4.21 -9.67
C CYS D 53 -38.70 3.26 -8.57
N PHE D 54 -37.89 2.25 -8.90
CA PHE D 54 -37.42 1.35 -7.87
C PHE D 54 -36.58 2.09 -6.85
N ALA D 55 -35.69 2.94 -7.35
CA ALA D 55 -34.84 3.75 -6.49
C ALA D 55 -35.66 4.73 -5.67
N THR D 56 -36.60 5.42 -6.33
CA THR D 56 -37.40 6.38 -5.58
C THR D 56 -38.21 5.70 -4.49
N GLN D 57 -38.88 4.60 -4.82
CA GLN D 57 -39.64 3.88 -3.81
C GLN D 57 -38.74 3.45 -2.66
N SER D 58 -37.54 2.92 -2.97
CA SER D 58 -36.66 2.41 -1.93
C SER D 58 -36.13 3.52 -1.03
N LEU D 59 -35.75 4.66 -1.61
CA LEU D 59 -35.23 5.77 -0.81
C LEU D 59 -36.33 6.40 0.03
N ALA D 60 -37.53 6.56 -0.54
CA ALA D 60 -38.62 7.13 0.23
C ALA D 60 -39.00 6.21 1.37
N MET D 61 -38.98 4.90 1.13
CA MET D 61 -39.22 3.95 2.19
C MET D 61 -38.21 4.11 3.32
N TYR D 62 -36.91 4.13 2.97
CA TYR D 62 -35.87 4.25 3.99
C TYR D 62 -36.01 5.55 4.78
N LEU D 63 -36.17 6.68 4.07
CA LEU D 63 -36.26 7.96 4.76
C LEU D 63 -37.52 8.06 5.59
N ALA D 64 -38.64 7.52 5.09
CA ALA D 64 -39.87 7.51 5.88
C ALA D 64 -39.66 6.80 7.20
N GLU D 65 -38.96 5.65 7.18
CA GLU D 65 -38.75 4.93 8.43
C GLU D 65 -37.79 5.67 9.34
N LYS D 66 -36.77 6.33 8.77
CA LYS D 66 -35.84 7.10 9.62
C LYS D 66 -36.51 8.32 10.24
N LEU D 67 -37.43 8.96 9.50
CA LEU D 67 -38.06 10.20 9.92
C LEU D 67 -39.36 9.99 10.68
N GLY D 68 -39.90 8.77 10.69
CA GLY D 68 -41.18 8.52 11.35
C GLY D 68 -42.38 9.13 10.66
N ILE D 69 -42.36 9.21 9.34
CA ILE D 69 -43.45 9.74 8.56
C ILE D 69 -43.80 8.74 7.45
N SER D 70 -44.87 9.05 6.70
CA SER D 70 -45.34 8.17 5.66
C SER D 70 -44.50 8.33 4.39
N ARG D 71 -44.50 7.29 3.57
CA ARG D 71 -43.83 7.38 2.27
C ARG D 71 -44.37 8.53 1.43
N GLU D 72 -45.69 8.73 1.44
CA GLU D 72 -46.24 9.81 0.61
C GLU D 72 -45.66 11.15 1.04
N GLU D 73 -45.54 11.36 2.35
CA GLU D 73 -44.98 12.61 2.85
C GLU D 73 -43.50 12.72 2.53
N VAL D 74 -42.75 11.61 2.64
CA VAL D 74 -41.34 11.65 2.30
C VAL D 74 -41.12 12.05 0.85
N VAL D 75 -41.90 11.46 -0.06
CA VAL D 75 -41.73 11.79 -1.48
C VAL D 75 -42.23 13.19 -1.77
N LYS D 76 -43.15 13.69 -0.95
CA LYS D 76 -43.62 15.07 -1.05
C LYS D 76 -42.63 16.09 -0.48
N LYS D 77 -41.70 15.66 0.38
CA LYS D 77 -40.81 16.57 1.11
C LYS D 77 -39.44 16.65 0.45
N VAL D 78 -39.01 15.59 -0.22
CA VAL D 78 -37.67 15.44 -0.75
C VAL D 78 -37.82 15.20 -2.26
N ALA D 79 -37.05 15.94 -3.05
CA ALA D 79 -37.02 15.68 -4.48
C ALA D 79 -36.28 14.38 -4.75
N PHE D 80 -36.87 13.53 -5.57
CA PHE D 80 -36.24 12.29 -6.01
C PHE D 80 -36.16 12.33 -7.53
N ILE D 81 -34.96 12.51 -8.04
CA ILE D 81 -34.72 12.63 -9.46
C ILE D 81 -33.81 11.49 -9.86
N MET D 82 -34.37 10.49 -10.53
CA MET D 82 -33.61 9.32 -10.93
C MET D 82 -33.44 9.32 -12.44
N SER D 83 -32.21 9.49 -12.90
CA SER D 83 -31.88 9.46 -14.32
C SER D 83 -31.38 8.06 -14.62
N GLY D 84 -32.13 7.25 -15.39
CA GLY D 84 -31.64 5.94 -15.72
C GLY D 84 -30.55 6.00 -16.77
N GLY D 85 -29.90 4.86 -17.02
CA GLY D 85 -28.86 4.80 -18.04
C GLY D 85 -27.48 5.15 -17.52
N THR D 86 -26.63 4.17 -17.27
CA THR D 86 -25.24 4.40 -16.84
C THR D 86 -24.32 3.69 -17.83
N GLU D 87 -24.29 4.22 -19.05
CA GLU D 87 -23.56 3.63 -20.16
C GLU D 87 -22.09 3.99 -20.10
N GLY D 88 -21.29 3.31 -20.91
CA GLY D 88 -19.87 3.57 -20.92
C GLY D 88 -19.31 3.22 -19.55
N VAL D 89 -18.51 4.11 -18.96
CA VAL D 89 -17.95 3.87 -17.63
C VAL D 89 -18.75 4.55 -16.51
N MET D 90 -19.90 5.16 -16.81
CA MET D 90 -20.65 5.92 -15.81
C MET D 90 -21.11 5.02 -14.66
N THR D 91 -20.82 5.46 -13.37
CA THR D 91 -21.01 4.73 -12.11
C THR D 91 -22.33 5.09 -11.43
N PRO D 92 -23.16 4.12 -11.09
CA PRO D 92 -24.40 4.42 -10.37
C PRO D 92 -24.13 5.12 -9.05
N HIS D 93 -24.96 6.11 -8.74
CA HIS D 93 -24.72 6.86 -7.51
C HIS D 93 -25.91 7.76 -7.22
N ILE D 94 -25.93 8.33 -6.02
CA ILE D 94 -26.89 9.39 -5.71
C ILE D 94 -26.14 10.61 -5.18
N THR D 95 -26.68 11.78 -5.44
CA THR D 95 -26.17 13.05 -4.91
C THR D 95 -27.25 13.62 -3.99
N VAL D 96 -26.93 13.73 -2.71
CA VAL D 96 -27.91 14.15 -1.72
C VAL D 96 -27.64 15.61 -1.36
N PHE D 97 -28.67 16.44 -1.52
CA PHE D 97 -28.65 17.86 -1.22
C PHE D 97 -29.35 18.09 0.10
N VAL D 98 -28.62 18.68 1.05
CA VAL D 98 -29.06 19.02 2.39
C VAL D 98 -29.04 20.52 2.56
N ARG D 99 -30.12 21.10 3.09
CA ARG D 99 -30.14 22.54 3.34
C ARG D 99 -30.43 22.72 4.83
N LYS D 100 -29.50 23.32 5.55
CA LYS D 100 -29.65 23.61 6.97
C LYS D 100 -29.79 25.12 7.17
N ASP D 101 -30.53 25.50 8.21
CA ASP D 101 -30.54 26.87 8.70
C ASP D 101 -29.57 26.92 9.88
N VAL D 102 -28.39 27.49 9.67
CA VAL D 102 -27.36 27.51 10.68
C VAL D 102 -27.12 28.95 11.14
N ALA D 103 -26.73 29.07 12.40
CA ALA D 103 -26.41 30.36 13.01
C ALA D 103 -24.91 30.59 12.86
N ALA D 104 -24.52 31.19 11.75
CA ALA D 104 -23.14 31.52 11.45
C ALA D 104 -23.15 32.69 10.49
N PRO D 105 -22.10 33.51 10.48
CA PRO D 105 -22.10 34.70 9.62
C PRO D 105 -22.08 34.33 8.15
N ALA D 106 -22.43 35.32 7.32
CA ALA D 106 -22.35 35.13 5.88
C ALA D 106 -20.89 34.97 5.48
N ALA D 107 -20.58 33.87 4.81
CA ALA D 107 -19.22 33.66 4.35
C ALA D 107 -18.82 34.78 3.39
N PRO D 108 -17.52 35.05 3.26
CA PRO D 108 -17.07 36.15 2.40
C PRO D 108 -17.47 35.90 0.95
N GLY D 109 -18.12 36.90 0.34
CA GLY D 109 -18.54 36.73 -1.03
C GLY D 109 -19.79 35.87 -1.13
N LYS D 110 -19.90 35.17 -2.25
CA LYS D 110 -21.04 34.31 -2.52
C LYS D 110 -20.68 32.84 -2.33
N ARG D 111 -21.63 32.06 -1.82
CA ARG D 111 -21.43 30.65 -1.55
C ARG D 111 -22.70 29.89 -1.94
N LEU D 112 -22.60 28.57 -1.97
CA LEU D 112 -23.68 27.77 -2.55
C LEU D 112 -25.01 28.09 -1.87
N ALA D 113 -26.03 28.25 -2.70
CA ALA D 113 -27.38 28.50 -2.25
C ALA D 113 -28.32 27.67 -3.10
N VAL D 114 -29.41 27.23 -2.48
CA VAL D 114 -30.39 26.37 -3.11
C VAL D 114 -31.77 26.89 -2.75
N GLY D 115 -32.66 26.84 -3.73
CA GLY D 115 -34.04 27.22 -3.55
C GLY D 115 -34.97 26.24 -4.24
N VAL D 116 -36.19 26.19 -3.74
CA VAL D 116 -37.16 25.22 -4.18
C VAL D 116 -38.45 25.95 -4.48
N ALA D 117 -39.13 25.51 -5.53
CA ALA D 117 -40.43 26.05 -5.89
C ALA D 117 -41.20 25.00 -6.69
N PHE D 118 -42.52 25.09 -6.60
CA PHE D 118 -43.40 24.18 -7.34
C PHE D 118 -44.25 25.05 -8.24
N THR D 119 -44.59 24.52 -9.42
CA THR D 119 -45.55 25.21 -10.25
C THR D 119 -46.98 24.78 -9.91
N ARG D 120 -47.94 25.52 -10.46
CA ARG D 120 -49.32 25.08 -10.49
C ARG D 120 -49.43 23.83 -11.33
N ASP D 121 -50.54 23.10 -11.13
CA ASP D 121 -50.86 22.01 -12.02
C ASP D 121 -51.11 22.54 -13.44
N PHE D 122 -50.75 21.75 -14.44
CA PHE D 122 -51.00 22.11 -15.83
C PHE D 122 -52.17 21.36 -16.43
N LEU D 123 -52.92 22.05 -17.28
CA LEU D 123 -53.88 21.38 -18.14
C LEU D 123 -53.11 20.62 -19.23
N PRO D 124 -53.67 19.52 -19.73
CA PRO D 124 -52.93 18.72 -20.73
C PRO D 124 -52.53 19.53 -21.95
N GLU D 125 -53.38 20.46 -22.37
CA GLU D 125 -53.13 21.29 -23.54
C GLU D 125 -52.06 22.34 -23.31
N GLU D 126 -51.50 22.45 -22.10
CA GLU D 126 -50.43 23.41 -21.87
C GLU D 126 -49.02 22.84 -22.03
N LEU D 127 -48.83 21.52 -22.00
CA LEU D 127 -47.45 21.03 -22.10
C LEU D 127 -46.87 21.37 -23.47
N GLY D 128 -45.62 21.78 -23.48
CA GLY D 128 -44.94 22.09 -24.73
C GLY D 128 -45.36 23.40 -25.33
N ARG D 129 -46.08 24.23 -24.57
CA ARG D 129 -46.64 25.48 -25.08
C ARG D 129 -46.31 26.62 -24.12
N MET D 130 -46.69 27.84 -24.53
CA MET D 130 -46.23 29.02 -23.82
C MET D 130 -46.75 29.05 -22.39
N GLU D 131 -47.92 28.46 -22.11
CA GLU D 131 -48.39 28.41 -20.74
C GLU D 131 -47.39 27.66 -19.84
N GLN D 132 -46.81 26.57 -20.33
CA GLN D 132 -45.79 25.87 -19.55
C GLN D 132 -44.53 26.70 -19.42
N VAL D 133 -44.08 27.31 -20.52
CA VAL D 133 -42.92 28.19 -20.44
C VAL D 133 -43.14 29.22 -19.33
N ASN D 134 -44.28 29.90 -19.34
CA ASN D 134 -44.46 31.03 -18.44
C ASN D 134 -44.59 30.55 -17.01
N GLU D 135 -45.31 29.44 -16.78
CA GLU D 135 -45.43 28.94 -15.42
C GLU D 135 -44.07 28.44 -14.89
N VAL D 136 -43.27 27.79 -15.73
CA VAL D 136 -41.95 27.37 -15.29
C VAL D 136 -41.10 28.59 -14.94
N ALA D 137 -41.14 29.63 -15.79
CA ALA D 137 -40.36 30.85 -15.52
C ALA D 137 -40.76 31.47 -14.18
N ARG D 138 -42.06 31.61 -13.94
CA ARG D 138 -42.53 32.13 -12.67
C ARG D 138 -41.97 31.32 -11.51
N ALA D 139 -42.01 29.98 -11.63
CA ALA D 139 -41.49 29.16 -10.54
C ALA D 139 -39.98 29.34 -10.38
N VAL D 140 -39.26 29.53 -11.49
CA VAL D 140 -37.82 29.77 -11.39
C VAL D 140 -37.53 31.06 -10.63
N LYS D 141 -38.30 32.12 -10.92
CA LYS D 141 -38.13 33.37 -10.16
C LYS D 141 -38.43 33.17 -8.68
N GLU D 142 -39.48 32.41 -8.36
CA GLU D 142 -39.79 32.14 -6.97
C GLU D 142 -38.67 31.36 -6.29
N ALA D 143 -38.08 30.39 -6.98
CA ALA D 143 -36.99 29.63 -6.39
C ALA D 143 -35.77 30.51 -6.17
N MET D 144 -35.52 31.47 -7.09
CA MET D 144 -34.43 32.41 -6.86
C MET D 144 -34.67 33.20 -5.60
N LYS D 145 -35.90 33.67 -5.38
CA LYS D 145 -36.16 34.35 -4.12
C LYS D 145 -35.90 33.43 -2.94
N ASP D 146 -36.38 32.18 -3.01
CA ASP D 146 -36.11 31.22 -1.94
C ASP D 146 -34.62 31.03 -1.69
N ALA D 147 -33.80 31.11 -2.75
CA ALA D 147 -32.36 30.92 -2.60
C ALA D 147 -31.62 32.17 -2.17
N GLN D 148 -32.28 33.32 -2.08
CA GLN D 148 -31.58 34.56 -1.78
C GLN D 148 -30.53 34.84 -2.85
N ILE D 149 -30.89 34.57 -4.10
CA ILE D 149 -30.08 34.87 -5.27
C ILE D 149 -30.82 35.94 -6.06
N ASP D 150 -30.18 37.09 -6.23
CA ASP D 150 -30.77 38.18 -6.99
C ASP D 150 -30.22 38.29 -8.40
N ASP D 151 -29.05 37.74 -8.68
CA ASP D 151 -28.46 37.91 -9.99
C ASP D 151 -28.64 36.63 -10.79
N PRO D 152 -29.36 36.63 -11.92
CA PRO D 152 -29.51 35.39 -12.68
C PRO D 152 -28.19 34.83 -13.13
N ARG D 153 -27.16 35.66 -13.23
CA ARG D 153 -25.83 35.17 -13.59
C ARG D 153 -25.30 34.25 -12.50
N ASP D 154 -25.88 34.31 -11.30
CA ASP D 154 -25.47 33.47 -10.19
C ASP D 154 -26.29 32.19 -10.08
N VAL D 155 -27.21 31.92 -11.01
CA VAL D 155 -27.87 30.62 -11.07
C VAL D 155 -27.04 29.76 -12.01
N HIS D 156 -26.62 28.61 -11.51
CA HIS D 156 -25.72 27.70 -12.21
C HIS D 156 -26.35 26.35 -12.54
N PHE D 157 -27.52 26.07 -11.98
CA PHE D 157 -28.24 24.83 -12.22
C PHE D 157 -29.69 24.99 -11.82
N VAL D 158 -30.58 24.68 -12.74
CA VAL D 158 -32.00 24.69 -12.47
C VAL D 158 -32.52 23.32 -12.84
N GLN D 159 -32.81 22.51 -11.84
CA GLN D 159 -33.24 21.15 -12.06
C GLN D 159 -34.75 21.14 -12.04
N ILE D 160 -35.36 20.54 -13.04
CA ILE D 160 -36.80 20.55 -13.14
C ILE D 160 -37.24 19.12 -13.30
N LYS D 161 -38.32 18.79 -12.63
CA LYS D 161 -39.13 17.61 -12.86
C LYS D 161 -40.42 18.11 -13.48
N ALA D 162 -40.63 17.80 -14.77
CA ALA D 162 -41.59 18.38 -15.69
C ALA D 162 -42.59 17.34 -16.19
N PRO D 163 -43.87 17.71 -16.39
CA PRO D 163 -44.92 16.71 -16.63
C PRO D 163 -44.86 16.07 -18.01
N LEU D 164 -45.79 15.18 -18.29
CA LEU D 164 -45.90 14.56 -19.60
C LEU D 164 -47.37 14.30 -19.88
N LEU D 165 -47.68 13.85 -21.08
CA LEU D 165 -49.05 13.48 -21.40
C LEU D 165 -49.21 11.97 -21.32
N THR D 166 -50.35 11.56 -20.77
CA THR D 166 -50.82 10.18 -20.83
C THR D 166 -52.10 10.13 -21.65
N ALA D 167 -52.53 8.92 -21.96
CA ALA D 167 -53.75 8.74 -22.72
C ALA D 167 -54.95 9.35 -22.00
N GLU D 168 -55.00 9.21 -20.67
CA GLU D 168 -56.15 9.75 -19.95
C GLU D 168 -56.21 11.27 -20.01
N ARG D 169 -55.07 11.96 -19.93
CA ARG D 169 -55.11 13.41 -19.99
C ARG D 169 -55.41 13.90 -21.41
N ILE D 170 -54.89 13.19 -22.41
CA ILE D 170 -55.23 13.52 -23.80
C ILE D 170 -56.72 13.35 -24.05
N GLU D 171 -57.31 12.27 -23.54
CA GLU D 171 -58.75 12.08 -23.70
C GLU D 171 -59.53 13.17 -22.98
N ASP D 172 -59.05 13.60 -21.82
CA ASP D 172 -59.71 14.73 -21.14
C ASP D 172 -59.66 15.98 -22.00
N ALA D 173 -58.48 16.30 -22.54
CA ALA D 173 -58.33 17.45 -23.42
C ALA D 173 -59.28 17.37 -24.59
N LYS D 174 -59.39 16.19 -25.21
CA LYS D 174 -60.31 16.03 -26.32
C LYS D 174 -61.73 16.33 -25.88
N ARG D 175 -62.11 15.84 -24.69
CA ARG D 175 -63.47 16.10 -24.21
C ARG D 175 -63.74 17.60 -24.08
N ARG D 176 -62.74 18.39 -23.70
CA ARG D 176 -62.92 19.84 -23.58
C ARG D 176 -62.73 20.60 -24.88
N GLY D 177 -62.55 19.90 -26.01
CA GLY D 177 -62.43 20.59 -27.26
C GLY D 177 -61.07 21.15 -27.57
N LYS D 178 -60.02 20.57 -27.00
CA LYS D 178 -58.68 21.11 -27.16
C LYS D 178 -57.81 20.02 -27.78
N ASP D 179 -56.78 20.46 -28.48
CA ASP D 179 -55.78 19.57 -29.02
C ASP D 179 -54.51 19.79 -28.22
N VAL D 180 -53.74 18.72 -28.09
CA VAL D 180 -52.51 18.75 -27.35
C VAL D 180 -51.35 18.97 -28.31
N VAL D 181 -50.19 19.29 -27.76
CA VAL D 181 -49.04 19.67 -28.60
C VAL D 181 -48.64 18.47 -29.44
N VAL D 182 -48.77 17.26 -28.89
CA VAL D 182 -48.49 16.03 -29.60
C VAL D 182 -49.37 14.93 -29.01
N ASN D 183 -49.89 14.06 -29.87
CA ASN D 183 -50.76 12.98 -29.42
C ASN D 183 -49.92 11.71 -29.22
N ASP D 184 -48.89 11.88 -28.39
CA ASP D 184 -47.86 10.85 -28.23
C ASP D 184 -47.20 11.05 -26.88
N THR D 185 -47.31 10.08 -25.98
CA THR D 185 -46.82 10.33 -24.62
C THR D 185 -45.29 10.43 -24.62
N TYR D 186 -44.61 9.53 -25.32
CA TYR D 186 -43.16 9.58 -25.32
C TYR D 186 -42.67 10.89 -25.95
N LYS D 187 -43.23 11.27 -27.11
CA LYS D 187 -42.82 12.55 -27.67
C LYS D 187 -43.25 13.71 -26.76
N SER D 188 -44.33 13.50 -26.02
CA SER D 188 -44.77 14.53 -25.09
C SER D 188 -43.67 14.80 -24.08
N MET D 189 -42.88 13.77 -23.76
CA MET D 189 -41.77 13.98 -22.83
C MET D 189 -40.75 14.97 -23.40
N ALA D 190 -40.46 14.87 -24.69
CA ALA D 190 -39.51 15.78 -25.32
C ALA D 190 -40.06 17.20 -25.31
N TYR D 191 -41.36 17.33 -25.57
CA TYR D 191 -41.96 18.66 -25.59
C TYR D 191 -41.99 19.29 -24.19
N SER D 192 -42.27 18.47 -23.17
CA SER D 192 -42.28 18.99 -21.80
C SER D 192 -40.88 19.40 -21.37
N ARG D 193 -39.88 18.57 -21.67
CA ARG D 193 -38.51 18.95 -21.34
C ARG D 193 -38.12 20.26 -22.02
N GLY D 194 -38.49 20.40 -23.30
CA GLY D 194 -38.03 21.58 -24.03
C GLY D 194 -38.71 22.85 -23.55
N ALA D 195 -40.03 22.79 -23.37
CA ALA D 195 -40.75 23.95 -22.83
C ALA D 195 -40.24 24.33 -21.44
N SER D 196 -39.98 23.36 -20.56
CA SER D 196 -39.48 23.72 -19.24
C SER D 196 -38.11 24.38 -19.35
N ALA D 197 -37.23 23.85 -20.20
CA ALA D 197 -35.92 24.46 -20.32
C ALA D 197 -36.02 25.87 -20.89
N LEU D 198 -36.89 26.07 -21.87
CA LEU D 198 -37.07 27.42 -22.38
C LEU D 198 -37.65 28.35 -21.32
N GLY D 199 -38.51 27.82 -20.45
CA GLY D 199 -39.00 28.63 -19.33
C GLY D 199 -37.89 29.06 -18.39
N VAL D 200 -36.94 28.16 -18.15
CA VAL D 200 -35.77 28.55 -17.35
C VAL D 200 -35.01 29.66 -18.04
N ALA D 201 -34.73 29.48 -19.33
CA ALA D 201 -33.98 30.50 -20.06
C ALA D 201 -34.69 31.84 -20.00
N LEU D 202 -36.02 31.83 -20.12
CA LEU D 202 -36.80 33.06 -20.02
C LEU D 202 -36.65 33.72 -18.66
N ALA D 203 -36.81 32.95 -17.58
CA ALA D 203 -36.75 33.53 -16.24
C ALA D 203 -35.39 34.16 -15.94
N LEU D 204 -34.32 33.56 -16.44
CA LEU D 204 -32.95 33.99 -16.15
C LEU D 204 -32.40 35.00 -17.15
N GLY D 205 -33.16 35.37 -18.17
CA GLY D 205 -32.69 36.31 -19.15
C GLY D 205 -31.72 35.78 -20.18
N GLU D 206 -31.65 34.47 -20.38
CA GLU D 206 -30.75 33.92 -21.37
C GLU D 206 -31.29 34.08 -22.78
N ILE D 207 -32.60 34.21 -22.91
CA ILE D 207 -33.29 34.51 -24.16
C ILE D 207 -34.37 35.51 -23.84
N SER D 208 -34.75 36.30 -24.84
CA SER D 208 -35.80 37.29 -24.65
C SER D 208 -37.16 36.71 -25.03
N ALA D 209 -38.20 37.19 -24.34
CA ALA D 209 -39.54 36.64 -24.50
C ALA D 209 -40.00 36.71 -25.95
N ASP D 210 -39.65 37.79 -26.65
CA ASP D 210 -40.12 38.01 -28.01
C ASP D 210 -39.62 36.95 -28.98
N LYS D 211 -38.61 36.15 -28.59
CA LYS D 211 -38.06 35.10 -29.45
C LYS D 211 -38.74 33.75 -29.24
N ILE D 212 -39.63 33.62 -28.27
CA ILE D 212 -40.24 32.34 -27.90
C ILE D 212 -41.70 32.27 -28.37
N SER D 213 -42.06 31.16 -29.01
CA SER D 213 -43.44 30.90 -29.43
C SER D 213 -43.62 29.39 -29.42
N ASN D 214 -44.89 28.96 -29.51
CA ASN D 214 -45.17 27.52 -29.53
C ASN D 214 -44.43 26.80 -30.66
N GLU D 215 -44.34 27.42 -31.84
CA GLU D 215 -43.75 26.69 -32.94
C GLU D 215 -42.26 26.48 -32.75
N ALA D 216 -41.63 27.35 -31.97
CA ALA D 216 -40.21 27.23 -31.68
C ALA D 216 -39.90 26.19 -30.64
N ILE D 217 -40.87 25.83 -29.79
CA ILE D 217 -40.54 24.97 -28.65
C ILE D 217 -40.08 23.55 -28.99
N VAL D 218 -40.14 23.08 -30.22
CA VAL D 218 -39.26 21.95 -30.50
C VAL D 218 -38.61 22.10 -31.86
N HIS D 219 -38.62 23.31 -32.39
CA HIS D 219 -38.13 23.54 -33.74
C HIS D 219 -36.87 24.39 -33.79
N ASP D 220 -36.80 25.48 -33.03
CA ASP D 220 -35.65 26.38 -33.09
C ASP D 220 -34.66 26.01 -32.01
N TRP D 221 -33.66 25.20 -32.40
CA TRP D 221 -32.64 24.75 -31.47
C TRP D 221 -31.60 25.82 -31.16
N ASN D 222 -31.71 27.00 -31.77
CA ASN D 222 -30.89 28.12 -31.36
C ASN D 222 -31.36 28.71 -30.04
N LEU D 223 -32.55 28.36 -29.59
CA LEU D 223 -33.07 28.79 -28.29
C LEU D 223 -32.76 27.74 -27.24
N TYR D 224 -31.95 28.12 -26.26
CA TYR D 224 -31.65 27.19 -25.18
C TYR D 224 -31.17 27.96 -23.96
N SER D 225 -31.33 27.31 -22.82
CA SER D 225 -30.79 27.72 -21.53
C SER D 225 -29.45 27.05 -21.29
N SER D 226 -28.54 27.78 -20.64
CA SER D 226 -27.23 27.27 -20.28
C SER D 226 -27.14 26.67 -18.87
N VAL D 227 -28.25 26.66 -18.11
CA VAL D 227 -28.21 26.11 -16.76
C VAL D 227 -29.35 25.14 -16.50
N ALA D 228 -30.31 25.07 -17.41
CA ALA D 228 -31.48 24.24 -17.23
C ALA D 228 -31.15 22.77 -17.39
N SER D 229 -31.76 21.95 -16.55
CA SER D 229 -31.62 20.49 -16.57
C SER D 229 -32.99 19.91 -16.30
N THR D 230 -33.64 19.34 -17.31
CA THR D 230 -35.03 18.95 -17.17
C THR D 230 -35.20 17.45 -17.38
N SER D 231 -36.20 16.91 -16.67
CA SER D 231 -36.41 15.49 -16.45
C SER D 231 -37.89 15.21 -16.28
N ALA D 232 -38.42 14.18 -16.92
CA ALA D 232 -39.87 14.03 -16.87
C ALA D 232 -40.18 12.82 -15.99
N GLY D 233 -41.36 12.87 -15.39
CA GLY D 233 -41.87 11.92 -14.40
C GLY D 233 -42.49 10.59 -14.73
N VAL D 234 -41.66 9.59 -15.00
CA VAL D 234 -42.14 8.23 -15.25
C VAL D 234 -42.68 7.57 -13.98
N CYS D 235 -42.56 8.23 -12.81
CA CYS D 235 -42.81 7.53 -11.53
C CYS D 235 -43.92 8.12 -10.68
N LEU D 236 -44.13 9.43 -10.70
CA LEU D 236 -44.83 10.09 -9.60
C LEU D 236 -44.96 11.56 -9.97
N LEU D 237 -45.92 12.24 -9.33
CA LEU D 237 -46.13 13.65 -9.65
C LEU D 237 -44.79 14.31 -9.93
N ASN D 238 -44.68 14.92 -11.10
CA ASN D 238 -43.46 15.57 -11.53
C ASN D 238 -43.52 17.08 -11.78
N ASP D 239 -44.04 17.86 -10.83
CA ASP D 239 -43.94 19.32 -10.85
C ASP D 239 -42.96 19.70 -9.73
N GLU D 240 -41.71 20.01 -10.09
CA GLU D 240 -40.80 20.56 -9.07
C GLU D 240 -39.58 21.26 -9.67
N ILE D 241 -39.20 22.43 -9.11
CA ILE D 241 -38.12 23.27 -9.62
C ILE D 241 -37.14 23.39 -8.46
N ILE D 242 -35.86 23.14 -8.72
CA ILE D 242 -34.73 23.44 -7.82
C ILE D 242 -33.74 24.40 -8.48
N VAL D 243 -33.58 25.58 -7.90
CA VAL D 243 -32.56 26.54 -8.32
C VAL D 243 -31.30 26.38 -7.47
N VAL D 244 -30.15 26.21 -8.12
CA VAL D 244 -28.85 26.11 -7.48
C VAL D 244 -27.97 27.21 -8.04
N GLY D 245 -27.38 27.99 -7.15
CA GLY D 245 -26.53 29.09 -7.53
C GLY D 245 -25.65 29.46 -6.38
N ASN D 246 -25.19 30.72 -6.40
CA ASN D 246 -24.38 31.23 -5.31
C ASN D 246 -25.06 32.49 -4.80
N SER D 247 -24.95 32.71 -3.49
CA SER D 247 -25.62 33.80 -2.82
C SER D 247 -24.66 34.51 -1.87
N THR D 248 -24.83 35.82 -1.77
CA THR D 248 -24.11 36.58 -0.77
C THR D 248 -24.51 36.22 0.65
N ASN D 249 -25.74 35.75 0.84
CA ASN D 249 -26.26 35.39 2.16
C ASN D 249 -26.12 33.90 2.47
N SER D 250 -24.96 33.28 2.25
CA SER D 250 -24.84 31.85 2.53
C SER D 250 -23.60 31.59 3.35
N ALA D 251 -23.75 30.67 4.31
CA ALA D 251 -22.65 30.20 5.13
C ALA D 251 -22.17 28.81 4.74
N SER D 252 -22.31 28.42 3.48
CA SER D 252 -21.85 27.09 3.10
C SER D 252 -20.41 27.15 2.61
N ASP D 253 -19.73 26.00 2.66
CA ASP D 253 -18.35 25.92 2.18
C ASP D 253 -18.26 25.18 0.84
N LEU D 254 -19.29 25.35 0.00
CA LEU D 254 -19.28 24.87 -1.38
C LEU D 254 -19.65 26.01 -2.31
N VAL D 255 -19.28 25.84 -3.57
CA VAL D 255 -19.71 26.74 -4.64
C VAL D 255 -20.10 25.87 -5.83
N ILE D 256 -20.86 26.49 -6.74
CA ILE D 256 -21.21 25.90 -8.01
C ILE D 256 -20.74 26.81 -9.14
N GLY D 257 -20.25 26.19 -10.21
CA GLY D 257 -19.97 26.89 -11.45
C GLY D 257 -20.47 26.06 -12.62
N HIS D 258 -20.46 26.65 -13.81
CA HIS D 258 -20.94 25.90 -14.95
C HIS D 258 -20.31 26.41 -16.24
N SER D 259 -20.45 25.60 -17.27
CA SER D 259 -20.21 25.97 -18.65
C SER D 259 -21.25 25.28 -19.52
N VAL D 260 -21.02 25.31 -20.82
CA VAL D 260 -21.87 24.63 -21.80
C VAL D 260 -20.99 23.85 -22.76
N MET D 261 -21.20 22.53 -22.83
CA MET D 261 -20.51 21.75 -23.84
C MET D 261 -21.09 22.11 -25.20
N LYS D 262 -20.20 22.51 -26.11
CA LYS D 262 -20.55 22.89 -27.46
C LYS D 262 -20.86 21.66 -28.30
N ASP D 263 -20.30 20.52 -27.94
CA ASP D 263 -20.54 19.24 -28.60
C ASP D 263 -20.18 18.12 -27.63
N ALA D 264 -20.37 16.88 -28.08
CA ALA D 264 -20.27 15.76 -27.15
C ALA D 264 -18.85 15.47 -26.67
N ILE D 265 -17.84 16.03 -27.32
CA ILE D 265 -16.45 15.80 -26.96
C ILE D 265 -15.76 17.09 -26.52
N ASP D 266 -16.53 18.09 -26.07
CA ASP D 266 -15.98 19.41 -25.76
C ASP D 266 -15.41 19.36 -24.34
N ALA D 267 -14.22 18.76 -24.23
CA ALA D 267 -13.54 18.68 -22.94
C ALA D 267 -13.12 20.07 -22.45
N ASP D 268 -12.87 21.00 -23.39
CA ASP D 268 -12.54 22.36 -22.98
C ASP D 268 -13.65 22.94 -22.12
N ALA D 269 -14.90 22.64 -22.44
CA ALA D 269 -15.97 23.17 -21.61
C ALA D 269 -15.96 22.53 -20.23
N VAL D 270 -15.57 21.25 -20.13
CA VAL D 270 -15.41 20.62 -18.82
C VAL D 270 -14.37 21.38 -18.00
N ARG D 271 -13.24 21.69 -18.62
CA ARG D 271 -12.23 22.48 -17.93
C ARG D 271 -12.80 23.83 -17.51
N ALA D 272 -13.46 24.53 -18.44
CA ALA D 272 -13.97 25.87 -18.16
C ALA D 272 -14.96 25.84 -17.01
N ALA D 273 -15.81 24.81 -16.95
CA ALA D 273 -16.74 24.66 -15.85
C ALA D 273 -16.00 24.41 -14.54
N LEU D 274 -14.96 23.59 -14.57
CA LEU D 274 -14.16 23.38 -13.38
C LEU D 274 -13.58 24.70 -12.89
N LYS D 275 -13.01 25.48 -13.80
CA LYS D 275 -12.42 26.77 -13.43
C LYS D 275 -13.47 27.73 -12.88
N ASP D 276 -14.67 27.73 -13.45
CA ASP D 276 -15.73 28.61 -12.95
C ASP D 276 -16.17 28.26 -11.53
N ALA D 277 -15.97 27.01 -11.10
CA ALA D 277 -16.29 26.58 -9.74
C ALA D 277 -15.11 26.72 -8.79
N GLY D 278 -14.04 27.38 -9.21
CA GLY D 278 -12.91 27.65 -8.37
C GLY D 278 -11.79 26.63 -8.41
N ILE D 279 -11.91 25.60 -9.25
CA ILE D 279 -10.88 24.59 -9.39
C ILE D 279 -9.99 25.00 -10.54
N ARG D 280 -8.78 25.47 -10.22
CA ARG D 280 -7.92 26.14 -11.19
C ARG D 280 -6.77 25.27 -11.69
N SER D 281 -6.58 24.07 -11.13
CA SER D 281 -5.50 23.19 -11.57
C SER D 281 -5.88 21.76 -11.25
N ASP D 282 -5.17 20.83 -11.90
CA ASP D 282 -5.45 19.41 -11.70
C ASP D 282 -5.30 19.01 -10.24
N ASP D 283 -4.41 19.66 -9.50
CA ASP D 283 -4.13 19.27 -8.13
C ASP D 283 -5.22 19.68 -7.16
N GLU D 284 -6.22 20.42 -7.62
CA GLU D 284 -7.37 20.77 -6.79
C GLU D 284 -8.58 19.89 -7.08
N MET D 285 -8.47 18.92 -8.01
CA MET D 285 -9.65 18.15 -8.41
C MET D 285 -10.39 17.55 -7.22
N ASP D 286 -9.69 17.21 -6.13
CA ASP D 286 -10.33 16.52 -5.02
C ASP D 286 -11.41 17.36 -4.36
N ARG D 287 -11.45 18.66 -4.64
CA ARG D 287 -12.51 19.47 -4.06
C ARG D 287 -13.84 19.34 -4.82
N ILE D 288 -13.88 18.61 -5.94
CA ILE D 288 -15.15 18.41 -6.64
C ILE D 288 -16.09 17.60 -5.76
N VAL D 289 -17.32 18.07 -5.61
CA VAL D 289 -18.36 17.24 -5.04
C VAL D 289 -19.09 16.44 -6.11
N ASN D 290 -19.60 17.10 -7.15
CA ASN D 290 -20.07 16.36 -8.31
C ASN D 290 -20.05 17.21 -9.58
N VAL D 291 -20.12 16.53 -10.71
CA VAL D 291 -20.34 17.16 -12.01
C VAL D 291 -21.69 16.68 -12.57
N LEU D 292 -22.47 17.62 -13.09
CA LEU D 292 -23.82 17.35 -13.58
C LEU D 292 -23.91 17.91 -15.00
N ALA D 293 -24.26 17.06 -15.96
CA ALA D 293 -24.20 17.48 -17.35
C ALA D 293 -25.34 16.85 -18.15
N LYS D 294 -25.74 17.55 -19.22
CA LYS D 294 -26.68 17.03 -20.21
C LYS D 294 -25.95 16.61 -21.48
N ALA D 295 -26.42 15.53 -22.11
CA ALA D 295 -25.79 14.97 -23.31
C ALA D 295 -26.85 14.58 -24.32
N GLU D 296 -26.52 14.70 -25.62
CA GLU D 296 -27.44 14.23 -26.64
C GLU D 296 -26.70 14.02 -27.95
N ALA D 297 -27.33 13.25 -28.83
CA ALA D 297 -26.89 13.11 -30.21
C ALA D 297 -27.28 14.31 -31.03
N ALA D 298 -26.32 14.88 -31.75
CA ALA D 298 -26.67 16.03 -32.60
C ALA D 298 -27.53 15.57 -33.76
N SER D 299 -28.47 16.43 -34.13
CA SER D 299 -29.39 16.10 -35.21
C SER D 299 -28.65 15.92 -36.52
N SER D 300 -27.47 16.54 -36.65
CA SER D 300 -26.69 16.42 -37.88
C SER D 300 -26.12 15.03 -38.11
N GLY D 301 -26.09 14.18 -37.08
CA GLY D 301 -25.45 12.89 -37.23
C GLY D 301 -23.95 12.97 -37.29
N THR D 302 -23.38 14.11 -36.91
CA THR D 302 -21.95 14.31 -37.00
C THR D 302 -21.45 15.03 -35.75
N VAL D 303 -20.15 14.92 -35.54
CA VAL D 303 -19.42 15.73 -34.57
C VAL D 303 -18.23 16.35 -35.25
N ARG D 304 -18.19 17.68 -35.29
CA ARG D 304 -17.09 18.39 -35.94
C ARG D 304 -16.86 17.86 -37.35
N GLY D 305 -17.95 17.68 -38.08
CA GLY D 305 -17.85 17.26 -39.48
C GLY D 305 -17.60 15.79 -39.71
N ARG D 306 -17.54 14.98 -38.65
CA ARG D 306 -17.28 13.56 -38.77
C ARG D 306 -18.57 12.79 -38.53
N ARG D 307 -18.95 11.91 -39.47
CA ARG D 307 -20.19 11.15 -39.34
C ARG D 307 -20.12 10.19 -38.16
N ASN D 308 -21.26 9.98 -37.49
CA ASN D 308 -21.35 8.82 -36.61
C ASN D 308 -22.72 8.16 -36.75
N THR D 309 -22.81 6.97 -36.17
CA THR D 309 -23.96 6.09 -36.31
C THR D 309 -24.92 6.18 -35.14
N MET D 310 -24.73 7.15 -34.25
CA MET D 310 -25.51 7.19 -33.02
C MET D 310 -27.00 7.12 -33.30
N LEU D 311 -27.45 7.85 -34.31
CA LEU D 311 -28.87 7.95 -34.65
C LEU D 311 -29.35 6.83 -35.56
N ASP D 312 -28.44 6.03 -36.10
CA ASP D 312 -28.76 4.92 -36.98
C ASP D 312 -28.78 3.58 -36.27
N ASP D 313 -28.30 3.53 -35.04
CA ASP D 313 -28.04 2.29 -34.33
C ASP D 313 -29.36 1.77 -33.76
N SER D 314 -29.85 0.65 -34.28
CA SER D 314 -31.11 0.10 -33.81
C SER D 314 -30.90 -0.72 -32.55
N ASP D 315 -29.64 -0.94 -32.17
CA ASP D 315 -29.19 -1.67 -30.99
C ASP D 315 -29.02 -0.75 -29.77
N ILE D 316 -28.47 0.45 -29.98
CA ILE D 316 -28.12 1.38 -28.91
C ILE D 316 -28.89 2.68 -29.14
N ASN D 317 -29.69 3.11 -28.15
CA ASN D 317 -30.47 4.32 -28.36
C ASN D 317 -29.55 5.52 -28.38
N HIS D 318 -29.96 6.55 -29.11
CA HIS D 318 -28.98 7.60 -29.36
C HIS D 318 -28.65 8.32 -28.05
N THR D 319 -29.62 8.43 -27.13
CA THR D 319 -29.29 9.05 -25.86
C THR D 319 -28.37 8.16 -25.04
N ARG D 320 -28.43 6.84 -25.22
CA ARG D 320 -27.50 5.96 -24.52
C ARG D 320 -26.07 6.19 -25.01
N SER D 321 -25.88 6.25 -26.33
CA SER D 321 -24.54 6.48 -26.83
C SER D 321 -24.08 7.85 -26.37
N ALA D 322 -24.95 8.85 -26.44
CA ALA D 322 -24.55 10.19 -26.03
C ALA D 322 -24.17 10.21 -24.55
N ARG D 323 -24.93 9.52 -23.70
CA ARG D 323 -24.57 9.47 -22.30
C ARG D 323 -23.20 8.84 -22.11
N ALA D 324 -22.94 7.71 -22.78
CA ALA D 324 -21.63 7.07 -22.64
C ALA D 324 -20.51 8.01 -23.06
N VAL D 325 -20.70 8.70 -24.19
CA VAL D 325 -19.65 9.56 -24.72
C VAL D 325 -19.34 10.70 -23.76
N VAL D 326 -20.37 11.44 -23.35
CA VAL D 326 -20.11 12.64 -22.57
C VAL D 326 -19.60 12.26 -21.18
N ASN D 327 -20.11 11.16 -20.60
CA ASN D 327 -19.51 10.68 -19.35
C ASN D 327 -18.05 10.35 -19.55
N ALA D 328 -17.70 9.72 -20.67
CA ALA D 328 -16.30 9.37 -20.87
C ALA D 328 -15.43 10.62 -20.97
N VAL D 329 -15.89 11.64 -21.70
CA VAL D 329 -15.13 12.90 -21.80
C VAL D 329 -14.97 13.54 -20.43
N ILE D 330 -16.07 13.69 -19.69
CA ILE D 330 -15.95 14.32 -18.38
C ILE D 330 -15.02 13.51 -17.50
N ALA D 331 -15.19 12.18 -17.49
CA ALA D 331 -14.34 11.33 -16.67
C ALA D 331 -12.87 11.52 -17.03
N SER D 332 -12.56 11.69 -18.33
CA SER D 332 -11.16 11.84 -18.71
C SER D 332 -10.62 13.20 -18.28
N VAL D 333 -11.49 14.20 -18.14
CA VAL D 333 -11.00 15.50 -17.66
C VAL D 333 -10.81 15.48 -16.14
N VAL D 334 -11.80 14.95 -15.41
CA VAL D 334 -11.78 15.04 -13.94
C VAL D 334 -11.24 13.78 -13.30
N GLY D 335 -11.03 12.72 -14.06
CA GLY D 335 -10.45 11.52 -13.47
C GLY D 335 -11.38 10.66 -12.68
N ASP D 336 -12.68 10.74 -12.93
CA ASP D 336 -13.70 10.09 -12.12
C ASP D 336 -14.91 9.86 -13.02
N PRO D 337 -15.29 8.60 -13.27
CA PRO D 337 -16.48 8.34 -14.07
C PRO D 337 -17.78 8.42 -13.30
N MET D 338 -17.70 8.67 -12.00
CA MET D 338 -18.91 8.79 -11.19
C MET D 338 -19.40 10.23 -11.17
N VAL D 339 -19.92 10.67 -12.31
CA VAL D 339 -20.51 11.99 -12.40
C VAL D 339 -21.88 11.83 -13.04
N TYR D 340 -22.72 12.84 -12.82
CA TYR D 340 -24.10 12.81 -13.27
C TYR D 340 -24.20 13.34 -14.69
N VAL D 341 -24.63 12.47 -15.60
CA VAL D 341 -24.94 12.81 -16.98
C VAL D 341 -26.33 12.27 -17.27
N SER D 342 -27.21 13.15 -17.73
CA SER D 342 -28.61 12.92 -18.03
C SER D 342 -28.89 13.22 -19.50
N GLY D 343 -29.72 12.39 -20.14
CA GLY D 343 -29.97 12.50 -21.57
C GLY D 343 -31.25 13.24 -21.91
N GLY D 344 -31.25 13.84 -23.08
CA GLY D 344 -32.40 14.59 -23.59
C GLY D 344 -32.33 16.04 -23.17
N ALA D 345 -31.78 16.86 -24.06
CA ALA D 345 -31.34 18.22 -23.80
C ALA D 345 -32.07 19.22 -24.68
N GLU D 346 -33.37 19.04 -24.86
CA GLU D 346 -34.11 19.96 -25.71
C GLU D 346 -34.01 21.35 -25.11
N HIS D 347 -33.45 22.28 -25.88
CA HIS D 347 -33.28 23.66 -25.42
C HIS D 347 -32.36 23.73 -24.19
N GLN D 348 -31.52 22.73 -24.01
CA GLN D 348 -30.53 22.69 -22.94
C GLN D 348 -29.19 22.55 -23.64
N GLY D 349 -28.47 23.67 -23.68
CA GLY D 349 -27.30 23.86 -24.50
C GLY D 349 -27.62 23.80 -25.98
N PRO D 350 -26.59 23.93 -26.81
CA PRO D 350 -26.79 23.85 -28.26
C PRO D 350 -27.15 22.45 -28.70
N ASP D 351 -27.57 22.35 -29.96
CA ASP D 351 -27.84 21.06 -30.59
C ASP D 351 -26.56 20.22 -30.63
N GLY D 352 -26.59 19.10 -29.92
CA GLY D 352 -25.44 18.22 -29.80
C GLY D 352 -24.58 18.47 -28.59
N GLY D 353 -24.89 19.50 -27.81
CA GLY D 353 -24.21 19.84 -26.58
C GLY D 353 -25.16 19.93 -25.41
N GLY D 354 -24.71 20.51 -24.30
CA GLY D 354 -25.52 20.53 -23.10
C GLY D 354 -24.84 21.26 -21.95
N PRO D 355 -25.62 21.77 -21.01
CA PRO D 355 -25.00 22.42 -19.85
C PRO D 355 -24.21 21.42 -19.04
N ILE D 356 -23.18 21.93 -18.36
CA ILE D 356 -22.36 21.16 -17.43
C ILE D 356 -22.04 22.04 -16.23
N ALA D 357 -22.39 21.57 -15.04
CA ALA D 357 -22.14 22.31 -13.81
C ALA D 357 -21.25 21.45 -12.91
N VAL D 358 -20.47 22.13 -12.06
CA VAL D 358 -19.61 21.49 -11.08
C VAL D 358 -19.89 22.10 -9.72
N ILE D 359 -20.19 21.25 -8.73
CA ILE D 359 -20.21 21.64 -7.33
C ILE D 359 -18.92 21.19 -6.67
N ALA D 360 -18.21 22.15 -6.04
CA ALA D 360 -16.89 21.94 -5.47
C ALA D 360 -16.80 22.64 -4.11
N ARG D 361 -16.01 22.09 -3.19
CA ARG D 361 -15.71 22.80 -1.95
C ARG D 361 -14.81 24.02 -2.20
N VAL D 362 -15.08 25.10 -1.44
CA VAL D 362 -14.24 26.29 -1.40
C VAL D 362 -12.99 25.97 -0.58
N LEU D 363 -12.00 26.87 -0.60
CA LEU D 363 -10.87 26.73 0.29
C LEU D 363 -10.75 27.83 1.34
N GLU D 364 -11.39 28.98 1.15
CA GLU D 364 -11.18 30.16 1.99
C GLU D 364 -11.44 29.92 3.49
N MET E 1 -1.02 21.34 65.84
CA MET E 1 0.34 20.84 65.85
C MET E 1 0.68 20.07 64.58
N GLN E 2 1.87 20.33 64.03
CA GLN E 2 2.29 19.73 62.78
C GLN E 2 2.95 18.37 63.03
N LYS E 3 2.62 17.38 62.18
CA LYS E 3 3.27 16.08 62.19
C LYS E 3 3.73 15.72 60.79
N VAL E 4 5.02 15.44 60.63
CA VAL E 4 5.59 15.04 59.34
C VAL E 4 5.85 13.54 59.37
N GLU E 5 5.38 12.83 58.35
CA GLU E 5 5.67 11.41 58.13
C GLU E 5 6.40 11.22 56.81
N VAL E 6 7.35 10.28 56.79
CA VAL E 6 8.22 10.05 55.64
C VAL E 6 8.22 8.57 55.31
N PHE E 7 8.00 8.24 54.03
CA PHE E 7 7.89 6.86 53.55
C PHE E 7 8.89 6.60 52.44
N ARG E 8 9.78 5.62 52.63
CA ARG E 8 10.75 5.22 51.62
C ARG E 8 10.23 3.99 50.86
N ILE E 9 10.04 4.13 49.56
CA ILE E 9 9.29 3.19 48.74
C ILE E 9 10.20 2.71 47.61
N PRO E 10 10.51 1.41 47.54
CA PRO E 10 11.25 0.88 46.40
C PRO E 10 10.42 0.99 45.13
N THR E 11 11.10 1.24 44.01
CA THR E 11 10.42 1.30 42.72
C THR E 11 10.99 0.27 41.75
N ALA E 12 10.14 -0.25 40.87
CA ALA E 12 10.54 -1.21 39.86
C ALA E 12 10.90 -0.54 38.54
N SER E 13 10.53 0.72 38.37
CA SER E 13 10.72 1.47 37.14
C SER E 13 10.36 2.93 37.37
N PRO E 14 10.71 3.83 36.46
CA PRO E 14 10.41 5.25 36.69
C PRO E 14 8.92 5.53 36.83
N ASP E 15 8.08 4.79 36.13
CA ASP E 15 6.64 5.02 36.14
C ASP E 15 5.94 4.17 37.17
N ASP E 16 6.68 3.50 38.03
CA ASP E 16 6.09 2.58 38.99
C ASP E 16 5.50 3.37 40.15
N ILE E 17 4.18 3.41 40.23
CA ILE E 17 3.48 4.04 41.34
C ILE E 17 2.88 3.00 42.29
N SER E 18 3.20 1.73 42.08
CA SER E 18 2.47 0.68 42.79
C SER E 18 2.73 0.71 44.28
N GLY E 19 3.95 0.98 44.72
CA GLY E 19 4.20 1.02 46.15
C GLY E 19 3.47 2.15 46.84
N LEU E 20 3.51 3.34 46.23
CA LEU E 20 2.74 4.45 46.77
C LEU E 20 1.25 4.17 46.74
N ALA E 21 0.74 3.63 45.63
CA ALA E 21 -0.67 3.31 45.56
C ALA E 21 -1.07 2.31 46.64
N THR E 22 -0.21 1.33 46.92
CA THR E 22 -0.51 0.35 47.96
C THR E 22 -0.58 1.02 49.32
N LEU E 23 0.35 1.95 49.60
CA LEU E 23 0.31 2.66 50.88
C LEU E 23 -0.91 3.56 50.98
N ILE E 24 -1.38 4.10 49.86
CA ILE E 24 -2.60 4.91 49.88
C ILE E 24 -3.81 4.02 50.11
N ASP E 25 -3.88 2.89 49.40
CA ASP E 25 -5.04 2.01 49.48
C ASP E 25 -5.17 1.34 50.84
N SER E 26 -4.07 1.22 51.59
CA SER E 26 -4.16 0.64 52.92
C SER E 26 -4.54 1.66 53.99
N GLY E 27 -4.65 2.94 53.63
CA GLY E 27 -4.97 3.98 54.59
C GLY E 27 -3.78 4.56 55.32
N LYS E 28 -2.56 4.17 54.96
CA LYS E 28 -1.37 4.66 55.64
C LYS E 28 -0.99 6.08 55.21
N ILE E 29 -1.32 6.46 53.98
CA ILE E 29 -1.02 7.78 53.47
C ILE E 29 -2.31 8.40 52.96
N ASN E 30 -2.62 9.61 53.42
CA ASN E 30 -3.66 10.43 52.82
C ASN E 30 -3.06 11.26 51.71
N PRO E 31 -3.43 11.04 50.44
CA PRO E 31 -2.76 11.75 49.34
C PRO E 31 -2.91 13.26 49.43
N ALA E 32 -3.99 13.74 50.05
CA ALA E 32 -4.16 15.18 50.18
C ALA E 32 -3.13 15.79 51.11
N GLU E 33 -2.47 14.97 51.93
CA GLU E 33 -1.48 15.45 52.88
C GLU E 33 -0.07 15.29 52.37
N ILE E 34 0.10 14.71 51.19
CA ILE E 34 1.43 14.63 50.59
C ILE E 34 1.86 16.03 50.17
N VAL E 35 3.07 16.40 50.57
CA VAL E 35 3.61 17.69 50.19
C VAL E 35 4.84 17.56 49.29
N ALA E 36 5.51 16.41 49.26
CA ALA E 36 6.69 16.32 48.40
C ALA E 36 7.07 14.88 48.16
N ILE E 37 7.63 14.59 46.98
CA ILE E 37 8.18 13.27 46.69
C ILE E 37 9.55 13.46 46.07
N LEU E 38 10.56 12.83 46.66
CA LEU E 38 11.93 12.93 46.22
C LEU E 38 12.38 11.55 45.74
N GLY E 39 12.67 11.43 44.46
CA GLY E 39 12.98 10.15 43.86
C GLY E 39 14.42 10.04 43.40
N LYS E 40 14.91 8.80 43.41
CA LYS E 40 16.07 8.39 42.63
C LYS E 40 15.51 7.52 41.50
N THR E 41 15.66 8.00 40.26
CA THR E 41 15.17 7.32 39.06
C THR E 41 16.37 6.88 38.22
N GLU E 42 16.18 5.81 37.47
CA GLU E 42 17.27 4.99 36.94
C GLU E 42 17.76 5.41 35.55
N GLY E 43 17.46 6.62 35.09
CA GLY E 43 18.16 7.06 33.89
C GLY E 43 19.62 7.42 34.12
N ASN E 44 20.22 8.01 33.08
CA ASN E 44 21.66 8.27 33.11
C ASN E 44 22.02 9.55 33.84
N GLY E 45 21.05 10.33 34.31
CA GLY E 45 21.38 11.54 35.04
C GLY E 45 22.03 12.62 34.20
N SER E 46 21.58 12.81 32.97
CA SER E 46 22.21 13.80 32.12
C SER E 46 21.22 14.85 31.65
N VAL E 47 21.58 15.58 30.58
CA VAL E 47 20.62 16.47 29.94
C VAL E 47 19.47 15.64 29.38
N ASN E 48 19.79 14.66 28.54
CA ASN E 48 18.78 13.86 27.86
C ASN E 48 18.44 12.65 28.75
N ASP E 49 17.99 12.96 29.95
CA ASP E 49 17.48 11.97 30.88
C ASP E 49 16.01 12.30 31.06
N PHE E 50 15.17 11.48 30.46
CA PHE E 50 13.75 11.67 30.53
C PHE E 50 13.07 10.74 31.52
N THR E 51 13.83 9.86 32.17
CA THR E 51 13.22 9.03 33.21
C THR E 51 12.73 9.88 34.38
N ARG E 52 13.39 11.01 34.64
CA ARG E 52 12.94 11.88 35.72
C ARG E 52 11.55 12.42 35.41
N CYS E 53 11.38 12.97 34.21
CA CYS E 53 10.08 13.47 33.80
C CYS E 53 9.06 12.35 33.72
N PHE E 54 9.47 11.17 33.25
CA PHE E 54 8.54 10.05 33.22
C PHE E 54 8.04 9.70 34.62
N ALA E 55 8.93 9.69 35.59
CA ALA E 55 8.51 9.38 36.95
C ALA E 55 7.56 10.45 37.46
N THR E 56 7.90 11.73 37.26
CA THR E 56 7.03 12.79 37.73
C THR E 56 5.66 12.75 37.04
N GLN E 57 5.66 12.58 35.70
CA GLN E 57 4.39 12.50 34.98
C GLN E 57 3.53 11.35 35.49
N SER E 58 4.15 10.18 35.69
CA SER E 58 3.38 9.01 36.11
C SER E 58 2.80 9.21 37.51
N LEU E 59 3.61 9.80 38.40
CA LEU E 59 3.15 10.04 39.76
C LEU E 59 2.06 11.09 39.78
N ALA E 60 2.22 12.14 38.97
CA ALA E 60 1.21 13.18 38.93
C ALA E 60 -0.11 12.63 38.39
N MET E 61 -0.06 11.79 37.35
CA MET E 61 -1.27 11.14 36.87
C MET E 61 -1.92 10.33 37.98
N TYR E 62 -1.13 9.48 38.65
CA TYR E 62 -1.70 8.62 39.67
C TYR E 62 -2.36 9.46 40.76
N LEU E 63 -1.65 10.47 41.26
CA LEU E 63 -2.19 11.28 42.34
C LEU E 63 -3.41 12.07 41.88
N ALA E 64 -3.38 12.59 40.65
CA ALA E 64 -4.55 13.30 40.13
C ALA E 64 -5.76 12.39 40.13
N GLU E 65 -5.60 11.13 39.70
CA GLU E 65 -6.74 10.23 39.67
C GLU E 65 -7.19 9.83 41.09
N LYS E 66 -6.24 9.67 42.01
CA LYS E 66 -6.61 9.35 43.40
C LYS E 66 -7.30 10.50 44.10
N LEU E 67 -6.89 11.73 43.82
CA LEU E 67 -7.41 12.92 44.49
C LEU E 67 -8.58 13.57 43.76
N GLY E 68 -8.85 13.17 42.53
CA GLY E 68 -9.90 13.80 41.76
C GLY E 68 -9.60 15.22 41.32
N ILE E 69 -8.34 15.54 41.03
CA ILE E 69 -7.95 16.85 40.57
C ILE E 69 -7.09 16.68 39.31
N SER E 70 -6.75 17.80 38.67
CA SER E 70 -5.98 17.74 37.44
C SER E 70 -4.49 17.56 37.72
N ARG E 71 -3.79 17.01 36.73
CA ARG E 71 -2.33 16.92 36.84
C ARG E 71 -1.68 18.29 37.04
N GLU E 72 -2.16 19.31 36.33
CA GLU E 72 -1.54 20.63 36.49
C GLU E 72 -1.65 21.11 37.93
N GLU E 73 -2.81 20.89 38.55
CA GLU E 73 -2.98 21.29 39.95
C GLU E 73 -2.15 20.43 40.88
N VAL E 74 -2.05 19.13 40.61
CA VAL E 74 -1.21 18.28 41.46
C VAL E 74 0.23 18.77 41.44
N VAL E 75 0.75 19.10 40.25
CA VAL E 75 2.12 19.56 40.13
C VAL E 75 2.26 20.96 40.74
N LYS E 76 1.17 21.71 40.80
CA LYS E 76 1.18 22.99 41.49
C LYS E 76 1.15 22.83 43.01
N LYS E 77 0.69 21.69 43.52
CA LYS E 77 0.46 21.48 44.95
C LYS E 77 1.56 20.69 45.65
N VAL E 78 2.22 19.78 44.94
CA VAL E 78 3.15 18.83 45.54
C VAL E 78 4.51 18.99 44.86
N ALA E 79 5.56 19.06 45.67
CA ALA E 79 6.92 19.06 45.12
C ALA E 79 7.28 17.67 44.62
N PHE E 80 7.79 17.61 43.40
CA PHE E 80 8.29 16.39 42.77
C PHE E 80 9.74 16.60 42.42
N ILE E 81 10.64 15.95 43.15
CA ILE E 81 12.07 16.09 42.93
C ILE E 81 12.60 14.71 42.56
N MET E 82 12.92 14.52 41.29
CA MET E 82 13.40 13.25 40.77
C MET E 82 14.88 13.42 40.40
N SER E 83 15.74 12.73 41.13
CA SER E 83 17.19 12.74 40.90
C SER E 83 17.53 11.52 40.06
N GLY E 84 17.96 11.75 38.83
CA GLY E 84 18.35 10.62 38.01
C GLY E 84 19.70 10.07 38.41
N GLY E 85 20.05 8.93 37.82
CA GLY E 85 21.34 8.31 38.09
C GLY E 85 21.31 7.37 39.29
N THR E 86 21.25 6.06 39.05
CA THR E 86 21.31 5.06 40.10
C THR E 86 22.47 4.11 39.79
N GLU E 87 23.67 4.64 39.87
CA GLU E 87 24.87 3.92 39.49
C GLU E 87 25.33 3.02 40.64
N GLY E 88 26.28 2.14 40.33
CA GLY E 88 26.77 1.23 41.35
C GLY E 88 25.68 0.32 41.86
N VAL E 89 25.55 0.24 43.18
CA VAL E 89 24.51 -0.60 43.80
C VAL E 89 23.28 0.22 44.20
N MET E 90 23.22 1.50 43.84
CA MET E 90 22.12 2.35 44.27
C MET E 90 20.77 1.88 43.73
N THR E 91 19.78 1.77 44.63
CA THR E 91 18.48 1.20 44.33
C THR E 91 17.50 2.30 44.02
N PRO E 92 16.82 2.26 42.88
CA PRO E 92 15.81 3.27 42.57
C PRO E 92 14.70 3.27 43.61
N HIS E 93 14.23 4.46 43.98
CA HIS E 93 13.18 4.52 45.00
C HIS E 93 12.61 5.92 45.05
N ILE E 94 11.50 6.08 45.77
CA ILE E 94 11.00 7.41 46.06
C ILE E 94 10.81 7.57 47.56
N THR E 95 11.00 8.79 48.04
CA THR E 95 10.74 9.16 49.42
C THR E 95 9.60 10.17 49.44
N VAL E 96 8.47 9.80 50.05
CA VAL E 96 7.27 10.61 50.06
C VAL E 96 7.16 11.30 51.42
N PHE E 97 7.06 12.63 51.39
CA PHE E 97 6.90 13.47 52.57
C PHE E 97 5.44 13.92 52.66
N VAL E 98 4.82 13.59 53.79
CA VAL E 98 3.43 13.90 54.12
C VAL E 98 3.42 14.79 55.35
N ARG E 99 2.66 15.89 55.29
CA ARG E 99 2.57 16.77 56.45
C ARG E 99 1.10 16.87 56.83
N LYS E 100 0.76 16.41 58.03
CA LYS E 100 -0.60 16.48 58.57
C LYS E 100 -0.66 17.48 59.73
N ASP E 101 -1.82 18.10 59.89
CA ASP E 101 -2.12 18.87 61.10
C ASP E 101 -2.92 17.96 62.03
N VAL E 102 -2.29 17.49 63.11
CA VAL E 102 -2.94 16.60 64.07
C VAL E 102 -3.08 17.33 65.39
N ALA E 103 -4.14 16.99 66.12
CA ALA E 103 -4.42 17.59 67.42
C ALA E 103 -3.80 16.71 68.50
N ALA E 104 -2.54 17.01 68.83
CA ALA E 104 -1.82 16.27 69.86
C ALA E 104 -0.74 17.16 70.43
N PRO E 105 -0.31 16.94 71.67
CA PRO E 105 0.68 17.82 72.29
C PRO E 105 2.02 17.73 71.57
N ALA E 106 2.95 18.58 72.03
CA ALA E 106 4.30 18.63 71.48
C ALA E 106 5.11 17.47 72.05
N ALA E 107 5.53 16.56 71.17
CA ALA E 107 6.35 15.43 71.59
C ALA E 107 7.54 15.93 72.39
N PRO E 108 8.08 15.13 73.32
CA PRO E 108 9.22 15.59 74.12
C PRO E 108 10.40 15.98 73.23
N GLY E 109 10.92 17.18 73.47
CA GLY E 109 12.03 17.67 72.68
C GLY E 109 11.60 18.18 71.31
N LYS E 110 12.51 18.09 70.35
CA LYS E 110 12.30 18.56 68.99
C LYS E 110 12.07 17.38 68.05
N ARG E 111 11.23 17.58 67.04
CA ARG E 111 10.88 16.49 66.12
C ARG E 111 10.78 17.03 64.70
N LEU E 112 10.71 16.10 63.74
CA LEU E 112 10.82 16.46 62.32
C LEU E 112 9.79 17.50 61.91
N ALA E 113 10.24 18.50 61.16
CA ALA E 113 9.40 19.55 60.61
C ALA E 113 9.84 19.82 59.18
N VAL E 114 8.88 20.20 58.34
CA VAL E 114 9.11 20.46 56.93
C VAL E 114 8.34 21.73 56.55
N GLY E 115 8.95 22.55 55.72
CA GLY E 115 8.31 23.75 55.20
C GLY E 115 8.61 23.92 53.73
N VAL E 116 7.71 24.63 53.04
CA VAL E 116 7.78 24.77 51.60
C VAL E 116 7.62 26.24 51.23
N ALA E 117 8.35 26.68 50.21
CA ALA E 117 8.18 28.04 49.70
C ALA E 117 8.64 28.14 48.24
N PHE E 118 8.05 29.07 47.49
CA PHE E 118 8.44 29.28 46.10
C PHE E 118 8.94 30.71 45.92
N THR E 119 9.91 30.85 45.03
CA THR E 119 10.40 32.15 44.59
C THR E 119 9.63 32.66 43.36
N ARG E 120 9.86 33.92 43.03
CA ARG E 120 9.46 34.47 41.75
C ARG E 120 10.21 33.77 40.61
N ASP E 121 9.66 33.91 39.41
CA ASP E 121 10.36 33.50 38.21
C ASP E 121 11.61 34.35 38.03
N PHE E 122 12.66 33.75 37.48
CA PHE E 122 13.89 34.47 37.17
C PHE E 122 13.98 34.73 35.67
N LEU E 123 14.52 35.89 35.32
CA LEU E 123 14.92 36.14 33.94
C LEU E 123 16.17 35.33 33.60
N PRO E 124 16.35 34.96 32.33
CA PRO E 124 17.51 34.13 31.98
C PRO E 124 18.81 34.78 32.41
N GLU E 125 18.89 36.10 32.32
CA GLU E 125 20.09 36.85 32.70
C GLU E 125 20.29 36.93 34.20
N GLU E 126 19.36 36.41 35.00
CA GLU E 126 19.53 36.39 36.44
C GLU E 126 20.17 35.12 36.95
N LEU E 127 20.17 34.04 36.17
CA LEU E 127 20.72 32.79 36.64
C LEU E 127 22.23 32.93 36.86
N GLY E 128 22.71 32.32 37.94
CA GLY E 128 24.12 32.33 38.26
C GLY E 128 24.64 33.64 38.83
N ARG E 129 23.76 34.55 39.23
CA ARG E 129 24.17 35.87 39.67
C ARG E 129 23.53 36.20 41.01
N MET E 130 23.92 37.35 41.55
CA MET E 130 23.58 37.68 42.93
C MET E 130 22.08 37.82 43.15
N GLU E 131 21.34 38.22 42.12
CA GLU E 131 19.88 38.30 42.26
C GLU E 131 19.30 36.93 42.59
N GLN E 132 19.83 35.88 41.97
CA GLN E 132 19.37 34.53 42.29
C GLN E 132 19.78 34.14 43.69
N VAL E 133 21.02 34.44 44.08
CA VAL E 133 21.46 34.18 45.45
C VAL E 133 20.46 34.79 46.43
N ASN E 134 20.13 36.07 46.24
CA ASN E 134 19.35 36.79 47.23
C ASN E 134 17.92 36.28 47.26
N GLU E 135 17.34 35.99 46.09
CA GLU E 135 15.98 35.46 46.07
C GLU E 135 15.92 34.06 46.69
N VAL E 136 16.94 33.23 46.44
CA VAL E 136 16.98 31.91 47.06
C VAL E 136 17.06 32.06 48.58
N ALA E 137 17.90 32.98 49.07
CA ALA E 137 18.00 33.16 50.51
C ALA E 137 16.64 33.53 51.09
N ARG E 138 15.97 34.49 50.44
CA ARG E 138 14.63 34.88 50.88
C ARG E 138 13.71 33.68 50.96
N ALA E 139 13.71 32.86 49.91
CA ALA E 139 12.81 31.71 49.88
C ALA E 139 13.16 30.69 50.95
N VAL E 140 14.45 30.51 51.24
CA VAL E 140 14.84 29.58 52.30
C VAL E 140 14.30 30.06 53.63
N LYS E 141 14.41 31.36 53.87
CA LYS E 141 13.85 31.95 55.08
C LYS E 141 12.32 31.77 55.14
N GLU E 142 11.65 31.96 54.01
CA GLU E 142 10.19 31.76 54.00
C GLU E 142 9.82 30.32 54.30
N ALA E 143 10.57 29.37 53.76
CA ALA E 143 10.29 27.97 54.02
C ALA E 143 10.57 27.63 55.47
N MET E 144 11.61 28.24 56.06
CA MET E 144 11.87 28.03 57.48
C MET E 144 10.70 28.53 58.32
N LYS E 145 10.15 29.69 57.98
CA LYS E 145 8.98 30.18 58.71
C LYS E 145 7.81 29.21 58.57
N ASP E 146 7.54 28.72 57.36
CA ASP E 146 6.47 27.76 57.16
C ASP E 146 6.66 26.52 58.03
N ALA E 147 7.90 26.13 58.28
CA ALA E 147 8.20 24.94 59.09
C ALA E 147 8.19 25.21 60.58
N GLN E 148 8.04 26.45 61.02
CA GLN E 148 8.13 26.79 62.44
C GLN E 148 9.49 26.42 63.01
N ILE E 149 10.54 26.67 62.22
CA ILE E 149 11.93 26.51 62.63
C ILE E 149 12.54 27.90 62.67
N ASP E 150 13.01 28.30 63.85
CA ASP E 150 13.65 29.60 64.04
C ASP E 150 15.17 29.53 64.07
N ASP E 151 15.77 28.37 64.35
CA ASP E 151 17.22 28.28 64.49
C ASP E 151 17.81 27.69 63.22
N PRO E 152 18.66 28.41 62.47
CA PRO E 152 19.24 27.82 61.25
C PRO E 152 20.04 26.57 61.51
N ARG E 153 20.54 26.39 62.74
CA ARG E 153 21.26 25.19 63.11
C ARG E 153 20.33 23.97 63.11
N ASP E 154 19.02 24.21 63.11
CA ASP E 154 18.00 23.19 63.09
C ASP E 154 17.52 22.86 61.69
N VAL E 155 18.13 23.44 60.67
CA VAL E 155 17.88 23.06 59.29
C VAL E 155 18.87 21.96 58.91
N HIS E 156 18.34 20.84 58.45
CA HIS E 156 19.13 19.65 58.12
C HIS E 156 19.09 19.29 56.65
N PHE E 157 18.22 19.89 55.86
CA PHE E 157 18.15 19.63 54.44
C PHE E 157 17.37 20.77 53.80
N VAL E 158 17.95 21.35 52.76
CA VAL E 158 17.29 22.39 51.99
C VAL E 158 17.31 21.89 50.54
N GLN E 159 16.16 21.42 50.07
CA GLN E 159 16.04 20.83 48.75
C GLN E 159 15.54 21.93 47.80
N ILE E 160 16.21 22.09 46.66
CA ILE E 160 15.85 23.16 45.76
C ILE E 160 15.65 22.59 44.36
N LYS E 161 14.62 23.10 43.67
CA LYS E 161 14.41 22.95 42.24
C LYS E 161 14.68 24.29 41.58
N ALA E 162 15.64 24.34 40.67
CA ALA E 162 16.11 25.58 40.07
C ALA E 162 15.92 25.58 38.56
N PRO E 163 15.93 26.74 37.93
CA PRO E 163 15.77 26.83 36.48
C PRO E 163 17.08 26.50 35.77
N LEU E 164 17.04 26.57 34.45
CA LEU E 164 18.22 26.40 33.62
C LEU E 164 18.07 27.30 32.40
N LEU E 165 19.11 27.37 31.57
CA LEU E 165 19.00 28.15 30.34
C LEU E 165 18.75 27.23 29.15
N THR E 166 17.88 27.70 28.25
CA THR E 166 17.69 27.17 26.92
C THR E 166 18.09 28.22 25.90
N ALA E 167 18.20 27.81 24.64
CA ALA E 167 18.56 28.75 23.58
C ALA E 167 17.56 29.90 23.46
N GLU E 168 16.25 29.59 23.58
CA GLU E 168 15.24 30.65 23.44
C GLU E 168 15.33 31.68 24.56
N ARG E 169 15.62 31.25 25.79
CA ARG E 169 15.71 32.21 26.89
C ARG E 169 16.96 33.08 26.75
N ILE E 170 18.06 32.49 26.27
CA ILE E 170 19.25 33.26 25.99
C ILE E 170 18.98 34.32 24.91
N GLU E 171 18.27 33.93 23.84
CA GLU E 171 17.93 34.89 22.81
C GLU E 171 16.99 35.99 23.32
N ASP E 172 16.06 35.63 24.20
CA ASP E 172 15.19 36.66 24.80
C ASP E 172 16.02 37.66 25.59
N ALA E 173 16.91 37.17 26.45
CA ALA E 173 17.78 38.05 27.23
C ALA E 173 18.59 38.95 26.30
N LYS E 174 19.17 38.38 25.24
CA LYS E 174 19.97 39.13 24.29
C LYS E 174 19.16 40.23 23.62
N ARG E 175 17.91 39.94 23.20
CA ARG E 175 17.07 40.94 22.54
C ARG E 175 16.85 42.17 23.40
N ARG E 176 16.77 42.00 24.72
CA ARG E 176 16.57 43.13 25.62
C ARG E 176 17.88 43.82 25.99
N GLY E 177 18.99 43.42 25.37
CA GLY E 177 20.26 44.06 25.62
C GLY E 177 21.04 43.59 26.82
N LYS E 178 20.83 42.35 27.25
CA LYS E 178 21.44 41.83 28.46
C LYS E 178 22.26 40.60 28.09
N ASP E 179 23.30 40.31 28.86
CA ASP E 179 24.08 39.11 28.71
C ASP E 179 23.85 38.14 29.87
N VAL E 180 23.92 36.84 29.57
CA VAL E 180 23.73 35.80 30.56
C VAL E 180 25.10 35.33 31.04
N VAL E 181 25.11 34.59 32.15
CA VAL E 181 26.36 34.21 32.79
C VAL E 181 27.17 33.27 31.89
N VAL E 182 26.51 32.38 31.14
CA VAL E 182 27.23 31.51 30.21
C VAL E 182 26.30 31.12 29.07
N ASN E 183 26.86 31.03 27.86
CA ASN E 183 26.07 30.69 26.68
C ASN E 183 26.18 29.18 26.44
N ASP E 184 25.80 28.44 27.48
CA ASP E 184 26.00 27.00 27.55
C ASP E 184 24.99 26.43 28.52
N THR E 185 24.10 25.54 28.05
CA THR E 185 22.99 25.12 28.91
C THR E 185 23.47 24.27 30.09
N TYR E 186 24.38 23.32 29.87
CA TYR E 186 24.86 22.50 30.99
C TYR E 186 25.62 23.34 32.02
N LYS E 187 26.52 24.21 31.55
CA LYS E 187 27.20 25.03 32.53
C LYS E 187 26.20 25.97 33.20
N SER E 188 25.13 26.36 32.47
CA SER E 188 24.11 27.17 33.11
C SER E 188 23.47 26.40 34.25
N MET E 189 23.37 25.07 34.09
CA MET E 189 22.83 24.24 35.17
C MET E 189 23.74 24.31 36.38
N ALA E 190 25.04 24.29 36.13
CA ALA E 190 26.00 24.38 37.22
C ALA E 190 25.91 25.71 37.94
N TYR E 191 25.74 26.80 37.18
CA TYR E 191 25.64 28.14 37.76
C TYR E 191 24.35 28.30 38.54
N SER E 192 23.24 27.77 38.04
CA SER E 192 21.98 27.83 38.77
C SER E 192 22.04 27.02 40.05
N ARG E 193 22.58 25.80 40.00
CA ARG E 193 22.73 25.00 41.21
C ARG E 193 23.60 25.72 42.23
N GLY E 194 24.71 26.31 41.78
CA GLY E 194 25.65 26.90 42.72
C GLY E 194 25.08 28.14 43.36
N ALA E 195 24.49 29.03 42.56
CA ALA E 195 23.84 30.20 43.12
C ALA E 195 22.75 29.81 44.10
N SER E 196 21.94 28.79 43.78
CA SER E 196 20.89 28.39 44.72
C SER E 196 21.48 27.89 46.03
N ALA E 197 22.54 27.07 45.97
CA ALA E 197 23.14 26.58 47.20
C ALA E 197 23.75 27.70 48.02
N LEU E 198 24.39 28.68 47.35
CA LEU E 198 24.92 29.82 48.10
C LEU E 198 23.80 30.65 48.72
N GLY E 199 22.65 30.75 48.05
CA GLY E 199 21.51 31.42 48.67
C GLY E 199 21.03 30.71 49.91
N VAL E 200 21.03 29.38 49.89
CA VAL E 200 20.69 28.63 51.09
C VAL E 200 21.69 28.94 52.20
N ALA E 201 22.98 28.86 51.88
CA ALA E 201 24.01 29.11 52.89
C ALA E 201 23.86 30.52 53.46
N LEU E 202 23.54 31.48 52.61
CA LEU E 202 23.33 32.86 53.06
C LEU E 202 22.15 32.94 54.02
N ALA E 203 21.03 32.31 53.64
CA ALA E 203 19.84 32.39 54.49
C ALA E 203 20.10 31.77 55.85
N LEU E 204 20.91 30.71 55.90
CA LEU E 204 21.16 29.97 57.13
C LEU E 204 22.37 30.49 57.91
N GLY E 205 23.06 31.50 57.40
CA GLY E 205 24.23 32.01 58.10
C GLY E 205 25.48 31.17 58.01
N GLU E 206 25.57 30.28 57.03
CA GLU E 206 26.76 29.45 56.88
C GLU E 206 27.94 30.19 56.25
N ILE E 207 27.67 31.23 55.46
CA ILE E 207 28.71 32.10 54.90
C ILE E 207 28.20 33.53 55.00
N SER E 208 29.12 34.49 55.05
CA SER E 208 28.69 35.88 55.13
C SER E 208 28.61 36.53 53.75
N ALA E 209 27.64 37.45 53.60
CA ALA E 209 27.31 38.08 52.31
C ALA E 209 28.42 38.86 51.61
N ASP E 210 29.26 39.65 52.31
CA ASP E 210 30.20 40.42 51.47
C ASP E 210 31.19 39.51 50.73
N LYS E 211 31.27 38.23 51.10
CA LYS E 211 32.20 37.34 50.45
C LYS E 211 31.61 36.67 49.22
N ILE E 212 30.33 36.91 48.95
CA ILE E 212 29.61 36.28 47.85
C ILE E 212 29.45 37.36 46.78
N SER E 213 29.81 37.02 45.55
CA SER E 213 29.64 37.92 44.41
C SER E 213 29.44 37.07 43.16
N ASN E 214 29.02 37.72 42.08
CA ASN E 214 28.84 36.96 40.85
C ASN E 214 30.12 36.21 40.48
N GLU E 215 31.28 36.86 40.67
CA GLU E 215 32.52 36.23 40.26
C GLU E 215 32.85 35.05 41.16
N ALA E 216 32.35 35.12 42.39
CA ALA E 216 32.48 34.13 43.43
C ALA E 216 31.52 32.94 43.26
N ILE E 217 30.43 33.13 42.50
CA ILE E 217 29.38 32.11 42.44
C ILE E 217 29.77 30.78 41.80
N VAL E 218 30.83 30.68 41.01
CA VAL E 218 31.35 29.37 40.63
C VAL E 218 32.86 29.28 40.74
N HIS E 219 33.53 30.35 41.14
CA HIS E 219 34.97 30.36 41.21
C HIS E 219 35.51 30.02 42.59
N ASP E 220 34.93 30.59 43.65
CA ASP E 220 35.41 30.40 45.02
C ASP E 220 34.69 29.25 45.72
N TRP E 221 35.32 28.08 45.67
CA TRP E 221 34.83 26.83 46.26
C TRP E 221 34.98 26.76 47.77
N ASN E 222 35.56 27.78 48.40
CA ASN E 222 35.55 27.86 49.86
C ASN E 222 34.19 28.25 50.41
N LEU E 223 33.30 28.75 49.55
CA LEU E 223 31.95 29.10 49.94
C LEU E 223 31.00 27.93 49.65
N TYR E 224 30.40 27.36 50.68
CA TYR E 224 29.44 26.29 50.44
C TYR E 224 28.51 26.19 51.65
N SER E 225 27.33 25.64 51.40
CA SER E 225 26.39 25.26 52.45
C SER E 225 26.59 23.80 52.83
N SER E 226 26.40 23.52 54.11
CA SER E 226 26.47 22.17 54.65
C SER E 226 25.13 21.44 54.70
N VAL E 227 24.04 22.05 54.25
CA VAL E 227 22.75 21.36 54.28
C VAL E 227 22.02 21.46 52.94
N ALA E 228 22.53 22.30 52.04
CA ALA E 228 21.87 22.54 50.75
C ALA E 228 22.03 21.38 49.76
N SER E 229 20.94 21.09 49.05
CA SER E 229 20.90 20.06 48.00
C SER E 229 20.07 20.66 46.88
N THR E 230 20.72 21.05 45.80
CA THR E 230 20.06 21.80 44.73
C THR E 230 20.14 21.07 43.39
N SER E 231 19.12 21.28 42.57
CA SER E 231 18.94 20.45 41.39
C SER E 231 18.28 21.30 40.32
N ALA E 232 18.80 21.25 39.10
CA ALA E 232 18.30 22.16 38.09
C ALA E 232 16.92 21.65 37.71
N GLY E 233 16.07 22.55 37.23
CA GLY E 233 14.71 22.11 36.94
C GLY E 233 14.59 21.40 35.62
N VAL E 234 13.65 20.45 35.60
CA VAL E 234 13.35 19.72 34.37
C VAL E 234 12.62 20.64 33.40
N CYS E 235 11.47 21.16 33.81
CA CYS E 235 10.64 21.98 32.94
C CYS E 235 10.09 23.24 33.60
N LEU E 236 10.18 23.40 34.91
CA LEU E 236 9.65 24.63 35.50
C LEU E 236 10.72 25.73 35.48
N LEU E 237 10.25 26.97 35.51
CA LEU E 237 11.13 28.13 35.48
C LEU E 237 11.04 28.93 36.78
N ASN E 238 11.64 28.41 37.85
CA ASN E 238 11.67 29.10 39.14
C ASN E 238 12.47 28.26 40.12
N ASP E 239 12.49 28.67 41.39
CA ASP E 239 13.02 27.82 42.45
C ASP E 239 11.87 27.35 43.34
N GLU E 240 11.83 26.06 43.64
CA GLU E 240 10.94 25.52 44.67
C GLU E 240 11.83 25.07 45.83
N ILE E 241 11.42 25.39 47.06
CA ILE E 241 12.25 25.16 48.23
C ILE E 241 11.49 24.25 49.18
N ILE E 242 12.17 23.20 49.64
CA ILE E 242 11.72 22.39 50.77
C ILE E 242 12.77 22.47 51.86
N VAL E 243 12.41 23.04 53.01
CA VAL E 243 13.25 23.03 54.19
C VAL E 243 12.83 21.87 55.08
N VAL E 244 13.79 21.02 55.45
CA VAL E 244 13.55 19.90 56.35
C VAL E 244 14.49 20.07 57.53
N GLY E 245 13.93 20.02 58.72
CA GLY E 245 14.69 20.18 59.94
C GLY E 245 13.88 19.63 61.09
N ASN E 246 14.20 20.10 62.29
CA ASN E 246 13.47 19.72 63.48
C ASN E 246 12.98 20.98 64.18
N SER E 247 11.81 20.86 64.81
CA SER E 247 11.14 21.96 65.49
C SER E 247 10.64 21.48 66.84
N THR E 248 10.67 22.39 67.83
CA THR E 248 10.06 22.08 69.11
C THR E 248 8.55 21.93 69.00
N ASN E 249 7.94 22.56 68.01
CA ASN E 249 6.49 22.53 67.79
C ASN E 249 6.12 21.46 66.77
N SER E 250 6.66 20.26 66.94
CA SER E 250 6.41 19.13 66.06
C SER E 250 6.04 17.89 66.88
N ALA E 251 5.08 17.13 66.36
CA ALA E 251 4.67 15.86 66.95
C ALA E 251 5.17 14.65 66.16
N SER E 252 6.18 14.84 65.32
CA SER E 252 6.66 13.74 64.50
C SER E 252 7.34 12.68 65.36
N ASP E 253 7.22 11.43 64.92
CA ASP E 253 7.97 10.32 65.50
C ASP E 253 9.31 10.11 64.81
N LEU E 254 9.84 11.15 64.18
CA LEU E 254 11.09 11.07 63.44
C LEU E 254 11.94 12.29 63.74
N VAL E 255 13.24 12.17 63.49
CA VAL E 255 14.16 13.30 63.54
C VAL E 255 15.08 13.22 62.33
N ILE E 256 15.72 14.34 62.05
CA ILE E 256 16.77 14.42 61.05
C ILE E 256 18.04 14.94 61.71
N GLY E 257 19.18 14.39 61.29
CA GLY E 257 20.48 14.90 61.66
C GLY E 257 21.35 14.90 60.43
N HIS E 258 22.53 15.51 60.53
CA HIS E 258 23.38 15.54 59.36
C HIS E 258 24.84 15.71 59.76
N SER E 259 25.70 15.45 58.78
CA SER E 259 27.12 15.77 58.78
C SER E 259 27.49 16.21 57.36
N VAL E 260 28.78 16.31 57.09
CA VAL E 260 29.27 16.63 55.76
C VAL E 260 30.37 15.66 55.39
N MET E 261 30.21 14.95 54.27
CA MET E 261 31.33 14.15 53.80
C MET E 261 32.42 15.08 53.30
N LYS E 262 33.62 14.88 53.85
CA LYS E 262 34.81 15.64 53.51
C LYS E 262 35.37 15.21 52.17
N ASP E 263 35.13 13.95 51.80
CA ASP E 263 35.55 13.39 50.53
C ASP E 263 34.66 12.19 50.26
N ALA E 264 34.88 11.54 49.12
CA ALA E 264 33.92 10.54 48.66
C ALA E 264 33.95 9.27 49.51
N ILE E 265 34.95 9.08 50.36
CA ILE E 265 35.06 7.86 51.15
C ILE E 265 34.94 8.13 52.65
N ASP E 266 34.31 9.25 53.02
CA ASP E 266 34.26 9.67 54.43
C ASP E 266 33.11 8.94 55.12
N ALA E 267 33.35 7.67 55.44
CA ALA E 267 32.36 6.89 56.17
C ALA E 267 32.15 7.44 57.57
N ASP E 268 33.18 8.06 58.14
CA ASP E 268 33.03 8.69 59.44
C ASP E 268 31.94 9.74 59.41
N ALA E 269 31.82 10.50 58.32
CA ALA E 269 30.75 11.50 58.27
C ALA E 269 29.39 10.81 58.21
N VAL E 270 29.30 9.65 57.56
CA VAL E 270 28.07 8.87 57.57
C VAL E 270 27.69 8.49 59.00
N ARG E 271 28.67 7.97 59.77
CA ARG E 271 28.39 7.57 61.14
C ARG E 271 28.08 8.78 62.02
N ALA E 272 28.70 9.93 61.75
CA ALA E 272 28.40 11.13 62.52
C ALA E 272 26.98 11.61 62.26
N ALA E 273 26.53 11.53 61.00
CA ALA E 273 25.16 11.91 60.68
C ALA E 273 24.19 10.95 61.34
N LEU E 274 24.52 9.66 61.33
CA LEU E 274 23.70 8.67 62.03
C LEU E 274 23.58 9.00 63.50
N LYS E 275 24.72 9.30 64.15
CA LYS E 275 24.68 9.63 65.58
C LYS E 275 23.85 10.89 65.83
N ASP E 276 23.93 11.87 64.93
CA ASP E 276 23.15 13.09 65.10
C ASP E 276 21.65 12.81 64.99
N ALA E 277 21.25 11.75 64.29
CA ALA E 277 19.86 11.36 64.19
C ALA E 277 19.48 10.34 65.26
N GLY E 278 20.36 10.11 66.22
CA GLY E 278 20.08 9.23 67.33
C GLY E 278 20.52 7.80 67.11
N ILE E 279 21.16 7.49 65.99
CA ILE E 279 21.62 6.13 65.72
C ILE E 279 23.07 6.09 66.21
N ARG E 280 23.29 5.46 67.36
CA ARG E 280 24.57 5.55 68.04
C ARG E 280 25.41 4.29 67.91
N SER E 281 24.86 3.24 67.31
CA SER E 281 25.56 1.99 67.11
C SER E 281 24.96 1.28 65.92
N ASP E 282 25.69 0.30 65.40
CA ASP E 282 25.22 -0.45 64.24
C ASP E 282 23.88 -1.12 64.52
N ASP E 283 23.62 -1.48 65.76
CA ASP E 283 22.40 -2.21 66.10
C ASP E 283 21.15 -1.34 66.11
N GLU E 284 21.30 -0.04 65.92
CA GLU E 284 20.14 0.84 65.81
C GLU E 284 19.83 1.18 64.36
N MET E 285 20.60 0.65 63.40
CA MET E 285 20.42 1.05 62.00
C MET E 285 18.97 0.94 61.54
N ASP E 286 18.21 -0.03 62.05
CA ASP E 286 16.87 -0.26 61.53
C ASP E 286 15.94 0.93 61.74
N ARG E 287 16.32 1.90 62.57
CA ARG E 287 15.49 3.09 62.75
C ARG E 287 15.68 4.11 61.64
N ILE E 288 16.60 3.86 60.70
CA ILE E 288 16.79 4.77 59.59
C ILE E 288 15.54 4.76 58.72
N VAL E 289 15.04 5.96 58.40
CA VAL E 289 14.05 6.09 57.34
C VAL E 289 14.70 6.33 55.99
N ASN E 290 15.57 7.34 55.89
CA ASN E 290 16.38 7.42 54.68
C ASN E 290 17.67 8.20 54.95
N VAL E 291 18.63 8.04 54.04
CA VAL E 291 19.85 8.84 53.98
C VAL E 291 19.87 9.66 52.70
N LEU E 292 20.24 10.95 52.82
CA LEU E 292 20.22 11.88 51.70
C LEU E 292 21.59 12.55 51.59
N ALA E 293 22.22 12.46 50.43
CA ALA E 293 23.60 12.93 50.32
C ALA E 293 23.86 13.52 48.95
N LYS E 294 24.78 14.46 48.90
CA LYS E 294 25.31 15.04 47.66
C LYS E 294 26.69 14.46 47.39
N ALA E 295 27.02 14.26 46.12
CA ALA E 295 28.29 13.64 45.76
C ALA E 295 28.93 14.38 44.57
N GLU E 296 30.26 14.42 44.57
CA GLU E 296 30.95 14.99 43.42
C GLU E 296 32.39 14.52 43.39
N ALA E 297 32.98 14.63 42.21
CA ALA E 297 34.41 14.45 41.98
C ALA E 297 35.16 15.69 42.43
N ALA E 298 36.20 15.50 43.23
CA ALA E 298 36.96 16.66 43.64
C ALA E 298 37.73 17.23 42.46
N SER E 299 37.81 18.56 42.42
CA SER E 299 38.48 19.26 41.32
C SER E 299 39.96 18.92 41.28
N SER E 300 40.54 18.53 42.41
CA SER E 300 41.95 18.20 42.48
C SER E 300 42.32 16.95 41.72
N GLY E 301 41.35 16.12 41.33
CA GLY E 301 41.70 14.85 40.71
C GLY E 301 42.26 13.83 41.66
N THR E 302 42.08 14.02 42.96
CA THR E 302 42.64 13.11 43.95
C THR E 302 41.61 12.89 45.06
N VAL E 303 41.85 11.80 45.81
CA VAL E 303 41.17 11.54 47.08
C VAL E 303 42.25 11.24 48.10
N ARG E 304 42.34 12.05 49.15
CA ARG E 304 43.36 11.84 50.17
C ARG E 304 44.74 11.65 49.53
N GLY E 305 45.05 12.51 48.57
CA GLY E 305 46.35 12.50 47.93
C GLY E 305 46.52 11.42 46.89
N ARG E 306 45.47 10.65 46.63
CA ARG E 306 45.52 9.56 45.68
C ARG E 306 44.79 9.97 44.40
N ARG E 307 45.47 9.86 43.27
CA ARG E 307 44.89 10.25 41.99
C ARG E 307 43.73 9.32 41.64
N ASN E 308 42.72 9.87 40.97
CA ASN E 308 41.75 9.02 40.28
C ASN E 308 41.42 9.60 38.91
N THR E 309 40.73 8.78 38.10
CA THR E 309 40.48 9.08 36.70
C THR E 309 39.09 9.64 36.43
N MET E 310 38.32 9.95 37.48
CA MET E 310 36.92 10.33 37.28
C MET E 310 36.78 11.47 36.28
N LEU E 311 37.65 12.46 36.35
CA LEU E 311 37.53 13.64 35.50
C LEU E 311 38.18 13.46 34.13
N ASP E 312 38.97 12.41 33.92
CA ASP E 312 39.61 12.12 32.64
C ASP E 312 38.88 11.06 31.83
N ASP E 313 37.92 10.37 32.44
CA ASP E 313 37.31 9.21 31.84
C ASP E 313 36.24 9.69 30.86
N SER E 314 36.49 9.48 29.58
CA SER E 314 35.58 9.94 28.54
C SER E 314 34.43 8.97 28.33
N ASP E 315 34.49 7.81 28.99
CA ASP E 315 33.45 6.80 28.91
C ASP E 315 32.37 7.01 29.97
N ILE E 316 32.77 7.35 31.19
CA ILE E 316 31.86 7.45 32.33
C ILE E 316 31.97 8.88 32.87
N ASN E 317 30.84 9.59 32.92
CA ASN E 317 30.91 10.97 33.37
C ASN E 317 31.19 11.04 34.87
N HIS E 318 31.85 12.12 35.28
CA HIS E 318 32.41 12.16 36.62
C HIS E 318 31.33 12.16 37.70
N THR E 319 30.17 12.77 37.41
CA THR E 319 29.13 12.76 38.41
C THR E 319 28.58 11.36 38.60
N ARG E 320 28.65 10.53 37.55
CA ARG E 320 28.22 9.14 37.67
C ARG E 320 29.15 8.40 38.64
N SER E 321 30.47 8.60 38.48
CA SER E 321 31.40 7.92 39.36
C SER E 321 31.16 8.38 40.79
N ALA E 322 30.99 9.68 41.01
CA ALA E 322 30.83 10.17 42.39
C ALA E 322 29.57 9.60 43.03
N ARG E 323 28.46 9.53 42.29
CA ARG E 323 27.27 8.93 42.87
C ARG E 323 27.51 7.47 43.23
N ALA E 324 28.13 6.72 42.32
CA ALA E 324 28.39 5.31 42.62
C ALA E 324 29.22 5.18 43.88
N VAL E 325 30.27 6.00 43.99
CA VAL E 325 31.21 5.91 45.10
C VAL E 325 30.51 6.24 46.42
N VAL E 326 29.84 7.39 46.49
CA VAL E 326 29.29 7.82 47.77
C VAL E 326 28.12 6.93 48.17
N ASN E 327 27.31 6.51 47.21
CA ASN E 327 26.28 5.52 47.55
C ASN E 327 26.88 4.23 48.08
N ALA E 328 27.98 3.77 47.47
CA ALA E 328 28.59 2.53 47.96
C ALA E 328 29.11 2.70 49.37
N VAL E 329 29.72 3.85 49.66
CA VAL E 329 30.22 4.13 50.99
C VAL E 329 29.07 4.12 52.01
N ILE E 330 28.00 4.86 51.70
CA ILE E 330 26.87 4.90 52.62
C ILE E 330 26.28 3.52 52.80
N ALA E 331 26.09 2.79 51.70
CA ALA E 331 25.51 1.45 51.78
C ALA E 331 26.35 0.56 52.66
N SER E 332 27.67 0.71 52.59
CA SER E 332 28.55 -0.13 53.39
C SER E 332 28.47 0.26 54.86
N VAL E 333 28.11 1.51 55.15
CA VAL E 333 27.96 1.91 56.55
C VAL E 333 26.63 1.43 57.13
N VAL E 334 25.53 1.63 56.41
CA VAL E 334 24.19 1.35 56.94
C VAL E 334 23.66 -0.01 56.52
N GLY E 335 24.33 -0.69 55.60
CA GLY E 335 23.91 -2.02 55.17
C GLY E 335 22.78 -2.03 54.18
N ASP E 336 22.58 -0.94 53.45
CA ASP E 336 21.45 -0.74 52.55
C ASP E 336 21.83 0.25 51.47
N PRO E 337 21.83 -0.17 50.21
CA PRO E 337 22.14 0.75 49.10
C PRO E 337 20.97 1.58 48.63
N MET E 338 19.80 1.44 49.24
CA MET E 338 18.62 2.22 48.86
C MET E 338 18.58 3.53 49.63
N VAL E 339 19.49 4.42 49.25
CA VAL E 339 19.57 5.77 49.81
C VAL E 339 19.66 6.78 48.67
N TYR E 340 19.31 8.02 48.98
CA TYR E 340 19.25 9.10 48.00
C TYR E 340 20.62 9.76 47.89
N VAL E 341 21.23 9.66 46.71
CA VAL E 341 22.47 10.38 46.43
C VAL E 341 22.31 11.13 45.11
N SER E 342 22.55 12.43 45.14
CA SER E 342 22.41 13.28 43.97
C SER E 342 23.74 13.95 43.64
N GLY E 343 24.05 14.01 42.36
CA GLY E 343 25.32 14.51 41.86
C GLY E 343 25.28 15.94 41.37
N GLY E 344 26.43 16.59 41.43
CA GLY E 344 26.62 17.96 41.03
C GLY E 344 26.38 18.81 42.26
N ALA E 345 27.49 19.11 42.94
CA ALA E 345 27.51 19.64 44.29
C ALA E 345 28.18 21.00 44.37
N GLU E 346 27.92 21.87 43.39
CA GLU E 346 28.54 23.19 43.41
C GLU E 346 28.13 23.94 44.66
N HIS E 347 29.12 24.32 45.49
CA HIS E 347 28.85 25.04 46.74
C HIS E 347 28.01 24.21 47.71
N GLN E 348 28.06 22.89 47.56
CA GLN E 348 27.38 21.95 48.46
C GLN E 348 28.46 21.05 49.02
N GLY E 349 28.81 21.31 50.28
CA GLY E 349 29.98 20.75 50.92
C GLY E 349 31.29 21.23 50.31
N PRO E 350 32.40 20.69 50.81
CA PRO E 350 33.72 21.06 50.28
C PRO E 350 33.93 20.51 48.87
N ASP E 351 34.98 21.01 48.23
CA ASP E 351 35.36 20.48 46.92
C ASP E 351 35.69 18.99 47.04
N GLY E 352 34.88 18.15 46.40
CA GLY E 352 35.02 16.71 46.48
C GLY E 352 34.17 16.05 47.54
N GLY E 353 33.44 16.83 48.35
CA GLY E 353 32.55 16.31 49.36
C GLY E 353 31.14 16.83 49.20
N GLY E 354 30.30 16.66 50.22
CA GLY E 354 28.91 17.03 50.12
C GLY E 354 28.14 16.76 51.39
N PRO E 355 27.03 17.47 51.60
CA PRO E 355 26.23 17.20 52.80
C PRO E 355 25.67 15.79 52.80
N ILE E 356 25.46 15.26 54.01
CA ILE E 356 24.83 13.96 54.18
C ILE E 356 23.93 14.05 55.41
N ALA E 357 22.64 13.75 55.24
CA ALA E 357 21.65 13.80 56.31
C ALA E 357 21.01 12.44 56.49
N VAL E 358 20.54 12.17 57.71
CA VAL E 358 19.84 10.93 58.04
C VAL E 358 18.52 11.28 58.72
N ILE E 359 17.41 10.74 58.20
CA ILE E 359 16.12 10.77 58.88
C ILE E 359 15.91 9.39 59.51
N ALA E 360 15.66 9.39 60.83
CA ALA E 360 15.54 8.18 61.64
C ALA E 360 14.37 8.33 62.60
N ARG E 361 13.72 7.22 62.93
CA ARG E 361 12.73 7.21 64.00
C ARG E 361 13.34 7.41 65.39
N VAL E 362 12.61 8.13 66.24
CA VAL E 362 12.93 8.32 67.66
C VAL E 362 12.65 7.04 68.44
N LEU E 363 13.03 7.02 69.71
CA LEU E 363 12.79 5.87 70.57
C LEU E 363 11.97 6.23 71.81
N GLU E 364 11.15 7.27 71.73
CA GLU E 364 10.26 7.65 72.85
C GLU E 364 8.80 7.55 72.44
N MET F 1 65.71 13.37 -7.98
CA MET F 1 64.26 13.47 -8.10
C MET F 1 63.51 12.71 -7.02
N GLN F 2 62.48 13.36 -6.49
CA GLN F 2 61.71 12.81 -5.39
C GLN F 2 60.59 11.91 -5.92
N LYS F 3 60.41 10.76 -5.27
CA LYS F 3 59.29 9.87 -5.52
C LYS F 3 58.63 9.56 -4.18
N VAL F 4 57.33 9.82 -4.08
CA VAL F 4 56.60 9.55 -2.84
C VAL F 4 55.76 8.30 -3.05
N GLU F 5 55.85 7.37 -2.10
CA GLU F 5 55.01 6.18 -2.04
C GLU F 5 54.20 6.17 -0.75
N VAL F 6 52.96 5.70 -0.84
CA VAL F 6 52.02 5.72 0.27
C VAL F 6 51.43 4.32 0.39
N PHE F 7 51.44 3.78 1.60
CA PHE F 7 50.98 2.41 1.84
C PHE F 7 49.89 2.41 2.90
N ARG F 8 48.71 1.90 2.54
CA ARG F 8 47.61 1.78 3.47
C ARG F 8 47.58 0.34 3.99
N ILE F 9 47.76 0.19 5.30
CA ILE F 9 48.06 -1.10 5.90
C ILE F 9 47.01 -1.38 6.98
N PRO F 10 46.20 -2.42 6.83
CA PRO F 10 45.28 -2.80 7.91
C PRO F 10 46.08 -3.24 9.13
N THR F 11 45.53 -2.94 10.32
CA THR F 11 46.14 -3.37 11.56
C THR F 11 45.17 -4.23 12.36
N ALA F 12 45.72 -5.18 13.11
CA ALA F 12 44.92 -6.07 13.95
C ALA F 12 44.76 -5.56 15.37
N SER F 13 45.58 -4.58 15.75
CA SER F 13 45.64 -4.01 17.09
C SER F 13 46.57 -2.80 17.03
N PRO F 14 46.60 -1.96 18.06
CA PRO F 14 47.48 -0.79 18.00
C PRO F 14 48.93 -1.17 17.82
N ASP F 15 49.36 -2.32 18.34
CA ASP F 15 50.75 -2.74 18.27
C ASP F 15 51.06 -3.63 17.07
N ASP F 16 50.12 -3.76 16.13
CA ASP F 16 50.30 -4.67 15.00
C ASP F 16 51.21 -4.01 13.99
N ILE F 17 52.42 -4.55 13.84
CA ILE F 17 53.38 -4.09 12.86
C ILE F 17 53.50 -5.04 11.67
N SER F 18 52.61 -6.04 11.59
CA SER F 18 52.79 -7.12 10.62
C SER F 18 52.67 -6.63 9.18
N GLY F 19 51.73 -5.72 8.89
CA GLY F 19 51.62 -5.23 7.53
C GLY F 19 52.83 -4.43 7.10
N LEU F 20 53.31 -3.55 7.99
CA LEU F 20 54.53 -2.80 7.75
C LEU F 20 55.74 -3.73 7.66
N ALA F 21 55.83 -4.70 8.55
CA ALA F 21 56.95 -5.63 8.49
C ALA F 21 56.94 -6.37 7.17
N THR F 22 55.76 -6.74 6.68
CA THR F 22 55.66 -7.43 5.40
C THR F 22 56.12 -6.53 4.26
N LEU F 23 55.73 -5.24 4.29
CA LEU F 23 56.15 -4.33 3.24
C LEU F 23 57.64 -4.04 3.26
N ILE F 24 58.26 -4.01 4.44
CA ILE F 24 59.71 -3.83 4.52
C ILE F 24 60.43 -5.09 4.05
N ASP F 25 59.99 -6.24 4.55
CA ASP F 25 60.64 -7.52 4.25
C ASP F 25 60.50 -7.94 2.79
N SER F 26 59.48 -7.46 2.08
CA SER F 26 59.33 -7.78 0.68
C SER F 26 60.14 -6.87 -0.24
N GLY F 27 60.79 -5.84 0.30
CA GLY F 27 61.56 -4.90 -0.47
C GLY F 27 60.77 -3.75 -1.06
N LYS F 28 59.50 -3.62 -0.73
CA LYS F 28 58.70 -2.52 -1.27
C LYS F 28 58.98 -1.22 -0.54
N ILE F 29 59.38 -1.31 0.72
CA ILE F 29 59.70 -0.15 1.53
C ILE F 29 61.11 -0.32 2.09
N ASN F 30 61.95 0.68 1.87
CA ASN F 30 63.21 0.79 2.57
C ASN F 30 62.90 1.57 3.84
N PRO F 31 63.02 0.97 5.03
CA PRO F 31 62.56 1.68 6.24
C PRO F 31 63.28 3.00 6.45
N ALA F 32 64.51 3.13 5.94
CA ALA F 32 65.24 4.39 6.09
C ALA F 32 64.57 5.52 5.31
N GLU F 33 63.67 5.20 4.38
CA GLU F 33 62.99 6.20 3.58
C GLU F 33 61.61 6.52 4.10
N ILE F 34 61.17 5.88 5.18
CA ILE F 34 59.90 6.25 5.78
C ILE F 34 60.04 7.64 6.39
N VAL F 35 59.09 8.50 6.09
CA VAL F 35 59.08 9.85 6.63
C VAL F 35 57.90 10.09 7.55
N ALA F 36 56.85 9.28 7.48
CA ALA F 36 55.72 9.57 8.36
C ALA F 36 54.79 8.37 8.46
N ILE F 37 54.15 8.22 9.62
CA ILE F 37 53.11 7.21 9.77
C ILE F 37 51.91 7.85 10.44
N LEU F 38 50.75 7.77 9.80
CA LEU F 38 49.51 8.35 10.30
C LEU F 38 48.55 7.21 10.58
N GLY F 39 48.20 7.01 11.84
CA GLY F 39 47.38 5.87 12.23
C GLY F 39 46.00 6.25 12.71
N LYS F 40 45.06 5.31 12.51
CA LYS F 40 43.81 5.23 13.24
C LYS F 40 43.92 4.02 14.17
N THR F 41 43.90 4.26 15.47
CA THR F 41 44.01 3.21 16.48
C THR F 41 42.70 3.08 17.25
N GLU F 42 42.42 1.88 17.73
CA GLU F 42 41.07 1.49 18.11
C GLU F 42 40.75 1.76 19.58
N GLY F 43 41.53 2.59 20.27
CA GLY F 43 41.10 3.04 21.58
C GLY F 43 39.96 4.04 21.51
N ASN F 44 39.66 4.61 22.68
CA ASN F 44 38.49 5.48 22.83
C ASN F 44 38.74 6.91 22.36
N GLY F 45 39.95 7.23 21.94
CA GLY F 45 40.26 8.57 21.47
C GLY F 45 40.19 9.65 22.53
N SER F 46 40.24 9.28 23.81
CA SER F 46 40.08 10.22 24.91
C SER F 46 41.41 10.80 25.34
N VAL F 47 41.39 11.69 26.33
CA VAL F 47 42.61 12.11 27.00
C VAL F 47 43.38 10.88 27.45
N ASN F 48 42.73 10.02 28.23
CA ASN F 48 43.38 8.84 28.79
C ASN F 48 43.25 7.70 27.79
N ASP F 49 43.78 7.97 26.61
CA ASP F 49 43.88 6.99 25.54
C ASP F 49 45.35 6.75 25.30
N PHE F 50 45.82 5.59 25.72
CA PHE F 50 47.21 5.19 25.58
C PHE F 50 47.43 4.25 24.41
N THR F 51 46.37 3.90 23.66
CA THR F 51 46.59 3.09 22.46
C THR F 51 47.40 3.87 21.44
N ARG F 52 47.27 5.20 21.43
CA ARG F 52 48.07 6.00 20.50
C ARG F 52 49.55 5.82 20.81
N CYS F 53 49.90 5.93 22.09
CA CYS F 53 51.28 5.72 22.51
C CYS F 53 51.70 4.26 22.36
N PHE F 54 50.79 3.31 22.55
CA PHE F 54 51.15 1.91 22.35
C PHE F 54 51.53 1.66 20.89
N ALA F 55 50.75 2.22 19.96
CA ALA F 55 51.03 2.07 18.55
C ALA F 55 52.34 2.73 18.19
N THR F 56 52.55 3.95 18.69
CA THR F 56 53.78 4.66 18.40
C THR F 56 54.99 3.90 18.93
N GLN F 57 54.92 3.45 20.18
CA GLN F 57 56.03 2.70 20.77
C GLN F 57 56.33 1.44 19.98
N SER F 58 55.29 0.69 19.57
CA SER F 58 55.53 -0.56 18.87
C SER F 58 56.16 -0.33 17.49
N LEU F 59 55.70 0.69 16.77
CA LEU F 59 56.30 0.95 15.47
C LEU F 59 57.72 1.45 15.62
N ALA F 60 57.97 2.32 16.61
CA ALA F 60 59.32 2.82 16.79
C ALA F 60 60.27 1.69 17.19
N MET F 61 59.83 0.77 18.06
CA MET F 61 60.67 -0.37 18.39
C MET F 61 61.00 -1.20 17.16
N TYR F 62 59.96 -1.56 16.38
CA TYR F 62 60.21 -2.40 15.22
C TYR F 62 61.17 -1.72 14.24
N LEU F 63 60.92 -0.45 13.92
CA LEU F 63 61.78 0.25 12.96
C LEU F 63 63.18 0.47 13.51
N ALA F 64 63.31 0.76 14.81
CA ALA F 64 64.62 0.91 15.40
C ALA F 64 65.42 -0.38 15.25
N GLU F 65 64.78 -1.52 15.48
CA GLU F 65 65.51 -2.78 15.37
C GLU F 65 65.86 -3.08 13.91
N LYS F 66 64.96 -2.74 12.97
CA LYS F 66 65.27 -2.97 11.56
C LYS F 66 66.40 -2.05 11.09
N LEU F 67 66.44 -0.82 11.60
CA LEU F 67 67.40 0.20 11.17
C LEU F 67 68.67 0.22 12.00
N GLY F 68 68.72 -0.48 13.12
CA GLY F 68 69.89 -0.43 13.98
C GLY F 68 70.09 0.88 14.70
N ILE F 69 69.00 1.56 15.07
CA ILE F 69 69.08 2.82 15.81
C ILE F 69 68.18 2.75 17.03
N SER F 70 68.25 3.80 17.86
CA SER F 70 67.49 3.88 19.10
C SER F 70 66.05 4.33 18.84
N ARG F 71 65.16 3.98 19.77
CA ARG F 71 63.80 4.50 19.70
C ARG F 71 63.77 6.02 19.67
N GLU F 72 64.63 6.65 20.48
CA GLU F 72 64.66 8.10 20.53
C GLU F 72 64.98 8.69 19.16
N GLU F 73 65.92 8.08 18.45
CA GLU F 73 66.27 8.59 17.13
C GLU F 73 65.13 8.40 16.13
N VAL F 74 64.45 7.25 16.18
CA VAL F 74 63.32 7.04 15.28
C VAL F 74 62.25 8.10 15.52
N VAL F 75 61.95 8.36 16.79
CA VAL F 75 60.92 9.36 17.10
C VAL F 75 61.38 10.76 16.74
N LYS F 76 62.70 10.98 16.71
CA LYS F 76 63.23 12.25 16.22
C LYS F 76 63.19 12.36 14.70
N LYS F 77 63.14 11.23 14.00
CA LYS F 77 63.29 11.21 12.55
C LYS F 77 61.96 11.09 11.82
N VAL F 78 60.99 10.43 12.44
CA VAL F 78 59.73 10.08 11.79
C VAL F 78 58.62 10.71 12.60
N ALA F 79 57.70 11.37 11.90
CA ALA F 79 56.50 11.89 12.55
C ALA F 79 55.56 10.74 12.89
N PHE F 80 55.08 10.73 14.13
CA PHE F 80 54.08 9.76 14.57
C PHE F 80 52.85 10.53 15.05
N ILE F 81 51.79 10.47 14.24
CA ILE F 81 50.54 11.15 14.50
C ILE F 81 49.49 10.05 14.60
N MET F 82 49.04 9.76 15.81
CA MET F 82 48.07 8.70 16.07
C MET F 82 46.73 9.32 16.48
N SER F 83 45.73 9.15 15.63
CA SER F 83 44.38 9.64 15.85
C SER F 83 43.53 8.51 16.44
N GLY F 84 43.12 8.65 17.70
CA GLY F 84 42.29 7.66 18.34
C GLY F 84 40.85 7.72 17.89
N GLY F 85 40.07 6.72 18.33
CA GLY F 85 38.65 6.70 18.00
C GLY F 85 38.36 6.01 16.68
N THR F 86 37.90 4.78 16.72
CA THR F 86 37.50 4.04 15.53
C THR F 86 36.04 3.59 15.69
N GLU F 87 35.15 4.57 15.69
CA GLU F 87 33.74 4.34 15.94
C GLU F 87 33.04 3.89 14.66
N GLY F 88 31.82 3.40 14.82
CA GLY F 88 31.06 2.95 13.67
C GLY F 88 31.75 1.79 12.97
N VAL F 89 31.86 1.90 11.65
CA VAL F 89 32.52 0.89 10.82
C VAL F 89 33.96 1.24 10.50
N MET F 90 34.50 2.31 11.10
CA MET F 90 35.86 2.77 10.76
C MET F 90 36.90 1.71 11.09
N THR F 91 37.76 1.44 10.13
CA THR F 91 38.69 0.33 10.26
C THR F 91 40.04 0.81 10.78
N PRO F 92 40.55 0.26 11.87
CA PRO F 92 41.89 0.65 12.33
C PRO F 92 42.93 0.37 11.26
N HIS F 93 43.87 1.29 11.10
CA HIS F 93 44.87 1.08 10.04
C HIS F 93 45.98 2.10 10.22
N ILE F 94 47.06 1.91 9.47
CA ILE F 94 48.08 2.94 9.39
C ILE F 94 48.35 3.28 7.93
N THR F 95 48.68 4.53 7.68
CA THR F 95 49.11 4.98 6.36
C THR F 95 50.55 5.43 6.48
N VAL F 96 51.45 4.73 5.78
CA VAL F 96 52.88 4.97 5.87
C VAL F 96 53.33 5.75 4.64
N PHE F 97 53.99 6.89 4.87
CA PHE F 97 54.52 7.74 3.82
C PHE F 97 56.02 7.55 3.73
N VAL F 98 56.49 7.15 2.55
CA VAL F 98 57.90 6.89 2.23
C VAL F 98 58.33 7.87 1.14
N ARG F 99 59.48 8.51 1.33
CA ARG F 99 60.03 9.44 0.36
C ARG F 99 61.40 8.99 -0.07
N LYS F 100 61.56 8.71 -1.36
CA LYS F 100 62.84 8.31 -1.92
C LYS F 100 63.39 9.41 -2.80
N ASP F 101 64.71 9.50 -2.86
CA ASP F 101 65.41 10.32 -3.85
C ASP F 101 65.83 9.40 -5.00
N VAL F 102 65.10 9.45 -6.11
CA VAL F 102 65.39 8.62 -7.27
C VAL F 102 65.79 9.52 -8.42
N ALA F 103 66.73 9.06 -9.25
CA ALA F 103 67.17 9.79 -10.43
C ALA F 103 66.39 9.28 -11.62
N ALA F 104 65.20 9.84 -11.84
CA ALA F 104 64.37 9.45 -12.97
C ALA F 104 63.45 10.60 -13.31
N PRO F 105 63.06 10.75 -14.56
CA PRO F 105 62.21 11.88 -14.95
C PRO F 105 60.82 11.76 -14.34
N ALA F 106 60.15 12.91 -14.25
CA ALA F 106 58.79 12.94 -13.74
C ALA F 106 57.85 12.31 -14.77
N ALA F 107 56.56 12.39 -14.52
CA ALA F 107 55.57 11.90 -15.47
C ALA F 107 54.74 13.08 -15.95
N PRO F 108 53.79 12.88 -16.86
CA PRO F 108 53.01 14.02 -17.39
C PRO F 108 52.33 14.79 -16.27
N GLY F 109 52.53 16.11 -16.27
CA GLY F 109 51.90 16.97 -15.28
C GLY F 109 52.60 16.96 -13.92
N LYS F 110 51.80 17.14 -12.88
CA LYS F 110 52.25 17.22 -11.49
C LYS F 110 51.97 15.91 -10.78
N ARG F 111 52.80 15.58 -9.80
CA ARG F 111 52.63 14.33 -9.07
C ARG F 111 52.90 14.59 -7.59
N LEU F 112 52.56 13.60 -6.76
CA LEU F 112 52.54 13.77 -5.31
C LEU F 112 53.91 14.21 -4.77
N ALA F 113 53.89 15.19 -3.85
CA ALA F 113 55.08 15.71 -3.19
C ALA F 113 54.81 15.92 -1.71
N VAL F 114 55.86 15.75 -0.91
CA VAL F 114 55.78 15.86 0.55
C VAL F 114 56.98 16.65 1.04
N GLY F 115 56.72 17.51 2.03
CA GLY F 115 57.76 18.27 2.69
C GLY F 115 57.51 18.30 4.19
N VAL F 116 58.59 18.49 4.93
CA VAL F 116 58.56 18.40 6.40
C VAL F 116 59.24 19.64 6.96
N ALA F 117 58.71 20.15 8.06
CA ALA F 117 59.34 21.28 8.74
C ALA F 117 58.94 21.31 10.21
N PHE F 118 59.82 21.86 11.04
CA PHE F 118 59.57 22.00 12.46
C PHE F 118 59.64 23.48 12.84
N THR F 119 58.80 23.86 13.80
CA THR F 119 58.89 25.19 14.40
C THR F 119 59.81 25.19 15.62
N ARG F 120 60.11 26.39 16.09
CA ARG F 120 60.71 26.58 17.40
C ARG F 120 59.77 26.11 18.50
N ASP F 121 60.35 25.87 19.69
CA ASP F 121 59.57 25.61 20.88
C ASP F 121 58.74 26.85 21.25
N PHE F 122 57.56 26.61 21.81
CA PHE F 122 56.72 27.70 22.29
C PHE F 122 56.78 27.78 23.81
N LEU F 123 56.77 29.01 24.34
CA LEU F 123 56.54 29.19 25.76
C LEU F 123 55.08 28.92 26.11
N PRO F 124 54.80 28.46 27.34
CA PRO F 124 53.41 28.14 27.68
C PRO F 124 52.47 29.33 27.47
N GLU F 125 52.94 30.55 27.76
CA GLU F 125 52.09 31.71 27.57
C GLU F 125 51.91 32.06 26.11
N GLU F 126 52.59 31.35 25.20
CA GLU F 126 52.43 31.57 23.77
C GLU F 126 51.40 30.64 23.13
N LEU F 127 51.02 29.54 23.78
CA LEU F 127 50.08 28.62 23.16
C LEU F 127 48.72 29.28 22.98
N GLY F 128 48.09 29.02 21.83
CA GLY F 128 46.79 29.59 21.61
C GLY F 128 46.83 31.05 21.25
N ARG F 129 48.01 31.57 20.94
CA ARG F 129 48.21 32.99 20.72
C ARG F 129 48.95 33.18 19.40
N MET F 130 49.12 34.45 19.03
CA MET F 130 49.58 34.80 17.69
C MET F 130 50.98 34.28 17.38
N GLU F 131 51.82 34.13 18.42
CA GLU F 131 53.16 33.59 18.20
C GLU F 131 53.11 32.19 17.60
N GLN F 132 52.16 31.35 18.05
CA GLN F 132 52.01 30.02 17.47
C GLN F 132 51.51 30.07 16.04
N VAL F 133 50.51 30.91 15.77
CA VAL F 133 50.05 31.08 14.39
C VAL F 133 51.23 31.37 13.49
N ASN F 134 52.04 32.37 13.87
CA ASN F 134 53.07 32.88 12.97
C ASN F 134 54.20 31.86 12.81
N GLU F 135 54.61 31.20 13.90
CA GLU F 135 55.66 30.20 13.78
C GLU F 135 55.20 29.01 12.94
N VAL F 136 53.95 28.59 13.12
CA VAL F 136 53.43 27.51 12.29
C VAL F 136 53.44 27.93 10.82
N ALA F 137 53.02 29.16 10.53
CA ALA F 137 53.00 29.63 9.14
C ALA F 137 54.40 29.56 8.53
N ARG F 138 55.40 30.08 9.25
CA ARG F 138 56.77 30.00 8.76
C ARG F 138 57.18 28.55 8.48
N ALA F 139 56.90 27.65 9.42
CA ALA F 139 57.33 26.27 9.22
C ALA F 139 56.62 25.66 8.02
N VAL F 140 55.36 26.03 7.80
CA VAL F 140 54.59 25.55 6.65
C VAL F 140 55.22 26.03 5.35
N LYS F 141 55.65 27.28 5.30
CA LYS F 141 56.33 27.77 4.10
C LYS F 141 57.62 27.00 3.84
N GLU F 142 58.38 26.72 4.90
CA GLU F 142 59.60 25.93 4.74
C GLU F 142 59.27 24.52 4.24
N ALA F 143 58.19 23.93 4.75
CA ALA F 143 57.81 22.59 4.30
C ALA F 143 57.38 22.61 2.83
N MET F 144 56.71 23.68 2.39
CA MET F 144 56.39 23.79 0.97
C MET F 144 57.65 23.84 0.11
N LYS F 145 58.65 24.61 0.55
CA LYS F 145 59.92 24.63 -0.18
C LYS F 145 60.55 23.24 -0.20
N ASP F 146 60.56 22.56 0.94
CA ASP F 146 61.10 21.20 0.99
C ASP F 146 60.40 20.28 0.01
N ALA F 147 59.11 20.51 -0.23
CA ALA F 147 58.36 19.68 -1.14
C ALA F 147 58.52 20.12 -2.59
N GLN F 148 59.20 21.23 -2.81
CA GLN F 148 59.32 21.80 -4.15
C GLN F 148 57.94 22.12 -4.71
N ILE F 149 57.08 22.64 -3.83
CA ILE F 149 55.75 23.12 -4.19
C ILE F 149 55.75 24.62 -3.95
N ASP F 150 55.54 25.39 -5.02
CA ASP F 150 55.47 26.85 -4.92
C ASP F 150 54.07 27.44 -4.90
N ASP F 151 53.06 26.71 -5.39
CA ASP F 151 51.72 27.27 -5.51
C ASP F 151 50.86 26.75 -4.37
N PRO F 152 50.34 27.60 -3.49
CA PRO F 152 49.51 27.10 -2.38
C PRO F 152 48.28 26.34 -2.84
N ARG F 153 47.80 26.58 -4.06
CA ARG F 153 46.66 25.82 -4.57
C ARG F 153 46.97 24.35 -4.76
N ASP F 154 48.26 24.01 -4.82
CA ASP F 154 48.74 22.64 -4.98
C ASP F 154 49.06 21.99 -3.64
N VAL F 155 48.77 22.66 -2.52
CA VAL F 155 48.86 22.05 -1.21
C VAL F 155 47.50 21.46 -0.88
N HIS F 156 47.49 20.17 -0.54
CA HIS F 156 46.27 19.42 -0.29
C HIS F 156 46.12 18.92 1.14
N PHE F 157 47.16 18.97 1.97
CA PHE F 157 47.06 18.52 3.36
C PHE F 157 48.21 19.08 4.18
N VAL F 158 47.89 19.68 5.31
CA VAL F 158 48.88 20.19 6.24
C VAL F 158 48.64 19.52 7.58
N GLN F 159 49.47 18.55 7.93
CA GLN F 159 49.34 17.75 9.14
C GLN F 159 50.23 18.35 10.21
N ILE F 160 49.68 18.59 11.38
CA ILE F 160 50.44 19.23 12.43
C ILE F 160 50.32 18.41 13.70
N LYS F 161 51.43 18.29 14.41
CA LYS F 161 51.47 17.87 15.80
C LYS F 161 51.81 19.10 16.61
N ALA F 162 50.93 19.47 17.53
CA ALA F 162 51.07 20.69 18.28
C ALA F 162 51.15 20.39 19.77
N PRO F 163 51.77 21.28 20.55
CA PRO F 163 51.94 21.02 21.97
C PRO F 163 50.65 21.21 22.74
N LEU F 164 50.73 21.00 24.05
CA LEU F 164 49.61 21.23 24.93
C LEU F 164 50.14 21.71 26.27
N LEU F 165 49.22 22.10 27.15
CA LEU F 165 49.57 22.51 28.51
C LEU F 165 49.31 21.38 29.50
N THR F 166 50.20 21.23 30.46
CA THR F 166 49.99 20.41 31.63
C THR F 166 49.95 21.30 32.87
N ALA F 167 49.53 20.71 33.98
CA ALA F 167 49.49 21.46 35.23
C ALA F 167 50.88 22.00 35.57
N GLU F 168 51.91 21.19 35.34
CA GLU F 168 53.27 21.61 35.66
C GLU F 168 53.69 22.81 34.81
N ARG F 169 53.31 22.82 33.53
CA ARG F 169 53.69 23.93 32.67
C ARG F 169 52.92 25.19 33.05
N ILE F 170 51.67 25.04 33.47
CA ILE F 170 50.91 26.18 33.97
C ILE F 170 51.57 26.75 35.22
N GLU F 171 52.02 25.88 36.13
CA GLU F 171 52.74 26.37 37.31
C GLU F 171 54.04 27.07 36.93
N ASP F 172 54.73 26.56 35.92
CA ASP F 172 55.92 27.24 35.43
C ASP F 172 55.58 28.65 34.93
N ALA F 173 54.54 28.75 34.10
CA ALA F 173 54.11 30.05 33.61
C ALA F 173 53.77 31.00 34.76
N LYS F 174 53.04 30.50 35.76
CA LYS F 174 52.70 31.33 36.91
C LYS F 174 53.95 31.81 37.63
N ARG F 175 54.91 30.91 37.83
CA ARG F 175 56.16 31.27 38.50
C ARG F 175 56.94 32.35 37.77
N ARG F 176 56.88 32.37 36.44
CA ARG F 176 57.56 33.37 35.63
C ARG F 176 56.76 34.65 35.43
N GLY F 177 55.61 34.79 36.10
CA GLY F 177 54.84 36.00 36.02
C GLY F 177 53.93 36.11 34.82
N LYS F 178 53.51 34.99 34.23
CA LYS F 178 52.71 34.95 33.01
C LYS F 178 51.41 34.23 33.28
N ASP F 179 50.40 34.58 32.49
CA ASP F 179 49.12 33.88 32.49
C ASP F 179 48.99 33.12 31.18
N VAL F 180 48.33 31.96 31.24
CA VAL F 180 48.13 31.15 30.08
C VAL F 180 46.75 31.45 29.52
N VAL F 181 46.51 31.01 28.28
CA VAL F 181 45.26 31.37 27.61
C VAL F 181 44.06 30.76 28.31
N VAL F 182 44.20 29.57 28.88
CA VAL F 182 43.15 28.91 29.65
C VAL F 182 43.81 27.99 30.66
N ASN F 183 43.23 27.92 31.85
CA ASN F 183 43.79 27.10 32.92
C ASN F 183 43.16 25.70 32.94
N ASP F 184 43.26 25.05 31.80
CA ASP F 184 42.57 23.79 31.55
C ASP F 184 43.33 23.05 30.46
N THR F 185 43.88 21.88 30.79
CA THR F 185 44.76 21.21 29.84
C THR F 185 43.95 20.71 28.64
N TYR F 186 42.79 20.13 28.89
CA TYR F 186 41.96 19.64 27.79
C TYR F 186 41.51 20.78 26.90
N LYS F 187 41.03 21.88 27.49
CA LYS F 187 40.64 23.00 26.65
C LYS F 187 41.86 23.61 25.94
N SER F 188 43.03 23.50 26.59
CA SER F 188 44.25 23.99 25.94
C SER F 188 44.50 23.23 24.67
N MET F 189 44.08 21.96 24.62
CA MET F 189 44.25 21.21 23.38
C MET F 189 43.46 21.86 22.26
N ALA F 190 42.25 22.33 22.56
CA ALA F 190 41.40 22.99 21.56
C ALA F 190 42.05 24.29 21.09
N TYR F 191 42.64 25.04 22.04
CA TYR F 191 43.28 26.30 21.67
C TYR F 191 44.52 26.09 20.81
N SER F 192 45.30 25.05 21.12
CA SER F 192 46.46 24.73 20.31
C SER F 192 46.07 24.29 18.91
N ARG F 193 45.06 23.41 18.80
CA ARG F 193 44.59 23.01 17.48
C ARG F 193 44.11 24.22 16.68
N GLY F 194 43.38 25.13 17.31
CA GLY F 194 42.81 26.24 16.56
C GLY F 194 43.88 27.22 16.12
N ALA F 195 44.79 27.58 17.02
CA ALA F 195 45.90 28.45 16.64
C ALA F 195 46.73 27.83 15.52
N SER F 196 47.03 26.54 15.61
CA SER F 196 47.82 25.90 14.56
C SER F 196 47.12 25.95 13.21
N ALA F 197 45.81 25.66 13.21
CA ALA F 197 45.08 25.69 11.95
C ALA F 197 45.03 27.10 11.36
N LEU F 198 44.86 28.12 12.21
CA LEU F 198 44.90 29.49 11.68
C LEU F 198 46.27 29.84 11.15
N GLY F 199 47.33 29.32 11.76
CA GLY F 199 48.66 29.52 11.20
C GLY F 199 48.82 28.89 9.82
N VAL F 200 48.24 27.69 9.64
CA VAL F 200 48.26 27.07 8.31
C VAL F 200 47.50 27.93 7.30
N ALA F 201 46.29 28.36 7.66
CA ALA F 201 45.49 29.17 6.74
C ALA F 201 46.24 30.45 6.36
N LEU F 202 46.91 31.05 7.34
CA LEU F 202 47.70 32.25 7.09
C LEU F 202 48.83 31.96 6.12
N ALA F 203 49.57 30.87 6.34
CA ALA F 203 50.70 30.56 5.47
C ALA F 203 50.27 30.35 4.02
N LEU F 204 49.09 29.75 3.81
CA LEU F 204 48.63 29.41 2.47
C LEU F 204 47.81 30.50 1.80
N GLY F 205 47.55 31.62 2.47
CA GLY F 205 46.76 32.69 1.88
C GLY F 205 45.28 32.44 1.83
N GLU F 206 44.77 31.53 2.65
CA GLU F 206 43.34 31.26 2.69
C GLU F 206 42.58 32.31 3.49
N ILE F 207 43.27 33.00 4.41
CA ILE F 207 42.71 34.12 5.15
C ILE F 207 43.77 35.21 5.21
N SER F 208 43.32 36.45 5.37
CA SER F 208 44.24 37.58 5.44
C SER F 208 44.60 37.90 6.89
N ALA F 209 45.84 38.39 7.05
CA ALA F 209 46.40 38.64 8.38
C ALA F 209 45.55 39.62 9.17
N ASP F 210 44.98 40.63 8.52
CA ASP F 210 44.24 41.64 9.26
C ASP F 210 43.00 41.07 9.96
N LYS F 211 42.56 39.87 9.59
CA LYS F 211 41.39 39.24 10.19
C LYS F 211 41.73 38.35 11.38
N ILE F 212 43.02 38.12 11.68
CA ILE F 212 43.44 37.18 12.72
C ILE F 212 43.94 37.94 13.94
N SER F 213 43.45 37.54 15.11
CA SER F 213 43.93 38.11 16.37
C SER F 213 43.78 37.05 17.46
N ASN F 214 44.44 37.30 18.60
CA ASN F 214 44.34 36.37 19.72
C ASN F 214 42.90 36.12 20.15
N GLU F 215 42.07 37.18 20.13
CA GLU F 215 40.70 37.06 20.63
C GLU F 215 39.87 36.20 19.70
N ALA F 216 40.26 36.17 18.43
CA ALA F 216 39.62 35.40 17.38
C ALA F 216 39.99 33.92 17.43
N ILE F 217 41.11 33.57 18.06
CA ILE F 217 41.60 32.20 18.00
C ILE F 217 40.72 31.12 18.63
N VAL F 218 39.66 31.46 19.35
CA VAL F 218 38.67 30.43 19.65
C VAL F 218 37.25 30.94 19.44
N HIS F 219 37.11 32.05 18.73
CA HIS F 219 35.81 32.71 18.73
C HIS F 219 35.19 32.88 17.35
N ASP F 220 35.98 33.31 16.37
CA ASP F 220 35.47 33.57 15.02
C ASP F 220 35.65 32.33 14.14
N TRP F 221 34.58 31.52 14.06
CA TRP F 221 34.57 30.29 13.28
C TRP F 221 34.40 30.53 11.79
N ASN F 222 34.25 31.77 11.34
CA ASN F 222 34.30 32.05 9.91
C ASN F 222 35.71 31.98 9.37
N LEU F 223 36.68 31.96 10.26
CA LEU F 223 38.09 31.80 9.91
C LEU F 223 38.43 30.31 10.02
N TYR F 224 38.79 29.71 8.88
CA TYR F 224 39.18 28.31 8.88
C TYR F 224 40.05 28.02 7.67
N SER F 225 40.86 26.97 7.80
CA SER F 225 41.64 26.39 6.70
C SER F 225 40.91 25.23 6.01
N SER F 226 41.12 25.13 4.70
CA SER F 226 40.56 24.04 3.90
C SER F 226 41.51 22.85 3.76
N VAL F 227 42.71 22.90 4.35
CA VAL F 227 43.65 21.79 4.27
C VAL F 227 44.27 21.40 5.60
N ALA F 228 44.06 22.21 6.64
CA ALA F 228 44.70 21.92 7.93
C ALA F 228 44.08 20.74 8.69
N SER F 229 44.96 19.94 9.30
CA SER F 229 44.60 18.79 10.13
C SER F 229 45.57 18.81 11.30
N THR F 230 45.11 19.19 12.49
CA THR F 230 46.02 19.39 13.61
C THR F 230 45.67 18.48 14.77
N SER F 231 46.69 18.12 15.55
CA SER F 231 46.57 17.03 16.51
C SER F 231 47.51 17.31 17.68
N ALA F 232 47.01 17.16 18.90
CA ALA F 232 47.76 17.56 20.09
C ALA F 232 48.16 16.35 20.91
N ASP F 239 56.44 22.14 17.48
CA ASP F 239 55.44 21.80 16.47
C ASP F 239 56.09 20.99 15.34
N GLU F 240 55.46 19.90 14.91
CA GLU F 240 55.91 19.21 13.71
C GLU F 240 54.90 19.39 12.57
N ILE F 241 55.40 19.68 11.37
CA ILE F 241 54.58 20.02 10.21
C ILE F 241 54.90 19.06 9.07
N ILE F 242 53.87 18.47 8.46
CA ILE F 242 53.97 17.75 7.17
C ILE F 242 53.09 18.43 6.14
N VAL F 243 53.69 18.97 5.09
CA VAL F 243 52.96 19.50 3.94
C VAL F 243 52.86 18.42 2.85
N VAL F 244 51.64 18.17 2.37
CA VAL F 244 51.38 17.22 1.29
C VAL F 244 50.67 17.97 0.17
N GLY F 245 51.19 17.85 -1.05
CA GLY F 245 50.62 18.50 -2.21
C GLY F 245 51.10 17.85 -3.49
N ASN F 246 51.04 18.60 -4.58
CA ASN F 246 51.54 18.12 -5.86
C ASN F 246 52.56 19.09 -6.43
N SER F 247 53.55 18.55 -7.12
CA SER F 247 54.66 19.33 -7.66
C SER F 247 54.92 18.88 -9.09
N THR F 248 55.30 19.83 -9.94
CA THR F 248 55.76 19.49 -11.27
C THR F 248 57.07 18.72 -11.23
N ASN F 249 57.86 18.91 -10.18
CA ASN F 249 59.17 18.27 -10.04
C ASN F 249 59.07 17.00 -9.20
N SER F 250 58.10 16.15 -9.52
CA SER F 250 57.89 14.89 -8.80
C SER F 250 57.74 13.74 -9.78
N ALA F 251 58.34 12.60 -9.45
CA ALA F 251 58.21 11.36 -10.21
C ALA F 251 57.29 10.37 -9.51
N SER F 252 56.31 10.88 -8.76
CA SER F 252 55.39 10.04 -8.00
C SER F 252 54.25 9.55 -8.88
N ASP F 253 53.95 8.24 -8.76
CA ASP F 253 52.84 7.61 -9.44
C ASP F 253 51.52 7.83 -8.72
N LEU F 254 51.37 8.98 -8.05
CA LEU F 254 50.18 9.29 -7.26
C LEU F 254 49.94 10.80 -7.29
N VAL F 255 48.71 11.18 -6.98
CA VAL F 255 48.35 12.57 -6.79
C VAL F 255 47.47 12.72 -5.55
N ILE F 256 47.38 13.95 -5.03
CA ILE F 256 46.44 14.29 -3.97
C ILE F 256 45.52 15.42 -4.41
N GLY F 257 44.25 15.30 -4.01
CA GLY F 257 43.27 16.36 -4.16
C GLY F 257 42.44 16.49 -2.90
N HIS F 258 41.61 17.54 -2.82
CA HIS F 258 40.81 17.72 -1.62
C HIS F 258 39.54 18.53 -1.91
N SER F 259 38.63 18.46 -0.95
CA SER F 259 37.47 19.35 -0.86
C SER F 259 37.25 19.65 0.63
N VAL F 260 36.10 20.26 0.95
CA VAL F 260 35.74 20.53 2.34
C VAL F 260 34.30 20.10 2.58
N MET F 261 34.08 19.21 3.55
CA MET F 261 32.74 18.87 3.97
C MET F 261 32.12 20.06 4.69
N LYS F 262 30.95 20.50 4.23
CA LYS F 262 30.21 21.61 4.82
C LYS F 262 29.48 21.20 6.10
N ASP F 263 29.16 19.93 6.23
CA ASP F 263 28.52 19.35 7.41
C ASP F 263 28.83 17.86 7.39
N ALA F 264 28.34 17.15 8.41
CA ALA F 264 28.79 15.77 8.59
C ALA F 264 28.26 14.79 7.54
N ILE F 265 27.26 15.17 6.75
CA ILE F 265 26.67 14.28 5.76
C ILE F 265 26.88 14.79 4.33
N ASP F 266 27.89 15.66 4.14
CA ASP F 266 28.12 16.33 2.85
C ASP F 266 28.92 15.39 1.95
N ALA F 267 28.20 14.42 1.38
CA ALA F 267 28.80 13.48 0.44
C ALA F 267 29.24 14.18 -0.84
N ASP F 268 28.58 15.28 -1.20
CA ASP F 268 29.02 16.04 -2.35
C ASP F 268 30.46 16.48 -2.21
N ALA F 269 30.86 16.89 -0.99
CA ALA F 269 32.25 17.29 -0.81
C ALA F 269 33.21 16.11 -0.94
N VAL F 270 32.78 14.94 -0.50
CA VAL F 270 33.56 13.72 -0.70
C VAL F 270 33.78 13.46 -2.19
N ARG F 271 32.71 13.60 -2.99
CA ARG F 271 32.84 13.36 -4.42
C ARG F 271 33.68 14.44 -5.09
N ALA F 272 33.60 15.68 -4.61
CA ALA F 272 34.44 16.75 -5.15
C ALA F 272 35.91 16.47 -4.87
N ALA F 273 36.21 15.98 -3.67
CA ALA F 273 37.60 15.64 -3.35
C ALA F 273 38.09 14.49 -4.21
N LEU F 274 37.23 13.48 -4.44
CA LEU F 274 37.61 12.39 -5.34
C LEU F 274 37.91 12.89 -6.75
N LYS F 275 37.05 13.75 -7.30
CA LYS F 275 37.27 14.28 -8.65
C LYS F 275 38.56 15.09 -8.74
N ASP F 276 38.85 15.87 -7.69
CA ASP F 276 40.06 16.69 -7.66
C ASP F 276 41.35 15.87 -7.64
N ALA F 277 41.30 14.62 -7.19
CA ALA F 277 42.45 13.72 -7.19
C ALA F 277 42.55 12.87 -8.45
N GLY F 278 41.76 13.17 -9.47
CA GLY F 278 41.83 12.49 -10.75
C GLY F 278 40.89 11.32 -10.88
N ILE F 279 40.07 11.05 -9.87
CA ILE F 279 39.11 9.96 -9.89
C ILE F 279 37.79 10.56 -10.38
N ARG F 280 37.42 10.25 -11.62
CA ARG F 280 36.35 10.95 -12.29
C ARG F 280 35.05 10.16 -12.37
N SER F 281 35.04 8.90 -11.92
CA SER F 281 33.82 8.10 -11.94
C SER F 281 33.93 7.03 -10.87
N ASP F 282 32.78 6.45 -10.52
CA ASP F 282 32.76 5.41 -9.49
C ASP F 282 33.63 4.23 -9.87
N ASP F 283 33.78 3.96 -11.16
CA ASP F 283 34.52 2.79 -11.60
C ASP F 283 36.02 2.96 -11.47
N GLU F 284 36.49 4.15 -11.09
CA GLU F 284 37.91 4.38 -10.85
C GLU F 284 38.22 4.36 -9.34
N MET F 285 37.23 4.01 -8.50
CA MET F 285 37.43 4.05 -7.06
C MET F 285 38.67 3.27 -6.63
N ASP F 286 39.01 2.19 -7.31
CA ASP F 286 40.12 1.35 -6.88
C ASP F 286 41.47 2.04 -6.96
N ARG F 287 41.57 3.18 -7.65
CA ARG F 287 42.84 3.91 -7.68
C ARG F 287 43.09 4.75 -6.44
N ILE F 288 42.14 4.82 -5.52
CA ILE F 288 42.34 5.56 -4.28
C ILE F 288 43.44 4.88 -3.48
N VAL F 289 44.39 5.67 -3.00
CA VAL F 289 45.31 5.17 -1.99
C VAL F 289 44.79 5.41 -0.59
N ASN F 290 44.43 6.65 -0.24
CA ASN F 290 43.70 6.82 1.02
C ASN F 290 42.86 8.09 1.02
N VAL F 291 41.89 8.15 1.93
CA VAL F 291 41.15 9.38 2.21
C VAL F 291 41.41 9.84 3.63
N LEU F 292 41.64 11.15 3.81
CA LEU F 292 42.01 11.73 5.09
C LEU F 292 41.06 12.89 5.38
N ALA F 293 40.35 12.85 6.51
CA ALA F 293 39.30 13.85 6.72
C ALA F 293 39.18 14.24 8.19
N LYS F 294 38.72 15.48 8.41
CA LYS F 294 38.36 15.97 9.73
C LYS F 294 36.85 15.97 9.90
N ALA F 295 36.40 15.67 11.12
CA ALA F 295 34.99 15.54 11.44
C ALA F 295 34.70 16.20 12.78
N GLU F 296 33.49 16.76 12.91
CA GLU F 296 33.10 17.31 14.20
C GLU F 296 31.59 17.46 14.27
N ALA F 297 31.10 17.59 15.50
CA ALA F 297 29.74 17.97 15.81
C ALA F 297 29.57 19.48 15.64
N ALA F 298 28.54 19.89 14.89
CA ALA F 298 28.30 21.31 14.75
C ALA F 298 27.79 21.89 16.06
N SER F 299 28.22 23.12 16.35
CA SER F 299 27.86 23.77 17.59
C SER F 299 26.36 24.02 17.69
N SER F 300 25.69 24.14 16.55
CA SER F 300 24.26 24.41 16.57
C SER F 300 23.42 23.25 17.09
N GLY F 301 23.99 22.05 17.19
CA GLY F 301 23.17 20.92 17.56
C GLY F 301 22.25 20.43 16.47
N THR F 302 22.49 20.83 15.22
CA THR F 302 21.62 20.46 14.10
C THR F 302 22.48 20.10 12.89
N VAL F 303 21.87 19.39 11.95
CA VAL F 303 22.43 19.18 10.63
C VAL F 303 21.36 19.53 9.61
N ARG F 304 21.63 20.53 8.77
CA ARG F 304 20.65 20.95 7.77
C ARG F 304 19.29 21.17 8.44
N GLY F 305 19.32 21.84 9.58
CA GLY F 305 18.11 22.19 10.31
C GLY F 305 17.51 21.07 11.11
N ARG F 306 18.15 19.90 11.16
CA ARG F 306 17.62 18.75 11.89
C ARG F 306 18.40 18.54 13.19
N ARG F 307 17.66 18.48 14.30
CA ARG F 307 18.25 18.32 15.62
C ARG F 307 18.92 16.96 15.72
N ASN F 308 20.02 16.90 16.47
CA ASN F 308 20.56 15.64 16.95
C ASN F 308 21.03 15.77 18.39
N THR F 309 21.31 14.62 18.99
CA THR F 309 21.62 14.49 20.40
C THR F 309 23.11 14.41 20.67
N MET F 310 23.96 14.63 19.66
CA MET F 310 25.39 14.42 19.82
C MET F 310 25.94 15.19 21.03
N LEU F 311 25.50 16.43 21.22
CA LEU F 311 26.01 17.25 22.28
C LEU F 311 25.29 17.04 23.61
N ASP F 312 24.17 16.31 23.62
CA ASP F 312 23.45 16.02 24.85
C ASP F 312 23.73 14.63 25.39
N ASP F 313 24.36 13.77 24.60
CA ASP F 313 24.50 12.35 24.95
C ASP F 313 25.68 12.17 25.91
N SER F 314 25.37 11.80 27.16
CA SER F 314 26.38 11.62 28.20
C SER F 314 27.02 10.26 28.14
N ASP F 315 26.54 9.37 27.27
CA ASP F 315 27.09 8.04 27.11
C ASP F 315 28.20 8.02 26.07
N ILE F 316 28.02 8.74 24.96
CA ILE F 316 28.95 8.73 23.84
C ILE F 316 29.42 10.16 23.60
N ASN F 317 30.74 10.38 23.68
CA ASN F 317 31.25 11.74 23.50
C ASN F 317 31.10 12.17 22.06
N HIS F 318 30.95 13.48 21.86
CA HIS F 318 30.51 13.94 20.55
C HIS F 318 31.55 13.71 19.46
N THR F 319 32.84 13.74 19.78
CA THR F 319 33.82 13.47 18.73
C THR F 319 33.77 12.01 18.28
N ARG F 320 33.38 11.10 19.16
CA ARG F 320 33.24 9.70 18.75
C ARG F 320 32.12 9.58 17.74
N SER F 321 30.98 10.20 18.03
CA SER F 321 29.85 10.15 17.11
C SER F 321 30.21 10.79 15.78
N ALA F 322 30.86 11.95 15.81
CA ALA F 322 31.17 12.61 14.55
C ALA F 322 32.11 11.76 13.71
N ARG F 323 33.10 11.13 14.35
CA ARG F 323 34.00 10.26 13.58
C ARG F 323 33.21 9.11 12.96
N ALA F 324 32.34 8.47 13.75
CA ALA F 324 31.55 7.37 13.23
C ALA F 324 30.71 7.81 12.04
N VAL F 325 30.06 8.98 12.17
CA VAL F 325 29.15 9.48 11.14
C VAL F 325 29.90 9.75 9.86
N VAL F 326 30.98 10.52 9.95
CA VAL F 326 31.66 10.94 8.72
C VAL F 326 32.35 9.74 8.10
N ASN F 327 32.87 8.83 8.94
CA ASN F 327 33.39 7.58 8.38
C ASN F 327 32.33 6.82 7.63
N ALA F 328 31.11 6.77 8.17
CA ALA F 328 30.05 6.05 7.46
C ALA F 328 29.74 6.73 6.13
N VAL F 329 29.69 8.05 6.13
CA VAL F 329 29.41 8.78 4.89
C VAL F 329 30.48 8.49 3.85
N ILE F 330 31.75 8.64 4.22
CA ILE F 330 32.82 8.39 3.26
C ILE F 330 32.79 6.95 2.78
N ALA F 331 32.63 6.00 3.71
CA ALA F 331 32.59 4.61 3.30
C ALA F 331 31.48 4.39 2.29
N SER F 332 30.34 5.08 2.48
CA SER F 332 29.22 4.89 1.57
C SER F 332 29.48 5.52 0.22
N VAL F 333 30.33 6.55 0.16
CA VAL F 333 30.67 7.15 -1.13
C VAL F 333 31.70 6.30 -1.87
N VAL F 334 32.75 5.88 -1.16
CA VAL F 334 33.89 5.22 -1.78
C VAL F 334 33.81 3.70 -1.66
N GLY F 335 32.88 3.17 -0.89
CA GLY F 335 32.72 1.74 -0.79
C GLY F 335 33.72 1.05 0.12
N ASP F 336 34.32 1.78 1.06
CA ASP F 336 35.40 1.26 1.89
C ASP F 336 35.45 2.03 3.21
N PRO F 337 35.24 1.36 4.34
CA PRO F 337 35.32 2.04 5.64
C PRO F 337 36.73 2.20 6.20
N MET F 338 37.78 1.72 5.52
CA MET F 338 39.14 1.88 6.02
C MET F 338 39.72 3.20 5.52
N VAL F 339 39.20 4.28 6.10
CA VAL F 339 39.69 5.62 5.80
C VAL F 339 39.95 6.36 7.10
N TYR F 340 40.78 7.39 7.00
CA TYR F 340 41.23 8.18 8.14
C TYR F 340 40.25 9.32 8.40
N VAL F 341 39.61 9.31 9.58
CA VAL F 341 38.77 10.40 10.03
C VAL F 341 39.24 10.77 11.43
N SER F 342 39.55 12.06 11.62
CA SER F 342 40.07 12.59 12.88
C SER F 342 39.17 13.68 13.43
N GLY F 343 38.97 13.66 14.74
CA GLY F 343 38.06 14.57 15.40
C GLY F 343 38.74 15.76 16.03
N GLY F 344 37.99 16.85 16.13
CA GLY F 344 38.39 18.12 16.70
C GLY F 344 38.98 19.02 15.63
N ALA F 345 38.13 19.87 15.07
CA ALA F 345 38.39 20.61 13.85
C ALA F 345 38.30 22.11 14.11
N GLU F 346 38.82 22.57 15.24
CA GLU F 346 38.74 24.00 15.52
C GLU F 346 39.46 24.78 14.45
N HIS F 347 38.74 25.67 13.77
CA HIS F 347 39.28 26.48 12.68
C HIS F 347 39.79 25.62 11.53
N GLN F 348 39.24 24.41 11.42
CA GLN F 348 39.54 23.48 10.33
C GLN F 348 38.21 23.17 9.64
N GLY F 349 38.02 23.76 8.46
CA GLY F 349 36.74 23.80 7.77
C GLY F 349 35.69 24.61 8.53
N PRO F 350 34.47 24.65 8.00
CA PRO F 350 33.39 25.37 8.68
C PRO F 350 32.97 24.67 9.97
N ASP F 351 32.18 25.38 10.77
CA ASP F 351 31.61 24.77 11.97
C ASP F 351 30.72 23.59 11.61
N GLY F 352 31.14 22.40 12.03
CA GLY F 352 30.46 21.17 11.72
C GLY F 352 31.00 20.47 10.49
N GLY F 353 31.97 21.06 9.80
CA GLY F 353 32.57 20.41 8.67
C GLY F 353 34.06 20.30 8.81
N GLY F 354 34.75 19.97 7.72
CA GLY F 354 36.16 19.73 7.80
C GLY F 354 36.76 19.37 6.45
N PRO F 355 38.06 19.59 6.29
CA PRO F 355 38.71 19.20 5.05
C PRO F 355 38.66 17.70 4.84
N ILE F 356 38.66 17.30 3.57
CA ILE F 356 38.74 15.90 3.16
C ILE F 356 39.63 15.81 1.93
N ALA F 357 40.67 15.00 1.99
CA ALA F 357 41.60 14.84 0.89
C ALA F 357 41.62 13.38 0.43
N VAL F 358 41.94 13.18 -0.85
CA VAL F 358 42.07 11.85 -1.45
C VAL F 358 43.43 11.75 -2.13
N ILE F 359 44.19 10.71 -1.78
CA ILE F 359 45.39 10.30 -2.49
C ILE F 359 45.04 9.14 -3.40
N ALA F 360 45.34 9.28 -4.69
CA ALA F 360 44.94 8.32 -5.72
C ALA F 360 46.07 8.07 -6.71
N ARG F 361 46.12 6.83 -7.23
CA ARG F 361 47.01 6.50 -8.33
C ARG F 361 46.60 7.20 -9.63
N VAL F 362 47.59 7.59 -10.42
CA VAL F 362 47.38 8.14 -11.76
C VAL F 362 47.00 7.05 -12.75
N LEU F 363 46.53 7.46 -13.93
CA LEU F 363 46.08 6.55 -14.98
C LEU F 363 47.22 6.18 -15.93
N MET G 1 -60.01 -30.14 5.83
CA MET G 1 -59.68 -30.46 4.44
C MET G 1 -59.12 -29.25 3.72
N GLN G 2 -58.05 -29.47 2.96
CA GLN G 2 -57.37 -28.39 2.27
C GLN G 2 -58.01 -28.12 0.92
N LYS G 3 -58.18 -26.83 0.60
CA LYS G 3 -58.62 -26.37 -0.72
C LYS G 3 -57.67 -25.31 -1.25
N VAL G 4 -57.12 -25.54 -2.43
CA VAL G 4 -56.21 -24.59 -3.07
C VAL G 4 -56.96 -23.88 -4.18
N GLU G 5 -56.87 -22.55 -4.19
CA GLU G 5 -57.40 -21.71 -5.27
C GLU G 5 -56.25 -20.93 -5.91
N VAL G 6 -56.33 -20.75 -7.22
CA VAL G 6 -55.26 -20.13 -8.00
C VAL G 6 -55.86 -19.04 -8.89
N PHE G 7 -55.27 -17.84 -8.85
CA PHE G 7 -55.78 -16.68 -9.58
C PHE G 7 -54.69 -16.12 -10.48
N ARG G 8 -54.94 -16.08 -11.79
CA ARG G 8 -54.02 -15.50 -12.76
C ARG G 8 -54.44 -14.08 -13.12
N ILE G 9 -53.58 -13.11 -12.85
CA ILE G 9 -53.91 -11.69 -12.83
C ILE G 9 -52.99 -10.98 -13.81
N PRO G 10 -53.51 -10.36 -14.87
CA PRO G 10 -52.63 -9.57 -15.72
C PRO G 10 -52.11 -8.38 -14.94
N THR G 11 -50.87 -8.01 -15.23
CA THR G 11 -50.24 -6.86 -14.60
C THR G 11 -49.82 -5.87 -15.67
N ALA G 12 -49.86 -4.59 -15.32
CA ALA G 12 -49.45 -3.52 -16.22
C ALA G 12 -47.99 -3.17 -16.05
N SER G 13 -47.37 -3.64 -14.97
CA SER G 13 -45.99 -3.34 -14.61
C SER G 13 -45.56 -4.22 -13.44
N PRO G 14 -44.27 -4.28 -13.13
CA PRO G 14 -43.82 -5.16 -12.03
C PRO G 14 -44.44 -4.82 -10.69
N ASP G 15 -44.71 -3.54 -10.43
CA ASP G 15 -45.24 -3.08 -9.15
C ASP G 15 -46.76 -3.01 -9.14
N ASP G 16 -47.42 -3.55 -10.17
CA ASP G 16 -48.86 -3.46 -10.30
C ASP G 16 -49.50 -4.48 -9.36
N ILE G 17 -50.14 -3.97 -8.31
CA ILE G 17 -50.89 -4.78 -7.35
C ILE G 17 -52.40 -4.63 -7.53
N SER G 18 -52.84 -3.98 -8.60
CA SER G 18 -54.25 -3.59 -8.70
C SER G 18 -55.16 -4.80 -8.83
N GLY G 19 -54.74 -5.83 -9.58
CA GLY G 19 -55.59 -7.00 -9.71
C GLY G 19 -55.75 -7.74 -8.41
N LEU G 20 -54.65 -7.91 -7.67
CA LEU G 20 -54.73 -8.51 -6.34
C LEU G 20 -55.56 -7.67 -5.40
N ALA G 21 -55.36 -6.34 -5.40
CA ALA G 21 -56.16 -5.49 -4.53
C ALA G 21 -57.64 -5.61 -4.87
N THR G 22 -57.97 -5.71 -6.17
CA THR G 22 -59.36 -5.88 -6.57
C THR G 22 -59.93 -7.19 -6.05
N LEU G 23 -59.14 -8.27 -6.14
CA LEU G 23 -59.60 -9.55 -5.65
C LEU G 23 -59.76 -9.57 -4.13
N ILE G 24 -58.92 -8.83 -3.42
CA ILE G 24 -59.08 -8.72 -1.97
C ILE G 24 -60.30 -7.89 -1.61
N ASP G 25 -60.45 -6.73 -2.26
CA ASP G 25 -61.54 -5.82 -1.94
C ASP G 25 -62.91 -6.36 -2.32
N SER G 26 -62.99 -7.27 -3.30
CA SER G 26 -64.26 -7.89 -3.68
C SER G 26 -64.62 -9.09 -2.82
N GLY G 27 -63.72 -9.51 -1.93
CA GLY G 27 -63.93 -10.68 -1.11
C GLY G 27 -63.52 -11.99 -1.73
N LYS G 28 -62.89 -11.99 -2.91
CA LYS G 28 -62.50 -13.24 -3.54
C LYS G 28 -61.22 -13.83 -2.93
N ILE G 29 -60.33 -13.00 -2.39
CA ILE G 29 -59.10 -13.46 -1.77
C ILE G 29 -59.00 -12.91 -0.36
N ASN G 30 -58.78 -13.80 0.62
CA ASN G 30 -58.38 -13.40 1.96
C ASN G 30 -56.85 -13.35 1.99
N PRO G 31 -56.24 -12.17 2.18
CA PRO G 31 -54.77 -12.12 2.06
C PRO G 31 -54.05 -13.00 3.07
N ALA G 32 -54.66 -13.30 4.22
CA ALA G 32 -54.01 -14.16 5.20
C ALA G 32 -53.89 -15.60 4.71
N GLU G 33 -54.63 -15.96 3.67
CA GLU G 33 -54.63 -17.31 3.13
C GLU G 33 -53.74 -17.44 1.88
N ILE G 34 -53.13 -16.35 1.45
CA ILE G 34 -52.17 -16.40 0.34
C ILE G 34 -50.94 -17.17 0.78
N VAL G 35 -50.51 -18.13 -0.04
CA VAL G 35 -49.31 -18.90 0.26
C VAL G 35 -48.20 -18.68 -0.75
N ALA G 36 -48.49 -18.20 -1.95
CA ALA G 36 -47.38 -18.05 -2.90
C ALA G 36 -47.79 -17.13 -4.04
N ILE G 37 -46.83 -16.41 -4.57
CA ILE G 37 -47.08 -15.62 -5.78
C ILE G 37 -45.95 -15.86 -6.76
N LEU G 38 -46.32 -16.30 -7.96
CA LEU G 38 -45.36 -16.60 -9.02
C LEU G 38 -45.61 -15.61 -10.15
N GLY G 39 -44.63 -14.75 -10.44
CA GLY G 39 -44.81 -13.69 -11.41
C GLY G 39 -43.98 -13.87 -12.66
N LYS G 40 -44.50 -13.34 -13.77
CA LYS G 40 -43.75 -13.00 -14.96
C LYS G 40 -43.65 -11.48 -15.03
N THR G 41 -42.41 -10.96 -14.92
CA THR G 41 -42.15 -9.53 -14.95
C THR G 41 -41.37 -9.15 -16.20
N GLU G 42 -41.56 -7.92 -16.65
CA GLU G 42 -41.26 -7.50 -18.01
C GLU G 42 -39.85 -6.92 -18.18
N GLY G 43 -38.94 -7.18 -17.25
CA GLY G 43 -37.54 -6.87 -17.50
C GLY G 43 -36.87 -7.82 -18.49
N ASN G 44 -35.54 -7.66 -18.59
CA ASN G 44 -34.74 -8.35 -19.60
C ASN G 44 -34.34 -9.78 -19.23
N GLY G 45 -34.68 -10.25 -18.03
CA GLY G 45 -34.36 -11.61 -17.66
C GLY G 45 -32.88 -11.94 -17.51
N SER G 46 -32.14 -11.15 -16.74
CA SER G 46 -30.70 -11.37 -16.60
C SER G 46 -30.31 -11.04 -15.15
N VAL G 47 -28.99 -11.09 -14.90
CA VAL G 47 -28.47 -10.73 -13.59
C VAL G 47 -29.00 -9.36 -13.17
N ASN G 48 -28.79 -8.35 -14.02
CA ASN G 48 -29.16 -6.98 -13.70
C ASN G 48 -30.60 -6.73 -14.16
N ASP G 49 -31.50 -7.54 -13.61
CA ASP G 49 -32.95 -7.42 -13.80
C ASP G 49 -33.51 -7.11 -12.42
N PHE G 50 -33.94 -5.87 -12.22
CA PHE G 50 -34.49 -5.42 -10.95
C PHE G 50 -36.01 -5.39 -10.94
N THR G 51 -36.65 -5.73 -12.05
CA THR G 51 -38.10 -5.82 -12.02
C THR G 51 -38.54 -6.93 -11.09
N ARG G 52 -37.75 -7.99 -10.95
CA ARG G 52 -38.14 -9.07 -10.05
C ARG G 52 -38.24 -8.54 -8.63
N CYS G 53 -37.18 -7.87 -8.17
CA CYS G 53 -37.18 -7.32 -6.83
C CYS G 53 -38.15 -6.14 -6.71
N PHE G 54 -38.39 -5.40 -7.80
CA PHE G 54 -39.35 -4.31 -7.71
C PHE G 54 -40.77 -4.84 -7.50
N ALA G 55 -41.12 -5.90 -8.24
CA ALA G 55 -42.43 -6.53 -8.11
C ALA G 55 -42.57 -7.13 -6.72
N THR G 56 -41.54 -7.83 -6.26
CA THR G 56 -41.58 -8.45 -4.95
C THR G 56 -41.75 -7.40 -3.86
N GLN G 57 -40.96 -6.32 -3.93
CA GLN G 57 -41.07 -5.26 -2.94
C GLN G 57 -42.48 -4.67 -2.91
N SER G 58 -43.05 -4.43 -4.09
CA SER G 58 -44.37 -3.80 -4.17
C SER G 58 -45.45 -4.70 -3.60
N LEU G 59 -45.37 -6.01 -3.90
CA LEU G 59 -46.37 -6.94 -3.39
C LEU G 59 -46.22 -7.11 -1.88
N ALA G 60 -44.99 -7.18 -1.38
CA ALA G 60 -44.80 -7.33 0.05
C ALA G 60 -45.32 -6.10 0.79
N MET G 61 -45.06 -4.90 0.23
CA MET G 61 -45.62 -3.69 0.82
C MET G 61 -47.14 -3.75 0.88
N TYR G 62 -47.78 -4.06 -0.26
CA TYR G 62 -49.23 -4.07 -0.30
C TYR G 62 -49.81 -5.07 0.70
N LEU G 63 -49.27 -6.30 0.70
CA LEU G 63 -49.80 -7.33 1.59
C LEU G 63 -49.55 -6.97 3.05
N ALA G 64 -48.39 -6.40 3.35
CA ALA G 64 -48.12 -5.96 4.72
C ALA G 64 -49.15 -4.94 5.19
N GLU G 65 -49.50 -3.99 4.33
CA GLU G 65 -50.48 -2.98 4.76
C GLU G 65 -51.88 -3.59 4.89
N LYS G 66 -52.25 -4.53 4.01
CA LYS G 66 -53.56 -5.17 4.12
C LYS G 66 -53.66 -6.07 5.34
N LEU G 67 -52.58 -6.74 5.71
CA LEU G 67 -52.61 -7.72 6.79
C LEU G 67 -52.25 -7.12 8.14
N GLY G 68 -51.74 -5.90 8.20
CA GLY G 68 -51.33 -5.29 9.45
C GLY G 68 -50.09 -5.92 10.06
N ILE G 69 -49.16 -6.39 9.23
CA ILE G 69 -47.91 -6.98 9.67
C ILE G 69 -46.74 -6.33 8.93
N SER G 70 -45.53 -6.70 9.32
CA SER G 70 -44.34 -6.11 8.73
C SER G 70 -44.03 -6.77 7.39
N ARG G 71 -43.31 -6.04 6.55
CA ARG G 71 -42.82 -6.63 5.29
C ARG G 71 -41.98 -7.87 5.55
N GLU G 72 -41.13 -7.84 6.58
CA GLU G 72 -40.29 -8.99 6.88
C GLU G 72 -41.12 -10.23 7.15
N GLU G 73 -42.22 -10.06 7.90
CA GLU G 73 -43.09 -11.19 8.19
C GLU G 73 -43.80 -11.68 6.94
N VAL G 74 -44.24 -10.75 6.07
CA VAL G 74 -44.87 -11.16 4.83
C VAL G 74 -43.92 -11.99 3.99
N VAL G 75 -42.67 -11.56 3.87
CA VAL G 75 -41.70 -12.31 3.07
C VAL G 75 -41.33 -13.63 3.73
N LYS G 76 -41.46 -13.70 5.05
CA LYS G 76 -41.26 -14.97 5.76
C LYS G 76 -42.46 -15.89 5.61
N LYS G 77 -43.63 -15.34 5.27
CA LYS G 77 -44.89 -16.06 5.26
C LYS G 77 -45.30 -16.49 3.86
N VAL G 78 -44.92 -15.73 2.84
CA VAL G 78 -45.42 -15.92 1.48
C VAL G 78 -44.20 -16.15 0.59
N ALA G 79 -44.28 -17.17 -0.25
CA ALA G 79 -43.25 -17.40 -1.26
C ALA G 79 -43.41 -16.37 -2.37
N PHE G 80 -42.30 -15.74 -2.75
CA PHE G 80 -42.27 -14.81 -3.88
C PHE G 80 -41.27 -15.31 -4.90
N ILE G 81 -41.78 -15.82 -6.02
CA ILE G 81 -40.95 -16.37 -7.09
C ILE G 81 -41.23 -15.53 -8.32
N MET G 82 -40.28 -14.65 -8.68
CA MET G 82 -40.44 -13.75 -9.82
C MET G 82 -39.49 -14.12 -10.97
N SER G 83 -40.04 -14.59 -12.07
CA SER G 83 -39.26 -14.93 -13.27
C SER G 83 -39.31 -13.75 -14.25
N GLY G 84 -38.17 -13.07 -14.45
CA GLY G 84 -38.13 -11.97 -15.39
C GLY G 84 -38.10 -12.44 -16.85
N GLY G 85 -38.24 -11.47 -17.77
CA GLY G 85 -38.19 -11.77 -19.20
C GLY G 85 -39.53 -12.14 -19.79
N THR G 86 -40.18 -11.21 -20.48
CA THR G 86 -41.45 -11.46 -21.17
C THR G 86 -41.26 -11.12 -22.64
N GLU G 87 -40.45 -11.93 -23.31
CA GLU G 87 -40.09 -11.70 -24.69
C GLU G 87 -41.17 -12.22 -25.63
N GLY G 88 -41.05 -11.86 -26.88
CA GLY G 88 -42.04 -12.28 -27.85
C GLY G 88 -43.39 -11.70 -27.47
N VAL G 89 -44.43 -12.53 -27.45
CA VAL G 89 -45.75 -12.06 -27.08
C VAL G 89 -46.10 -12.32 -25.63
N MET G 90 -45.15 -12.82 -24.84
CA MET G 90 -45.46 -13.20 -23.46
C MET G 90 -45.91 -11.99 -22.64
N THR G 91 -47.06 -12.16 -21.93
CA THR G 91 -47.77 -11.10 -21.20
C THR G 91 -47.37 -11.09 -19.73
N PRO G 92 -46.91 -9.95 -19.21
CA PRO G 92 -46.61 -9.87 -17.76
C PRO G 92 -47.84 -10.15 -16.91
N HIS G 93 -47.64 -10.88 -15.82
CA HIS G 93 -48.79 -11.22 -14.97
C HIS G 93 -48.28 -11.84 -13.68
N ILE G 94 -49.18 -11.99 -12.71
CA ILE G 94 -48.86 -12.76 -11.52
C ILE G 94 -49.90 -13.85 -11.31
N THR G 95 -49.47 -14.97 -10.75
CA THR G 95 -50.35 -16.06 -10.35
C THR G 95 -50.30 -16.21 -8.84
N VAL G 96 -51.43 -15.98 -8.17
CA VAL G 96 -51.50 -15.99 -6.72
C VAL G 96 -52.12 -17.32 -6.28
N PHE G 97 -51.40 -18.04 -5.42
CA PHE G 97 -51.84 -19.30 -4.85
C PHE G 97 -52.30 -19.08 -3.41
N VAL G 98 -53.56 -19.43 -3.14
CA VAL G 98 -54.21 -19.30 -1.84
C VAL G 98 -54.58 -20.69 -1.35
N ARG G 99 -54.28 -20.99 -0.08
CA ARG G 99 -54.62 -22.27 0.51
C ARG G 99 -55.49 -22.03 1.73
N LYS G 100 -56.72 -22.56 1.68
CA LYS G 100 -57.67 -22.48 2.78
C LYS G 100 -57.87 -23.86 3.39
N ASP G 101 -58.16 -23.89 4.69
CA ASP G 101 -58.63 -25.10 5.35
C ASP G 101 -60.16 -25.02 5.41
N VAL G 102 -60.84 -25.79 4.56
CA VAL G 102 -62.30 -25.73 4.46
C VAL G 102 -62.91 -27.04 4.95
N ALA G 103 -64.09 -26.93 5.55
CA ALA G 103 -64.85 -28.09 6.04
C ALA G 103 -65.82 -28.53 4.97
N ALA G 104 -65.36 -29.40 4.08
CA ALA G 104 -66.18 -29.92 2.99
C ALA G 104 -65.62 -31.27 2.55
N PRO G 105 -66.44 -32.15 2.00
CA PRO G 105 -65.97 -33.49 1.63
C PRO G 105 -64.94 -33.48 0.51
N ALA G 106 -64.43 -34.66 0.16
CA ALA G 106 -63.44 -34.82 -0.88
C ALA G 106 -64.12 -35.08 -2.22
N ALA G 107 -63.71 -34.35 -3.24
CA ALA G 107 -64.31 -34.46 -4.56
C ALA G 107 -64.00 -35.84 -5.15
N PRO G 108 -64.71 -36.22 -6.22
CA PRO G 108 -64.39 -37.48 -6.90
C PRO G 108 -63.00 -37.42 -7.52
N GLY G 109 -62.19 -38.44 -7.23
CA GLY G 109 -60.84 -38.49 -7.76
C GLY G 109 -59.88 -37.58 -7.01
N LYS G 110 -58.87 -37.11 -7.74
CA LYS G 110 -57.81 -36.26 -7.18
C LYS G 110 -58.04 -34.80 -7.58
N ARG G 111 -57.66 -33.89 -6.69
CA ARG G 111 -57.86 -32.46 -6.90
C ARG G 111 -56.63 -31.70 -6.41
N LEU G 112 -56.57 -30.43 -6.77
CA LEU G 112 -55.36 -29.63 -6.56
C LEU G 112 -54.94 -29.64 -5.09
N ALA G 113 -53.64 -29.82 -4.87
CA ALA G 113 -53.03 -29.80 -3.55
C ALA G 113 -51.71 -29.06 -3.62
N VAL G 114 -51.36 -28.41 -2.51
CA VAL G 114 -50.16 -27.60 -2.39
C VAL G 114 -49.50 -27.90 -1.05
N GLY G 115 -48.19 -27.98 -1.06
CA GLY G 115 -47.39 -28.18 0.14
C GLY G 115 -46.17 -27.29 0.11
N VAL G 116 -45.66 -26.96 1.29
CA VAL G 116 -44.57 -26.01 1.43
C VAL G 116 -43.51 -26.63 2.33
N ALA G 117 -42.24 -26.37 2.01
CA ALA G 117 -41.16 -26.83 2.86
C ALA G 117 -39.92 -25.97 2.67
N PHE G 118 -39.10 -25.90 3.72
CA PHE G 118 -37.86 -25.15 3.69
C PHE G 118 -36.71 -26.12 3.97
N THR G 119 -35.57 -25.86 3.33
CA THR G 119 -34.34 -26.57 3.64
C THR G 119 -33.53 -25.86 4.73
N ARG G 120 -32.51 -26.56 5.22
CA ARG G 120 -31.49 -25.93 6.04
C ARG G 120 -30.73 -24.89 5.22
N ASP G 121 -30.05 -23.98 5.93
CA ASP G 121 -29.11 -23.09 5.27
C ASP G 121 -27.95 -23.90 4.69
N PHE G 122 -27.42 -23.44 3.56
CA PHE G 122 -26.27 -24.07 2.94
C PHE G 122 -25.01 -23.23 3.18
N LEU G 123 -23.89 -23.91 3.37
CA LEU G 123 -22.59 -23.24 3.31
C LEU G 123 -22.26 -22.89 1.86
N PRO G 124 -21.49 -21.81 1.64
CA PRO G 124 -21.22 -21.42 0.24
C PRO G 124 -20.59 -22.54 -0.57
N GLU G 125 -19.72 -23.33 0.04
CA GLU G 125 -19.08 -24.43 -0.68
C GLU G 125 -20.03 -25.58 -0.93
N GLU G 126 -21.26 -25.50 -0.42
CA GLU G 126 -22.26 -26.54 -0.65
C GLU G 126 -23.18 -26.29 -1.86
N LEU G 127 -23.27 -25.07 -2.39
CA LEU G 127 -24.20 -24.87 -3.50
C LEU G 127 -23.76 -25.69 -4.69
N GLY G 128 -24.72 -26.28 -5.40
CA GLY G 128 -24.36 -27.04 -6.56
C GLY G 128 -23.77 -28.39 -6.24
N ARG G 129 -23.90 -28.84 -5.00
CA ARG G 129 -23.26 -30.05 -4.54
C ARG G 129 -24.29 -30.93 -3.84
N MET G 130 -23.86 -32.13 -3.45
CA MET G 130 -24.79 -33.18 -3.02
C MET G 130 -25.57 -32.81 -1.75
N GLU G 131 -24.99 -31.97 -0.88
CA GLU G 131 -25.72 -31.55 0.32
C GLU G 131 -27.01 -30.82 -0.05
N GLN G 132 -26.96 -29.99 -1.09
CA GLN G 132 -28.17 -29.30 -1.54
C GLN G 132 -29.15 -30.28 -2.16
N VAL G 133 -28.67 -31.21 -3.00
CA VAL G 133 -29.56 -32.24 -3.55
C VAL G 133 -30.33 -32.92 -2.43
N ASN G 134 -29.61 -33.39 -1.42
CA ASN G 134 -30.25 -34.24 -0.42
C ASN G 134 -31.20 -33.44 0.46
N GLU G 135 -30.81 -32.21 0.84
CA GLU G 135 -31.71 -31.39 1.65
C GLU G 135 -32.96 -31.01 0.87
N VAL G 136 -32.81 -30.68 -0.42
CA VAL G 136 -33.98 -30.38 -1.23
C VAL G 136 -34.90 -31.60 -1.31
N ALA G 137 -34.34 -32.79 -1.52
CA ALA G 137 -35.17 -33.98 -1.59
C ALA G 137 -35.98 -34.18 -0.32
N ARG G 138 -35.31 -34.09 0.84
CA ARG G 138 -36.02 -34.22 2.11
C ARG G 138 -37.13 -33.18 2.23
N ALA G 139 -36.82 -31.93 1.91
CA ALA G 139 -37.82 -30.88 2.06
C ALA G 139 -39.00 -31.11 1.11
N VAL G 140 -38.73 -31.61 -0.09
CA VAL G 140 -39.81 -31.91 -1.03
C VAL G 140 -40.73 -32.98 -0.46
N LYS G 141 -40.14 -34.02 0.15
CA LYS G 141 -40.98 -35.04 0.77
C LYS G 141 -41.81 -34.45 1.91
N GLU G 142 -41.21 -33.57 2.72
CA GLU G 142 -41.96 -32.93 3.79
C GLU G 142 -43.08 -32.06 3.23
N ALA G 143 -42.82 -31.34 2.13
CA ALA G 143 -43.84 -30.50 1.52
C ALA G 143 -44.96 -31.37 0.95
N MET G 144 -44.61 -32.54 0.43
CA MET G 144 -45.62 -33.48 -0.03
C MET G 144 -46.51 -33.89 1.13
N LYS G 145 -45.89 -34.16 2.29
CA LYS G 145 -46.70 -34.48 3.47
C LYS G 145 -47.61 -33.31 3.82
N ASP G 146 -47.06 -32.08 3.82
CA ASP G 146 -47.86 -30.89 4.09
C ASP G 146 -49.03 -30.76 3.12
N ALA G 147 -48.83 -31.20 1.87
CA ALA G 147 -49.85 -31.12 0.83
C ALA G 147 -50.82 -32.30 0.86
N GLN G 148 -50.58 -33.29 1.70
CA GLN G 148 -51.37 -34.50 1.73
C GLN G 148 -51.31 -35.21 0.38
N ILE G 149 -50.12 -35.22 -0.23
CA ILE G 149 -49.84 -35.95 -1.46
C ILE G 149 -48.84 -37.05 -1.11
N ASP G 150 -49.24 -38.30 -1.30
CA ASP G 150 -48.38 -39.43 -1.04
C ASP G 150 -47.76 -40.07 -2.29
N ASP G 151 -48.35 -39.86 -3.47
CA ASP G 151 -47.88 -40.54 -4.67
C ASP G 151 -47.07 -39.60 -5.53
N PRO G 152 -45.78 -39.86 -5.77
CA PRO G 152 -44.99 -38.94 -6.61
C PRO G 152 -45.54 -38.78 -8.02
N ARG G 153 -46.31 -39.75 -8.53
CA ARG G 153 -46.91 -39.60 -9.84
C ARG G 153 -47.96 -38.49 -9.85
N ASP G 154 -48.44 -38.10 -8.67
CA ASP G 154 -49.42 -37.05 -8.49
C ASP G 154 -48.78 -35.70 -8.20
N VAL G 155 -47.45 -35.61 -8.23
CA VAL G 155 -46.77 -34.33 -8.16
C VAL G 155 -46.55 -33.84 -9.58
N HIS G 156 -47.02 -32.64 -9.85
CA HIS G 156 -46.99 -32.05 -11.18
C HIS G 156 -46.12 -30.80 -11.29
N PHE G 157 -45.66 -30.22 -10.19
CA PHE G 157 -44.82 -29.04 -10.26
C PHE G 157 -44.08 -28.85 -8.94
N VAL G 158 -42.76 -28.69 -9.01
CA VAL G 158 -41.95 -28.42 -7.83
C VAL G 158 -41.20 -27.12 -8.06
N GLN G 159 -41.65 -26.05 -7.42
CA GLN G 159 -41.09 -24.71 -7.58
C GLN G 159 -40.09 -24.47 -6.47
N ILE G 160 -38.90 -24.02 -6.84
CA ILE G 160 -37.84 -23.82 -5.86
C ILE G 160 -37.30 -22.41 -6.02
N LYS G 161 -37.01 -21.80 -4.87
CA LYS G 161 -36.20 -20.61 -4.77
C LYS G 161 -34.88 -21.05 -4.15
N ALA G 162 -33.81 -20.96 -4.94
CA ALA G 162 -32.49 -21.46 -4.61
C ALA G 162 -31.50 -20.32 -4.38
N PRO G 163 -30.41 -20.60 -3.68
CA PRO G 163 -29.42 -19.57 -3.35
C PRO G 163 -28.51 -19.30 -4.54
N LEU G 164 -27.56 -18.40 -4.32
CA LEU G 164 -26.54 -18.09 -5.30
C LEU G 164 -25.25 -17.77 -4.54
N LEU G 165 -24.17 -17.58 -5.28
CA LEU G 165 -22.91 -17.18 -4.66
C LEU G 165 -22.66 -15.70 -4.84
N THR G 166 -22.13 -15.07 -3.79
CA THR G 166 -21.57 -13.74 -3.85
C THR G 166 -20.08 -13.79 -3.59
N ALA G 167 -19.40 -12.67 -3.85
CA ALA G 167 -17.96 -12.61 -3.61
C ALA G 167 -17.63 -12.88 -2.15
N GLU G 168 -18.45 -12.34 -1.23
CA GLU G 168 -18.19 -12.54 0.18
C GLU G 168 -18.31 -14.00 0.59
N ARG G 169 -19.31 -14.70 0.05
CA ARG G 169 -19.48 -16.10 0.41
C ARG G 169 -18.40 -16.99 -0.20
N ILE G 170 -17.97 -16.70 -1.43
CA ILE G 170 -16.86 -17.44 -2.01
C ILE G 170 -15.57 -17.23 -1.21
N GLU G 171 -15.29 -15.98 -0.84
CA GLU G 171 -14.10 -15.71 -0.02
C GLU G 171 -14.18 -16.39 1.34
N ASP G 172 -15.38 -16.42 1.93
CA ASP G 172 -15.54 -17.14 3.19
C ASP G 172 -15.20 -18.62 3.01
N ALA G 173 -15.77 -19.25 1.99
CA ALA G 173 -15.46 -20.66 1.72
C ALA G 173 -13.96 -20.88 1.54
N LYS G 174 -13.31 -20.04 0.75
CA LYS G 174 -11.86 -20.17 0.54
C LYS G 174 -11.08 -20.04 1.84
N ARG G 175 -11.43 -19.06 2.67
CA ARG G 175 -10.74 -18.86 3.95
C ARG G 175 -10.82 -20.08 4.86
N ARG G 176 -11.92 -20.82 4.81
CA ARG G 176 -12.08 -22.02 5.62
C ARG G 176 -11.45 -23.25 4.96
N GLY G 177 -10.74 -23.04 3.86
CA GLY G 177 -10.03 -24.11 3.17
C GLY G 177 -10.87 -24.93 2.22
N LYS G 178 -11.94 -24.36 1.68
CA LYS G 178 -12.85 -25.09 0.83
C LYS G 178 -12.92 -24.38 -0.52
N ASP G 179 -13.21 -25.15 -1.56
CA ASP G 179 -13.45 -24.61 -2.89
C ASP G 179 -14.91 -24.75 -3.25
N VAL G 180 -15.41 -23.80 -4.02
CA VAL G 180 -16.78 -23.79 -4.46
C VAL G 180 -16.78 -24.40 -5.86
N VAL G 181 -17.96 -24.76 -6.35
CA VAL G 181 -17.99 -25.47 -7.62
C VAL G 181 -17.49 -24.58 -8.76
N VAL G 182 -17.76 -23.28 -8.69
CA VAL G 182 -17.24 -22.35 -9.69
C VAL G 182 -17.10 -20.98 -9.04
N ASN G 183 -16.04 -20.27 -9.41
CA ASN G 183 -15.76 -18.95 -8.86
C ASN G 183 -16.35 -17.89 -9.79
N ASP G 184 -17.65 -18.04 -10.01
CA ASP G 184 -18.39 -17.28 -11.01
C ASP G 184 -19.86 -17.26 -10.59
N THR G 185 -20.41 -16.08 -10.34
CA THR G 185 -21.74 -15.99 -9.76
C THR G 185 -22.82 -16.48 -10.73
N TYR G 186 -22.75 -16.09 -12.02
CA TYR G 186 -23.77 -16.56 -12.94
C TYR G 186 -23.70 -18.06 -13.12
N LYS G 187 -22.50 -18.61 -13.30
CA LYS G 187 -22.46 -20.05 -13.40
C LYS G 187 -22.90 -20.67 -12.09
N SER G 188 -22.65 -19.98 -10.96
CA SER G 188 -23.13 -20.51 -9.69
C SER G 188 -24.65 -20.58 -9.70
N MET G 189 -25.30 -19.64 -10.38
CA MET G 189 -26.75 -19.67 -10.50
C MET G 189 -27.17 -20.90 -11.27
N ALA G 190 -26.42 -21.22 -12.32
CA ALA G 190 -26.72 -22.40 -13.12
C ALA G 190 -26.56 -23.66 -12.28
N TYR G 191 -25.51 -23.69 -11.46
CA TYR G 191 -25.25 -24.85 -10.61
C TYR G 191 -26.30 -25.00 -9.52
N SER G 192 -26.75 -23.89 -8.92
CA SER G 192 -27.80 -23.97 -7.90
C SER G 192 -29.13 -24.42 -8.51
N ARG G 193 -29.50 -23.85 -9.66
CA ARG G 193 -30.72 -24.29 -10.31
C ARG G 193 -30.64 -25.78 -10.64
N GLY G 194 -29.49 -26.24 -11.12
CA GLY G 194 -29.38 -27.62 -11.55
C GLY G 194 -29.40 -28.58 -10.37
N ALA G 195 -28.65 -28.27 -9.32
CA ALA G 195 -28.70 -29.08 -8.11
C ALA G 195 -30.10 -29.14 -7.52
N SER G 196 -30.81 -28.00 -7.48
CA SER G 196 -32.16 -28.03 -6.94
C SER G 196 -33.08 -28.91 -7.77
N ALA G 197 -32.99 -28.81 -9.10
CA ALA G 197 -33.84 -29.65 -9.94
C ALA G 197 -33.49 -31.13 -9.79
N LEU G 198 -32.20 -31.46 -9.67
CA LEU G 198 -31.85 -32.86 -9.45
C LEU G 198 -32.34 -33.35 -8.09
N GLY G 199 -32.34 -32.48 -7.08
CA GLY G 199 -32.93 -32.86 -5.80
C GLY G 199 -34.41 -33.16 -5.92
N VAL G 200 -35.12 -32.37 -6.72
CA VAL G 200 -36.53 -32.65 -6.98
C VAL G 200 -36.68 -34.01 -7.66
N ALA G 201 -35.90 -34.24 -8.72
CA ALA G 201 -36.01 -35.51 -9.44
C ALA G 201 -35.74 -36.69 -8.51
N LEU G 202 -34.75 -36.54 -7.63
CA LEU G 202 -34.44 -37.58 -6.65
C LEU G 202 -35.61 -37.82 -5.69
N ALA G 203 -36.18 -36.74 -5.14
CA ALA G 203 -37.27 -36.89 -4.18
C ALA G 203 -38.48 -37.58 -4.78
N LEU G 204 -38.77 -37.33 -6.05
CA LEU G 204 -39.98 -37.86 -6.70
C LEU G 204 -39.76 -39.22 -7.35
N GLY G 205 -38.53 -39.74 -7.33
CA GLY G 205 -38.24 -41.03 -7.94
C GLY G 205 -38.10 -41.02 -9.44
N GLU G 206 -37.89 -39.85 -10.05
CA GLU G 206 -37.72 -39.76 -11.49
C GLU G 206 -36.32 -40.18 -11.94
N ILE G 207 -35.34 -40.07 -11.04
CA ILE G 207 -33.98 -40.56 -11.27
C ILE G 207 -33.52 -41.26 -10.00
N SER G 208 -32.58 -42.19 -10.15
CA SER G 208 -32.06 -42.91 -9.00
C SER G 208 -30.80 -42.25 -8.44
N ALA G 209 -30.66 -42.38 -7.11
CA ALA G 209 -29.56 -41.72 -6.39
C ALA G 209 -28.20 -42.16 -6.93
N ASP G 210 -28.05 -43.43 -7.30
CA ASP G 210 -26.75 -43.95 -7.72
C ASP G 210 -26.23 -43.31 -9.00
N LYS G 211 -27.05 -42.60 -9.76
CA LYS G 211 -26.62 -41.96 -10.99
C LYS G 211 -26.15 -40.51 -10.79
N ILE G 212 -26.30 -39.96 -9.59
CA ILE G 212 -26.01 -38.55 -9.30
C ILE G 212 -24.73 -38.43 -8.48
N SER G 213 -23.84 -37.52 -8.91
CA SER G 213 -22.62 -37.20 -8.17
C SER G 213 -22.28 -35.75 -8.48
N ASN G 214 -21.35 -35.17 -7.69
CA ASN G 214 -20.97 -33.78 -7.97
C ASN G 214 -20.48 -33.61 -9.41
N GLU G 215 -19.73 -34.58 -9.92
CA GLU G 215 -19.15 -34.45 -11.25
C GLU G 215 -20.25 -34.55 -12.28
N ALA G 216 -21.31 -35.24 -11.89
CA ALA G 216 -22.54 -35.53 -12.60
C ALA G 216 -23.51 -34.35 -12.60
N ILE G 217 -23.37 -33.41 -11.66
CA ILE G 217 -24.37 -32.36 -11.51
C ILE G 217 -24.45 -31.46 -12.73
N VAL G 218 -23.34 -30.89 -13.20
CA VAL G 218 -23.45 -29.91 -14.26
C VAL G 218 -23.03 -30.47 -15.62
N HIS G 219 -22.76 -31.77 -15.71
CA HIS G 219 -22.16 -32.34 -16.91
C HIS G 219 -22.99 -33.42 -17.59
N ASP G 220 -24.27 -33.59 -17.25
CA ASP G 220 -25.02 -34.67 -17.88
C ASP G 220 -26.49 -34.25 -18.02
N TRP G 221 -26.83 -33.71 -19.20
CA TRP G 221 -28.19 -33.25 -19.46
C TRP G 221 -29.16 -34.39 -19.74
N ASN G 222 -28.71 -35.64 -19.76
CA ASN G 222 -29.63 -36.77 -19.80
C ASN G 222 -30.31 -37.02 -18.46
N LEU G 223 -29.79 -36.44 -17.38
CA LEU G 223 -30.40 -36.52 -16.06
C LEU G 223 -31.28 -35.30 -15.85
N TYR G 224 -32.59 -35.52 -15.69
CA TYR G 224 -33.47 -34.39 -15.44
C TYR G 224 -34.77 -34.83 -14.77
N SER G 225 -35.38 -33.87 -14.09
CA SER G 225 -36.74 -33.98 -13.54
C SER G 225 -37.75 -33.42 -14.52
N SER G 226 -38.93 -34.04 -14.55
CA SER G 226 -40.02 -33.58 -15.39
C SER G 226 -41.00 -32.61 -14.71
N VAL G 227 -40.77 -32.25 -13.46
CA VAL G 227 -41.70 -31.33 -12.79
C VAL G 227 -40.97 -30.17 -12.10
N ALA G 228 -39.65 -30.26 -12.01
CA ALA G 228 -38.90 -29.22 -11.30
C ALA G 228 -38.82 -27.91 -12.08
N SER G 229 -38.97 -26.80 -11.36
CA SER G 229 -38.88 -25.45 -11.90
C SER G 229 -38.13 -24.65 -10.83
N THR G 230 -36.88 -24.32 -11.09
CA THR G 230 -36.05 -23.72 -10.06
C THR G 230 -35.55 -22.35 -10.48
N SER G 231 -35.36 -21.48 -9.48
CA SER G 231 -35.16 -20.06 -9.73
C SER G 231 -34.28 -19.52 -8.61
N ALA G 232 -33.25 -18.75 -8.97
CA ALA G 232 -32.26 -18.32 -8.00
C ALA G 232 -32.38 -16.81 -7.81
N GLY G 233 -31.96 -16.32 -6.66
CA GLY G 233 -32.11 -14.92 -6.34
C GLY G 233 -31.19 -14.52 -5.20
N VAL G 234 -30.78 -13.26 -5.24
CA VAL G 234 -29.96 -12.69 -4.18
C VAL G 234 -30.79 -12.51 -2.90
N ASN G 238 -30.81 -20.95 1.98
CA ASN G 238 -32.10 -20.31 1.71
C ASN G 238 -32.80 -20.90 0.47
N ASP G 239 -33.36 -22.11 0.61
CA ASP G 239 -34.25 -22.68 -0.39
C ASP G 239 -35.69 -22.69 0.09
N GLU G 240 -36.61 -22.26 -0.76
CA GLU G 240 -38.03 -22.42 -0.53
C GLU G 240 -38.60 -23.42 -1.53
N ILE G 241 -39.45 -24.34 -1.07
CA ILE G 241 -39.96 -25.43 -1.89
C ILE G 241 -41.48 -25.32 -1.87
N ILE G 242 -42.09 -25.34 -3.05
CA ILE G 242 -43.53 -25.52 -3.22
C ILE G 242 -43.80 -26.77 -4.05
N VAL G 243 -44.45 -27.76 -3.45
CA VAL G 243 -44.92 -28.93 -4.19
C VAL G 243 -46.38 -28.71 -4.58
N VAL G 244 -46.68 -28.85 -5.88
CA VAL G 244 -48.03 -28.73 -6.40
C VAL G 244 -48.38 -30.02 -7.11
N GLY G 245 -49.52 -30.59 -6.74
CA GLY G 245 -49.95 -31.83 -7.34
C GLY G 245 -51.43 -32.06 -7.14
N ASN G 246 -51.83 -33.32 -7.23
CA ASN G 246 -53.22 -33.68 -7.01
C ASN G 246 -53.29 -34.77 -5.94
N SER G 247 -54.33 -34.72 -5.13
CA SER G 247 -54.51 -35.65 -4.03
C SER G 247 -55.95 -36.14 -4.02
N THR G 248 -56.15 -37.41 -3.67
CA THR G 248 -57.52 -37.86 -3.47
C THR G 248 -58.15 -37.18 -2.26
N ASN G 249 -57.34 -36.76 -1.30
CA ASN G 249 -57.81 -36.11 -0.07
C ASN G 249 -57.77 -34.60 -0.20
N SER G 250 -58.26 -34.05 -1.30
CA SER G 250 -58.27 -32.61 -1.50
C SER G 250 -59.64 -32.17 -1.94
N ALA G 251 -60.08 -31.02 -1.42
CA ALA G 251 -61.34 -30.43 -1.83
C ALA G 251 -61.13 -29.21 -2.73
N SER G 252 -60.39 -29.38 -3.82
CA SER G 252 -60.10 -28.29 -4.75
C SER G 252 -60.90 -28.44 -6.03
N ASP G 253 -61.47 -27.34 -6.50
CA ASP G 253 -62.18 -27.29 -7.77
C ASP G 253 -61.23 -27.18 -8.95
N LEU G 254 -60.00 -27.66 -8.79
CA LEU G 254 -58.95 -27.56 -9.81
C LEU G 254 -58.16 -28.85 -9.85
N VAL G 255 -57.49 -29.08 -10.97
CA VAL G 255 -56.54 -30.16 -11.10
C VAL G 255 -55.30 -29.63 -11.81
N ILE G 256 -54.19 -30.37 -11.67
CA ILE G 256 -52.97 -30.10 -12.41
C ILE G 256 -52.56 -31.32 -13.21
N GLY G 257 -52.05 -31.09 -14.42
CA GLY G 257 -51.42 -32.13 -15.21
C GLY G 257 -50.15 -31.57 -15.83
N HIS G 258 -49.34 -32.45 -16.42
CA HIS G 258 -48.10 -31.98 -17.02
C HIS G 258 -47.60 -32.90 -18.11
N SER G 259 -46.67 -32.37 -18.91
CA SER G 259 -45.85 -33.15 -19.84
C SER G 259 -44.44 -32.54 -19.84
N VAL G 260 -43.63 -32.96 -20.82
CA VAL G 260 -42.28 -32.43 -21.02
C VAL G 260 -42.07 -32.13 -22.51
N MET G 261 -41.76 -30.87 -22.84
CA MET G 261 -41.36 -30.52 -24.21
C MET G 261 -39.98 -31.10 -24.51
N LYS G 262 -39.89 -31.86 -25.62
CA LYS G 262 -38.63 -32.46 -26.04
C LYS G 262 -37.69 -31.44 -26.67
N ASP G 263 -38.25 -30.37 -27.23
CA ASP G 263 -37.49 -29.27 -27.80
C ASP G 263 -38.41 -28.06 -27.83
N ALA G 264 -37.88 -26.94 -28.32
CA ALA G 264 -38.59 -25.66 -28.19
C ALA G 264 -39.83 -25.57 -29.05
N ILE G 265 -40.03 -26.47 -30.02
CA ILE G 265 -41.20 -26.40 -30.89
C ILE G 265 -42.10 -27.61 -30.70
N ASP G 266 -42.01 -28.29 -29.56
CA ASP G 266 -42.74 -29.55 -29.38
C ASP G 266 -44.16 -29.19 -28.94
N ALA G 267 -44.96 -28.78 -29.93
CA ALA G 267 -46.35 -28.48 -29.66
C ALA G 267 -47.10 -29.74 -29.26
N ASP G 268 -46.63 -30.90 -29.73
CA ASP G 268 -47.25 -32.16 -29.32
C ASP G 268 -47.20 -32.31 -27.81
N ALA G 269 -46.08 -31.91 -27.19
CA ALA G 269 -45.99 -32.01 -25.73
C ALA G 269 -46.94 -31.02 -25.06
N VAL G 270 -47.15 -29.85 -25.67
CA VAL G 270 -48.14 -28.90 -25.17
C VAL G 270 -49.54 -29.55 -25.17
N ARG G 271 -49.93 -30.12 -26.31
CA ARG G 271 -51.23 -30.77 -26.41
C ARG G 271 -51.36 -31.89 -25.39
N ALA G 272 -50.29 -32.68 -25.23
CA ALA G 272 -50.33 -33.78 -24.27
C ALA G 272 -50.52 -33.25 -22.85
N ALA G 273 -49.87 -32.14 -22.51
CA ALA G 273 -50.03 -31.55 -21.19
C ALA G 273 -51.46 -31.04 -20.99
N LEU G 274 -52.03 -30.40 -22.01
CA LEU G 274 -53.43 -29.97 -21.90
C LEU G 274 -54.35 -31.15 -21.65
N LYS G 275 -54.21 -32.22 -22.43
CA LYS G 275 -55.05 -33.40 -22.27
C LYS G 275 -54.87 -34.04 -20.90
N ASP G 276 -53.64 -34.05 -20.39
CA ASP G 276 -53.36 -34.62 -19.07
C ASP G 276 -54.05 -33.88 -17.93
N ALA G 277 -54.39 -32.60 -18.13
CA ALA G 277 -55.10 -31.82 -17.13
C ALA G 277 -56.63 -31.85 -17.30
N GLY G 278 -57.13 -32.74 -18.15
CA GLY G 278 -58.57 -32.93 -18.33
C GLY G 278 -59.18 -32.10 -19.44
N ILE G 279 -58.37 -31.35 -20.17
CA ILE G 279 -58.84 -30.54 -21.29
C ILE G 279 -58.61 -31.41 -22.52
N ARG G 280 -59.69 -31.93 -23.09
CA ARG G 280 -59.58 -32.98 -24.11
C ARG G 280 -59.81 -32.48 -25.53
N SER G 281 -60.19 -31.21 -25.70
CA SER G 281 -60.41 -30.66 -27.03
C SER G 281 -60.19 -29.16 -26.98
N ASP G 282 -60.04 -28.58 -28.17
CA ASP G 282 -59.81 -27.14 -28.25
C ASP G 282 -60.94 -26.34 -27.62
N ASP G 283 -62.17 -26.86 -27.65
CA ASP G 283 -63.28 -26.06 -27.13
C ASP G 283 -63.32 -26.03 -25.61
N GLU G 284 -62.45 -26.78 -24.94
CA GLU G 284 -62.33 -26.73 -23.49
C GLU G 284 -61.14 -25.89 -23.07
N MET G 285 -60.46 -25.23 -24.02
CA MET G 285 -59.35 -24.36 -23.65
C MET G 285 -59.70 -23.47 -22.47
N ASP G 286 -60.91 -22.90 -22.48
CA ASP G 286 -61.29 -21.92 -21.46
C ASP G 286 -61.17 -22.45 -20.05
N ARG G 287 -61.02 -23.76 -19.86
CA ARG G 287 -60.83 -24.27 -18.51
C ARG G 287 -59.40 -24.12 -18.02
N ILE G 288 -58.47 -23.67 -18.85
CA ILE G 288 -57.11 -23.46 -18.38
C ILE G 288 -57.11 -22.36 -17.33
N VAL G 289 -56.48 -22.63 -16.19
CA VAL G 289 -56.15 -21.56 -15.26
C VAL G 289 -54.79 -20.98 -15.56
N ASN G 290 -53.76 -21.81 -15.63
CA ASN G 290 -52.50 -21.32 -16.18
C ASN G 290 -51.66 -22.47 -16.73
N VAL G 291 -50.70 -22.10 -17.58
CA VAL G 291 -49.64 -23.00 -18.05
C VAL G 291 -48.30 -22.49 -17.56
N LEU G 292 -47.48 -23.40 -17.06
CA LEU G 292 -46.18 -23.07 -16.47
C LEU G 292 -45.13 -23.95 -17.14
N ALA G 293 -44.11 -23.34 -17.73
CA ALA G 293 -43.18 -24.11 -18.55
C ALA G 293 -41.76 -23.56 -18.42
N LYS G 294 -40.79 -24.45 -18.59
CA LYS G 294 -39.37 -24.09 -18.70
C LYS G 294 -38.91 -24.15 -20.16
N ALA G 295 -38.04 -23.22 -20.54
CA ALA G 295 -37.55 -23.10 -21.91
C ALA G 295 -36.05 -22.82 -21.91
N GLU G 296 -35.35 -23.33 -22.92
CA GLU G 296 -33.93 -23.00 -23.06
C GLU G 296 -33.48 -23.29 -24.48
N ALA G 297 -32.34 -22.70 -24.84
CA ALA G 297 -31.63 -23.03 -26.07
C ALA G 297 -30.87 -24.34 -25.86
N ALA G 298 -31.03 -25.27 -26.80
CA ALA G 298 -30.31 -26.52 -26.69
C ALA G 298 -28.83 -26.29 -26.94
N SER G 299 -28.01 -27.04 -26.20
CA SER G 299 -26.56 -26.90 -26.28
C SER G 299 -26.02 -27.24 -27.67
N SER G 300 -26.74 -28.05 -28.44
CA SER G 300 -26.26 -28.42 -29.76
C SER G 300 -26.27 -27.25 -30.75
N GLY G 301 -26.96 -26.15 -30.43
CA GLY G 301 -27.11 -25.06 -31.37
C GLY G 301 -28.04 -25.35 -32.52
N THR G 302 -28.87 -26.40 -32.41
CA THR G 302 -29.75 -26.79 -33.50
C THR G 302 -31.09 -27.18 -32.91
N VAL G 303 -32.11 -27.19 -33.76
CA VAL G 303 -33.41 -27.77 -33.43
C VAL G 303 -33.79 -28.70 -34.56
N ARG G 304 -33.93 -29.99 -34.24
CA ARG G 304 -34.28 -30.99 -35.24
C ARG G 304 -33.35 -30.88 -36.45
N GLY G 305 -32.05 -30.72 -36.18
CA GLY G 305 -31.03 -30.69 -37.20
C GLY G 305 -30.90 -29.38 -37.96
N ARG G 306 -31.68 -28.35 -37.62
CA ARG G 306 -31.65 -27.07 -38.30
C ARG G 306 -30.94 -26.03 -37.42
N ARG G 307 -29.92 -25.37 -37.98
CA ARG G 307 -29.12 -24.38 -37.25
C ARG G 307 -29.95 -23.16 -36.86
N ASN G 308 -29.62 -22.56 -35.70
CA ASN G 308 -30.08 -21.22 -35.37
C ASN G 308 -28.97 -20.38 -34.73
N THR G 309 -29.24 -19.07 -34.63
CA THR G 309 -28.26 -18.09 -34.18
C THR G 309 -28.40 -17.69 -32.71
N MET G 310 -29.25 -18.37 -31.95
CA MET G 310 -29.55 -17.93 -30.58
C MET G 310 -28.28 -17.76 -29.76
N LEU G 311 -27.35 -18.69 -29.91
CA LEU G 311 -26.12 -18.70 -29.13
C LEU G 311 -25.03 -17.83 -29.73
N ASP G 312 -25.21 -17.33 -30.95
CA ASP G 312 -24.24 -16.45 -31.59
C ASP G 312 -24.60 -14.98 -31.48
N ASP G 313 -25.84 -14.67 -31.07
CA ASP G 313 -26.35 -13.31 -31.13
C ASP G 313 -25.83 -12.55 -29.93
N SER G 314 -24.97 -11.57 -30.18
CA SER G 314 -24.37 -10.80 -29.10
C SER G 314 -25.28 -9.69 -28.63
N ASP G 315 -26.40 -9.48 -29.33
CA ASP G 315 -27.40 -8.47 -29.00
C ASP G 315 -28.47 -9.01 -28.05
N ILE G 316 -28.94 -10.24 -28.27
CA ILE G 316 -30.03 -10.84 -27.53
C ILE G 316 -29.55 -12.14 -26.88
N ASN G 317 -29.66 -12.23 -25.56
CA ASN G 317 -29.18 -13.43 -24.86
C ASN G 317 -30.08 -14.63 -25.16
N HIS G 318 -29.47 -15.81 -25.11
CA HIS G 318 -30.15 -16.98 -25.64
C HIS G 318 -31.38 -17.36 -24.83
N THR G 319 -31.38 -17.09 -23.51
CA THR G 319 -32.56 -17.40 -22.71
C THR G 319 -33.75 -16.49 -23.05
N ARG G 320 -33.48 -15.27 -23.52
CA ARG G 320 -34.57 -14.39 -23.93
C ARG G 320 -35.27 -14.99 -25.13
N SER G 321 -34.49 -15.43 -26.11
CA SER G 321 -35.04 -16.01 -27.32
C SER G 321 -35.79 -17.29 -26.99
N ALA G 322 -35.22 -18.14 -26.13
CA ALA G 322 -35.90 -19.39 -25.83
C ALA G 322 -37.24 -19.12 -25.16
N ARG G 323 -37.29 -18.14 -24.25
CA ARG G 323 -38.57 -17.81 -23.62
C ARG G 323 -39.56 -17.33 -24.67
N ALA G 324 -39.13 -16.43 -25.57
CA ALA G 324 -40.04 -15.93 -26.60
C ALA G 324 -40.58 -17.07 -27.45
N VAL G 325 -39.71 -18.01 -27.84
CA VAL G 325 -40.10 -19.11 -28.72
C VAL G 325 -41.13 -19.99 -28.03
N VAL G 326 -40.82 -20.43 -26.82
CA VAL G 326 -41.69 -21.40 -26.17
C VAL G 326 -43.00 -20.74 -25.78
N ASN G 327 -42.96 -19.46 -25.38
CA ASN G 327 -44.21 -18.76 -25.15
C ASN G 327 -45.05 -18.70 -26.42
N ALA G 328 -44.42 -18.45 -27.57
CA ALA G 328 -45.19 -18.39 -28.81
C ALA G 328 -45.82 -19.74 -29.13
N VAL G 329 -45.07 -20.83 -28.93
CA VAL G 329 -45.62 -22.17 -29.18
C VAL G 329 -46.81 -22.46 -28.28
N ILE G 330 -46.65 -22.22 -26.98
CA ILE G 330 -47.76 -22.47 -26.07
C ILE G 330 -48.96 -21.61 -26.45
N ALA G 331 -48.72 -20.32 -26.71
CA ALA G 331 -49.85 -19.45 -27.06
C ALA G 331 -50.56 -19.99 -28.29
N SER G 332 -49.82 -20.53 -29.26
CA SER G 332 -50.46 -21.02 -30.47
C SER G 332 -51.24 -22.30 -30.22
N VAL G 333 -50.84 -23.07 -29.21
CA VAL G 333 -51.61 -24.28 -28.89
C VAL G 333 -52.86 -23.94 -28.08
N VAL G 334 -52.70 -23.11 -27.04
CA VAL G 334 -53.77 -22.83 -26.09
C VAL G 334 -54.54 -21.55 -26.40
N GLY G 335 -54.06 -20.74 -27.34
CA GLY G 335 -54.79 -19.54 -27.70
C GLY G 335 -54.64 -18.38 -26.75
N ASP G 336 -53.56 -18.35 -25.97
CA ASP G 336 -53.39 -17.35 -24.92
C ASP G 336 -51.90 -17.17 -24.65
N PRO G 337 -51.34 -15.98 -24.87
CA PRO G 337 -49.92 -15.74 -24.58
C PRO G 337 -49.61 -15.41 -23.13
N MET G 338 -50.61 -15.33 -22.26
CA MET G 338 -50.40 -15.04 -20.85
C MET G 338 -50.18 -16.33 -20.06
N VAL G 339 -49.00 -16.92 -20.27
CA VAL G 339 -48.58 -18.12 -19.54
C VAL G 339 -47.18 -17.93 -18.98
N TYR G 340 -46.87 -18.75 -17.97
CA TYR G 340 -45.61 -18.65 -17.25
C TYR G 340 -44.53 -19.48 -17.94
N VAL G 341 -43.49 -18.79 -18.42
CA VAL G 341 -42.31 -19.44 -18.98
C VAL G 341 -41.09 -18.84 -18.31
N SER G 342 -40.24 -19.70 -17.74
CA SER G 342 -39.04 -19.32 -17.02
C SER G 342 -37.84 -19.95 -17.70
N GLY G 343 -36.76 -19.19 -17.79
CA GLY G 343 -35.59 -19.60 -18.52
C GLY G 343 -34.51 -20.17 -17.62
N GLY G 344 -33.69 -21.04 -18.21
CA GLY G 344 -32.60 -21.71 -17.54
C GLY G 344 -33.09 -23.03 -16.97
N ALA G 345 -32.89 -24.08 -17.75
CA ALA G 345 -33.52 -25.37 -17.56
C ALA G 345 -32.48 -26.45 -17.35
N GLU G 346 -31.44 -26.13 -16.58
CA GLU G 346 -30.39 -27.11 -16.34
C GLU G 346 -31.01 -28.31 -15.62
N HIS G 347 -30.93 -29.49 -16.24
CA HIS G 347 -31.50 -30.70 -15.68
C HIS G 347 -33.02 -30.61 -15.50
N GLN G 348 -33.67 -29.76 -16.27
CA GLN G 348 -35.12 -29.61 -16.28
C GLN G 348 -35.51 -29.87 -17.73
N GLY G 349 -36.04 -31.07 -17.96
CA GLY G 349 -36.25 -31.62 -19.28
C GLY G 349 -34.94 -31.87 -20.01
N PRO G 350 -35.03 -32.33 -21.26
CA PRO G 350 -33.83 -32.57 -22.05
C PRO G 350 -33.12 -31.28 -22.43
N ASP G 351 -31.91 -31.45 -22.96
CA ASP G 351 -31.19 -30.31 -23.50
C ASP G 351 -31.99 -29.69 -24.64
N GLY G 352 -32.43 -28.47 -24.45
CA GLY G 352 -33.27 -27.79 -25.40
C GLY G 352 -34.75 -27.91 -25.15
N GLY G 353 -35.16 -28.68 -24.14
CA GLY G 353 -36.57 -28.80 -23.78
C GLY G 353 -36.83 -28.48 -22.33
N GLY G 354 -38.01 -28.82 -21.82
CA GLY G 354 -38.38 -28.43 -20.47
C GLY G 354 -39.76 -28.90 -20.04
N PRO G 355 -39.98 -29.03 -18.73
CA PRO G 355 -41.32 -29.40 -18.26
C PRO G 355 -42.35 -28.33 -18.57
N ILE G 356 -43.61 -28.77 -18.74
CA ILE G 356 -44.76 -27.88 -18.91
C ILE G 356 -45.97 -28.47 -18.17
N ALA G 357 -46.55 -27.70 -17.26
CA ALA G 357 -47.70 -28.14 -16.49
C ALA G 357 -48.86 -27.17 -16.74
N VAL G 358 -50.08 -27.69 -16.60
CA VAL G 358 -51.30 -26.89 -16.74
C VAL G 358 -52.17 -27.12 -15.51
N ILE G 359 -52.57 -26.03 -14.87
CA ILE G 359 -53.61 -26.07 -13.84
C ILE G 359 -54.92 -25.61 -14.48
N ALA G 360 -55.95 -26.46 -14.37
CA ALA G 360 -57.24 -26.24 -15.02
C ALA G 360 -58.39 -26.60 -14.08
N ARG G 361 -59.51 -25.91 -14.22
CA ARG G 361 -60.74 -26.32 -13.53
C ARG G 361 -61.29 -27.63 -14.11
N VAL G 362 -61.86 -28.46 -13.24
CA VAL G 362 -62.56 -29.65 -13.68
C VAL G 362 -63.92 -29.28 -14.29
N MET H 1 67.03 -19.34 53.68
CA MET H 1 65.77 -18.90 54.24
C MET H 1 65.11 -17.86 53.34
N GLN H 2 63.80 -17.99 53.13
CA GLN H 2 63.07 -17.12 52.22
C GLN H 2 62.61 -15.85 52.94
N LYS H 3 62.77 -14.71 52.25
CA LYS H 3 62.25 -13.41 52.69
C LYS H 3 61.47 -12.75 51.56
N VAL H 4 60.21 -12.41 51.82
CA VAL H 4 59.38 -11.73 50.82
C VAL H 4 59.24 -10.27 51.21
N GLU H 5 59.47 -9.36 50.27
CA GLU H 5 59.21 -7.93 50.45
C GLU H 5 58.18 -7.47 49.41
N VAL H 6 57.28 -6.57 49.81
CA VAL H 6 56.18 -6.12 48.95
C VAL H 6 56.14 -4.60 48.96
N PHE H 7 56.10 -4.00 47.78
CA PHE H 7 56.16 -2.54 47.66
C PHE H 7 54.96 -2.04 46.86
N ARG H 8 54.14 -1.18 47.46
CA ARG H 8 53.00 -0.59 46.76
C ARG H 8 53.39 0.80 46.27
N ILE H 9 53.35 0.99 44.95
CA ILE H 9 53.98 2.12 44.26
C ILE H 9 52.91 2.83 43.45
N PRO H 10 52.61 4.09 43.72
CA PRO H 10 51.69 4.84 42.85
C PRO H 10 52.28 5.02 41.46
N THR H 11 51.41 5.00 40.44
CA THR H 11 51.80 5.23 39.06
C THR H 11 51.05 6.42 38.49
N ALA H 12 51.70 7.15 37.59
CA ALA H 12 51.10 8.32 36.93
C ALA H 12 50.45 7.99 35.61
N SER H 13 50.72 6.81 35.06
CA SER H 13 50.21 6.39 33.76
C SER H 13 50.56 4.93 33.59
N PRO H 14 50.00 4.24 32.60
CA PRO H 14 50.31 2.80 32.46
C PRO H 14 51.79 2.53 32.26
N ASP H 15 52.50 3.43 31.60
CA ASP H 15 53.91 3.25 31.27
C ASP H 15 54.85 3.86 32.30
N ASP H 16 54.33 4.32 33.45
CA ASP H 16 55.17 4.99 34.45
C ASP H 16 55.95 3.95 35.24
N ILE H 17 57.26 3.91 35.03
CA ILE H 17 58.17 3.04 35.78
C ILE H 17 59.02 3.82 36.78
N SER H 18 58.74 5.11 36.98
CA SER H 18 59.66 5.95 37.72
C SER H 18 59.76 5.55 39.20
N GLY H 19 58.63 5.16 39.81
CA GLY H 19 58.66 4.76 41.21
C GLY H 19 59.46 3.49 41.43
N LEU H 20 59.28 2.51 40.55
CA LEU H 20 60.09 1.29 40.62
C LEU H 20 61.56 1.61 40.42
N ALA H 21 61.88 2.45 39.44
CA ALA H 21 63.28 2.81 39.22
C ALA H 21 63.87 3.46 40.45
N THR H 22 63.10 4.30 41.14
CA THR H 22 63.59 4.92 42.36
C THR H 22 63.85 3.89 43.44
N LEU H 23 62.95 2.90 43.60
CA LEU H 23 63.19 1.88 44.62
C LEU H 23 64.39 1.00 44.28
N ILE H 24 64.64 0.76 42.99
CA ILE H 24 65.82 0.00 42.59
C ILE H 24 67.08 0.81 42.82
N ASP H 25 67.06 2.07 42.40
CA ASP H 25 68.24 2.93 42.48
C ASP H 25 68.62 3.24 43.93
N SER H 26 67.67 3.18 44.85
CA SER H 26 67.98 3.40 46.26
C SER H 26 68.47 2.14 46.96
N GLY H 27 68.46 0.99 46.29
CA GLY H 27 68.85 -0.26 46.89
C GLY H 27 67.80 -1.04 47.65
N LYS H 28 66.54 -0.62 47.63
CA LYS H 28 65.54 -1.34 48.39
C LYS H 28 65.11 -2.62 47.68
N ILE H 29 65.18 -2.65 46.36
CA ILE H 29 64.82 -3.80 45.58
C ILE H 29 66.01 -4.14 44.69
N ASN H 30 66.44 -5.40 44.73
CA ASN H 30 67.36 -5.90 43.72
C ASN H 30 66.50 -6.45 42.59
N PRO H 31 66.53 -5.86 41.39
CA PRO H 31 65.60 -6.31 40.35
C PRO H 31 65.77 -7.78 40.00
N ALA H 32 66.96 -8.35 40.20
CA ALA H 32 67.15 -9.76 39.91
C ALA H 32 66.35 -10.62 40.88
N GLU H 33 65.90 -10.04 41.98
CA GLU H 33 65.13 -10.72 43.00
C GLU H 33 63.63 -10.45 42.87
N ILE H 34 63.23 -9.64 41.90
CA ILE H 34 61.81 -9.40 41.64
C ILE H 34 61.18 -10.67 41.09
N VAL H 35 60.04 -11.05 41.65
CA VAL H 35 59.31 -12.22 41.17
C VAL H 35 57.95 -11.85 40.61
N ALA H 36 57.38 -10.69 40.94
CA ALA H 36 56.06 -10.42 40.40
C ALA H 36 55.70 -8.95 40.50
N ILE H 37 54.91 -8.47 39.55
CA ILE H 37 54.36 -7.13 39.60
C ILE H 37 52.87 -7.23 39.31
N LEU H 38 52.05 -6.70 40.21
CA LEU H 38 50.60 -6.73 40.10
C LEU H 38 50.11 -5.29 39.96
N GLY H 39 49.53 -4.95 38.82
CA GLY H 39 49.15 -3.57 38.54
C GLY H 39 47.65 -3.33 38.47
N LYS H 40 47.26 -2.11 38.83
CA LYS H 40 46.00 -1.49 38.44
C LYS H 40 46.31 -0.39 37.44
N THR H 41 45.83 -0.56 36.20
CA THR H 41 46.05 0.38 35.11
C THR H 41 44.74 1.05 34.68
N GLU H 42 44.86 2.28 34.17
CA GLU H 42 43.74 3.22 34.10
C GLU H 42 42.96 3.14 32.78
N GLY H 43 43.09 2.08 31.99
CA GLY H 43 42.16 1.93 30.90
C GLY H 43 40.78 1.49 31.39
N ASN H 44 39.93 1.17 30.41
CA ASN H 44 38.52 0.88 30.65
C ASN H 44 38.27 -0.55 31.10
N GLY H 45 39.30 -1.39 31.17
CA GLY H 45 39.14 -2.78 31.62
C GLY H 45 38.33 -3.70 30.73
N SER H 46 38.20 -3.40 29.45
CA SER H 46 37.35 -4.19 28.56
C SER H 46 38.13 -5.15 27.68
N VAL H 47 37.56 -5.44 26.51
CA VAL H 47 38.29 -6.20 25.49
C VAL H 47 39.34 -5.30 24.84
N ASN H 48 38.92 -4.15 24.32
CA ASN H 48 39.85 -3.28 23.61
C ASN H 48 40.48 -2.31 24.61
N ASP H 49 41.12 -2.90 25.63
CA ASP H 49 41.89 -2.16 26.61
C ASP H 49 43.34 -2.61 26.45
N PHE H 50 44.15 -1.73 25.89
CA PHE H 50 45.57 -1.96 25.63
C PHE H 50 46.47 -1.31 26.65
N THR H 51 45.90 -0.62 27.65
CA THR H 51 46.73 -0.07 28.71
C THR H 51 47.42 -1.17 29.50
N ARG H 52 46.81 -2.34 29.62
CA ARG H 52 47.45 -3.43 30.34
C ARG H 52 48.74 -3.86 29.64
N CYS H 53 48.65 -4.20 28.34
CA CYS H 53 49.85 -4.57 27.61
C CYS H 53 50.84 -3.41 27.52
N PHE H 54 50.33 -2.18 27.45
CA PHE H 54 51.24 -1.04 27.49
C PHE H 54 52.06 -1.03 28.78
N ALA H 55 51.41 -1.31 29.91
CA ALA H 55 52.13 -1.35 31.18
C ALA H 55 53.15 -2.48 31.20
N THR H 56 52.74 -3.67 30.75
CA THR H 56 53.65 -4.81 30.73
C THR H 56 54.84 -4.56 29.82
N GLN H 57 54.59 -4.05 28.62
CA GLN H 57 55.66 -3.76 27.69
C GLN H 57 56.64 -2.76 28.30
N SER H 58 56.12 -1.71 28.95
CA SER H 58 56.99 -0.68 29.51
C SER H 58 57.83 -1.23 30.65
N LEU H 59 57.23 -2.05 31.52
CA LEU H 59 57.99 -2.61 32.64
C LEU H 59 59.02 -3.62 32.14
N ALA H 60 58.65 -4.45 31.17
CA ALA H 60 59.61 -5.43 30.67
C ALA H 60 60.79 -4.73 30.00
N MET H 61 60.53 -3.65 29.24
CA MET H 61 61.63 -2.87 28.69
C MET H 61 62.54 -2.35 29.79
N TYR H 62 61.95 -1.70 30.80
CA TYR H 62 62.76 -1.11 31.85
C TYR H 62 63.60 -2.17 32.56
N LEU H 63 62.97 -3.27 32.98
CA LEU H 63 63.71 -4.30 33.70
C LEU H 63 64.74 -4.98 32.82
N ALA H 64 64.43 -5.22 31.54
CA ALA H 64 65.42 -5.80 30.65
C ALA H 64 66.65 -4.92 30.56
N GLU H 65 66.46 -3.59 30.44
CA GLU H 65 67.62 -2.71 30.33
C GLU H 65 68.38 -2.63 31.65
N LYS H 66 67.68 -2.66 32.79
CA LYS H 66 68.37 -2.63 34.08
C LYS H 66 69.13 -3.93 34.33
N LEU H 67 68.60 -5.06 33.89
CA LEU H 67 69.17 -6.36 34.17
C LEU H 67 70.15 -6.84 33.10
N GLY H 68 70.20 -6.16 31.96
CA GLY H 68 71.08 -6.60 30.89
C GLY H 68 70.65 -7.89 30.22
N ILE H 69 69.35 -8.14 30.13
CA ILE H 69 68.83 -9.33 29.48
C ILE H 69 67.75 -8.91 28.48
N SER H 70 67.24 -9.88 27.73
CA SER H 70 66.24 -9.62 26.70
C SER H 70 64.85 -9.46 27.32
N ARG H 71 63.98 -8.77 26.60
CA ARG H 71 62.60 -8.67 27.05
C ARG H 71 61.96 -10.05 27.23
N GLU H 72 62.24 -10.99 26.34
CA GLU H 72 61.65 -12.32 26.47
C GLU H 72 62.06 -12.98 27.79
N GLU H 73 63.32 -12.84 28.18
CA GLU H 73 63.80 -13.42 29.44
C GLU H 73 63.19 -12.69 30.64
N VAL H 74 63.05 -11.37 30.55
CA VAL H 74 62.42 -10.63 31.63
C VAL H 74 61.01 -11.12 31.85
N VAL H 75 60.26 -11.32 30.76
CA VAL H 75 58.88 -11.80 30.88
C VAL H 75 58.85 -13.26 31.35
N LYS H 76 59.93 -14.01 31.08
CA LYS H 76 60.05 -15.36 31.60
C LYS H 76 60.42 -15.41 33.08
N LYS H 77 60.99 -14.32 33.62
CA LYS H 77 61.55 -14.30 34.96
C LYS H 77 60.60 -13.64 35.96
N VAL H 78 59.78 -12.70 35.51
CA VAL H 78 58.97 -11.86 36.38
C VAL H 78 57.52 -12.06 35.97
N ALA H 79 56.65 -12.30 36.94
CA ALA H 79 55.23 -12.33 36.69
C ALA H 79 54.72 -10.91 36.46
N PHE H 80 53.95 -10.72 35.40
CA PHE H 80 53.29 -9.45 35.10
C PHE H 80 51.79 -9.66 35.05
N ILE H 81 51.09 -9.16 36.07
CA ILE H 81 49.65 -9.32 36.17
C ILE H 81 49.04 -7.92 36.14
N MET H 82 48.42 -7.53 35.02
CA MET H 82 47.84 -6.19 34.87
C MET H 82 46.31 -6.23 34.83
N SER H 83 45.68 -5.67 35.86
CA SER H 83 44.22 -5.57 35.94
C SER H 83 43.84 -4.17 35.47
N GLY H 84 43.18 -4.06 34.32
CA GLY H 84 42.76 -2.75 33.85
C GLY H 84 41.54 -2.26 34.63
N GLY H 85 41.17 -1.01 34.40
CA GLY H 85 39.98 -0.51 35.07
C GLY H 85 40.26 0.08 36.44
N THR H 86 40.29 1.40 36.55
CA THR H 86 40.46 2.09 37.82
C THR H 86 39.25 3.01 38.00
N GLU H 87 38.10 2.38 38.20
CA GLU H 87 36.85 3.11 38.27
C GLU H 87 36.65 3.67 39.67
N GLY H 88 35.68 4.57 39.79
CA GLY H 88 35.42 5.18 41.08
C GLY H 88 36.65 5.97 41.48
N VAL H 89 37.11 5.77 42.71
CA VAL H 89 38.30 6.43 43.21
C VAL H 89 39.55 5.55 43.14
N MET H 90 39.46 4.37 42.52
CA MET H 90 40.59 3.45 42.52
C MET H 90 41.77 4.09 41.78
N THR H 91 42.98 4.06 42.44
CA THR H 91 44.23 4.72 42.04
C THR H 91 45.15 3.78 41.27
N PRO H 92 45.60 4.13 40.07
CA PRO H 92 46.55 3.26 39.35
C PRO H 92 47.81 3.08 40.18
N HIS H 93 48.34 1.85 40.18
CA HIS H 93 49.52 1.58 40.98
C HIS H 93 50.07 0.21 40.62
N ILE H 94 51.27 -0.08 41.12
CA ILE H 94 51.81 -1.43 41.01
C ILE H 94 52.22 -1.94 42.39
N THR H 95 52.11 -3.25 42.57
CA THR H 95 52.55 -3.96 43.76
C THR H 95 53.70 -4.88 43.36
N VAL H 96 54.90 -4.64 43.90
CA VAL H 96 56.09 -5.39 43.52
C VAL H 96 56.40 -6.43 44.59
N PHE H 97 56.48 -7.70 44.17
CA PHE H 97 56.83 -8.81 45.04
C PHE H 97 58.27 -9.19 44.74
N VAL H 98 59.10 -9.14 45.79
CA VAL H 98 60.52 -9.45 45.75
C VAL H 98 60.74 -10.65 46.66
N ARG H 99 61.48 -11.63 46.16
CA ARG H 99 61.78 -12.78 46.99
C ARG H 99 63.29 -12.90 47.08
N LYS H 100 63.82 -12.80 48.30
CA LYS H 100 65.24 -12.92 48.56
C LYS H 100 65.47 -14.22 49.33
N ASP H 101 66.64 -14.81 49.11
CA ASP H 101 67.13 -15.89 49.95
C ASP H 101 68.12 -15.24 50.94
N VAL H 102 67.73 -15.11 52.22
CA VAL H 102 68.61 -14.51 53.22
C VAL H 102 68.99 -15.55 54.27
N ALA H 103 70.22 -15.41 54.79
CA ALA H 103 70.72 -16.27 55.87
C ALA H 103 70.42 -15.58 57.19
N ALA H 104 69.23 -15.86 57.73
CA ALA H 104 68.75 -15.27 58.96
C ALA H 104 67.82 -16.26 59.64
N PRO H 105 67.66 -16.16 60.96
CA PRO H 105 66.84 -17.16 61.66
C PRO H 105 65.38 -17.09 61.24
N ALA H 106 64.70 -18.22 61.44
CA ALA H 106 63.28 -18.28 61.14
C ALA H 106 62.51 -17.36 62.07
N ALA H 107 61.68 -16.50 61.48
CA ALA H 107 60.83 -15.63 62.28
C ALA H 107 60.01 -16.49 63.23
N PRO H 108 59.68 -15.98 64.42
CA PRO H 108 58.80 -16.72 65.32
C PRO H 108 57.41 -16.84 64.71
N GLY H 109 56.90 -18.07 64.67
CA GLY H 109 55.60 -18.32 64.07
C GLY H 109 55.66 -18.37 62.54
N LYS H 110 54.57 -17.98 61.91
CA LYS H 110 54.48 -18.02 60.46
C LYS H 110 54.61 -16.60 59.91
N ARG H 111 55.25 -16.48 58.74
CA ARG H 111 55.48 -15.19 58.11
C ARG H 111 55.34 -15.36 56.60
N LEU H 112 55.28 -14.23 55.89
CA LEU H 112 54.93 -14.27 54.47
C LEU H 112 55.87 -15.17 53.68
N ALA H 113 55.28 -16.01 52.83
CA ALA H 113 55.98 -16.91 51.95
C ALA H 113 55.30 -16.90 50.58
N VAL H 114 56.10 -17.10 49.54
CA VAL H 114 55.62 -17.06 48.17
C VAL H 114 56.24 -18.22 47.40
N GLY H 115 55.44 -18.83 46.54
CA GLY H 115 55.89 -19.90 45.68
C GLY H 115 55.32 -19.73 44.29
N VAL H 116 56.02 -20.26 43.31
CA VAL H 116 55.69 -20.08 41.91
C VAL H 116 55.70 -21.41 41.20
N ALA H 117 54.77 -21.57 40.25
CA ALA H 117 54.76 -22.78 39.44
C ALA H 117 54.10 -22.50 38.10
N PHE H 118 54.49 -23.26 37.08
CA PHE H 118 53.91 -23.11 35.76
C PHE H 118 53.26 -24.44 35.38
N THR H 119 52.16 -24.36 34.65
CA THR H 119 51.59 -25.56 34.06
C THR H 119 52.16 -25.81 32.67
N ARG H 120 51.89 -26.99 32.14
CA ARG H 120 52.12 -27.26 30.72
C ARG H 120 51.18 -26.40 29.87
N ASP H 121 51.53 -26.27 28.59
CA ASP H 121 50.62 -25.64 27.63
C ASP H 121 49.36 -26.47 27.49
N PHE H 122 48.23 -25.80 27.24
CA PHE H 122 46.95 -26.44 27.01
C PHE H 122 46.58 -26.42 25.53
N LEU H 123 45.95 -27.52 25.10
CA LEU H 123 45.27 -27.52 23.80
C LEU H 123 43.99 -26.70 23.87
N PRO H 124 43.56 -26.12 22.75
CA PRO H 124 42.36 -25.27 22.79
C PRO H 124 41.15 -25.99 23.34
N GLU H 125 41.01 -27.29 23.06
CA GLU H 125 39.86 -28.05 23.54
C GLU H 125 39.92 -28.33 25.03
N GLU H 126 41.00 -27.96 25.72
CA GLU H 126 41.06 -28.18 27.17
C GLU H 126 40.61 -27.01 28.02
N LEU H 127 40.53 -25.80 27.48
CA LEU H 127 40.15 -24.65 28.31
C LEU H 127 38.71 -24.78 28.79
N GLY H 128 38.49 -24.39 30.04
CA GLY H 128 37.16 -24.41 30.62
C GLY H 128 36.65 -25.77 30.99
N ARG H 129 37.52 -26.79 31.02
CA ARG H 129 37.11 -28.16 31.24
C ARG H 129 37.98 -28.76 32.34
N MET H 130 37.66 -30.01 32.72
CA MET H 130 38.26 -30.59 33.91
C MET H 130 39.76 -30.72 33.79
N GLU H 131 40.27 -30.87 32.57
CA GLU H 131 41.72 -30.94 32.36
C GLU H 131 42.41 -29.67 32.87
N GLN H 132 41.79 -28.51 32.66
CA GLN H 132 42.35 -27.27 33.18
C GLN H 132 42.27 -27.26 34.70
N VAL H 133 41.13 -27.69 35.25
CA VAL H 133 41.00 -27.80 36.70
C VAL H 133 42.18 -28.61 37.26
N ASN H 134 42.43 -29.79 36.69
CA ASN H 134 43.38 -30.72 37.28
C ASN H 134 44.81 -30.21 37.14
N GLU H 135 45.15 -29.63 35.98
CA GLU H 135 46.50 -29.10 35.80
C GLU H 135 46.73 -27.91 36.72
N VAL H 136 45.72 -27.06 36.91
CA VAL H 136 45.88 -25.97 37.86
C VAL H 136 46.12 -26.53 39.24
N ALA H 137 45.38 -27.55 39.63
CA ALA H 137 45.57 -28.16 40.94
C ALA H 137 47.01 -28.65 41.11
N ARG H 138 47.53 -29.37 40.11
CA ARG H 138 48.91 -29.85 40.16
C ARG H 138 49.89 -28.70 40.37
N ALA H 139 49.74 -27.63 39.59
CA ALA H 139 50.66 -26.50 39.71
C ALA H 139 50.51 -25.82 41.07
N VAL H 140 49.28 -25.75 41.60
CA VAL H 140 49.09 -25.14 42.92
C VAL H 140 49.82 -25.94 44.00
N LYS H 141 49.74 -27.27 43.93
CA LYS H 141 50.48 -28.09 44.88
C LYS H 141 51.99 -27.87 44.74
N GLU H 142 52.47 -27.78 43.50
CA GLU H 142 53.89 -27.53 43.30
C GLU H 142 54.29 -26.17 43.87
N ALA H 143 53.44 -25.15 43.69
CA ALA H 143 53.73 -23.83 44.22
C ALA H 143 53.72 -23.83 45.74
N MET H 144 52.83 -24.61 46.35
CA MET H 144 52.86 -24.73 47.81
C MET H 144 54.18 -25.34 48.27
N LYS H 145 54.64 -26.38 47.57
CA LYS H 145 55.93 -26.95 47.94
C LYS H 145 57.04 -25.90 47.80
N ASP H 146 57.04 -25.16 46.69
CA ASP H 146 58.01 -24.08 46.50
C ASP H 146 57.95 -23.04 47.61
N ALA H 147 56.77 -22.80 48.16
CA ALA H 147 56.59 -21.81 49.21
C ALA H 147 56.92 -22.34 50.60
N GLN H 148 57.19 -23.64 50.72
CA GLN H 148 57.40 -24.24 52.03
C GLN H 148 56.16 -24.06 52.90
N ILE H 149 55.00 -24.20 52.26
CA ILE H 149 53.71 -24.18 52.96
C ILE H 149 53.09 -25.56 52.82
N ASP H 150 52.86 -26.23 53.94
CA ASP H 150 52.22 -27.54 53.92
C ASP H 150 50.75 -27.50 54.29
N ASP H 151 50.27 -26.46 54.99
CA ASP H 151 48.90 -26.42 55.45
C ASP H 151 48.08 -25.49 54.56
N PRO H 152 47.06 -25.99 53.85
CA PRO H 152 46.26 -25.09 53.00
C PRO H 152 45.56 -23.98 53.77
N ARG H 153 45.34 -24.15 55.08
CA ARG H 153 44.74 -23.06 55.84
C ARG H 153 45.68 -21.87 55.92
N ASP H 154 46.97 -22.09 55.65
CA ASP H 154 47.95 -21.02 55.67
C ASP H 154 48.17 -20.42 54.30
N VAL H 155 47.40 -20.84 53.29
CA VAL H 155 47.40 -20.20 52.00
C VAL H 155 46.30 -19.15 52.03
N HIS H 156 46.67 -17.91 51.72
CA HIS H 156 45.80 -16.75 51.77
C HIS H 156 45.57 -16.11 50.40
N PHE H 157 46.31 -16.49 49.38
CA PHE H 157 46.12 -15.93 48.05
C PHE H 157 46.74 -16.84 47.01
N VAL H 158 45.97 -17.20 46.01
CA VAL H 158 46.48 -17.98 44.90
C VAL H 158 46.15 -17.20 43.64
N GLN H 159 47.14 -16.54 43.08
CA GLN H 159 46.97 -15.71 41.91
C GLN H 159 47.32 -16.54 40.70
N ILE H 160 46.45 -16.56 39.74
CA ILE H 160 46.72 -17.39 38.58
C ILE H 160 46.56 -16.44 37.43
N LYS H 161 47.46 -16.55 36.50
CA LYS H 161 47.30 -15.98 35.19
C LYS H 161 47.10 -17.18 34.28
N ALA H 162 45.86 -17.33 33.77
CA ALA H 162 45.34 -18.49 33.04
C ALA H 162 44.92 -18.13 31.62
N PRO H 163 44.92 -19.12 30.71
CA PRO H 163 44.83 -18.84 29.26
C PRO H 163 43.42 -18.51 28.77
N LEU H 164 43.32 -18.29 27.46
CA LEU H 164 42.05 -18.05 26.80
C LEU H 164 42.09 -18.66 25.40
N LEU H 165 40.97 -18.61 24.71
CA LEU H 165 40.93 -19.09 23.33
C LEU H 165 41.04 -17.89 22.42
N THR H 166 41.81 -18.05 21.35
CA THR H 166 41.83 -17.11 20.24
C THR H 166 41.30 -17.77 18.98
N ALA H 167 41.06 -16.93 17.97
CA ALA H 167 40.58 -17.45 16.70
C ALA H 167 41.56 -18.46 16.12
N GLU H 168 42.86 -18.20 16.21
CA GLU H 168 43.82 -19.14 15.65
C GLU H 168 43.78 -20.48 16.36
N ARG H 169 43.63 -20.46 17.69
CA ARG H 169 43.58 -21.73 18.42
C ARG H 169 42.27 -22.46 18.17
N ILE H 170 41.17 -21.73 18.06
CA ILE H 170 39.91 -22.39 17.70
C ILE H 170 40.03 -23.04 16.34
N GLU H 171 40.63 -22.34 15.37
CA GLU H 171 40.81 -22.91 14.05
C GLU H 171 41.75 -24.13 14.10
N ASP H 172 42.77 -24.09 14.95
CA ASP H 172 43.63 -25.25 15.12
C ASP H 172 42.83 -26.44 15.62
N ALA H 173 42.03 -26.21 16.67
CA ALA H 173 41.19 -27.29 17.19
C ALA H 173 40.28 -27.83 16.10
N LYS H 174 39.68 -26.93 15.33
CA LYS H 174 38.80 -27.35 14.25
C LYS H 174 39.55 -28.21 13.23
N ARG H 175 40.76 -27.80 12.84
CA ARG H 175 41.52 -28.57 11.88
C ARG H 175 41.80 -29.99 12.37
N ARG H 176 42.01 -30.14 13.68
CA ARG H 176 42.26 -31.45 14.27
C ARG H 176 40.99 -32.20 14.63
N GLY H 177 39.82 -31.67 14.27
CA GLY H 177 38.58 -32.38 14.52
C GLY H 177 38.00 -32.26 15.92
N LYS H 178 38.30 -31.18 16.63
CA LYS H 178 37.89 -31.02 18.01
C LYS H 178 37.03 -29.77 18.18
N ASP H 179 36.18 -29.80 19.19
CA ASP H 179 35.39 -28.64 19.57
C ASP H 179 35.88 -28.07 20.89
N VAL H 180 35.78 -26.76 21.01
CA VAL H 180 36.20 -26.03 22.18
C VAL H 180 35.01 -25.79 23.09
N VAL H 181 35.29 -25.35 24.32
CA VAL H 181 34.22 -25.23 25.31
C VAL H 181 33.22 -24.16 24.88
N VAL H 182 33.69 -23.11 24.21
CA VAL H 182 32.82 -22.08 23.66
C VAL H 182 33.52 -21.47 22.46
N ASN H 183 32.76 -21.16 21.41
CA ASN H 183 33.36 -20.60 20.21
C ASN H 183 33.31 -19.08 20.23
N ASP H 184 33.87 -18.54 21.31
CA ASP H 184 33.79 -17.12 21.63
C ASP H 184 34.96 -16.76 22.53
N THR H 185 35.83 -15.87 22.07
CA THR H 185 37.05 -15.61 22.83
C THR H 185 36.74 -14.90 24.13
N TYR H 186 35.85 -13.90 24.10
CA TYR H 186 35.52 -13.17 25.31
C TYR H 186 34.86 -14.09 26.34
N LYS H 187 33.88 -14.91 25.93
CA LYS H 187 33.30 -15.85 26.90
C LYS H 187 34.34 -16.88 27.35
N SER H 188 35.29 -17.19 26.46
CA SER H 188 36.35 -18.12 26.81
C SER H 188 37.16 -17.59 27.98
N MET H 189 37.28 -16.26 28.10
CA MET H 189 38.00 -15.72 29.25
C MET H 189 37.30 -16.09 30.55
N ALA H 190 35.96 -16.01 30.56
CA ALA H 190 35.19 -16.36 31.75
C ALA H 190 35.33 -17.84 32.08
N TYR H 191 35.31 -18.69 31.05
CA TYR H 191 35.43 -20.12 31.30
C TYR H 191 36.81 -20.48 31.83
N SER H 192 37.85 -19.85 31.29
CA SER H 192 39.20 -20.10 31.78
C SER H 192 39.38 -19.60 33.20
N ARG H 193 38.90 -18.40 33.51
CA ARG H 193 38.99 -17.91 34.89
C ARG H 193 38.28 -18.86 35.84
N GLY H 194 37.11 -19.34 35.45
CA GLY H 194 36.32 -20.16 36.36
C GLY H 194 36.94 -21.53 36.57
N ALA H 195 37.37 -22.17 35.48
CA ALA H 195 38.06 -23.45 35.63
C ALA H 195 39.31 -23.31 36.49
N SER H 196 40.10 -22.25 36.29
CA SER H 196 41.30 -22.07 37.11
C SER H 196 40.95 -21.88 38.58
N ALA H 197 39.92 -21.08 38.88
CA ALA H 197 39.56 -20.89 40.28
C ALA H 197 39.06 -22.19 40.89
N LEU H 198 38.29 -22.97 40.15
CA LEU H 198 37.89 -24.26 40.69
C LEU H 198 39.09 -25.18 40.89
N GLY H 199 40.10 -25.10 40.02
CA GLY H 199 41.32 -25.86 40.24
C GLY H 199 42.03 -25.46 41.52
N VAL H 200 42.04 -24.16 41.82
CA VAL H 200 42.60 -23.69 43.09
C VAL H 200 41.82 -24.29 44.25
N ALA H 201 40.49 -24.19 44.20
CA ALA H 201 39.67 -24.70 45.29
C ALA H 201 39.92 -26.19 45.48
N LEU H 202 40.07 -26.93 44.39
CA LEU H 202 40.36 -28.36 44.46
C LEU H 202 41.71 -28.63 45.13
N ALA H 203 42.75 -27.90 44.70
CA ALA H 203 44.08 -28.13 45.26
C ALA H 203 44.14 -27.87 46.76
N LEU H 204 43.40 -26.88 47.25
CA LEU H 204 43.48 -26.48 48.65
C LEU H 204 42.48 -27.19 49.55
N GLY H 205 41.63 -28.07 49.00
CA GLY H 205 40.64 -28.78 49.78
C GLY H 205 39.44 -27.98 50.18
N GLU H 206 39.17 -26.84 49.51
CA GLU H 206 38.00 -26.02 49.81
C GLU H 206 36.70 -26.58 49.22
N ILE H 207 36.79 -27.38 48.17
CA ILE H 207 35.63 -28.08 47.61
C ILE H 207 36.10 -29.50 47.28
N SER H 208 35.17 -30.44 47.26
CA SER H 208 35.56 -31.80 46.94
C SER H 208 35.39 -32.09 45.45
N ALA H 209 36.28 -32.95 44.94
CA ALA H 209 36.32 -33.25 43.52
C ALA H 209 34.99 -33.83 43.04
N ASP H 210 34.34 -34.66 43.86
CA ASP H 210 33.11 -35.32 43.42
C ASP H 210 32.00 -34.32 43.14
N LYS H 211 32.14 -33.07 43.60
CA LYS H 211 31.14 -32.04 43.37
C LYS H 211 31.43 -31.24 42.11
N ILE H 212 32.57 -31.49 41.46
CA ILE H 212 33.02 -30.71 40.31
C ILE H 212 32.84 -31.52 39.04
N SER H 213 32.22 -30.90 38.03
CA SER H 213 32.05 -31.50 36.71
C SER H 213 32.01 -30.36 35.70
N ASN H 214 32.12 -30.70 34.43
CA ASN H 214 32.05 -29.67 33.39
C ASN H 214 30.77 -28.86 33.49
N GLU H 215 29.65 -29.50 33.82
CA GLU H 215 28.39 -28.75 33.82
C GLU H 215 28.37 -27.76 34.95
N ALA H 216 29.12 -28.05 36.02
CA ALA H 216 29.24 -27.19 37.18
C ALA H 216 30.21 -26.04 36.94
N ILE H 217 31.13 -26.20 35.98
CA ILE H 217 32.20 -25.23 35.80
C ILE H 217 31.76 -23.84 35.36
N VAL H 218 30.55 -23.65 34.90
CA VAL H 218 30.08 -22.28 34.80
C VAL H 218 28.66 -22.17 35.35
N HIS H 219 28.21 -23.22 36.03
CA HIS H 219 26.79 -23.27 36.41
C HIS H 219 26.54 -23.30 37.90
N ASP H 220 27.28 -24.12 38.66
CA ASP H 220 27.02 -24.25 40.09
C ASP H 220 27.93 -23.29 40.84
N TRP H 221 27.41 -22.11 41.14
CA TRP H 221 28.12 -21.05 41.83
C TRP H 221 28.24 -21.27 43.34
N ASN H 222 27.66 -22.35 43.89
CA ASN H 222 27.95 -22.69 45.29
C ASN H 222 29.32 -23.29 45.49
N LEU H 223 29.98 -23.73 44.41
CA LEU H 223 31.34 -24.24 44.46
C LEU H 223 32.26 -23.06 44.14
N TYR H 224 33.09 -22.68 45.11
CA TYR H 224 34.04 -21.60 44.87
C TYR H 224 35.21 -21.69 45.85
N SER H 225 36.32 -21.09 45.46
CA SER H 225 37.45 -20.89 46.34
C SER H 225 37.38 -19.53 47.02
N SER H 226 37.83 -19.48 48.27
CA SER H 226 37.89 -18.26 49.06
C SER H 226 39.25 -17.56 48.98
N VAL H 227 40.21 -18.09 48.23
CA VAL H 227 41.51 -17.45 48.16
C VAL H 227 42.00 -17.30 46.72
N ALA H 228 41.32 -17.93 45.77
CA ALA H 228 41.76 -17.88 44.39
C ALA H 228 41.46 -16.51 43.77
N SER H 229 42.39 -16.02 42.96
CA SER H 229 42.24 -14.75 42.25
C SER H 229 42.84 -15.03 40.88
N THR H 230 41.99 -15.14 39.86
CA THR H 230 42.43 -15.59 38.55
C THR H 230 42.16 -14.57 37.46
N SER H 231 43.05 -14.56 36.46
CA SER H 231 43.08 -13.48 35.49
C SER H 231 43.58 -13.94 34.13
N ALA H 232 42.86 -13.60 33.07
CA ALA H 232 43.19 -14.08 31.74
C ALA H 232 43.62 -12.88 30.91
N GLY H 233 44.46 -13.08 29.88
CA GLY H 233 44.93 -11.95 29.11
C GLY H 233 45.53 -12.33 27.79
N VAL H 234 45.37 -11.44 26.80
CA VAL H 234 45.99 -11.62 25.48
C VAL H 234 47.50 -11.37 25.52
N CYS H 235 47.96 -10.43 26.38
CA CYS H 235 49.29 -9.86 26.21
C CYS H 235 50.37 -10.93 26.15
N LEU H 236 50.30 -11.88 27.07
CA LEU H 236 51.35 -12.87 27.24
C LEU H 236 50.74 -14.22 27.53
N LEU H 237 51.50 -15.29 27.27
CA LEU H 237 50.99 -16.63 27.49
C LEU H 237 50.46 -16.73 28.91
N ASN H 238 49.45 -17.57 29.16
CA ASN H 238 48.97 -17.65 30.52
C ASN H 238 49.13 -19.04 31.14
N ASP H 239 50.37 -19.41 31.39
CA ASP H 239 50.74 -20.56 32.21
C ASP H 239 51.41 -20.14 33.52
N GLU H 240 51.00 -19.05 34.20
CA GLU H 240 51.59 -18.74 35.52
C GLU H 240 50.79 -18.85 36.82
N ILE H 241 51.41 -19.44 37.87
CA ILE H 241 50.75 -19.68 39.17
C ILE H 241 51.61 -19.01 40.25
N ILE H 242 51.01 -18.18 41.12
CA ILE H 242 51.63 -17.70 42.34
C ILE H 242 50.83 -18.08 43.59
N VAL H 243 51.42 -18.91 44.46
CA VAL H 243 50.83 -19.18 45.77
C VAL H 243 51.46 -18.24 46.80
N VAL H 244 50.63 -17.51 47.54
CA VAL H 244 51.06 -16.61 48.60
C VAL H 244 50.38 -17.02 49.90
N GLY H 245 51.17 -17.20 50.95
CA GLY H 245 50.66 -17.59 52.24
C GLY H 245 51.66 -17.29 53.32
N ASN H 246 51.53 -17.99 54.45
CA ASN H 246 52.49 -17.84 55.54
C ASN H 246 53.05 -19.20 55.90
N SER H 247 54.33 -19.19 56.30
CA SER H 247 55.05 -20.42 56.61
C SER H 247 55.83 -20.19 57.90
N THR H 248 55.95 -21.23 58.72
CA THR H 248 56.81 -21.16 59.89
C THR H 248 58.28 -21.03 59.51
N ASN H 249 58.68 -21.50 58.33
CA ASN H 249 60.07 -21.44 57.91
C ASN H 249 60.35 -20.22 57.04
N SER H 250 59.88 -19.04 57.46
CA SER H 250 60.11 -17.83 56.69
C SER H 250 60.62 -16.73 57.61
N ALA H 251 61.60 -15.97 57.11
CA ALA H 251 62.12 -14.82 57.84
C ALA H 251 61.65 -13.48 57.26
N SER H 252 60.34 -13.28 57.16
CA SER H 252 59.83 -12.05 56.57
C SER H 252 59.26 -11.13 57.64
N ASP H 253 59.17 -9.85 57.29
CA ASP H 253 58.60 -8.83 58.17
C ASP H 253 57.17 -8.47 57.77
N LEU H 254 56.51 -9.37 57.05
CA LEU H 254 55.13 -9.19 56.60
C LEU H 254 54.35 -10.47 56.85
N VAL H 255 53.02 -10.33 56.90
CA VAL H 255 52.11 -11.47 56.95
C VAL H 255 50.98 -11.18 55.97
N ILE H 256 50.27 -12.24 55.58
CA ILE H 256 49.06 -12.11 54.78
C ILE H 256 47.89 -12.75 55.49
N GLY H 257 46.72 -12.11 55.38
CA GLY H 257 45.47 -12.69 55.84
C GLY H 257 44.38 -12.46 54.82
N HIS H 258 43.23 -13.09 55.01
CA HIS H 258 42.14 -12.92 54.06
C HIS H 258 40.79 -13.18 54.69
N SER H 259 39.75 -12.74 53.99
CA SER H 259 38.37 -13.11 54.23
C SER H 259 37.68 -13.24 52.87
N VAL H 260 36.35 -13.33 52.90
CA VAL H 260 35.53 -13.39 51.71
C VAL H 260 34.39 -12.40 51.86
N MET H 261 34.28 -11.45 50.94
CA MET H 261 33.14 -10.56 50.90
C MET H 261 31.91 -11.34 50.47
N LYS H 262 30.85 -11.27 51.29
CA LYS H 262 29.59 -11.95 50.99
C LYS H 262 28.81 -11.24 49.91
N ASP H 263 29.01 -9.94 49.76
CA ASP H 263 28.39 -9.12 48.72
C ASP H 263 29.26 -7.89 48.54
N ALA H 264 28.86 -7.01 47.62
CA ALA H 264 29.74 -5.91 47.19
C ALA H 264 29.88 -4.82 48.25
N ILE H 265 29.05 -4.84 49.28
CA ILE H 265 29.08 -3.82 50.33
C ILE H 265 29.45 -4.43 51.68
N ASP H 266 30.11 -5.59 51.67
CA ASP H 266 30.39 -6.33 52.89
C ASP H 266 31.64 -5.74 53.53
N ALA H 267 31.46 -4.59 54.19
CA ALA H 267 32.58 -3.99 54.90
C ALA H 267 33.03 -4.84 56.09
N ASP H 268 32.11 -5.60 56.69
CA ASP H 268 32.49 -6.50 57.77
C ASP H 268 33.57 -7.47 57.34
N ALA H 269 33.48 -7.99 56.10
CA ALA H 269 34.50 -8.91 55.64
C ALA H 269 35.84 -8.20 55.45
N VAL H 270 35.81 -6.92 55.05
CA VAL H 270 37.04 -6.15 54.99
C VAL H 270 37.68 -6.07 56.38
N ARG H 271 36.89 -5.69 57.38
CA ARG H 271 37.42 -5.60 58.74
C ARG H 271 37.94 -6.95 59.22
N ALA H 272 37.24 -8.03 58.86
CA ALA H 272 37.68 -9.36 59.25
C ALA H 272 39.01 -9.72 58.61
N ALA H 273 39.19 -9.35 57.33
CA ALA H 273 40.46 -9.62 56.66
C ALA H 273 41.58 -8.82 57.29
N LEU H 274 41.33 -7.55 57.63
CA LEU H 274 42.33 -6.75 58.34
C LEU H 274 42.72 -7.40 59.67
N LYS H 275 41.72 -7.81 60.46
CA LYS H 275 42.04 -8.43 61.75
C LYS H 275 42.82 -9.73 61.53
N ASP H 276 42.45 -10.48 60.49
CA ASP H 276 43.13 -11.74 60.17
C ASP H 276 44.59 -11.53 59.76
N ALA H 277 44.92 -10.33 59.25
CA ALA H 277 46.28 -9.95 58.88
C ALA H 277 47.04 -9.26 60.00
N GLY H 278 46.51 -9.28 61.23
CA GLY H 278 47.19 -8.73 62.37
C GLY H 278 46.87 -7.29 62.70
N ILE H 279 45.95 -6.67 61.96
CA ILE H 279 45.55 -5.29 62.22
C ILE H 279 44.31 -5.34 63.11
N ARG H 280 44.48 -5.01 64.40
CA ARG H 280 43.45 -5.26 65.41
C ARG H 280 42.67 -4.01 65.82
N SER H 281 43.08 -2.83 65.34
CA SER H 281 42.37 -1.60 65.66
C SER H 281 42.62 -0.62 64.54
N ASP H 282 41.79 0.41 64.49
CA ASP H 282 41.93 1.40 63.44
C ASP H 282 43.30 2.08 63.47
N ASP H 283 43.90 2.21 64.64
CA ASP H 283 45.16 2.94 64.73
C ASP H 283 46.35 2.15 64.21
N GLU H 284 46.16 0.89 63.85
CA GLU H 284 47.23 0.10 63.25
C GLU H 284 47.08 0.02 61.73
N MET H 285 46.11 0.74 61.16
CA MET H 285 45.91 0.67 59.71
C MET H 285 47.20 0.92 58.93
N ASP H 286 48.09 1.77 59.46
CA ASP H 286 49.29 2.15 58.71
C ASP H 286 50.21 0.97 58.43
N ARG H 287 50.01 -0.17 59.07
CA ARG H 287 50.85 -1.33 58.77
C ARG H 287 50.42 -2.07 57.50
N ILE H 288 49.33 -1.67 56.85
CA ILE H 288 48.90 -2.30 55.60
C ILE H 288 49.93 -2.04 54.52
N VAL H 289 50.33 -3.11 53.82
CA VAL H 289 51.07 -2.95 52.57
C VAL H 289 50.14 -2.88 51.38
N ASN H 290 49.25 -3.86 51.22
CA ASN H 290 48.18 -3.70 50.24
C ASN H 290 46.98 -4.57 50.58
N VAL H 291 45.84 -4.23 49.96
CA VAL H 291 44.63 -5.06 49.95
C VAL H 291 44.33 -5.51 48.52
N LEU H 292 44.00 -6.79 48.36
CA LEU H 292 43.76 -7.37 47.03
C LEU H 292 42.39 -8.04 47.06
N ALA H 293 41.49 -7.63 46.17
CA ALA H 293 40.11 -8.10 46.29
C ALA H 293 39.46 -8.29 44.93
N LYS H 294 38.51 -9.21 44.91
CA LYS H 294 37.61 -9.45 43.79
C LYS H 294 36.23 -8.87 44.04
N ALA H 295 35.61 -8.37 42.96
CA ALA H 295 34.30 -7.71 42.98
C ALA H 295 33.48 -8.19 41.79
N GLU H 296 32.16 -8.27 41.94
CA GLU H 296 31.34 -8.58 40.78
C GLU H 296 29.90 -8.17 41.03
N ALA H 297 29.15 -8.04 39.95
CA ALA H 297 27.70 -7.86 40.00
C ALA H 297 27.02 -9.19 40.31
N ALA H 298 26.14 -9.18 41.31
CA ALA H 298 25.42 -10.40 41.63
C ALA H 298 24.42 -10.75 40.55
N SER H 299 24.26 -12.05 40.31
CA SER H 299 23.36 -12.48 39.26
C SER H 299 21.93 -12.06 39.57
N SER H 300 21.61 -11.88 40.86
CA SER H 300 20.26 -11.49 41.22
C SER H 300 19.93 -10.05 40.81
N GLY H 301 20.93 -9.24 40.48
CA GLY H 301 20.64 -7.85 40.20
C GLY H 301 20.30 -7.05 41.43
N THR H 302 20.60 -7.58 42.60
CA THR H 302 20.28 -6.93 43.87
C THR H 302 21.45 -7.12 44.80
N VAL H 303 21.48 -6.30 45.83
CA VAL H 303 22.37 -6.47 46.96
C VAL H 303 21.53 -6.40 48.23
N ARG H 304 21.54 -7.48 49.01
CA ARG H 304 20.74 -7.53 50.22
C ARG H 304 19.30 -7.16 49.93
N GLY H 305 18.78 -7.72 48.85
CA GLY H 305 17.39 -7.54 48.50
C GLY H 305 17.04 -6.22 47.84
N ARG H 306 18.02 -5.36 47.59
CA ARG H 306 17.76 -4.07 46.98
C ARG H 306 18.21 -4.11 45.52
N ARG H 307 17.30 -3.76 44.60
CA ARG H 307 17.59 -3.78 43.18
C ARG H 307 18.66 -2.76 42.79
N ASN H 308 19.47 -3.13 41.79
CA ASN H 308 20.30 -2.17 41.07
C ASN H 308 20.33 -2.47 39.57
N THR H 309 20.84 -1.50 38.80
CA THR H 309 20.81 -1.54 37.34
C THR H 309 22.14 -1.98 36.73
N MET H 310 23.07 -2.47 37.56
CA MET H 310 24.44 -2.76 37.11
C MET H 310 24.45 -3.67 35.88
N LEU H 311 23.58 -4.66 35.88
CA LEU H 311 23.50 -5.65 34.83
C LEU H 311 22.64 -5.17 33.67
N ASP H 312 21.94 -4.06 33.84
CA ASP H 312 21.11 -3.52 32.79
C ASP H 312 21.75 -2.36 32.02
N ASP H 313 22.85 -1.80 32.51
CA ASP H 313 23.40 -0.57 31.95
C ASP H 313 24.24 -0.91 30.71
N SER H 314 23.76 -0.50 29.53
CA SER H 314 24.46 -0.81 28.29
C SER H 314 25.59 0.17 28.01
N ASP H 315 25.71 1.23 28.81
CA ASP H 315 26.75 2.26 28.69
C ASP H 315 28.00 1.91 29.51
N ILE H 316 27.81 1.39 30.72
CA ILE H 316 28.89 1.11 31.67
C ILE H 316 28.82 -0.38 31.97
N ASN H 317 29.91 -1.09 31.72
CA ASN H 317 29.85 -2.52 31.91
C ASN H 317 29.74 -2.84 33.38
N HIS H 318 29.11 -3.98 33.67
CA HIS H 318 28.71 -4.22 35.04
C HIS H 318 29.93 -4.42 35.91
N THR H 319 31.00 -4.97 35.34
CA THR H 319 32.24 -5.18 36.10
C THR H 319 32.90 -3.85 36.44
N ARG H 320 32.69 -2.82 35.62
CA ARG H 320 33.20 -1.49 35.92
C ARG H 320 32.51 -0.97 37.17
N SER H 321 31.18 -1.12 37.21
CA SER H 321 30.43 -0.65 38.37
C SER H 321 30.86 -1.41 39.61
N ALA H 322 31.02 -2.74 39.48
CA ALA H 322 31.41 -3.53 40.64
C ALA H 322 32.78 -3.13 41.16
N ARG H 323 33.74 -2.87 40.25
CA ARG H 323 35.04 -2.41 40.72
C ARG H 323 34.91 -1.09 41.45
N ALA H 324 34.16 -0.14 40.88
CA ALA H 324 34.00 1.14 41.55
C ALA H 324 33.42 0.97 42.94
N VAL H 325 32.39 0.12 43.06
CA VAL H 325 31.69 -0.06 44.34
C VAL H 325 32.64 -0.65 45.37
N VAL H 326 33.28 -1.77 45.03
CA VAL H 326 34.09 -2.46 46.02
C VAL H 326 35.34 -1.66 46.38
N ASN H 327 35.93 -0.97 45.40
CA ASN H 327 37.02 -0.07 45.74
C ASN H 327 36.56 1.01 46.71
N ALA H 328 35.36 1.57 46.50
CA ALA H 328 34.88 2.59 47.42
C ALA H 328 34.66 2.02 48.82
N VAL H 329 34.08 0.82 48.92
CA VAL H 329 33.87 0.22 50.23
C VAL H 329 35.19 0.00 50.96
N ILE H 330 36.16 -0.64 50.28
CA ILE H 330 37.44 -0.88 50.95
C ILE H 330 38.09 0.44 51.34
N ALA H 331 38.10 1.41 50.42
CA ALA H 331 38.73 2.68 50.74
C ALA H 331 38.08 3.30 51.96
N SER H 332 36.75 3.14 52.09
CA SER H 332 36.07 3.74 53.23
C SER H 332 36.40 3.00 54.53
N VAL H 333 36.76 1.72 54.42
CA VAL H 333 37.15 0.99 55.63
C VAL H 333 38.59 1.32 56.03
N VAL H 334 39.52 1.31 55.07
CA VAL H 334 40.94 1.45 55.36
C VAL H 334 41.44 2.87 55.17
N GLY H 335 40.63 3.77 54.61
CA GLY H 335 41.03 5.15 54.45
C GLY H 335 41.97 5.44 53.30
N ASP H 336 42.00 4.59 52.27
CA ASP H 336 42.97 4.69 51.17
C ASP H 336 42.40 4.04 49.91
N PRO H 337 42.20 4.81 48.84
CA PRO H 337 41.69 4.22 47.59
C PRO H 337 42.74 3.55 46.71
N MET H 338 44.01 3.55 47.09
CA MET H 338 45.03 2.89 46.30
C MET H 338 45.16 1.44 46.75
N VAL H 339 44.14 0.66 46.42
CA VAL H 339 44.12 -0.77 46.70
C VAL H 339 43.74 -1.48 45.42
N TYR H 340 44.09 -2.76 45.37
CA TYR H 340 43.88 -3.60 44.20
C TYR H 340 42.50 -4.25 44.23
N VAL H 341 41.67 -3.92 43.24
CA VAL H 341 40.38 -4.58 43.04
C VAL H 341 40.35 -5.00 41.58
N SER H 342 40.12 -6.29 41.35
CA SER H 342 40.10 -6.91 40.03
C SER H 342 38.75 -7.56 39.79
N GLY H 343 38.23 -7.44 38.57
CA GLY H 343 36.91 -7.91 38.24
C GLY H 343 36.91 -9.27 37.55
N GLY H 344 35.80 -9.98 37.74
CA GLY H 344 35.56 -11.31 37.18
C GLY H 344 36.02 -12.41 38.11
N ALA H 345 35.08 -12.89 38.92
CA ALA H 345 35.30 -13.73 40.08
C ALA H 345 34.59 -15.08 39.95
N GLU H 346 34.65 -15.69 38.77
CA GLU H 346 33.98 -16.97 38.59
C GLU H 346 34.58 -17.98 39.55
N HIS H 347 33.72 -18.55 40.41
CA HIS H 347 34.17 -19.51 41.41
C HIS H 347 35.19 -18.89 42.37
N GLN H 348 35.13 -17.57 42.53
CA GLN H 348 35.96 -16.84 43.49
C GLN H 348 34.98 -16.10 44.39
N GLY H 349 34.81 -16.62 45.60
CA GLY H 349 33.76 -16.24 46.51
C GLY H 349 32.37 -16.56 46.00
N PRO H 350 31.35 -16.19 46.78
CA PRO H 350 29.96 -16.43 46.35
C PRO H 350 29.56 -15.55 45.17
N ASP H 351 28.40 -15.88 44.60
CA ASP H 351 27.81 -15.06 43.55
C ASP H 351 27.53 -13.67 44.10
N GLY H 352 28.20 -12.67 43.56
CA GLY H 352 28.07 -11.32 44.06
C GLY H 352 29.10 -10.93 45.09
N GLY H 353 29.97 -11.86 45.49
CA GLY H 353 31.03 -11.58 46.43
C GLY H 353 32.40 -11.95 45.90
N GLY H 354 33.41 -12.00 46.77
CA GLY H 354 34.76 -12.23 46.29
C GLY H 354 35.81 -12.27 47.38
N PRO H 355 36.93 -12.94 47.12
CA PRO H 355 38.01 -12.97 48.12
C PRO H 355 38.57 -11.57 48.35
N ILE H 356 39.08 -11.36 49.57
CA ILE H 356 39.79 -10.13 49.90
C ILE H 356 40.95 -10.50 50.81
N ALA H 357 42.16 -10.15 50.42
CA ALA H 357 43.36 -10.45 51.20
C ALA H 357 44.07 -9.15 51.55
N VAL H 358 44.80 -9.18 52.66
CA VAL H 358 45.60 -8.04 53.11
C VAL H 358 47.02 -8.53 53.38
N ILE H 359 48.00 -7.85 52.78
CA ILE H 359 49.39 -8.02 53.15
C ILE H 359 49.75 -6.85 54.06
N ALA H 360 50.26 -7.16 55.26
CA ALA H 360 50.50 -6.16 56.29
C ALA H 360 51.84 -6.40 56.97
N ARG H 361 52.45 -5.30 57.40
CA ARG H 361 53.64 -5.32 58.24
C ARG H 361 53.37 -5.83 59.65
N VAL H 362 54.34 -6.57 60.19
CA VAL H 362 54.34 -7.01 61.59
C VAL H 362 54.66 -5.84 62.51
N LEU H 363 54.53 -6.04 63.82
CA LEU H 363 54.98 -5.06 64.81
C LEU H 363 55.97 -5.65 65.82
C1 CIT I . 13.26 -3.12 18.90
O1 CIT I . 13.00 -4.35 18.98
O2 CIT I . 12.55 -2.33 19.57
C2 CIT I . 14.41 -2.62 18.02
C3 CIT I . 14.91 -1.22 18.36
O7 CIT I . 13.81 -0.27 18.33
C4 CIT I . 15.49 -1.21 19.77
C5 CIT I . 14.76 -0.19 20.60
O3 CIT I . 13.82 -0.54 21.34
O4 CIT I . 15.09 1.02 20.58
C6 CIT I . 16.02 -0.72 17.40
O5 CIT I . 16.28 -1.17 16.25
O6 CIT I . 16.69 0.26 17.81
C1 CIT J . -10.91 -8.08 -33.31
O1 CIT J . -10.19 -8.94 -33.90
O2 CIT J . -11.58 -8.43 -32.31
C2 CIT J . -10.90 -6.64 -33.80
C3 CIT J . -12.26 -5.94 -33.90
O7 CIT J . -11.89 -4.56 -34.21
C4 CIT J . -13.14 -6.58 -34.99
C5 CIT J . -14.42 -5.79 -35.26
O3 CIT J . -15.34 -5.84 -34.41
O4 CIT J . -14.60 -5.12 -36.32
C6 CIT J . -13.06 -5.88 -32.59
O5 CIT J . -13.98 -6.70 -32.37
O6 CIT J . -12.80 -5.01 -31.72
C1 CIT K . -37.91 -5.55 -45.88
O1 CIT K . -38.81 -5.06 -45.16
O2 CIT K . -37.38 -4.82 -46.75
C2 CIT K . -37.51 -7.01 -45.78
C3 CIT K . -36.85 -7.48 -44.48
O7 CIT K . -37.02 -8.92 -44.45
C4 CIT K . -35.37 -7.15 -44.44
C5 CIT K . -34.67 -8.00 -43.39
O3 CIT K . -33.89 -8.96 -43.71
O4 CIT K . -34.85 -7.75 -42.16
C6 CIT K . -37.50 -6.95 -43.20
O5 CIT K . -37.79 -7.77 -42.29
O6 CIT K . -37.78 -5.75 -43.02
C1 CIT L . -35.01 11.83 -18.50
O1 CIT L . -35.18 11.27 -17.39
O2 CIT L . -36.01 12.38 -19.01
C2 CIT L . -33.63 11.87 -19.16
C3 CIT L . -32.83 10.55 -19.18
O7 CIT L . -32.44 10.25 -17.81
C4 CIT L . -33.71 9.39 -19.64
C5 CIT L . -33.96 8.50 -18.44
O3 CIT L . -33.31 7.44 -18.30
O4 CIT L . -34.81 8.80 -17.56
C6 CIT L . -31.54 10.61 -20.03
O5 CIT L . -31.16 9.59 -20.69
O6 CIT L . -30.79 11.65 -20.08
C1 CIT M . 20.83 16.96 39.49
O1 CIT M . 20.33 16.53 40.55
O2 CIT M . 20.65 18.15 39.16
C2 CIT M . 21.64 16.05 38.58
C3 CIT M . 21.34 14.56 38.79
O7 CIT M . 19.92 14.42 39.09
C4 CIT M . 21.72 13.74 37.55
C5 CIT M . 20.50 13.15 36.85
O3 CIT M . 20.65 12.36 35.88
O4 CIT M . 19.34 13.43 37.26
C6 CIT M . 22.19 14.06 39.96
O5 CIT M . 23.22 13.35 39.74
O6 CIT M . 21.88 14.35 41.14
C1 CIT N . 44.39 14.64 18.42
O1 CIT N . 45.40 14.37 19.10
O2 CIT N . 43.88 15.79 18.55
C2 CIT N . 43.80 13.62 17.48
C3 CIT N . 42.59 12.86 18.06
O7 CIT N . 43.07 11.69 18.77
C4 CIT N . 41.76 13.73 19.01
C5 CIT N . 40.99 12.82 19.95
O3 CIT N . 41.34 11.62 20.09
O4 CIT N . 39.99 13.25 20.58
C6 CIT N . 41.67 12.42 16.92
O5 CIT N . 42.12 12.02 15.83
O6 CIT N . 40.42 12.43 17.07
C1 CIT O . -32.82 -18.01 -12.93
O1 CIT O . -31.66 -18.48 -13.08
O2 CIT O . -33.07 -17.39 -11.86
C2 CIT O . -33.90 -18.19 -13.99
C3 CIT O . -34.95 -17.07 -14.04
O7 CIT O . -35.95 -17.29 -13.02
C4 CIT O . -34.29 -15.71 -13.85
C5 CIT O . -35.10 -14.63 -14.52
O3 CIT O . -34.75 -14.15 -15.63
O4 CIT O . -36.13 -14.18 -13.98
C6 CIT O . -35.58 -17.05 -15.43
O5 CIT O . -34.95 -17.44 -16.44
O6 CIT O . -36.75 -16.66 -15.60
C1 CIT P . 40.51 -9.41 34.63
O1 CIT P . 41.48 -9.88 34.02
O2 CIT P . 39.39 -9.87 34.32
C2 CIT P . 40.66 -8.33 35.70
C3 CIT P . 40.07 -6.95 35.35
O7 CIT P . 41.09 -5.95 35.59
C4 CIT P . 39.74 -6.86 33.87
C5 CIT P . 41.01 -6.72 33.05
O3 CIT P . 42.02 -7.42 33.32
O4 CIT P . 41.10 -5.92 32.09
C6 CIT P . 38.87 -6.55 36.26
O5 CIT P . 38.74 -6.99 37.45
O6 CIT P . 37.99 -5.72 35.82
#